data_2K8D
#
_entry.id   2K8D
#
_cell.length_a   1.000
_cell.length_b   1.000
_cell.length_c   1.000
_cell.angle_alpha   90.00
_cell.angle_beta   90.00
_cell.angle_gamma   90.00
#
_symmetry.space_group_name_H-M   'P 1'
#
loop_
_entity.id
_entity.type
_entity.pdbx_description
1 polymer 'Peptide methionine sulfoxide reductase msrB'
2 non-polymer 'ZINC ION'
#
_entity_poly.entity_id   1
_entity_poly.type   'polypeptide(L)'
_entity_poly.pdbx_seq_one_letter_code
;MKDRIPIFSVAKNRVEMVERIELSDDEWREILDPEAFRVARKAGTEPPFTGKYHDLHDDGIYRCICCGTDLFDSETKFDS
GTGWPSFYDVVSEHNIKLREDRSLGMVRCEVLCARCDAHLGHVFDDGPRPTGKRYCMNSAALKFIPRDQIG
;
_entity_poly.pdbx_strand_id   A
#
loop_
_chem_comp.id
_chem_comp.type
_chem_comp.name
_chem_comp.formula
ZN non-polymer 'ZINC ION' 'Zn 2'
#
# COMPACT_ATOMS: atom_id res chain seq x y z
N MET A 1 -7.33 11.45 13.00
CA MET A 1 -8.63 11.30 13.65
C MET A 1 -8.57 9.96 14.37
N LYS A 2 -9.06 9.95 15.63
CA LYS A 2 -8.99 8.84 16.58
C LYS A 2 -9.87 7.63 16.22
N ASP A 3 -10.14 7.41 14.93
CA ASP A 3 -10.88 6.24 14.46
C ASP A 3 -10.05 4.97 14.72
N ARG A 4 -10.61 3.80 14.41
CA ARG A 4 -9.89 2.54 14.33
C ARG A 4 -10.14 2.03 12.91
N ILE A 5 -9.24 1.23 12.35
CA ILE A 5 -9.31 0.75 10.98
C ILE A 5 -9.50 -0.76 10.96
N PRO A 6 -10.47 -1.29 10.19
CA PRO A 6 -10.51 -2.72 9.92
C PRO A 6 -9.35 -3.09 8.99
N ILE A 7 -8.80 -4.28 9.15
CA ILE A 7 -7.90 -4.92 8.21
C ILE A 7 -8.53 -6.27 7.90
N PHE A 8 -9.10 -6.38 6.71
CA PHE A 8 -9.73 -7.59 6.21
C PHE A 8 -8.70 -8.27 5.31
N SER A 9 -8.04 -9.30 5.83
CA SER A 9 -7.24 -10.25 5.07
C SER A 9 -8.17 -11.07 4.18
N VAL A 10 -8.66 -10.43 3.11
CA VAL A 10 -9.74 -10.94 2.27
C VAL A 10 -9.37 -12.29 1.67
N ALA A 11 -8.16 -12.42 1.12
CA ALA A 11 -7.77 -13.65 0.43
C ALA A 11 -7.47 -14.79 1.40
N LYS A 12 -7.26 -14.46 2.67
CA LYS A 12 -6.98 -15.37 3.77
C LYS A 12 -8.26 -15.62 4.60
N ASN A 13 -9.37 -15.00 4.19
CA ASN A 13 -10.64 -14.84 4.91
C ASN A 13 -10.44 -14.57 6.41
N ARG A 14 -9.76 -13.46 6.74
CA ARG A 14 -9.64 -12.97 8.11
C ARG A 14 -10.13 -11.53 8.19
N VAL A 15 -10.36 -11.06 9.42
CA VAL A 15 -10.71 -9.69 9.78
C VAL A 15 -9.98 -9.45 11.09
N GLU A 16 -9.17 -8.40 11.14
CA GLU A 16 -8.47 -7.93 12.33
C GLU A 16 -8.60 -6.40 12.34
N MET A 17 -9.31 -5.83 13.31
CA MET A 17 -9.30 -4.37 13.49
C MET A 17 -8.03 -3.97 14.22
N VAL A 18 -7.47 -2.80 13.91
CA VAL A 18 -6.32 -2.19 14.56
C VAL A 18 -6.67 -0.71 14.70
N GLU A 19 -6.03 -0.02 15.64
CA GLU A 19 -6.22 1.39 15.81
C GLU A 19 -5.70 2.19 14.61
N ARG A 20 -6.07 3.46 14.53
CA ARG A 20 -5.41 4.40 13.64
C ARG A 20 -3.95 4.61 14.06
N ILE A 21 -3.21 5.35 13.25
CA ILE A 21 -1.89 5.80 13.65
C ILE A 21 -2.10 6.89 14.70
N GLU A 22 -1.90 6.55 15.98
CA GLU A 22 -1.77 7.49 17.06
C GLU A 22 -0.59 7.02 17.86
N LEU A 23 0.53 7.72 17.70
CA LEU A 23 1.78 7.52 18.40
C LEU A 23 2.29 8.91 18.77
N SER A 24 3.42 8.94 19.48
CA SER A 24 4.27 10.10 19.56
C SER A 24 5.56 9.76 18.81
N ASP A 25 6.36 10.76 18.49
CA ASP A 25 7.58 10.65 17.69
C ASP A 25 8.55 9.63 18.29
N ASP A 26 8.48 9.42 19.61
CA ASP A 26 9.34 8.46 20.31
C ASP A 26 9.01 7.00 19.99
N GLU A 27 7.76 6.70 19.60
CA GLU A 27 7.30 5.35 19.31
C GLU A 27 7.93 4.88 17.99
N TRP A 28 7.93 5.79 17.01
CA TRP A 28 8.44 5.66 15.64
C TRP A 28 9.96 5.38 15.55
N ARG A 29 10.59 4.91 16.63
CA ARG A 29 11.92 4.33 16.59
C ARG A 29 12.07 3.05 17.42
N GLU A 30 11.01 2.57 18.06
CA GLU A 30 11.09 1.37 18.87
C GLU A 30 9.95 0.39 18.60
N ILE A 31 8.84 0.83 17.99
CA ILE A 31 7.78 -0.08 17.53
C ILE A 31 7.71 -0.18 16.00
N LEU A 32 8.52 0.62 15.29
CA LEU A 32 8.67 0.59 13.84
C LEU A 32 9.58 -0.58 13.41
N ASP A 33 9.68 -0.83 12.09
CA ASP A 33 10.58 -1.83 11.51
C ASP A 33 12.03 -1.31 11.45
N PRO A 34 13.06 -2.19 11.43
CA PRO A 34 14.47 -1.88 11.14
C PRO A 34 14.75 -1.47 9.68
N GLU A 35 13.68 -1.10 8.97
CA GLU A 35 13.66 -0.44 7.70
C GLU A 35 12.76 0.80 7.75
N ALA A 36 11.70 0.79 8.57
CA ALA A 36 10.81 1.92 8.66
C ALA A 36 11.55 3.06 9.32
N PHE A 37 12.39 2.78 10.33
CA PHE A 37 13.11 3.83 11.03
C PHE A 37 14.01 4.61 10.07
N ARG A 38 14.75 3.92 9.20
CA ARG A 38 15.62 4.59 8.28
C ARG A 38 14.77 5.25 7.21
N VAL A 39 13.81 4.54 6.60
CA VAL A 39 12.85 5.09 5.63
C VAL A 39 12.21 6.36 6.17
N ALA A 40 12.01 6.45 7.50
CA ALA A 40 11.47 7.63 8.13
C ALA A 40 12.31 8.90 7.93
N ARG A 41 13.63 8.79 7.69
CA ARG A 41 14.49 9.94 7.41
C ARG A 41 14.65 10.17 5.90
N LYS A 42 14.54 9.12 5.09
CA LYS A 42 15.00 9.11 3.70
C LYS A 42 13.90 9.00 2.66
N ALA A 43 12.63 8.91 3.09
CA ALA A 43 11.49 8.61 2.23
C ALA A 43 11.80 7.45 1.27
N GLY A 44 12.48 6.43 1.80
CA GLY A 44 12.76 5.17 1.13
C GLY A 44 14.25 4.98 0.94
N THR A 45 14.91 5.91 0.23
CA THR A 45 16.28 5.74 -0.21
C THR A 45 17.02 7.08 -0.18
N GLU A 46 18.10 7.12 0.61
CA GLU A 46 19.11 8.17 0.59
C GLU A 46 19.74 8.32 -0.80
N PRO A 47 20.45 7.33 -1.38
CA PRO A 47 20.88 7.41 -2.77
C PRO A 47 19.65 7.27 -3.67
N PRO A 48 19.69 7.75 -4.93
CA PRO A 48 18.55 7.71 -5.83
C PRO A 48 18.16 6.28 -6.24
N PHE A 49 19.07 5.32 -6.07
CA PHE A 49 18.83 3.89 -6.22
C PHE A 49 19.89 3.15 -5.39
N THR A 50 19.70 1.84 -5.17
CA THR A 50 20.63 0.99 -4.42
C THR A 50 20.80 -0.40 -5.07
N GLY A 51 20.25 -0.62 -6.26
CA GLY A 51 20.28 -1.89 -6.98
C GLY A 51 19.33 -1.80 -8.17
N LYS A 52 19.24 -2.87 -8.97
CA LYS A 52 18.34 -2.97 -10.11
C LYS A 52 17.93 -4.44 -10.30
N TYR A 53 16.82 -4.84 -9.70
CA TYR A 53 16.24 -6.18 -9.74
C TYR A 53 14.76 -6.08 -9.38
N HIS A 54 13.97 -7.14 -9.60
CA HIS A 54 12.60 -7.28 -9.09
C HIS A 54 12.22 -8.74 -9.25
N ASP A 55 12.57 -9.55 -8.25
CA ASP A 55 12.66 -11.00 -8.41
C ASP A 55 11.74 -11.58 -7.33
N LEU A 56 10.46 -11.76 -7.68
CA LEU A 56 9.38 -12.07 -6.76
C LEU A 56 8.38 -13.03 -7.43
N HIS A 57 7.27 -13.30 -6.74
CA HIS A 57 6.20 -14.21 -7.13
C HIS A 57 4.92 -13.73 -6.40
N ASP A 58 3.74 -14.28 -6.74
CA ASP A 58 2.49 -14.02 -6.03
C ASP A 58 2.47 -14.82 -4.73
N ASP A 59 3.25 -14.35 -3.76
CA ASP A 59 3.12 -14.61 -2.37
C ASP A 59 3.48 -13.30 -1.66
N GLY A 60 3.08 -13.19 -0.40
CA GLY A 60 3.20 -11.97 0.37
C GLY A 60 2.03 -11.01 0.10
N ILE A 61 2.00 -9.92 0.86
CA ILE A 61 1.11 -8.77 0.66
C ILE A 61 1.93 -7.49 0.84
N TYR A 62 1.38 -6.36 0.39
CA TYR A 62 1.97 -5.06 0.70
C TYR A 62 1.72 -4.72 2.17
N ARG A 63 2.67 -4.00 2.78
CA ARG A 63 2.57 -3.49 4.13
C ARG A 63 3.15 -2.09 4.19
N CYS A 64 2.28 -1.11 4.42
CA CYS A 64 2.58 0.31 4.49
C CYS A 64 3.60 0.55 5.59
N ILE A 65 4.88 0.62 5.22
CA ILE A 65 5.98 0.82 6.16
C ILE A 65 5.89 2.21 6.82
N CYS A 66 5.10 3.10 6.23
CA CYS A 66 4.85 4.46 6.64
C CYS A 66 3.72 4.59 7.67
N CYS A 67 3.11 3.48 8.11
CA CYS A 67 2.30 3.47 9.35
C CYS A 67 2.29 2.11 10.07
N GLY A 68 2.77 1.04 9.45
CA GLY A 68 2.84 -0.29 10.04
C GLY A 68 1.65 -1.19 9.69
N THR A 69 0.70 -0.74 8.84
CA THR A 69 -0.49 -1.50 8.49
C THR A 69 -0.31 -2.23 7.15
N ASP A 70 -0.86 -3.43 7.04
CA ASP A 70 -0.88 -4.29 5.86
C ASP A 70 -2.19 -4.14 5.07
N LEU A 71 -2.13 -4.47 3.77
CA LEU A 71 -3.28 -4.33 2.87
C LEU A 71 -3.27 -5.32 1.70
N PHE A 72 -2.77 -4.91 0.53
CA PHE A 72 -3.08 -5.55 -0.76
C PHE A 72 -2.66 -7.02 -0.82
N ASP A 73 -3.68 -7.89 -0.87
CA ASP A 73 -3.57 -9.30 -1.20
C ASP A 73 -3.09 -9.40 -2.66
N SER A 74 -1.89 -9.96 -2.86
CA SER A 74 -1.05 -9.84 -4.06
C SER A 74 -1.66 -10.26 -5.41
N GLU A 75 -2.83 -10.90 -5.45
CA GLU A 75 -3.63 -11.01 -6.69
C GLU A 75 -4.08 -9.61 -7.19
N THR A 76 -4.20 -8.65 -6.27
CA THR A 76 -4.41 -7.22 -6.48
C THR A 76 -3.07 -6.46 -6.63
N LYS A 77 -2.01 -7.17 -6.97
CA LYS A 77 -0.70 -6.65 -7.43
C LYS A 77 -0.46 -7.17 -8.86
N PHE A 78 0.68 -6.80 -9.45
CA PHE A 78 1.32 -7.48 -10.58
C PHE A 78 2.64 -8.02 -10.02
N ASP A 79 3.31 -8.94 -10.72
CA ASP A 79 4.66 -9.36 -10.32
C ASP A 79 5.47 -9.70 -11.57
N SER A 80 5.06 -10.74 -12.29
CA SER A 80 5.53 -11.01 -13.64
C SER A 80 5.25 -9.82 -14.56
N GLY A 81 5.97 -9.77 -15.70
CA GLY A 81 5.82 -8.73 -16.69
C GLY A 81 6.54 -7.44 -16.27
N THR A 82 6.11 -6.82 -15.16
CA THR A 82 6.70 -5.56 -14.69
C THR A 82 6.61 -5.33 -13.17
N GLY A 83 5.85 -6.12 -12.42
CA GLY A 83 5.67 -6.01 -10.96
C GLY A 83 5.38 -4.61 -10.42
N TRP A 84 4.84 -3.72 -11.26
CA TRP A 84 4.71 -2.30 -10.95
C TRP A 84 3.80 -2.06 -9.73
N PRO A 85 3.94 -0.92 -9.02
CA PRO A 85 3.08 -0.57 -7.89
C PRO A 85 1.74 0.00 -8.38
N SER A 86 1.14 -0.71 -9.33
CA SER A 86 -0.09 -0.37 -10.00
C SER A 86 -0.84 -1.67 -10.29
N PHE A 87 -2.16 -1.61 -10.20
CA PHE A 87 -3.03 -2.78 -10.05
C PHE A 87 -4.44 -2.41 -10.51
N TYR A 88 -5.36 -3.39 -10.49
CA TYR A 88 -6.65 -3.28 -11.19
C TYR A 88 -7.84 -3.59 -10.29
N ASP A 89 -7.59 -3.91 -9.01
CA ASP A 89 -8.60 -3.96 -7.97
C ASP A 89 -7.88 -3.90 -6.62
N VAL A 90 -8.61 -3.97 -5.50
CA VAL A 90 -8.05 -3.77 -4.17
C VAL A 90 -8.63 -4.75 -3.15
N VAL A 91 -7.97 -4.83 -1.99
CA VAL A 91 -8.39 -5.59 -0.82
C VAL A 91 -9.75 -5.08 -0.30
N SER A 92 -9.86 -3.77 -0.01
CA SER A 92 -11.05 -3.03 0.41
C SER A 92 -10.63 -1.59 0.72
N GLU A 93 -11.59 -0.67 0.83
CA GLU A 93 -11.38 0.62 1.48
C GLU A 93 -11.34 0.41 2.99
N HIS A 94 -10.21 -0.07 3.49
CA HIS A 94 -10.02 -0.39 4.90
C HIS A 94 -8.79 0.33 5.45
N ASN A 95 -7.64 0.21 4.76
CA ASN A 95 -6.41 0.94 5.02
C ASN A 95 -6.03 1.84 3.83
N ILE A 96 -6.85 1.86 2.77
CA ILE A 96 -6.73 2.72 1.61
C ILE A 96 -8.08 3.43 1.43
N LYS A 97 -8.05 4.66 0.89
CA LYS A 97 -9.21 5.51 0.69
C LYS A 97 -9.15 6.10 -0.73
N LEU A 98 -10.33 6.23 -1.36
CA LEU A 98 -10.57 6.92 -2.62
C LEU A 98 -11.58 8.06 -2.46
N ARG A 99 -11.43 9.07 -3.33
CA ARG A 99 -12.41 10.11 -3.65
C ARG A 99 -12.48 10.10 -5.17
N GLU A 100 -13.68 9.96 -5.73
CA GLU A 100 -13.92 10.00 -7.16
C GLU A 100 -13.65 11.40 -7.70
N ASP A 101 -13.10 11.43 -8.91
CA ASP A 101 -13.14 12.57 -9.81
C ASP A 101 -13.20 11.97 -11.23
N ARG A 102 -13.38 12.83 -12.23
CA ARG A 102 -13.37 12.56 -13.65
C ARG A 102 -12.09 13.10 -14.31
N SER A 103 -11.02 13.31 -13.53
CA SER A 103 -9.80 14.10 -13.86
C SER A 103 -8.88 13.54 -14.97
N LEU A 104 -9.41 12.71 -15.87
CA LEU A 104 -8.80 12.39 -17.16
C LEU A 104 -9.78 12.53 -18.33
N GLY A 105 -11.06 12.79 -18.04
CA GLY A 105 -12.15 12.71 -18.99
C GLY A 105 -13.03 11.47 -18.78
N MET A 106 -12.76 10.61 -17.77
CA MET A 106 -13.60 9.43 -17.52
C MET A 106 -13.74 9.26 -16.00
N VAL A 107 -12.85 8.51 -15.36
CA VAL A 107 -12.90 8.18 -13.96
C VAL A 107 -11.47 8.19 -13.47
N ARG A 108 -11.16 9.18 -12.63
CA ARG A 108 -9.89 9.35 -11.97
C ARG A 108 -10.08 9.59 -10.47
N CYS A 109 -10.14 8.51 -9.68
CA CYS A 109 -10.29 8.64 -8.24
C CYS A 109 -8.90 8.73 -7.61
N GLU A 110 -8.71 9.53 -6.55
CA GLU A 110 -7.46 9.52 -5.78
C GLU A 110 -7.29 8.16 -5.07
N VAL A 111 -6.06 7.84 -4.64
CA VAL A 111 -5.74 6.65 -3.84
C VAL A 111 -4.79 7.12 -2.75
N LEU A 112 -5.23 7.13 -1.49
CA LEU A 112 -4.43 7.53 -0.33
C LEU A 112 -4.57 6.48 0.77
N CYS A 113 -3.63 6.44 1.73
CA CYS A 113 -3.68 5.47 2.82
C CYS A 113 -4.64 5.98 3.88
N ALA A 114 -5.73 5.26 4.16
CA ALA A 114 -6.79 5.65 5.09
C ALA A 114 -6.33 5.81 6.55
N ARG A 115 -5.07 5.45 6.84
CA ARG A 115 -4.38 5.67 8.12
C ARG A 115 -3.19 6.61 8.00
N CYS A 116 -2.73 6.99 6.80
CA CYS A 116 -1.60 7.91 6.63
C CYS A 116 -1.59 8.43 5.19
N ASP A 117 -2.40 9.45 4.87
CA ASP A 117 -2.61 10.00 3.53
C ASP A 117 -1.38 10.76 2.98
N ALA A 118 -0.22 10.10 2.94
CA ALA A 118 1.09 10.72 2.73
C ALA A 118 1.32 11.15 1.28
N HIS A 119 1.07 10.25 0.32
CA HIS A 119 1.21 10.55 -1.10
C HIS A 119 0.42 9.55 -1.91
N LEU A 120 0.86 8.29 -1.89
CA LEU A 120 0.36 7.18 -2.68
C LEU A 120 0.16 7.62 -4.12
N GLY A 121 -1.08 7.73 -4.60
CA GLY A 121 -1.34 8.15 -5.97
C GLY A 121 -2.83 8.19 -6.30
N HIS A 122 -3.24 7.46 -7.33
CA HIS A 122 -4.61 7.52 -7.85
C HIS A 122 -4.96 6.27 -8.65
N VAL A 123 -6.22 6.15 -9.07
CA VAL A 123 -6.71 5.13 -9.97
C VAL A 123 -7.35 5.82 -11.17
N PHE A 124 -7.15 5.25 -12.36
CA PHE A 124 -7.64 5.77 -13.62
C PHE A 124 -8.24 4.61 -14.42
N ASP A 125 -9.44 4.80 -14.98
CA ASP A 125 -10.06 3.84 -15.91
C ASP A 125 -9.23 3.75 -17.19
N ASP A 126 -8.51 2.62 -17.39
CA ASP A 126 -7.39 2.54 -18.34
C ASP A 126 -6.98 1.10 -18.73
N GLY A 127 -7.56 0.05 -18.13
CA GLY A 127 -7.26 -1.35 -18.37
C GLY A 127 -8.40 -2.08 -19.09
N PRO A 128 -8.23 -3.38 -19.39
CA PRO A 128 -9.26 -4.20 -20.02
C PRO A 128 -10.38 -4.52 -19.03
N ARG A 129 -11.62 -4.63 -19.53
CA ARG A 129 -12.76 -5.05 -18.71
C ARG A 129 -12.52 -6.47 -18.14
N PRO A 130 -13.13 -6.83 -16.99
CA PRO A 130 -13.91 -6.00 -16.10
C PRO A 130 -13.03 -5.10 -15.23
N THR A 131 -11.92 -5.64 -14.70
CA THR A 131 -10.93 -4.92 -13.91
C THR A 131 -10.04 -4.09 -14.82
N GLY A 132 -10.67 -3.05 -15.32
CA GLY A 132 -10.11 -2.06 -16.20
C GLY A 132 -9.80 -0.77 -15.47
N LYS A 133 -9.95 -0.71 -14.13
CA LYS A 133 -9.36 0.44 -13.47
C LYS A 133 -7.86 0.16 -13.33
N ARG A 134 -7.06 1.22 -13.18
CA ARG A 134 -5.63 1.14 -13.02
C ARG A 134 -5.26 2.03 -11.85
N TYR A 135 -5.16 1.43 -10.67
CA TYR A 135 -4.51 2.03 -9.53
C TYR A 135 -3.04 2.17 -9.86
N CYS A 136 -2.40 3.25 -9.41
CA CYS A 136 -0.96 3.38 -9.24
C CYS A 136 -0.70 4.18 -7.96
N MET A 137 0.25 3.73 -7.13
CA MET A 137 0.66 4.43 -5.91
C MET A 137 2.18 4.48 -5.85
N ASN A 138 2.71 5.61 -5.37
CA ASN A 138 4.09 6.01 -5.53
C ASN A 138 4.55 6.65 -4.20
N SER A 139 5.04 5.84 -3.27
CA SER A 139 5.64 6.31 -2.03
C SER A 139 6.64 5.27 -1.52
N ALA A 140 7.32 5.61 -0.43
CA ALA A 140 8.16 4.68 0.32
C ALA A 140 7.36 3.60 1.06
N ALA A 141 6.02 3.68 1.09
CA ALA A 141 5.15 2.80 1.87
C ALA A 141 5.31 1.32 1.52
N LEU A 142 5.76 1.06 0.29
CA LEU A 142 5.61 -0.18 -0.47
C LEU A 142 6.56 -1.31 -0.05
N LYS A 143 6.72 -1.56 1.25
CA LYS A 143 7.36 -2.80 1.71
C LYS A 143 6.37 -3.96 1.49
N PHE A 144 6.89 -5.17 1.36
CA PHE A 144 6.09 -6.40 1.40
C PHE A 144 6.27 -7.07 2.74
N ILE A 145 5.33 -7.96 3.09
CA ILE A 145 5.50 -9.00 4.10
C ILE A 145 5.01 -10.33 3.52
N PRO A 146 5.33 -11.48 4.16
CA PRO A 146 4.58 -12.72 3.98
C PRO A 146 3.09 -12.48 4.18
N ARG A 147 2.26 -13.28 3.51
CA ARG A 147 0.83 -13.07 3.28
C ARG A 147 0.12 -12.52 4.50
N ASP A 148 0.40 -13.07 5.68
CA ASP A 148 0.02 -12.51 6.96
C ASP A 148 1.10 -12.82 8.00
N GLN A 149 1.13 -14.06 8.47
CA GLN A 149 2.00 -14.63 9.49
C GLN A 149 2.31 -16.11 9.14
N ILE A 150 1.94 -16.59 7.94
CA ILE A 150 2.41 -17.89 7.40
C ILE A 150 3.94 -17.97 7.26
N GLY A 151 4.62 -16.83 7.36
CA GLY A 151 6.03 -16.64 7.59
C GLY A 151 6.19 -15.30 8.30
ZN ZN B . -0.36 3.29 5.79
N MET A 1 -13.25 9.76 9.57
CA MET A 1 -13.70 10.74 10.56
C MET A 1 -12.60 10.92 11.61
N LYS A 2 -12.46 9.94 12.50
CA LYS A 2 -11.39 9.82 13.50
C LYS A 2 -11.19 8.33 13.86
N ASP A 3 -11.82 7.44 13.10
CA ASP A 3 -12.12 6.06 13.40
C ASP A 3 -11.01 5.11 13.00
N ARG A 4 -10.98 3.96 13.69
CA ARG A 4 -10.01 2.89 13.53
C ARG A 4 -9.94 2.33 12.11
N ILE A 5 -8.87 1.58 11.85
CA ILE A 5 -8.55 0.98 10.57
C ILE A 5 -8.69 -0.55 10.76
N PRO A 6 -9.88 -1.13 10.49
CA PRO A 6 -9.98 -2.57 10.42
C PRO A 6 -9.14 -3.04 9.23
N ILE A 7 -8.40 -4.13 9.41
CA ILE A 7 -7.45 -4.61 8.43
C ILE A 7 -7.86 -6.03 8.05
N PHE A 8 -7.51 -6.41 6.83
CA PHE A 8 -8.03 -7.57 6.14
C PHE A 8 -6.91 -8.13 5.26
N SER A 9 -6.10 -9.07 5.77
CA SER A 9 -5.23 -9.88 4.90
C SER A 9 -6.09 -10.77 3.98
N VAL A 10 -6.68 -10.20 2.92
CA VAL A 10 -7.67 -10.85 2.08
C VAL A 10 -7.12 -12.11 1.41
N ALA A 11 -5.84 -12.09 1.02
CA ALA A 11 -5.16 -13.22 0.39
C ALA A 11 -5.00 -14.42 1.35
N LYS A 12 -5.26 -14.19 2.65
CA LYS A 12 -5.29 -15.19 3.71
C LYS A 12 -6.65 -15.19 4.42
N ASN A 13 -7.62 -14.46 3.85
CA ASN A 13 -8.87 -13.98 4.43
C ASN A 13 -8.79 -13.75 5.96
N ARG A 14 -7.78 -12.99 6.43
CA ARG A 14 -7.85 -12.53 7.82
C ARG A 14 -8.76 -11.31 7.96
N VAL A 15 -9.05 -10.95 9.21
CA VAL A 15 -9.51 -9.64 9.64
C VAL A 15 -8.73 -9.37 10.94
N GLU A 16 -8.22 -8.15 11.12
CA GLU A 16 -7.48 -7.69 12.27
C GLU A 16 -7.82 -6.22 12.51
N MET A 17 -8.60 -5.89 13.55
CA MET A 17 -8.96 -4.49 13.83
C MET A 17 -7.84 -3.78 14.60
N VAL A 18 -7.36 -2.63 14.09
CA VAL A 18 -6.36 -1.79 14.76
C VAL A 18 -6.86 -0.35 14.75
N GLU A 19 -6.75 0.35 15.88
CA GLU A 19 -6.91 1.80 15.95
C GLU A 19 -5.99 2.60 15.02
N ARG A 20 -6.33 3.89 14.88
CA ARG A 20 -5.54 4.80 14.08
C ARG A 20 -4.16 5.03 14.69
N ILE A 21 -3.26 5.58 13.86
CA ILE A 21 -1.98 6.08 14.32
C ILE A 21 -2.18 7.55 14.68
N GLU A 22 -1.88 7.92 15.92
CA GLU A 22 -1.75 9.28 16.38
C GLU A 22 -0.70 9.20 17.48
N LEU A 23 0.46 9.79 17.24
CA LEU A 23 1.63 9.78 18.11
C LEU A 23 2.22 11.19 18.14
N SER A 24 3.28 11.32 18.93
CA SER A 24 4.29 12.38 18.86
C SER A 24 5.14 12.13 17.62
N ASP A 25 6.17 12.95 17.36
CA ASP A 25 7.21 12.57 16.40
C ASP A 25 8.06 11.44 16.98
N ASP A 26 8.39 11.58 18.26
CA ASP A 26 9.46 10.92 19.01
C ASP A 26 9.32 9.39 18.99
N GLU A 27 8.11 8.93 18.68
CA GLU A 27 7.59 7.59 18.79
C GLU A 27 7.92 6.79 17.53
N TRP A 28 7.81 7.42 16.34
CA TRP A 28 8.02 6.84 15.01
C TRP A 28 9.46 6.32 14.75
N ARG A 29 10.31 6.30 15.78
CA ARG A 29 11.67 5.80 15.75
C ARG A 29 11.98 4.80 16.85
N GLU A 30 11.05 4.55 17.77
CA GLU A 30 11.26 3.61 18.86
C GLU A 30 10.08 2.63 19.02
N ILE A 31 8.90 2.95 18.48
CA ILE A 31 7.79 2.00 18.40
C ILE A 31 7.54 1.54 16.96
N LEU A 32 8.43 1.90 16.03
CA LEU A 32 8.33 1.60 14.61
C LEU A 32 9.48 0.68 14.18
N ASP A 33 9.37 0.05 13.00
CA ASP A 33 10.41 -0.80 12.45
C ASP A 33 11.73 -0.01 12.30
N PRO A 34 12.89 -0.68 12.44
CA PRO A 34 14.18 -0.15 12.00
C PRO A 34 14.29 -0.06 10.46
N GLU A 35 13.22 -0.37 9.73
CA GLU A 35 13.04 0.04 8.35
C GLU A 35 12.28 1.34 8.25
N ALA A 36 11.15 1.52 8.92
CA ALA A 36 10.32 2.69 8.72
C ALA A 36 11.10 3.98 8.96
N PHE A 37 11.88 3.97 10.05
CA PHE A 37 12.72 5.07 10.46
C PHE A 37 13.75 5.46 9.40
N ARG A 38 14.35 4.48 8.71
CA ARG A 38 15.30 4.78 7.63
C ARG A 38 14.54 5.10 6.36
N VAL A 39 13.54 4.32 6.00
CA VAL A 39 12.74 4.47 4.78
C VAL A 39 12.05 5.84 4.77
N ALA A 40 11.81 6.44 5.94
CA ALA A 40 11.38 7.82 6.04
C ALA A 40 12.37 8.87 5.48
N ARG A 41 13.68 8.57 5.38
CA ARG A 41 14.65 9.50 4.80
C ARG A 41 15.00 9.13 3.36
N LYS A 42 15.15 7.83 3.06
CA LYS A 42 15.49 7.36 1.72
C LYS A 42 14.26 7.24 0.83
N ALA A 43 13.08 7.68 1.31
CA ALA A 43 11.79 7.58 0.62
C ALA A 43 11.57 6.15 0.12
N GLY A 44 11.80 5.18 1.01
CA GLY A 44 11.61 3.76 0.72
C GLY A 44 12.65 3.17 -0.22
N THR A 45 13.55 4.00 -0.76
CA THR A 45 14.26 3.65 -1.96
C THR A 45 15.72 3.41 -1.60
N GLU A 46 15.99 2.23 -1.05
CA GLU A 46 17.30 1.87 -0.55
C GLU A 46 18.24 1.48 -1.72
N PRO A 47 19.56 1.68 -1.60
CA PRO A 47 20.52 1.07 -2.51
C PRO A 47 20.58 -0.45 -2.23
N PRO A 48 20.24 -1.33 -3.19
CA PRO A 48 20.10 -2.76 -2.92
C PRO A 48 21.47 -3.46 -2.74
N PHE A 49 22.50 -2.98 -3.45
CA PHE A 49 23.89 -3.41 -3.43
C PHE A 49 24.60 -2.60 -4.53
N THR A 50 24.16 -2.80 -5.78
CA THR A 50 24.53 -2.00 -6.94
C THR A 50 23.25 -1.81 -7.78
N GLY A 51 22.62 -2.91 -8.21
CA GLY A 51 21.26 -2.96 -8.71
C GLY A 51 20.73 -4.37 -8.49
N LYS A 52 19.40 -4.52 -8.36
CA LYS A 52 18.70 -5.79 -8.19
C LYS A 52 17.21 -5.50 -8.48
N TYR A 53 16.44 -6.54 -8.77
CA TYR A 53 14.99 -6.56 -8.65
C TYR A 53 14.62 -7.97 -8.18
N HIS A 54 13.37 -8.18 -7.74
CA HIS A 54 12.95 -9.47 -7.20
C HIS A 54 11.44 -9.61 -7.41
N ASP A 55 11.07 -10.31 -8.48
CA ASP A 55 9.75 -10.92 -8.59
C ASP A 55 9.83 -12.32 -7.97
N LEU A 56 8.69 -12.97 -7.77
CA LEU A 56 8.59 -14.38 -7.38
C LEU A 56 7.33 -14.94 -8.02
N HIS A 57 6.18 -14.53 -7.48
CA HIS A 57 4.84 -14.72 -8.01
C HIS A 57 3.91 -13.92 -7.11
N ASP A 58 2.63 -13.89 -7.46
CA ASP A 58 1.68 -12.88 -7.03
C ASP A 58 1.00 -13.37 -5.75
N ASP A 59 1.83 -13.72 -4.75
CA ASP A 59 1.49 -14.11 -3.38
C ASP A 59 2.31 -13.25 -2.42
N GLY A 60 1.90 -13.20 -1.16
CA GLY A 60 2.28 -12.14 -0.24
C GLY A 60 1.30 -10.97 -0.40
N ILE A 61 1.47 -9.94 0.44
CA ILE A 61 0.62 -8.74 0.44
C ILE A 61 1.50 -7.52 0.73
N TYR A 62 0.93 -6.32 0.80
CA TYR A 62 1.67 -5.11 1.15
C TYR A 62 1.49 -4.79 2.62
N ARG A 63 2.41 -3.95 3.12
CA ARG A 63 2.46 -3.44 4.46
C ARG A 63 2.67 -1.93 4.31
N CYS A 64 1.63 -1.15 4.61
CA CYS A 64 1.66 0.29 4.72
C CYS A 64 2.51 0.59 5.95
N ILE A 65 3.83 0.64 5.79
CA ILE A 65 4.74 0.66 6.92
C ILE A 65 4.56 1.97 7.72
N CYS A 66 4.08 3.03 7.05
CA CYS A 66 3.72 4.33 7.60
C CYS A 66 2.49 4.28 8.53
N CYS A 67 1.87 3.12 8.73
CA CYS A 67 1.02 2.83 9.87
C CYS A 67 1.19 1.37 10.32
N GLY A 68 2.31 0.74 9.96
CA GLY A 68 2.71 -0.58 10.44
C GLY A 68 1.77 -1.70 10.01
N THR A 69 0.86 -1.44 9.07
CA THR A 69 -0.37 -2.18 8.83
C THR A 69 -0.29 -2.92 7.49
N ASP A 70 -0.96 -4.06 7.31
CA ASP A 70 -1.08 -4.74 6.01
C ASP A 70 -2.29 -4.29 5.19
N LEU A 71 -2.22 -4.46 3.87
CA LEU A 71 -3.22 -4.09 2.85
C LEU A 71 -2.71 -4.51 1.45
N PHE A 72 -3.39 -4.03 0.39
CA PHE A 72 -3.09 -4.18 -1.03
C PHE A 72 -2.56 -5.58 -1.38
N ASP A 73 -3.51 -6.51 -1.50
CA ASP A 73 -3.26 -7.92 -1.77
C ASP A 73 -2.75 -8.11 -3.20
N SER A 74 -1.90 -9.12 -3.40
CA SER A 74 -1.13 -9.25 -4.63
C SER A 74 -1.94 -9.64 -5.87
N GLU A 75 -3.22 -10.01 -5.71
CA GLU A 75 -4.13 -10.34 -6.81
C GLU A 75 -4.41 -9.13 -7.72
N THR A 76 -4.57 -7.95 -7.11
CA THR A 76 -4.72 -6.68 -7.84
C THR A 76 -3.35 -6.08 -8.21
N LYS A 77 -2.27 -6.50 -7.53
CA LYS A 77 -0.90 -6.19 -7.92
C LYS A 77 -0.50 -7.02 -9.15
N PHE A 78 0.71 -6.81 -9.65
CA PHE A 78 1.48 -7.71 -10.49
C PHE A 78 2.86 -7.78 -9.85
N ASP A 79 3.56 -8.90 -10.02
CA ASP A 79 4.77 -9.24 -9.26
C ASP A 79 5.86 -9.70 -10.21
N SER A 80 5.59 -10.73 -11.03
CA SER A 80 6.41 -11.02 -12.20
C SER A 80 5.87 -10.25 -13.42
N GLY A 81 6.56 -10.40 -14.55
CA GLY A 81 6.31 -9.66 -15.79
C GLY A 81 6.38 -8.15 -15.54
N THR A 82 5.22 -7.52 -15.37
CA THR A 82 5.07 -6.09 -15.07
C THR A 82 5.76 -5.74 -13.75
N GLY A 83 5.40 -6.44 -12.67
CA GLY A 83 5.95 -6.34 -11.31
C GLY A 83 6.17 -4.90 -10.84
N TRP A 84 5.18 -4.04 -11.10
CA TRP A 84 5.25 -2.61 -10.94
C TRP A 84 4.22 -2.13 -9.90
N PRO A 85 4.44 -1.01 -9.18
CA PRO A 85 3.51 -0.50 -8.16
C PRO A 85 2.27 0.20 -8.77
N SER A 86 1.64 -0.45 -9.77
CA SER A 86 0.32 -0.09 -10.25
C SER A 86 -0.60 -1.30 -10.18
N PHE A 87 -1.89 -1.06 -9.99
CA PHE A 87 -2.91 -2.06 -9.79
C PHE A 87 -4.19 -1.66 -10.52
N TYR A 88 -5.22 -2.51 -10.46
CA TYR A 88 -6.45 -2.32 -11.22
C TYR A 88 -7.73 -2.55 -10.41
N ASP A 89 -7.63 -2.89 -9.12
CA ASP A 89 -8.76 -3.01 -8.19
C ASP A 89 -8.29 -2.93 -6.73
N VAL A 90 -9.17 -2.98 -5.72
CA VAL A 90 -8.78 -2.77 -4.32
C VAL A 90 -9.46 -3.79 -3.41
N VAL A 91 -8.78 -4.05 -2.28
CA VAL A 91 -9.16 -4.93 -1.19
C VAL A 91 -10.49 -4.47 -0.57
N SER A 92 -10.48 -3.27 0.02
CA SER A 92 -11.55 -2.66 0.79
C SER A 92 -11.11 -1.23 1.08
N GLU A 93 -12.04 -0.32 1.41
CA GLU A 93 -11.76 1.06 1.84
C GLU A 93 -11.43 1.04 3.35
N HIS A 94 -10.45 0.22 3.73
CA HIS A 94 -10.31 -0.24 5.11
C HIS A 94 -9.17 0.59 5.71
N ASN A 95 -7.97 0.41 5.17
CA ASN A 95 -6.76 1.15 5.47
C ASN A 95 -6.34 2.07 4.31
N ILE A 96 -7.14 2.17 3.25
CA ILE A 96 -6.94 3.02 2.10
C ILE A 96 -8.18 3.90 1.94
N LYS A 97 -8.04 5.09 1.35
CA LYS A 97 -9.17 5.95 1.01
C LYS A 97 -9.03 6.44 -0.42
N LEU A 98 -10.15 6.40 -1.14
CA LEU A 98 -10.33 6.84 -2.51
C LEU A 98 -11.49 7.84 -2.62
N ARG A 99 -11.36 8.80 -3.54
CA ARG A 99 -12.33 9.86 -3.86
C ARG A 99 -12.27 10.07 -5.37
N GLU A 100 -13.36 9.74 -6.09
CA GLU A 100 -13.39 9.86 -7.55
C GLU A 100 -13.79 11.27 -7.98
N ASP A 101 -13.40 11.58 -9.21
CA ASP A 101 -13.49 12.86 -9.89
C ASP A 101 -13.31 12.67 -11.42
N ARG A 102 -13.41 13.73 -12.22
CA ARG A 102 -13.06 13.71 -13.65
C ARG A 102 -11.79 14.52 -13.94
N SER A 103 -10.78 14.44 -13.07
CA SER A 103 -9.52 15.21 -13.17
C SER A 103 -8.54 14.77 -14.27
N LEU A 104 -9.01 14.02 -15.28
CA LEU A 104 -8.35 13.89 -16.59
C LEU A 104 -9.34 14.10 -17.74
N GLY A 105 -10.61 14.39 -17.42
CA GLY A 105 -11.71 14.41 -18.38
C GLY A 105 -12.51 13.11 -18.43
N MET A 106 -12.20 12.11 -17.59
CA MET A 106 -12.90 10.82 -17.58
C MET A 106 -13.14 10.41 -16.13
N VAL A 107 -12.27 9.57 -15.55
CA VAL A 107 -12.34 9.18 -14.15
C VAL A 107 -10.91 9.24 -13.66
N ARG A 108 -10.66 10.18 -12.76
CA ARG A 108 -9.47 10.22 -11.94
C ARG A 108 -9.91 10.16 -10.49
N CYS A 109 -9.08 9.61 -9.61
CA CYS A 109 -9.52 9.35 -8.25
C CYS A 109 -8.28 9.27 -7.37
N GLU A 110 -8.21 10.09 -6.32
CA GLU A 110 -7.05 10.07 -5.43
C GLU A 110 -6.97 8.73 -4.70
N VAL A 111 -5.76 8.34 -4.29
CA VAL A 111 -5.47 7.13 -3.53
C VAL A 111 -4.53 7.56 -2.41
N LEU A 112 -5.03 7.60 -1.16
CA LEU A 112 -4.18 7.81 0.01
C LEU A 112 -4.51 6.72 1.04
N CYS A 113 -3.73 6.65 2.13
CA CYS A 113 -4.08 5.78 3.26
C CYS A 113 -5.36 6.30 3.91
N ALA A 114 -6.18 5.41 4.47
CA ALA A 114 -7.34 5.79 5.28
C ALA A 114 -6.91 6.60 6.50
N ARG A 115 -5.72 6.27 7.04
CA ARG A 115 -5.10 6.99 8.12
C ARG A 115 -3.90 7.84 7.69
N CYS A 116 -2.70 7.25 7.57
CA CYS A 116 -1.36 7.87 7.61
C CYS A 116 -0.95 8.86 6.51
N ASP A 117 -1.91 9.56 5.91
CA ASP A 117 -1.79 10.82 5.18
C ASP A 117 -0.95 10.84 3.89
N ALA A 118 -0.05 9.88 3.67
CA ALA A 118 1.08 10.00 2.75
C ALA A 118 0.69 10.05 1.27
N HIS A 119 1.66 10.49 0.44
CA HIS A 119 1.58 10.76 -1.00
C HIS A 119 0.74 9.75 -1.75
N LEU A 120 1.13 8.47 -1.64
CA LEU A 120 0.59 7.34 -2.36
C LEU A 120 0.42 7.72 -3.83
N GLY A 121 -0.81 7.88 -4.30
CA GLY A 121 -1.02 8.43 -5.63
C GLY A 121 -2.49 8.57 -6.02
N HIS A 122 -2.86 7.96 -7.15
CA HIS A 122 -4.20 8.08 -7.70
C HIS A 122 -4.49 6.94 -8.69
N VAL A 123 -5.76 6.76 -9.05
CA VAL A 123 -6.25 5.85 -10.06
C VAL A 123 -6.88 6.65 -11.20
N PHE A 124 -6.69 6.16 -12.43
CA PHE A 124 -7.10 6.83 -13.65
C PHE A 124 -7.57 5.82 -14.70
N ASP A 125 -8.35 6.30 -15.66
CA ASP A 125 -8.95 5.55 -16.77
C ASP A 125 -7.87 5.06 -17.77
N ASP A 126 -7.12 4.01 -17.40
CA ASP A 126 -6.00 3.45 -18.18
C ASP A 126 -5.73 1.98 -17.81
N GLY A 127 -6.71 1.27 -17.22
CA GLY A 127 -6.52 -0.08 -16.71
C GLY A 127 -7.19 -1.15 -17.57
N PRO A 128 -6.92 -2.43 -17.28
CA PRO A 128 -7.59 -3.54 -17.93
C PRO A 128 -9.06 -3.61 -17.48
N ARG A 129 -9.93 -4.15 -18.34
CA ARG A 129 -11.24 -4.61 -17.89
C ARG A 129 -11.04 -5.76 -16.88
N PRO A 130 -11.94 -6.00 -15.92
CA PRO A 130 -13.29 -5.44 -15.80
C PRO A 130 -13.31 -3.96 -15.39
N THR A 131 -12.45 -3.56 -14.44
CA THR A 131 -12.53 -2.24 -13.80
C THR A 131 -12.20 -1.09 -14.76
N GLY A 132 -11.33 -1.31 -15.76
CA GLY A 132 -10.93 -0.32 -16.76
C GLY A 132 -9.99 0.76 -16.20
N LYS A 133 -9.66 0.71 -14.90
CA LYS A 133 -8.98 1.80 -14.21
C LYS A 133 -7.64 1.29 -13.65
N ARG A 134 -6.67 2.19 -13.60
CA ARG A 134 -5.27 1.93 -13.31
C ARG A 134 -4.87 2.78 -12.12
N TYR A 135 -4.63 2.14 -11.00
CA TYR A 135 -4.16 2.70 -9.75
C TYR A 135 -2.65 2.74 -9.84
N CYS A 136 -2.00 3.83 -9.39
CA CYS A 136 -0.57 3.89 -9.18
C CYS A 136 -0.31 4.67 -7.90
N MET A 137 0.65 4.21 -7.08
CA MET A 137 1.04 4.88 -5.83
C MET A 137 2.53 4.71 -5.58
N ASN A 138 3.11 5.66 -4.84
CA ASN A 138 4.52 5.69 -4.45
C ASN A 138 4.64 6.41 -3.11
N SER A 139 5.29 5.79 -2.12
CA SER A 139 5.73 6.45 -0.91
C SER A 139 6.71 5.54 -0.16
N ALA A 140 7.29 6.07 0.93
CA ALA A 140 7.97 5.26 1.95
C ALA A 140 7.06 4.21 2.59
N ALA A 141 5.74 4.28 2.41
CA ALA A 141 4.82 3.34 3.02
C ALA A 141 4.86 1.96 2.36
N LEU A 142 5.50 1.79 1.20
CA LEU A 142 5.42 0.56 0.42
C LEU A 142 6.43 -0.49 0.89
N LYS A 143 6.11 -1.24 1.95
CA LYS A 143 6.79 -2.50 2.27
C LYS A 143 6.01 -3.64 1.61
N PHE A 144 6.68 -4.49 0.81
CA PHE A 144 6.16 -5.81 0.44
C PHE A 144 6.32 -6.72 1.66
N ILE A 145 5.41 -7.67 1.88
CA ILE A 145 5.53 -8.69 2.93
C ILE A 145 4.93 -10.04 2.46
N PRO A 146 5.23 -11.15 3.16
CA PRO A 146 4.42 -12.37 3.10
C PRO A 146 2.97 -12.11 3.56
N ARG A 147 2.12 -13.13 3.44
CA ARG A 147 0.66 -13.01 3.51
C ARG A 147 0.15 -12.33 4.78
N ASP A 148 0.92 -12.40 5.87
CA ASP A 148 0.90 -11.55 7.04
C ASP A 148 2.15 -11.76 7.89
N GLN A 149 2.32 -12.99 8.39
CA GLN A 149 3.18 -13.47 9.46
C GLN A 149 3.51 -14.97 9.22
N ILE A 150 3.00 -15.58 8.14
CA ILE A 150 3.42 -16.91 7.67
C ILE A 150 4.90 -16.95 7.28
N GLY A 151 5.49 -15.77 7.04
CA GLY A 151 6.91 -15.51 7.08
C GLY A 151 7.10 -14.13 7.69
ZN ZN B . -2.00 2.33 5.78
N MET A 1 -7.00 12.09 10.35
CA MET A 1 -7.71 10.83 10.54
C MET A 1 -8.05 10.78 12.04
N LYS A 2 -9.10 10.05 12.49
CA LYS A 2 -9.58 10.18 13.87
C LYS A 2 -10.48 8.98 14.25
N ASP A 3 -9.97 7.75 14.12
CA ASP A 3 -10.82 6.57 14.02
C ASP A 3 -10.07 5.28 14.38
N ARG A 4 -10.81 4.17 14.36
CA ARG A 4 -10.38 2.80 14.54
C ARG A 4 -10.87 2.06 13.29
N ILE A 5 -10.15 1.05 12.83
CA ILE A 5 -10.23 0.55 11.47
C ILE A 5 -10.20 -0.99 11.41
N PRO A 6 -10.93 -1.62 10.47
CA PRO A 6 -10.89 -3.06 10.26
C PRO A 6 -9.65 -3.44 9.45
N ILE A 7 -8.76 -4.24 10.05
CA ILE A 7 -7.72 -4.98 9.33
C ILE A 7 -8.43 -6.21 8.76
N PHE A 8 -8.76 -6.20 7.47
CA PHE A 8 -9.44 -7.30 6.79
C PHE A 8 -8.44 -7.97 5.86
N SER A 9 -8.01 -9.17 6.19
CA SER A 9 -7.21 -9.97 5.29
C SER A 9 -8.15 -10.66 4.32
N VAL A 10 -8.40 -10.12 3.12
CA VAL A 10 -9.22 -10.89 2.17
C VAL A 10 -8.45 -12.15 1.75
N ALA A 11 -7.11 -12.04 1.64
CA ALA A 11 -6.17 -13.15 1.43
C ALA A 11 -6.33 -14.36 2.37
N LYS A 12 -6.97 -14.22 3.53
CA LYS A 12 -7.30 -15.31 4.47
C LYS A 12 -8.77 -15.25 4.92
N ASN A 13 -9.56 -14.32 4.38
CA ASN A 13 -10.81 -13.82 4.96
C ASN A 13 -10.71 -13.70 6.50
N ARG A 14 -9.83 -12.83 7.02
CA ARG A 14 -9.84 -12.50 8.43
C ARG A 14 -10.38 -11.08 8.57
N VAL A 15 -10.89 -10.74 9.75
CA VAL A 15 -11.02 -9.35 10.17
C VAL A 15 -10.60 -9.30 11.63
N GLU A 16 -9.83 -8.26 11.98
CA GLU A 16 -9.66 -7.78 13.34
C GLU A 16 -9.77 -6.26 13.25
N MET A 17 -10.12 -5.58 14.35
CA MET A 17 -10.24 -4.13 14.36
C MET A 17 -9.15 -3.55 15.26
N VAL A 18 -8.44 -2.54 14.76
CA VAL A 18 -7.23 -1.97 15.34
C VAL A 18 -7.38 -0.44 15.23
N GLU A 19 -6.70 0.32 16.09
CA GLU A 19 -6.68 1.77 16.03
C GLU A 19 -5.94 2.26 14.79
N ARG A 20 -6.28 3.46 14.32
CA ARG A 20 -5.41 4.19 13.39
C ARG A 20 -4.13 4.57 14.16
N ILE A 21 -2.97 4.64 13.49
CA ILE A 21 -1.72 5.04 14.09
C ILE A 21 -1.84 6.47 14.64
N GLU A 22 -1.60 6.64 15.94
CA GLU A 22 -1.57 7.90 16.65
C GLU A 22 -0.54 7.69 17.75
N LEU A 23 0.62 8.33 17.61
CA LEU A 23 1.79 8.14 18.47
C LEU A 23 2.38 9.52 18.82
N SER A 24 3.43 9.51 19.64
CA SER A 24 4.37 10.62 19.72
C SER A 24 5.40 10.46 18.60
N ASP A 25 6.32 11.43 18.44
CA ASP A 25 7.40 11.34 17.46
C ASP A 25 8.31 10.15 17.76
N ASP A 26 8.75 10.00 19.02
CA ASP A 26 9.80 9.05 19.37
C ASP A 26 9.42 7.58 19.22
N GLU A 27 8.13 7.27 19.21
CA GLU A 27 7.62 5.91 19.08
C GLU A 27 8.12 5.25 17.78
N TRP A 28 8.08 6.02 16.69
CA TRP A 28 8.39 5.63 15.31
C TRP A 28 9.82 5.13 15.05
N ARG A 29 10.61 4.86 16.09
CA ARG A 29 11.91 4.23 16.01
C ARG A 29 12.10 3.10 17.01
N GLU A 30 11.19 2.93 17.98
CA GLU A 30 11.30 1.90 19.01
C GLU A 30 10.11 0.93 18.99
N ILE A 31 8.98 1.29 18.36
CA ILE A 31 7.90 0.34 18.08
C ILE A 31 7.74 0.05 16.57
N LEU A 32 8.63 0.59 15.74
CA LEU A 32 8.58 0.48 14.28
C LEU A 32 9.70 -0.41 13.76
N ASP A 33 9.58 -0.87 12.50
CA ASP A 33 10.71 -1.43 11.77
C ASP A 33 11.82 -0.38 11.70
N PRO A 34 13.10 -0.75 11.92
CA PRO A 34 14.22 0.16 11.74
C PRO A 34 14.39 0.54 10.26
N GLU A 35 13.79 -0.23 9.34
CA GLU A 35 13.72 0.15 7.95
C GLU A 35 12.73 1.29 7.78
N ALA A 36 11.57 1.27 8.44
CA ALA A 36 10.60 2.36 8.32
C ALA A 36 11.22 3.66 8.80
N PHE A 37 11.90 3.60 9.95
CA PHE A 37 12.56 4.73 10.56
C PHE A 37 13.56 5.38 9.61
N ARG A 38 14.41 4.57 8.96
CA ARG A 38 15.42 5.11 8.08
C ARG A 38 14.72 5.60 6.83
N VAL A 39 13.85 4.78 6.23
CA VAL A 39 13.13 5.09 5.00
C VAL A 39 12.37 6.40 5.14
N ALA A 40 11.93 6.76 6.36
CA ALA A 40 11.33 8.05 6.61
C ALA A 40 12.25 9.27 6.39
N ARG A 41 13.59 9.12 6.42
CA ARG A 41 14.51 10.22 6.13
C ARG A 41 14.88 10.24 4.64
N LYS A 42 14.94 9.06 4.03
CA LYS A 42 15.51 8.83 2.70
C LYS A 42 14.43 8.69 1.63
N ALA A 43 13.16 8.76 2.03
CA ALA A 43 12.00 8.40 1.20
C ALA A 43 12.25 7.13 0.39
N GLY A 44 12.92 6.17 1.02
CA GLY A 44 13.17 4.84 0.49
C GLY A 44 14.51 4.66 -0.20
N THR A 45 15.29 5.73 -0.44
CA THR A 45 16.57 5.56 -1.10
C THR A 45 17.54 6.69 -0.71
N GLU A 46 18.68 6.31 -0.15
CA GLU A 46 19.79 7.21 0.16
C GLU A 46 20.19 8.07 -1.05
N PRO A 47 20.61 7.50 -2.21
CA PRO A 47 20.74 8.26 -3.44
C PRO A 47 19.35 8.50 -4.06
N PRO A 48 19.17 9.55 -4.89
CA PRO A 48 17.97 9.68 -5.70
C PRO A 48 17.89 8.51 -6.69
N PHE A 49 16.70 7.93 -6.82
CA PHE A 49 16.42 6.79 -7.68
C PHE A 49 14.97 6.87 -8.13
N THR A 50 14.53 6.02 -9.07
CA THR A 50 13.12 5.85 -9.42
C THR A 50 12.97 4.44 -10.02
N GLY A 51 11.87 3.76 -9.67
CA GLY A 51 11.65 2.37 -10.04
C GLY A 51 12.65 1.42 -9.37
N LYS A 52 12.56 0.12 -9.69
CA LYS A 52 13.55 -0.92 -9.44
C LYS A 52 13.07 -2.18 -10.17
N TYR A 53 13.96 -3.17 -10.30
CA TYR A 53 13.65 -4.51 -10.75
C TYR A 53 14.49 -5.47 -9.92
N HIS A 54 13.98 -6.68 -9.73
CA HIS A 54 14.52 -7.77 -8.91
C HIS A 54 13.54 -8.94 -9.06
N ASP A 55 13.79 -10.06 -8.38
CA ASP A 55 12.81 -11.13 -8.22
C ASP A 55 11.63 -10.65 -7.38
N LEU A 56 10.53 -11.41 -7.42
CA LEU A 56 9.31 -11.14 -6.67
C LEU A 56 8.58 -12.47 -6.44
N HIS A 57 7.72 -12.51 -5.43
CA HIS A 57 6.82 -13.61 -5.12
C HIS A 57 5.50 -12.95 -4.74
N ASP A 58 4.46 -13.13 -5.56
CA ASP A 58 3.18 -12.45 -5.43
C ASP A 58 2.10 -13.38 -4.83
N ASP A 59 2.52 -14.24 -3.90
CA ASP A 59 1.64 -14.89 -2.92
C ASP A 59 2.02 -14.39 -1.54
N GLY A 60 1.20 -13.48 -1.02
CA GLY A 60 1.50 -12.62 0.10
C GLY A 60 0.61 -11.39 0.01
N ILE A 61 0.79 -10.45 0.94
CA ILE A 61 0.06 -9.19 0.93
C ILE A 61 1.04 -8.05 1.19
N TYR A 62 0.67 -6.86 0.72
CA TYR A 62 1.45 -5.65 0.94
C TYR A 62 1.20 -5.14 2.35
N ARG A 63 2.23 -4.55 2.95
CA ARG A 63 2.19 -4.00 4.29
C ARG A 63 2.94 -2.68 4.29
N CYS A 64 2.14 -1.61 4.44
CA CYS A 64 2.59 -0.23 4.43
C CYS A 64 3.50 -0.02 5.64
N ILE A 65 4.82 -0.01 5.40
CA ILE A 65 5.83 -0.03 6.45
C ILE A 65 5.74 1.23 7.32
N CYS A 66 5.25 2.31 6.69
CA CYS A 66 5.11 3.64 7.27
C CYS A 66 3.81 3.79 8.07
N CYS A 67 3.13 2.68 8.35
CA CYS A 67 2.17 2.58 9.44
C CYS A 67 2.20 1.20 10.11
N GLY A 68 2.97 0.25 9.56
CA GLY A 68 3.15 -1.08 10.08
C GLY A 68 2.09 -2.07 9.60
N THR A 69 1.14 -1.65 8.76
CA THR A 69 -0.14 -2.34 8.58
C THR A 69 -0.35 -2.81 7.15
N ASP A 70 -1.06 -3.94 7.03
CA ASP A 70 -1.27 -4.67 5.81
C ASP A 70 -2.54 -4.24 5.07
N LEU A 71 -2.53 -4.49 3.76
CA LEU A 71 -3.60 -4.18 2.82
C LEU A 71 -3.42 -5.00 1.53
N PHE A 72 -3.07 -4.36 0.40
CA PHE A 72 -3.27 -4.90 -0.95
C PHE A 72 -2.71 -6.32 -1.10
N ASP A 73 -3.56 -7.29 -1.44
CA ASP A 73 -3.09 -8.66 -1.68
C ASP A 73 -2.32 -8.71 -2.98
N SER A 74 -1.21 -9.44 -3.04
CA SER A 74 -0.39 -9.49 -4.24
C SER A 74 -1.13 -10.10 -5.45
N GLU A 75 -2.19 -10.88 -5.25
CA GLU A 75 -3.05 -11.33 -6.35
C GLU A 75 -3.81 -10.16 -7.02
N THR A 76 -3.85 -8.98 -6.42
CA THR A 76 -4.30 -7.74 -7.07
C THR A 76 -3.17 -7.06 -7.87
N LYS A 77 -1.90 -7.38 -7.59
CA LYS A 77 -0.72 -6.65 -8.03
C LYS A 77 0.30 -7.69 -8.48
N PHE A 78 0.22 -8.10 -9.75
CA PHE A 78 1.19 -8.98 -10.37
C PHE A 78 1.51 -8.41 -11.76
N ASP A 79 2.81 -8.34 -12.10
CA ASP A 79 3.28 -8.06 -13.44
C ASP A 79 4.52 -8.91 -13.69
N SER A 80 4.40 -9.86 -14.62
CA SER A 80 5.38 -10.90 -14.91
C SER A 80 6.63 -10.32 -15.59
N GLY A 81 7.44 -9.59 -14.81
CA GLY A 81 8.73 -9.05 -15.21
C GLY A 81 8.93 -7.63 -14.69
N THR A 82 7.92 -6.77 -14.79
CA THR A 82 8.03 -5.40 -14.29
C THR A 82 7.82 -5.39 -12.78
N GLY A 83 6.79 -6.09 -12.33
CA GLY A 83 6.26 -6.10 -10.97
C GLY A 83 5.91 -4.72 -10.39
N TRP A 84 5.78 -3.69 -11.23
CA TRP A 84 5.47 -2.32 -10.84
C TRP A 84 4.22 -2.25 -9.93
N PRO A 85 4.19 -1.32 -8.96
CA PRO A 85 3.09 -1.14 -8.02
C PRO A 85 1.87 -0.45 -8.69
N SER A 86 1.27 -1.16 -9.65
CA SER A 86 -0.04 -0.86 -10.17
C SER A 86 -0.89 -2.13 -10.16
N PHE A 87 -2.18 -1.98 -9.84
CA PHE A 87 -3.11 -3.06 -9.54
C PHE A 87 -4.46 -2.70 -10.18
N TYR A 88 -5.38 -3.67 -10.23
CA TYR A 88 -6.63 -3.55 -11.00
C TYR A 88 -7.86 -3.76 -10.12
N ASP A 89 -7.70 -4.18 -8.87
CA ASP A 89 -8.74 -4.34 -7.87
C ASP A 89 -8.04 -4.24 -6.50
N VAL A 90 -8.75 -4.35 -5.39
CA VAL A 90 -8.22 -4.12 -4.05
C VAL A 90 -8.57 -5.24 -3.08
N VAL A 91 -7.81 -5.26 -1.97
CA VAL A 91 -8.11 -6.04 -0.77
C VAL A 91 -9.51 -5.71 -0.23
N SER A 92 -9.90 -4.42 -0.29
CA SER A 92 -11.07 -3.72 0.23
C SER A 92 -10.63 -2.35 0.73
N GLU A 93 -11.55 -1.38 0.73
CA GLU A 93 -11.43 -0.09 1.41
C GLU A 93 -11.52 -0.29 2.94
N HIS A 94 -10.59 -1.08 3.50
CA HIS A 94 -10.57 -1.45 4.89
C HIS A 94 -9.45 -0.67 5.59
N ASN A 95 -8.24 -0.62 5.01
CA ASN A 95 -7.13 0.25 5.42
C ASN A 95 -6.59 1.10 4.27
N ILE A 96 -7.30 1.16 3.15
CA ILE A 96 -7.05 2.08 2.04
C ILE A 96 -8.31 2.93 1.85
N LYS A 97 -8.11 4.19 1.46
CA LYS A 97 -9.14 5.20 1.27
C LYS A 97 -9.11 5.67 -0.18
N LEU A 98 -10.29 5.98 -0.75
CA LEU A 98 -10.45 6.68 -2.01
C LEU A 98 -11.45 7.82 -1.87
N ARG A 99 -11.31 8.78 -2.79
CA ARG A 99 -12.21 9.85 -3.19
C ARG A 99 -12.14 9.81 -4.71
N GLU A 100 -13.25 10.04 -5.40
CA GLU A 100 -13.44 9.74 -6.82
C GLU A 100 -13.91 11.00 -7.54
N ASP A 101 -13.25 11.30 -8.65
CA ASP A 101 -13.38 12.51 -9.45
C ASP A 101 -13.20 12.13 -10.94
N ARG A 102 -13.09 13.11 -11.84
CA ARG A 102 -12.95 12.99 -13.28
C ARG A 102 -11.60 13.53 -13.78
N SER A 103 -10.69 13.91 -12.87
CA SER A 103 -9.49 14.74 -13.02
C SER A 103 -8.35 14.18 -13.89
N LEU A 104 -8.69 13.40 -14.92
CA LEU A 104 -7.84 13.09 -16.07
C LEU A 104 -8.60 13.24 -17.40
N GLY A 105 -9.93 13.47 -17.34
CA GLY A 105 -10.82 13.39 -18.48
C GLY A 105 -11.73 12.16 -18.43
N MET A 106 -11.67 11.31 -17.39
CA MET A 106 -12.54 10.13 -17.31
C MET A 106 -12.97 9.93 -15.86
N VAL A 107 -12.18 9.18 -15.08
CA VAL A 107 -12.47 8.86 -13.69
C VAL A 107 -11.11 8.69 -13.05
N ARG A 108 -10.78 9.66 -12.21
CA ARG A 108 -9.56 9.71 -11.43
C ARG A 108 -9.94 9.68 -9.97
N CYS A 109 -9.42 8.72 -9.21
CA CYS A 109 -9.71 8.61 -7.80
C CYS A 109 -8.38 8.59 -7.05
N GLU A 110 -8.31 9.18 -5.85
CA GLU A 110 -7.11 9.09 -5.03
C GLU A 110 -7.05 7.70 -4.39
N VAL A 111 -5.85 7.27 -4.00
CA VAL A 111 -5.59 6.02 -3.29
C VAL A 111 -4.59 6.39 -2.21
N LEU A 112 -4.98 6.38 -0.93
CA LEU A 112 -4.08 6.60 0.20
C LEU A 112 -4.38 5.57 1.29
N CYS A 113 -3.37 5.20 2.07
CA CYS A 113 -3.51 4.24 3.16
C CYS A 113 -4.28 4.90 4.30
N ALA A 114 -5.54 4.49 4.52
CA ALA A 114 -6.42 5.03 5.56
C ALA A 114 -5.83 4.85 6.96
N ARG A 115 -5.02 3.80 7.18
CA ARG A 115 -4.35 3.60 8.45
C ARG A 115 -3.31 4.68 8.74
N CYS A 116 -2.81 5.40 7.74
CA CYS A 116 -2.09 6.62 7.99
C CYS A 116 -2.84 7.71 7.23
N ASP A 117 -2.34 8.09 6.05
CA ASP A 117 -2.67 9.28 5.26
C ASP A 117 -1.52 9.64 4.32
N ALA A 118 -0.75 8.62 3.90
CA ALA A 118 0.53 8.77 3.25
C ALA A 118 0.44 8.43 1.75
N HIS A 119 1.51 8.82 1.04
CA HIS A 119 1.64 9.06 -0.40
C HIS A 119 0.74 8.21 -1.30
N LEU A 120 1.12 6.95 -1.52
CA LEU A 120 0.53 6.05 -2.49
C LEU A 120 0.25 6.74 -3.83
N GLY A 121 -1.00 6.95 -4.22
CA GLY A 121 -1.28 7.70 -5.44
C GLY A 121 -2.74 7.71 -5.82
N HIS A 122 -3.10 7.00 -6.89
CA HIS A 122 -4.39 7.15 -7.54
C HIS A 122 -4.91 5.83 -8.13
N VAL A 123 -6.09 5.88 -8.74
CA VAL A 123 -6.59 4.94 -9.71
C VAL A 123 -7.12 5.72 -10.92
N PHE A 124 -6.95 5.16 -12.13
CA PHE A 124 -7.47 5.73 -13.38
C PHE A 124 -8.09 4.63 -14.24
N ASP A 125 -8.92 5.00 -15.21
CA ASP A 125 -9.46 4.08 -16.22
C ASP A 125 -8.35 3.68 -17.20
N ASP A 126 -8.00 2.40 -17.27
CA ASP A 126 -6.92 1.88 -18.12
C ASP A 126 -7.08 0.41 -18.52
N GLY A 127 -7.74 -0.41 -17.70
CA GLY A 127 -7.82 -1.84 -17.95
C GLY A 127 -8.88 -2.15 -19.01
N PRO A 128 -8.79 -3.28 -19.71
CA PRO A 128 -9.75 -3.65 -20.75
C PRO A 128 -11.09 -4.15 -20.19
N ARG A 129 -11.13 -4.46 -18.88
CA ARG A 129 -12.07 -5.23 -18.03
C ARG A 129 -11.18 -6.15 -17.14
N PRO A 130 -11.68 -6.81 -16.08
CA PRO A 130 -13.03 -6.75 -15.51
C PRO A 130 -13.35 -5.37 -14.94
N THR A 131 -12.55 -4.89 -13.99
CA THR A 131 -12.75 -3.64 -13.26
C THR A 131 -12.54 -2.40 -14.14
N GLY A 132 -11.75 -2.51 -15.20
CA GLY A 132 -11.46 -1.45 -16.16
C GLY A 132 -10.48 -0.40 -15.62
N LYS A 133 -10.12 -0.47 -14.34
CA LYS A 133 -9.39 0.58 -13.66
C LYS A 133 -8.01 0.08 -13.25
N ARG A 134 -7.07 1.01 -13.15
CA ARG A 134 -5.69 0.82 -12.76
C ARG A 134 -5.42 1.70 -11.57
N TYR A 135 -5.32 1.08 -10.40
CA TYR A 135 -4.72 1.63 -9.21
C TYR A 135 -3.22 1.71 -9.46
N CYS A 136 -2.57 2.83 -9.14
CA CYS A 136 -1.12 2.98 -9.22
C CYS A 136 -0.66 3.79 -8.01
N MET A 137 0.35 3.27 -7.31
CA MET A 137 0.84 3.86 -6.08
C MET A 137 2.36 4.01 -6.14
N ASN A 138 2.88 5.05 -5.50
CA ASN A 138 4.30 5.32 -5.34
C ASN A 138 4.51 5.83 -3.92
N SER A 139 4.97 4.93 -3.05
CA SER A 139 5.56 5.33 -1.78
C SER A 139 6.77 4.43 -1.55
N ALA A 140 7.60 4.80 -0.58
CA ALA A 140 8.68 3.94 -0.12
C ALA A 140 8.17 2.78 0.75
N ALA A 141 6.91 2.85 1.19
CA ALA A 141 6.36 2.02 2.25
C ALA A 141 5.93 0.62 1.81
N LEU A 142 6.08 0.28 0.53
CA LEU A 142 5.46 -0.86 -0.13
C LEU A 142 6.19 -2.18 0.16
N LYS A 143 6.38 -2.49 1.45
CA LYS A 143 6.98 -3.74 1.90
C LYS A 143 5.97 -4.87 1.62
N PHE A 144 6.49 -6.05 1.26
CA PHE A 144 5.70 -7.28 1.24
C PHE A 144 5.69 -7.90 2.64
N ILE A 145 4.66 -8.72 2.92
CA ILE A 145 4.65 -9.74 3.96
C ILE A 145 4.00 -10.99 3.34
N PRO A 146 4.17 -12.17 3.96
CA PRO A 146 3.32 -13.32 3.64
C PRO A 146 1.85 -13.02 3.94
N ARG A 147 0.98 -13.92 3.46
CA ARG A 147 -0.48 -13.88 3.38
C ARG A 147 -1.25 -13.11 4.44
N ASP A 148 -0.78 -13.17 5.69
CA ASP A 148 -1.21 -12.35 6.83
C ASP A 148 -0.32 -12.71 8.01
N GLN A 149 -0.32 -13.99 8.38
CA GLN A 149 0.38 -14.58 9.51
C GLN A 149 0.53 -16.06 9.16
N ILE A 150 1.31 -16.36 8.13
CA ILE A 150 1.87 -17.69 7.87
C ILE A 150 3.41 -17.64 7.81
N GLY A 151 3.95 -16.43 7.94
CA GLY A 151 5.30 -16.07 8.33
C GLY A 151 5.22 -14.62 8.80
ZN ZN B . 0.05 3.23 5.65
N MET A 1 -12.00 11.33 14.63
CA MET A 1 -10.74 11.65 15.28
C MET A 1 -9.71 10.58 14.91
N LYS A 2 -8.69 10.32 15.74
CA LYS A 2 -7.84 9.14 15.67
C LYS A 2 -8.65 7.90 16.10
N ASP A 3 -9.71 7.62 15.34
CA ASP A 3 -10.57 6.46 15.45
C ASP A 3 -9.87 5.25 14.82
N ARG A 4 -10.65 4.23 14.51
CA ARG A 4 -10.14 2.89 14.28
C ARG A 4 -10.18 2.48 12.81
N ILE A 5 -9.38 1.47 12.47
CA ILE A 5 -9.13 0.94 11.14
C ILE A 5 -9.38 -0.57 11.14
N PRO A 6 -10.46 -1.06 10.50
CA PRO A 6 -10.67 -2.48 10.29
C PRO A 6 -9.71 -2.97 9.20
N ILE A 7 -8.61 -3.61 9.60
CA ILE A 7 -7.73 -4.29 8.64
C ILE A 7 -8.44 -5.60 8.26
N PHE A 8 -8.18 -6.08 7.05
CA PHE A 8 -8.73 -7.31 6.49
C PHE A 8 -7.59 -8.03 5.77
N SER A 9 -7.01 -9.07 6.37
CA SER A 9 -6.27 -10.04 5.57
C SER A 9 -7.26 -10.82 4.69
N VAL A 10 -7.80 -10.19 3.63
CA VAL A 10 -8.78 -10.82 2.74
C VAL A 10 -8.20 -12.09 2.10
N ALA A 11 -6.88 -12.11 1.88
CA ALA A 11 -6.06 -13.24 1.46
C ALA A 11 -6.34 -14.53 2.25
N LYS A 12 -6.78 -14.41 3.52
CA LYS A 12 -7.13 -15.48 4.43
C LYS A 12 -8.51 -15.21 5.07
N ASN A 13 -9.29 -14.29 4.49
CA ASN A 13 -10.48 -13.63 5.03
C ASN A 13 -10.45 -13.44 6.54
N ARG A 14 -9.37 -12.83 7.07
CA ARG A 14 -9.39 -12.32 8.44
C ARG A 14 -9.95 -10.90 8.46
N VAL A 15 -10.28 -10.40 9.66
CA VAL A 15 -10.60 -9.00 9.93
C VAL A 15 -9.99 -8.71 11.31
N GLU A 16 -9.28 -7.59 11.44
CA GLU A 16 -8.55 -7.20 12.62
C GLU A 16 -8.60 -5.68 12.77
N MET A 17 -9.46 -5.18 13.66
CA MET A 17 -9.58 -3.75 13.87
C MET A 17 -8.50 -3.23 14.83
N VAL A 18 -7.66 -2.33 14.32
CA VAL A 18 -6.59 -1.59 15.00
C VAL A 18 -7.00 -0.10 15.02
N GLU A 19 -6.20 0.82 15.54
CA GLU A 19 -6.52 2.26 15.54
C GLU A 19 -5.57 3.06 14.63
N ARG A 20 -5.99 4.27 14.23
CA ARG A 20 -5.22 5.18 13.38
C ARG A 20 -3.84 5.49 14.00
N ILE A 21 -2.88 5.83 13.13
CA ILE A 21 -1.50 6.08 13.55
C ILE A 21 -1.49 7.42 14.30
N GLU A 22 -1.00 7.44 15.55
CA GLU A 22 -0.60 8.63 16.26
C GLU A 22 0.55 8.22 17.18
N LEU A 23 1.73 8.79 16.91
CA LEU A 23 2.95 8.74 17.68
C LEU A 23 3.53 10.16 17.63
N SER A 24 4.69 10.39 18.24
CA SER A 24 5.39 11.69 18.16
C SER A 24 6.83 11.67 18.66
N ASP A 25 7.21 10.73 19.54
CA ASP A 25 8.53 10.67 20.13
C ASP A 25 9.45 9.78 19.27
N ASP A 26 10.48 9.15 19.84
CA ASP A 26 11.39 8.19 19.20
C ASP A 26 10.69 6.94 18.62
N GLU A 27 9.36 6.91 18.67
CA GLU A 27 8.53 5.75 18.52
C GLU A 27 8.74 5.10 17.15
N TRP A 28 8.79 5.92 16.09
CA TRP A 28 9.06 5.56 14.70
C TRP A 28 10.53 5.12 14.47
N ARG A 29 11.07 4.33 15.38
CA ARG A 29 12.24 3.49 15.18
C ARG A 29 12.24 2.33 16.16
N GLU A 30 11.73 2.51 17.38
CA GLU A 30 11.72 1.45 18.38
C GLU A 30 10.45 0.60 18.36
N ILE A 31 9.30 1.10 17.87
CA ILE A 31 8.06 0.33 17.79
C ILE A 31 7.70 -0.05 16.34
N LEU A 32 8.65 0.08 15.41
CA LEU A 32 8.44 0.03 13.97
C LEU A 32 9.56 -0.75 13.30
N ASP A 33 9.45 -0.94 11.99
CA ASP A 33 10.60 -1.42 11.23
C ASP A 33 11.69 -0.34 11.37
N PRO A 34 12.96 -0.69 11.63
CA PRO A 34 14.07 0.23 11.48
C PRO A 34 14.28 0.60 10.00
N GLU A 35 13.62 -0.13 9.10
CA GLU A 35 13.49 0.23 7.72
C GLU A 35 12.45 1.34 7.53
N ALA A 36 11.29 1.26 8.19
CA ALA A 36 10.24 2.26 8.06
C ALA A 36 10.79 3.64 8.43
N PHE A 37 11.48 3.67 9.55
CA PHE A 37 12.18 4.81 10.10
C PHE A 37 13.05 5.49 9.05
N ARG A 38 13.91 4.73 8.36
CA ARG A 38 14.79 5.31 7.37
C ARG A 38 14.00 5.62 6.11
N VAL A 39 13.18 4.70 5.61
CA VAL A 39 12.42 4.84 4.35
C VAL A 39 11.52 6.06 4.45
N ALA A 40 11.10 6.45 5.65
CA ALA A 40 10.38 7.69 5.88
C ALA A 40 11.15 8.97 5.56
N ARG A 41 12.47 8.94 5.35
CA ARG A 41 13.26 10.13 4.98
C ARG A 41 13.81 10.04 3.56
N LYS A 42 14.00 8.81 3.07
CA LYS A 42 14.65 8.49 1.82
C LYS A 42 13.67 7.89 0.80
N ALA A 43 12.37 8.02 1.08
CA ALA A 43 11.19 7.62 0.32
C ALA A 43 11.08 6.13 -0.02
N GLY A 44 12.14 5.34 0.17
CA GLY A 44 12.16 3.91 -0.07
C GLY A 44 13.27 3.45 -1.01
N THR A 45 14.30 4.26 -1.29
CA THR A 45 15.56 3.73 -1.81
C THR A 45 16.71 4.61 -1.33
N GLU A 46 17.75 3.96 -0.79
CA GLU A 46 18.93 4.59 -0.24
C GLU A 46 19.85 5.14 -1.34
N PRO A 47 20.30 4.35 -2.34
CA PRO A 47 20.95 4.90 -3.53
C PRO A 47 19.92 5.62 -4.43
N PRO A 48 20.37 6.44 -5.40
CA PRO A 48 19.47 7.11 -6.34
C PRO A 48 18.80 6.15 -7.33
N PHE A 49 19.27 4.90 -7.42
CA PHE A 49 18.74 3.87 -8.30
C PHE A 49 17.45 3.28 -7.71
N THR A 50 16.39 4.08 -7.67
CA THR A 50 15.04 3.70 -7.28
C THR A 50 14.56 2.55 -8.16
N GLY A 51 14.54 1.32 -7.65
CA GLY A 51 14.24 0.13 -8.42
C GLY A 51 14.30 -1.12 -7.53
N LYS A 52 14.19 -2.29 -8.17
CA LYS A 52 14.18 -3.60 -7.54
C LYS A 52 15.05 -4.51 -8.43
N TYR A 53 15.76 -5.47 -7.83
CA TYR A 53 16.73 -6.30 -8.55
C TYR A 53 16.05 -7.16 -9.61
N HIS A 54 15.05 -7.95 -9.21
CA HIS A 54 14.22 -8.74 -10.11
C HIS A 54 12.95 -9.16 -9.36
N ASP A 55 12.07 -9.87 -10.06
CA ASP A 55 10.85 -10.49 -9.56
C ASP A 55 10.82 -11.96 -9.99
N LEU A 56 9.86 -12.75 -9.48
CA LEU A 56 9.57 -14.09 -9.98
C LEU A 56 8.08 -14.41 -9.78
N HIS A 57 7.66 -14.56 -8.52
CA HIS A 57 6.32 -14.86 -7.99
C HIS A 57 6.43 -15.81 -6.79
N ASP A 58 6.19 -15.28 -5.60
CA ASP A 58 5.80 -15.97 -4.39
C ASP A 58 4.56 -15.23 -3.90
N ASP A 59 3.60 -15.93 -3.27
CA ASP A 59 2.31 -15.34 -2.95
C ASP A 59 2.37 -14.62 -1.61
N GLY A 60 1.75 -13.43 -1.56
CA GLY A 60 2.02 -12.43 -0.55
C GLY A 60 1.08 -11.24 -0.68
N ILE A 61 1.23 -10.31 0.25
CA ILE A 61 0.42 -9.10 0.39
C ILE A 61 1.35 -7.92 0.68
N TYR A 62 0.82 -6.70 0.67
CA TYR A 62 1.57 -5.50 1.01
C TYR A 62 1.34 -5.12 2.46
N ARG A 63 2.42 -4.76 3.14
CA ARG A 63 2.41 -4.06 4.41
C ARG A 63 2.76 -2.61 4.09
N CYS A 64 1.85 -1.69 4.41
CA CYS A 64 2.14 -0.27 4.37
C CYS A 64 3.20 0.04 5.44
N ILE A 65 4.48 -0.02 5.05
CA ILE A 65 5.60 0.26 5.95
C ILE A 65 5.64 1.74 6.39
N CYS A 66 4.82 2.59 5.77
CA CYS A 66 4.65 3.99 6.14
C CYS A 66 3.75 4.14 7.38
N CYS A 67 3.19 3.05 7.93
CA CYS A 67 2.44 3.09 9.18
C CYS A 67 2.40 1.76 9.95
N GLY A 68 2.94 0.68 9.39
CA GLY A 68 2.86 -0.65 9.99
C GLY A 68 1.43 -1.14 9.95
N THR A 69 0.84 -1.30 8.75
CA THR A 69 -0.53 -1.75 8.58
C THR A 69 -0.65 -2.41 7.21
N ASP A 70 -1.35 -3.55 7.09
CA ASP A 70 -1.29 -4.35 5.87
C ASP A 70 -2.52 -4.11 5.01
N LEU A 71 -2.41 -4.38 3.70
CA LEU A 71 -3.49 -4.19 2.73
C LEU A 71 -3.28 -5.02 1.45
N PHE A 72 -2.85 -4.41 0.34
CA PHE A 72 -3.02 -4.93 -1.02
C PHE A 72 -2.52 -6.37 -1.23
N ASP A 73 -3.43 -7.26 -1.65
CA ASP A 73 -3.10 -8.59 -2.12
C ASP A 73 -2.22 -8.48 -3.36
N SER A 74 -1.01 -9.07 -3.34
CA SER A 74 -0.01 -8.78 -4.37
C SER A 74 -0.41 -9.26 -5.76
N GLU A 75 -1.40 -10.14 -5.88
CA GLU A 75 -1.97 -10.58 -7.16
C GLU A 75 -2.78 -9.48 -7.85
N THR A 76 -3.17 -8.43 -7.11
CA THR A 76 -3.71 -7.21 -7.70
C THR A 76 -2.61 -6.41 -8.41
N LYS A 77 -1.34 -6.61 -8.04
CA LYS A 77 -0.20 -5.82 -8.45
C LYS A 77 0.54 -6.51 -9.61
N PHE A 78 1.70 -5.97 -10.00
CA PHE A 78 2.53 -6.49 -11.10
C PHE A 78 3.89 -7.04 -10.64
N ASP A 79 4.10 -7.14 -9.32
CA ASP A 79 5.12 -8.01 -8.73
C ASP A 79 4.90 -9.41 -9.29
N SER A 80 6.00 -10.06 -9.70
CA SER A 80 6.19 -11.28 -10.50
C SER A 80 6.80 -10.95 -11.87
N GLY A 81 6.43 -9.82 -12.48
CA GLY A 81 6.83 -9.47 -13.84
C GLY A 81 7.68 -8.21 -13.87
N THR A 82 7.06 -7.07 -13.58
CA THR A 82 7.70 -5.75 -13.67
C THR A 82 7.72 -5.05 -12.30
N GLY A 83 6.85 -5.45 -11.37
CA GLY A 83 6.74 -4.89 -10.03
C GLY A 83 6.45 -3.39 -9.99
N TRP A 84 6.07 -2.80 -11.12
CA TRP A 84 5.73 -1.39 -11.20
C TRP A 84 4.50 -1.14 -10.32
N PRO A 85 4.52 -0.12 -9.43
CA PRO A 85 3.56 0.02 -8.34
C PRO A 85 2.19 0.52 -8.83
N SER A 86 1.50 -0.37 -9.55
CA SER A 86 0.13 -0.21 -10.00
C SER A 86 -0.64 -1.51 -9.82
N PHE A 87 -1.97 -1.40 -9.69
CA PHE A 87 -2.89 -2.50 -9.53
C PHE A 87 -4.20 -2.17 -10.25
N TYR A 88 -5.12 -3.14 -10.38
CA TYR A 88 -6.37 -2.99 -11.14
C TYR A 88 -7.62 -3.39 -10.35
N ASP A 89 -7.44 -4.08 -9.22
CA ASP A 89 -8.48 -4.36 -8.25
C ASP A 89 -7.82 -4.23 -6.88
N VAL A 90 -8.56 -4.41 -5.79
CA VAL A 90 -8.09 -4.04 -4.46
C VAL A 90 -8.52 -5.06 -3.41
N VAL A 91 -7.82 -5.01 -2.28
CA VAL A 91 -8.03 -5.86 -1.11
C VAL A 91 -9.45 -5.67 -0.55
N SER A 92 -9.93 -4.43 -0.53
CA SER A 92 -11.19 -3.87 -0.02
C SER A 92 -10.92 -2.39 0.26
N GLU A 93 -11.97 -1.57 0.27
CA GLU A 93 -11.97 -0.15 0.61
C GLU A 93 -11.85 0.02 2.15
N HIS A 94 -10.89 -0.68 2.78
CA HIS A 94 -10.92 -0.97 4.20
C HIS A 94 -9.83 -0.17 4.91
N ASN A 95 -8.60 -0.17 4.37
CA ASN A 95 -7.51 0.70 4.83
C ASN A 95 -6.93 1.53 3.69
N ILE A 96 -7.66 1.66 2.58
CA ILE A 96 -7.32 2.51 1.45
C ILE A 96 -8.51 3.43 1.20
N LYS A 97 -8.22 4.72 0.98
CA LYS A 97 -9.17 5.81 0.85
C LYS A 97 -9.23 6.25 -0.60
N LEU A 98 -10.45 6.63 -0.99
CA LEU A 98 -10.97 6.89 -2.32
C LEU A 98 -11.85 8.14 -2.23
N ARG A 99 -11.61 9.11 -3.11
CA ARG A 99 -12.48 10.23 -3.48
C ARG A 99 -12.43 10.26 -5.00
N GLU A 100 -13.57 10.01 -5.65
CA GLU A 100 -13.66 9.83 -7.09
C GLU A 100 -14.21 11.09 -7.75
N ASP A 101 -13.67 11.40 -8.92
CA ASP A 101 -13.92 12.57 -9.74
C ASP A 101 -13.76 12.16 -11.21
N ARG A 102 -14.01 13.07 -12.16
CA ARG A 102 -13.77 12.89 -13.59
C ARG A 102 -12.41 13.45 -14.04
N SER A 103 -11.53 13.82 -13.10
CA SER A 103 -10.39 14.74 -13.17
C SER A 103 -9.26 14.45 -14.18
N LEU A 104 -9.48 13.59 -15.17
CA LEU A 104 -8.61 13.41 -16.31
C LEU A 104 -9.37 13.50 -17.65
N GLY A 105 -10.70 13.60 -17.58
CA GLY A 105 -11.60 13.44 -18.72
C GLY A 105 -12.42 12.14 -18.68
N MET A 106 -12.25 11.26 -17.68
CA MET A 106 -13.03 10.03 -17.58
C MET A 106 -13.37 9.78 -16.11
N VAL A 107 -12.53 9.02 -15.39
CA VAL A 107 -12.70 8.70 -13.99
C VAL A 107 -11.30 8.74 -13.40
N ARG A 108 -11.10 9.69 -12.50
CA ARG A 108 -9.92 9.78 -11.65
C ARG A 108 -10.37 9.68 -10.20
N CYS A 109 -9.80 8.79 -9.39
CA CYS A 109 -10.05 8.76 -7.95
C CYS A 109 -8.70 8.78 -7.23
N GLU A 110 -8.61 9.42 -6.06
CA GLU A 110 -7.38 9.31 -5.27
C GLU A 110 -7.22 7.89 -4.72
N VAL A 111 -5.99 7.54 -4.29
CA VAL A 111 -5.65 6.29 -3.63
C VAL A 111 -4.62 6.63 -2.57
N LEU A 112 -5.05 6.74 -1.30
CA LEU A 112 -4.12 6.92 -0.18
C LEU A 112 -4.46 5.92 0.91
N CYS A 113 -3.54 5.67 1.84
CA CYS A 113 -3.83 4.76 2.95
C CYS A 113 -4.80 5.47 3.88
N ALA A 114 -5.94 4.84 4.17
CA ALA A 114 -6.91 5.34 5.14
C ALA A 114 -6.34 5.33 6.57
N ARG A 115 -5.15 4.72 6.77
CA ARG A 115 -4.34 4.77 7.98
C ARG A 115 -3.23 5.82 7.92
N CYS A 116 -2.75 6.20 6.72
CA CYS A 116 -1.68 7.16 6.49
C CYS A 116 -1.77 7.68 5.06
N ASP A 117 -2.42 8.83 4.94
CA ASP A 117 -2.71 9.68 3.78
C ASP A 117 -1.42 10.22 3.10
N ALA A 118 -0.33 9.45 3.11
CA ALA A 118 1.03 9.93 2.94
C ALA A 118 1.33 10.66 1.63
N HIS A 119 1.21 9.95 0.53
CA HIS A 119 1.33 10.45 -0.83
C HIS A 119 0.59 9.44 -1.69
N LEU A 120 1.15 8.22 -1.71
CA LEU A 120 0.61 7.02 -2.32
C LEU A 120 0.33 7.37 -3.78
N GLY A 121 -0.94 7.54 -4.16
CA GLY A 121 -1.23 8.13 -5.44
C GLY A 121 -2.71 8.15 -5.75
N HIS A 122 -3.10 7.50 -6.85
CA HIS A 122 -4.42 7.65 -7.41
C HIS A 122 -4.76 6.46 -8.31
N VAL A 123 -6.01 6.40 -8.79
CA VAL A 123 -6.48 5.46 -9.79
C VAL A 123 -7.07 6.28 -10.94
N PHE A 124 -6.87 5.78 -12.16
CA PHE A 124 -7.42 6.36 -13.38
C PHE A 124 -7.91 5.24 -14.29
N ASP A 125 -8.91 5.53 -15.12
CA ASP A 125 -9.34 4.62 -16.18
C ASP A 125 -8.22 4.49 -17.23
N ASP A 126 -7.69 3.28 -17.43
CA ASP A 126 -6.47 3.03 -18.20
C ASP A 126 -6.52 1.74 -19.04
N GLY A 127 -6.95 0.64 -18.41
CA GLY A 127 -6.69 -0.71 -18.84
C GLY A 127 -7.88 -1.41 -19.52
N PRO A 128 -7.68 -2.68 -19.93
CA PRO A 128 -8.75 -3.51 -20.48
C PRO A 128 -9.80 -3.82 -19.41
N ARG A 129 -11.05 -3.93 -19.83
CA ARG A 129 -12.18 -4.10 -18.92
C ARG A 129 -12.23 -5.56 -18.43
N PRO A 130 -12.90 -5.87 -17.29
CA PRO A 130 -13.63 -4.96 -16.42
C PRO A 130 -12.69 -4.11 -15.57
N THR A 131 -11.72 -4.73 -14.91
CA THR A 131 -10.70 -4.06 -14.10
C THR A 131 -9.64 -3.45 -15.00
N GLY A 132 -10.06 -2.34 -15.57
CA GLY A 132 -9.32 -1.44 -16.41
C GLY A 132 -9.08 -0.12 -15.68
N LYS A 133 -9.42 -0.02 -14.39
CA LYS A 133 -8.86 1.10 -13.63
C LYS A 133 -7.43 0.72 -13.29
N ARG A 134 -6.52 1.68 -13.41
CA ARG A 134 -5.14 1.55 -13.00
C ARG A 134 -4.98 2.36 -11.73
N TYR A 135 -4.97 1.68 -10.58
CA TYR A 135 -4.44 2.23 -9.34
C TYR A 135 -2.94 2.37 -9.52
N CYS A 136 -2.31 3.43 -8.98
CA CYS A 136 -0.89 3.68 -9.02
C CYS A 136 -0.47 4.37 -7.72
N MET A 137 0.66 3.96 -7.13
CA MET A 137 1.15 4.49 -5.86
C MET A 137 2.66 4.70 -5.89
N ASN A 138 3.17 5.63 -5.08
CA ASN A 138 4.58 5.92 -4.83
C ASN A 138 4.67 6.59 -3.45
N SER A 139 5.31 5.93 -2.48
CA SER A 139 5.60 6.47 -1.15
C SER A 139 6.52 5.50 -0.41
N ALA A 140 6.91 5.87 0.81
CA ALA A 140 7.54 5.01 1.81
C ALA A 140 6.60 3.90 2.34
N ALA A 141 5.54 3.52 1.60
CA ALA A 141 4.60 2.47 1.99
C ALA A 141 4.99 1.09 1.48
N LEU A 142 5.90 1.01 0.51
CA LEU A 142 6.04 -0.16 -0.35
C LEU A 142 6.90 -1.24 0.31
N LYS A 143 6.27 -2.13 1.10
CA LYS A 143 6.86 -3.38 1.58
C LYS A 143 5.92 -4.54 1.24
N PHE A 144 6.38 -5.44 0.37
CA PHE A 144 5.79 -6.76 0.20
C PHE A 144 6.06 -7.60 1.46
N ILE A 145 5.13 -8.46 1.85
CA ILE A 145 5.30 -9.50 2.86
C ILE A 145 4.64 -10.80 2.37
N PRO A 146 4.97 -11.96 2.98
CA PRO A 146 4.20 -13.18 2.80
C PRO A 146 2.73 -12.98 3.21
N ARG A 147 1.88 -13.89 2.72
CA ARG A 147 0.41 -13.92 2.66
C ARG A 147 -0.42 -13.28 3.79
N ASP A 148 0.14 -13.18 4.98
CA ASP A 148 -0.46 -12.63 6.17
C ASP A 148 0.64 -12.43 7.20
N GLN A 149 1.02 -13.49 7.92
CA GLN A 149 2.09 -13.55 8.92
C GLN A 149 2.83 -14.91 8.83
N ILE A 150 2.54 -15.70 7.79
CA ILE A 150 2.95 -17.11 7.68
C ILE A 150 4.45 -17.33 7.49
N GLY A 151 5.18 -16.28 7.10
CA GLY A 151 6.65 -16.27 7.06
C GLY A 151 7.18 -16.92 5.80
ZN ZN B . -0.60 2.61 5.61
N MET A 1 -15.17 8.47 11.73
CA MET A 1 -15.08 9.36 12.88
C MET A 1 -13.61 9.46 13.34
N LYS A 2 -13.34 10.15 14.46
CA LYS A 2 -12.10 9.95 15.22
C LYS A 2 -12.11 8.52 15.76
N ASP A 3 -11.56 7.59 14.99
CA ASP A 3 -11.81 6.16 15.14
C ASP A 3 -10.59 5.32 14.72
N ARG A 4 -10.88 4.04 14.46
CA ARG A 4 -9.92 2.97 14.24
C ARG A 4 -9.94 2.54 12.76
N ILE A 5 -9.00 1.67 12.39
CA ILE A 5 -8.76 1.24 11.02
C ILE A 5 -8.88 -0.28 10.90
N PRO A 6 -10.00 -0.80 10.37
CA PRO A 6 -10.15 -2.22 10.12
C PRO A 6 -9.27 -2.63 8.93
N ILE A 7 -8.10 -3.19 9.21
CA ILE A 7 -7.19 -3.73 8.20
C ILE A 7 -7.72 -5.10 7.81
N PHE A 8 -8.61 -5.12 6.81
CA PHE A 8 -9.02 -6.36 6.19
C PHE A 8 -7.91 -6.79 5.20
N SER A 9 -7.02 -7.69 5.62
CA SER A 9 -6.20 -8.47 4.71
C SER A 9 -7.10 -9.46 3.98
N VAL A 10 -7.94 -8.97 3.05
CA VAL A 10 -8.99 -9.77 2.40
C VAL A 10 -8.42 -11.02 1.73
N ALA A 11 -7.24 -10.92 1.12
CA ALA A 11 -6.57 -12.03 0.46
C ALA A 11 -6.19 -13.18 1.42
N LYS A 12 -6.27 -12.93 2.73
CA LYS A 12 -6.07 -13.91 3.80
C LYS A 12 -7.27 -13.96 4.75
N ASN A 13 -8.36 -13.24 4.40
CA ASN A 13 -9.47 -12.80 5.23
C ASN A 13 -9.06 -12.52 6.68
N ARG A 14 -7.97 -11.77 6.91
CA ARG A 14 -7.67 -11.27 8.26
C ARG A 14 -8.35 -9.91 8.40
N VAL A 15 -8.62 -9.44 9.63
CA VAL A 15 -9.33 -8.19 9.88
C VAL A 15 -8.76 -7.64 11.20
N GLU A 16 -7.75 -6.80 11.09
CA GLU A 16 -7.05 -6.25 12.24
C GLU A 16 -7.57 -4.84 12.49
N MET A 17 -8.44 -4.63 13.47
CA MET A 17 -8.84 -3.28 13.82
C MET A 17 -7.76 -2.62 14.68
N VAL A 18 -6.79 -2.01 14.01
CA VAL A 18 -5.71 -1.20 14.59
C VAL A 18 -6.27 0.23 14.77
N GLU A 19 -5.53 1.15 15.38
CA GLU A 19 -5.99 2.53 15.58
C GLU A 19 -5.27 3.48 14.61
N ARG A 20 -5.89 4.63 14.29
CA ARG A 20 -5.35 5.61 13.35
C ARG A 20 -4.03 6.14 13.91
N ILE A 21 -3.10 6.52 13.03
CA ILE A 21 -1.81 7.03 13.45
C ILE A 21 -2.04 8.40 14.11
N GLU A 22 -1.80 8.52 15.42
CA GLU A 22 -1.61 9.78 16.11
C GLU A 22 -0.47 9.50 17.10
N LEU A 23 0.75 10.01 16.81
CA LEU A 23 1.96 9.81 17.58
C LEU A 23 2.66 11.15 17.79
N SER A 24 3.70 11.14 18.62
CA SER A 24 4.74 12.17 18.61
C SER A 24 5.77 11.74 17.54
N ASP A 25 6.67 12.63 17.11
CA ASP A 25 7.75 12.24 16.19
C ASP A 25 8.58 11.12 16.82
N ASP A 26 8.81 11.20 18.14
CA ASP A 26 9.76 10.33 18.83
C ASP A 26 9.40 8.85 18.72
N GLU A 27 8.11 8.58 18.52
CA GLU A 27 7.55 7.26 18.43
C GLU A 27 8.03 6.56 17.16
N TRP A 28 8.03 7.28 16.02
CA TRP A 28 8.33 6.81 14.67
C TRP A 28 9.76 6.27 14.46
N ARG A 29 10.51 6.05 15.53
CA ARG A 29 11.81 5.39 15.48
C ARG A 29 11.98 4.28 16.51
N GLU A 30 11.00 4.07 17.40
CA GLU A 30 11.09 3.05 18.43
C GLU A 30 9.86 2.14 18.47
N ILE A 31 8.72 2.57 17.89
CA ILE A 31 7.60 1.66 17.63
C ILE A 31 7.50 1.30 16.14
N LEU A 32 8.46 1.76 15.32
CA LEU A 32 8.50 1.56 13.89
C LEU A 32 9.66 0.65 13.51
N ASP A 33 9.60 0.04 12.31
CA ASP A 33 10.71 -0.72 11.75
C ASP A 33 11.96 0.18 11.64
N PRO A 34 13.17 -0.36 11.84
CA PRO A 34 14.40 0.33 11.49
C PRO A 34 14.57 0.49 9.97
N GLU A 35 13.66 -0.07 9.17
CA GLU A 35 13.44 0.26 7.78
C GLU A 35 12.66 1.57 7.67
N ALA A 36 11.46 1.68 8.28
CA ALA A 36 10.64 2.87 8.19
C ALA A 36 11.41 4.12 8.63
N PHE A 37 12.17 3.98 9.72
CA PHE A 37 12.98 5.04 10.30
C PHE A 37 13.99 5.59 9.29
N ARG A 38 14.74 4.73 8.57
CA ARG A 38 15.64 5.23 7.54
C ARG A 38 14.86 5.65 6.31
N VAL A 39 13.81 4.93 5.91
CA VAL A 39 12.97 5.24 4.77
C VAL A 39 12.39 6.64 4.87
N ALA A 40 12.20 7.16 6.09
CA ALA A 40 11.81 8.53 6.31
C ALA A 40 12.82 9.57 5.80
N ARG A 41 14.11 9.22 5.59
CA ARG A 41 15.11 10.10 5.00
C ARG A 41 15.36 9.79 3.53
N LYS A 42 15.50 8.51 3.15
CA LYS A 42 15.84 8.12 1.79
C LYS A 42 14.61 7.91 0.89
N ALA A 43 13.43 8.33 1.36
CA ALA A 43 12.11 8.20 0.73
C ALA A 43 11.85 6.82 0.12
N GLY A 44 12.36 5.76 0.77
CA GLY A 44 12.02 4.40 0.39
C GLY A 44 12.91 3.84 -0.71
N THR A 45 14.16 4.26 -0.80
CA THR A 45 15.15 3.57 -1.62
C THR A 45 16.50 3.62 -0.93
N GLU A 46 16.89 2.50 -0.31
CA GLU A 46 18.28 2.26 0.05
C GLU A 46 19.09 1.97 -1.24
N PRO A 47 20.43 1.93 -1.19
CA PRO A 47 21.22 1.27 -2.23
C PRO A 47 20.88 -0.24 -2.29
N PRO A 48 21.13 -0.90 -3.43
CA PRO A 48 20.78 -2.30 -3.62
C PRO A 48 21.68 -3.24 -2.80
N PHE A 49 21.25 -4.50 -2.65
CA PHE A 49 21.95 -5.57 -1.98
C PHE A 49 21.66 -6.90 -2.69
N THR A 50 22.38 -7.95 -2.32
CA THR A 50 22.23 -9.28 -2.90
C THR A 50 20.91 -9.93 -2.43
N GLY A 51 19.85 -9.75 -3.22
CA GLY A 51 18.66 -10.60 -3.12
C GLY A 51 19.01 -12.03 -3.55
N LYS A 52 18.20 -13.01 -3.12
CA LYS A 52 18.40 -14.42 -3.45
C LYS A 52 17.09 -15.20 -3.39
N TYR A 53 16.37 -15.10 -2.27
CA TYR A 53 15.06 -15.72 -2.12
C TYR A 53 14.11 -15.19 -3.21
N HIS A 54 13.30 -16.11 -3.75
CA HIS A 54 12.30 -15.91 -4.78
C HIS A 54 11.33 -17.08 -4.67
N ASP A 55 10.22 -17.02 -5.41
CA ASP A 55 9.26 -18.11 -5.59
C ASP A 55 8.65 -17.95 -6.99
N LEU A 56 7.64 -18.74 -7.36
CA LEU A 56 6.95 -18.73 -8.64
C LEU A 56 5.43 -18.72 -8.42
N HIS A 57 4.97 -18.16 -7.28
CA HIS A 57 3.58 -17.94 -6.95
C HIS A 57 3.39 -16.48 -6.51
N ASP A 58 2.13 -16.08 -6.33
CA ASP A 58 1.61 -14.74 -6.06
C ASP A 58 1.86 -14.30 -4.61
N ASP A 59 3.01 -14.67 -4.05
CA ASP A 59 3.27 -14.42 -2.64
C ASP A 59 3.60 -12.97 -2.34
N GLY A 60 3.12 -12.51 -1.19
CA GLY A 60 3.35 -11.20 -0.63
C GLY A 60 2.17 -10.26 -0.85
N ILE A 61 2.02 -9.31 0.06
CA ILE A 61 1.11 -8.18 -0.04
C ILE A 61 1.87 -6.91 0.33
N TYR A 62 1.34 -5.75 -0.05
CA TYR A 62 1.92 -4.47 0.32
C TYR A 62 1.47 -4.08 1.73
N ARG A 63 2.40 -3.48 2.47
CA ARG A 63 2.10 -2.68 3.63
C ARG A 63 2.50 -1.22 3.38
N CYS A 64 1.65 -0.33 3.87
CA CYS A 64 1.95 1.07 4.09
C CYS A 64 2.92 1.15 5.27
N ILE A 65 4.22 0.99 4.98
CA ILE A 65 5.31 1.18 5.93
C ILE A 65 5.36 2.61 6.50
N CYS A 66 4.61 3.53 5.88
CA CYS A 66 4.40 4.90 6.33
C CYS A 66 3.37 4.97 7.47
N CYS A 67 2.82 3.85 7.94
CA CYS A 67 1.99 3.81 9.15
C CYS A 67 1.86 2.43 9.81
N GLY A 68 2.32 1.34 9.17
CA GLY A 68 2.12 -0.01 9.68
C GLY A 68 0.66 -0.42 9.51
N THR A 69 0.23 -0.51 8.25
CA THR A 69 -1.09 -0.95 7.80
C THR A 69 -0.86 -1.80 6.53
N ASP A 70 -1.50 -2.97 6.37
CA ASP A 70 -1.40 -3.78 5.14
C ASP A 70 -2.61 -3.59 4.23
N LEU A 71 -2.39 -3.78 2.92
CA LEU A 71 -3.41 -3.68 1.88
C LEU A 71 -3.08 -4.52 0.63
N PHE A 72 -2.73 -3.88 -0.50
CA PHE A 72 -2.76 -4.42 -1.86
C PHE A 72 -2.07 -5.79 -2.00
N ASP A 73 -2.83 -6.80 -2.45
CA ASP A 73 -2.33 -8.14 -2.70
C ASP A 73 -1.74 -8.28 -4.11
N SER A 74 -0.85 -9.25 -4.32
CA SER A 74 -0.26 -9.56 -5.62
C SER A 74 -1.28 -9.89 -6.73
N GLU A 75 -2.54 -10.22 -6.42
CA GLU A 75 -3.61 -10.35 -7.43
C GLU A 75 -3.90 -9.00 -8.11
N THR A 76 -3.62 -7.91 -7.39
CA THR A 76 -3.70 -6.54 -7.89
C THR A 76 -2.34 -6.12 -8.43
N LYS A 77 -1.28 -6.39 -7.67
CA LYS A 77 0.01 -5.73 -7.78
C LYS A 77 0.80 -6.31 -8.95
N PHE A 78 1.00 -5.49 -10.00
CA PHE A 78 1.83 -5.84 -11.15
C PHE A 78 3.22 -6.30 -10.70
N ASP A 79 3.80 -7.25 -11.45
CA ASP A 79 5.07 -7.90 -11.13
C ASP A 79 5.87 -8.12 -12.42
N SER A 80 5.39 -9.03 -13.26
CA SER A 80 6.23 -9.69 -14.25
C SER A 80 6.58 -8.75 -15.40
N GLY A 81 7.88 -8.52 -15.60
CA GLY A 81 8.42 -7.58 -16.58
C GLY A 81 8.32 -6.16 -16.04
N THR A 82 7.08 -5.67 -15.85
CA THR A 82 6.79 -4.29 -15.49
C THR A 82 6.04 -4.29 -14.15
N GLY A 83 6.78 -4.46 -13.04
CA GLY A 83 6.22 -4.48 -11.70
C GLY A 83 5.88 -3.10 -11.14
N TRP A 84 5.47 -2.18 -12.02
CA TRP A 84 5.25 -0.77 -11.72
C TRP A 84 4.19 -0.57 -10.62
N PRO A 85 4.27 0.54 -9.85
CA PRO A 85 3.27 0.86 -8.82
C PRO A 85 2.02 1.46 -9.49
N SER A 86 1.40 0.68 -10.38
CA SER A 86 0.05 0.91 -10.82
C SER A 86 -0.64 -0.42 -11.06
N PHE A 87 -1.94 -0.47 -10.80
CA PHE A 87 -2.75 -1.69 -10.82
C PHE A 87 -4.20 -1.34 -11.11
N TYR A 88 -5.05 -2.35 -11.26
CA TYR A 88 -6.37 -2.21 -11.86
C TYR A 88 -7.49 -2.44 -10.86
N ASP A 89 -7.18 -2.97 -9.66
CA ASP A 89 -8.17 -3.35 -8.66
C ASP A 89 -7.50 -3.30 -7.29
N VAL A 90 -8.23 -3.70 -6.25
CA VAL A 90 -7.93 -3.40 -4.85
C VAL A 90 -8.13 -4.66 -4.01
N VAL A 91 -7.42 -4.74 -2.87
CA VAL A 91 -7.75 -5.70 -1.81
C VAL A 91 -9.15 -5.41 -1.25
N SER A 92 -9.55 -4.12 -1.24
CA SER A 92 -10.74 -3.45 -0.74
C SER A 92 -10.34 -2.03 -0.41
N GLU A 93 -11.32 -1.15 -0.21
CA GLU A 93 -11.08 0.27 0.05
C GLU A 93 -11.40 0.50 1.53
N HIS A 94 -10.48 0.08 2.40
CA HIS A 94 -10.71 -0.15 3.84
C HIS A 94 -9.62 0.48 4.72
N ASN A 95 -8.38 0.60 4.21
CA ASN A 95 -7.30 1.40 4.82
C ASN A 95 -6.81 2.49 3.89
N ILE A 96 -7.60 2.79 2.86
CA ILE A 96 -7.28 3.70 1.77
C ILE A 96 -8.46 4.65 1.57
N LYS A 97 -8.17 5.89 1.18
CA LYS A 97 -9.15 6.96 1.05
C LYS A 97 -9.00 7.58 -0.34
N LEU A 98 -10.13 7.58 -1.04
CA LEU A 98 -10.29 7.98 -2.42
C LEU A 98 -11.27 9.17 -2.47
N ARG A 99 -11.01 10.17 -3.32
CA ARG A 99 -11.87 11.31 -3.58
C ARG A 99 -11.97 11.45 -5.09
N GLU A 100 -13.17 11.30 -5.63
CA GLU A 100 -13.39 11.28 -7.06
C GLU A 100 -13.41 12.69 -7.66
N ASP A 101 -12.72 12.82 -8.79
CA ASP A 101 -12.72 13.98 -9.68
C ASP A 101 -12.63 13.53 -11.16
N ARG A 102 -12.46 14.47 -12.09
CA ARG A 102 -12.48 14.34 -13.54
C ARG A 102 -11.18 14.84 -14.18
N SER A 103 -10.16 15.16 -13.35
CA SER A 103 -8.97 15.98 -13.60
C SER A 103 -7.93 15.41 -14.61
N LEU A 104 -8.39 14.65 -15.59
CA LEU A 104 -7.68 14.34 -16.83
C LEU A 104 -8.54 14.57 -18.08
N GLY A 105 -9.82 14.95 -17.90
CA GLY A 105 -10.83 14.97 -18.94
C GLY A 105 -11.78 13.77 -18.86
N MET A 106 -11.66 12.88 -17.85
CA MET A 106 -12.50 11.70 -17.75
C MET A 106 -12.85 11.49 -16.28
N VAL A 107 -12.09 10.64 -15.57
CA VAL A 107 -12.27 10.33 -14.16
C VAL A 107 -10.88 10.18 -13.59
N ARG A 108 -10.52 11.13 -12.73
CA ARG A 108 -9.32 11.11 -11.93
C ARG A 108 -9.72 11.13 -10.47
N CYS A 109 -9.70 9.99 -9.81
CA CYS A 109 -10.01 9.92 -8.39
C CYS A 109 -8.68 9.83 -7.65
N GLU A 110 -8.42 10.68 -6.66
CA GLU A 110 -7.20 10.56 -5.87
C GLU A 110 -7.21 9.25 -5.09
N VAL A 111 -6.02 8.80 -4.69
CA VAL A 111 -5.78 7.54 -3.99
C VAL A 111 -4.70 7.82 -2.94
N LEU A 112 -5.08 8.04 -1.68
CA LEU A 112 -4.15 8.20 -0.55
C LEU A 112 -4.56 7.21 0.55
N CYS A 113 -3.71 6.93 1.55
CA CYS A 113 -4.09 5.97 2.58
C CYS A 113 -5.06 6.61 3.59
N ALA A 114 -6.02 5.83 4.12
CA ALA A 114 -6.99 6.29 5.11
C ALA A 114 -6.40 6.26 6.52
N ARG A 115 -5.36 5.44 6.72
CA ARG A 115 -4.56 5.45 7.93
C ARG A 115 -3.58 6.62 7.93
N CYS A 116 -2.99 6.98 6.80
CA CYS A 116 -2.16 8.17 6.68
C CYS A 116 -2.32 8.70 5.26
N ASP A 117 -2.90 9.89 5.11
CA ASP A 117 -3.06 10.60 3.83
C ASP A 117 -1.70 11.03 3.23
N ALA A 118 -0.80 10.07 3.03
CA ALA A 118 0.52 10.22 2.44
C ALA A 118 0.42 10.21 0.90
N HIS A 119 1.53 10.59 0.24
CA HIS A 119 1.61 11.02 -1.16
C HIS A 119 0.80 10.13 -2.11
N LEU A 120 1.22 8.87 -2.21
CA LEU A 120 0.57 7.81 -2.95
C LEU A 120 0.31 8.33 -4.37
N GLY A 121 -0.95 8.48 -4.77
CA GLY A 121 -1.28 9.07 -6.05
C GLY A 121 -2.78 9.12 -6.33
N HIS A 122 -3.21 8.46 -7.40
CA HIS A 122 -4.58 8.55 -7.91
C HIS A 122 -4.90 7.37 -8.82
N VAL A 123 -6.17 7.22 -9.22
CA VAL A 123 -6.62 6.25 -10.21
C VAL A 123 -7.16 7.01 -11.41
N PHE A 124 -6.85 6.50 -12.62
CA PHE A 124 -7.36 7.09 -13.85
C PHE A 124 -7.95 6.00 -14.77
N ASP A 125 -8.93 6.37 -15.59
CA ASP A 125 -9.53 5.51 -16.62
C ASP A 125 -8.49 5.22 -17.71
N ASP A 126 -7.98 3.98 -17.77
CA ASP A 126 -6.84 3.57 -18.60
C ASP A 126 -6.79 2.07 -18.83
N GLY A 127 -7.00 1.30 -17.76
CA GLY A 127 -6.58 -0.09 -17.66
C GLY A 127 -7.38 -1.07 -18.52
N PRO A 128 -7.03 -2.37 -18.45
CA PRO A 128 -7.79 -3.44 -19.05
C PRO A 128 -9.13 -3.64 -18.31
N ARG A 129 -10.05 -4.37 -18.94
CA ARG A 129 -11.21 -4.91 -18.23
C ARG A 129 -10.68 -5.93 -17.20
N PRO A 130 -11.39 -6.21 -16.08
CA PRO A 130 -12.77 -5.81 -15.78
C PRO A 130 -12.93 -4.33 -15.46
N THR A 131 -12.19 -3.82 -14.47
CA THR A 131 -12.43 -2.50 -13.87
C THR A 131 -12.17 -1.34 -14.83
N GLY A 132 -11.24 -1.48 -15.77
CA GLY A 132 -10.91 -0.46 -16.76
C GLY A 132 -10.14 0.74 -16.18
N LYS A 133 -9.90 0.77 -14.89
CA LYS A 133 -9.23 1.87 -14.21
C LYS A 133 -7.80 1.45 -13.90
N ARG A 134 -6.93 2.43 -13.69
CA ARG A 134 -5.55 2.24 -13.30
C ARG A 134 -5.26 3.10 -12.08
N TYR A 135 -5.28 2.47 -10.92
CA TYR A 135 -4.70 2.98 -9.68
C TYR A 135 -3.21 3.14 -9.89
N CYS A 136 -2.60 4.28 -9.54
CA CYS A 136 -1.16 4.48 -9.56
C CYS A 136 -0.74 5.30 -8.34
N MET A 137 0.44 5.00 -7.80
CA MET A 137 0.95 5.67 -6.62
C MET A 137 2.48 5.71 -6.65
N ASN A 138 3.06 6.65 -5.90
CA ASN A 138 4.47 6.96 -5.80
C ASN A 138 4.71 7.38 -4.34
N SER A 139 5.02 6.40 -3.49
CA SER A 139 5.43 6.60 -2.11
C SER A 139 6.42 5.50 -1.74
N ALA A 140 7.15 5.74 -0.65
CA ALA A 140 7.89 4.73 0.09
C ALA A 140 6.99 3.68 0.73
N ALA A 141 5.69 4.01 0.91
CA ALA A 141 4.60 3.29 1.55
C ALA A 141 4.22 1.95 0.88
N LEU A 142 5.17 1.27 0.24
CA LEU A 142 4.97 0.12 -0.63
C LEU A 142 5.97 -0.98 -0.25
N LYS A 143 6.08 -1.25 1.06
CA LYS A 143 6.89 -2.34 1.57
C LYS A 143 6.15 -3.64 1.29
N PHE A 144 6.77 -4.58 0.57
CA PHE A 144 6.25 -5.94 0.53
C PHE A 144 6.40 -6.56 1.92
N ILE A 145 5.33 -7.17 2.41
CA ILE A 145 5.35 -8.14 3.50
C ILE A 145 4.90 -9.49 2.90
N PRO A 146 5.13 -10.63 3.58
CA PRO A 146 4.38 -11.86 3.29
C PRO A 146 2.88 -11.63 3.50
N ARG A 147 2.04 -12.61 3.15
CA ARG A 147 0.58 -12.57 3.25
C ARG A 147 -0.03 -11.96 4.50
N ASP A 148 0.65 -12.00 5.65
CA ASP A 148 0.30 -11.32 6.89
C ASP A 148 1.53 -11.46 7.81
N GLN A 149 1.62 -12.59 8.50
CA GLN A 149 2.68 -12.93 9.46
C GLN A 149 2.97 -14.44 9.41
N ILE A 150 2.73 -15.07 8.24
CA ILE A 150 3.12 -16.44 7.93
C ILE A 150 4.63 -16.57 7.67
N GLY A 151 5.31 -15.44 7.51
CA GLY A 151 6.74 -15.24 7.66
C GLY A 151 6.94 -13.83 8.23
ZN ZN B . -1.39 4.60 5.16
N MET A 1 -11.27 12.75 11.30
CA MET A 1 -12.02 11.89 12.21
C MET A 1 -11.07 11.37 13.28
N LYS A 2 -11.64 10.94 14.42
CA LYS A 2 -10.91 10.45 15.60
C LYS A 2 -11.35 9.02 15.96
N ASP A 3 -11.66 8.24 14.93
CA ASP A 3 -12.02 6.83 14.89
C ASP A 3 -10.79 5.93 15.11
N ARG A 4 -10.87 4.78 14.47
CA ARG A 4 -10.04 3.60 14.37
C ARG A 4 -10.20 3.10 12.93
N ILE A 5 -9.34 2.20 12.45
CA ILE A 5 -9.19 1.88 11.03
C ILE A 5 -9.18 0.36 10.82
N PRO A 6 -10.01 -0.18 9.90
CA PRO A 6 -10.02 -1.61 9.62
C PRO A 6 -8.77 -2.00 8.82
N ILE A 7 -8.09 -3.07 9.22
CA ILE A 7 -7.16 -3.81 8.39
C ILE A 7 -7.94 -5.06 7.93
N PHE A 8 -7.65 -5.58 6.73
CA PHE A 8 -8.42 -6.62 6.04
C PHE A 8 -7.47 -7.43 5.19
N SER A 9 -6.92 -8.50 5.72
CA SER A 9 -6.15 -9.43 4.89
C SER A 9 -7.09 -10.21 3.95
N VAL A 10 -7.54 -9.64 2.83
CA VAL A 10 -8.49 -10.32 1.93
C VAL A 10 -7.88 -11.59 1.34
N ALA A 11 -6.57 -11.62 1.07
CA ALA A 11 -5.84 -12.81 0.64
C ALA A 11 -5.82 -13.95 1.67
N LYS A 12 -6.33 -13.73 2.88
CA LYS A 12 -6.59 -14.72 3.94
C LYS A 12 -8.03 -14.56 4.49
N ASN A 13 -8.88 -13.77 3.80
CA ASN A 13 -10.12 -13.19 4.26
C ASN A 13 -10.14 -12.95 5.78
N ARG A 14 -9.30 -12.03 6.29
CA ARG A 14 -9.30 -11.67 7.71
C ARG A 14 -9.74 -10.21 7.82
N VAL A 15 -10.18 -9.77 9.00
CA VAL A 15 -10.57 -8.39 9.28
C VAL A 15 -10.13 -8.11 10.71
N GLU A 16 -9.30 -7.10 10.89
CA GLU A 16 -8.62 -6.79 12.14
C GLU A 16 -8.62 -5.27 12.26
N MET A 17 -9.55 -4.70 13.04
CA MET A 17 -9.53 -3.26 13.29
C MET A 17 -8.35 -2.91 14.19
N VAL A 18 -7.62 -1.86 13.79
CA VAL A 18 -6.49 -1.29 14.52
C VAL A 18 -6.87 0.18 14.78
N GLU A 19 -6.25 0.87 15.72
CA GLU A 19 -6.54 2.29 15.92
C GLU A 19 -5.83 3.13 14.84
N ARG A 20 -6.20 4.40 14.71
CA ARG A 20 -5.58 5.31 13.76
C ARG A 20 -4.10 5.50 14.09
N ILE A 21 -3.31 6.06 13.16
CA ILE A 21 -1.97 6.52 13.46
C ILE A 21 -2.08 7.77 14.35
N GLU A 22 -1.52 7.71 15.55
CA GLU A 22 -1.14 8.83 16.38
C GLU A 22 0.02 8.32 17.23
N LEU A 23 1.19 8.94 17.07
CA LEU A 23 2.42 8.61 17.77
C LEU A 23 3.14 9.93 18.13
N SER A 24 4.21 9.80 18.90
CA SER A 24 5.13 10.90 19.23
C SER A 24 6.32 10.88 18.24
N ASP A 25 7.13 11.93 18.24
CA ASP A 25 8.45 11.87 17.60
C ASP A 25 9.43 11.12 18.51
N ASP A 26 9.20 9.81 18.62
CA ASP A 26 10.18 8.82 19.05
C ASP A 26 9.69 7.41 18.77
N GLU A 27 8.38 7.21 18.75
CA GLU A 27 7.76 5.92 18.46
C GLU A 27 8.26 5.39 17.11
N TRP A 28 8.30 6.26 16.07
CA TRP A 28 8.71 6.02 14.70
C TRP A 28 10.22 5.74 14.56
N ARG A 29 10.79 5.03 15.53
CA ARG A 29 12.06 4.35 15.41
C ARG A 29 12.11 3.10 16.27
N GLU A 30 11.46 3.11 17.44
CA GLU A 30 11.49 1.96 18.34
C GLU A 30 10.31 0.99 18.10
N ILE A 31 9.15 1.45 17.59
CA ILE A 31 8.06 0.54 17.24
C ILE A 31 8.02 0.27 15.73
N LEU A 32 9.15 0.44 15.03
CA LEU A 32 9.27 0.34 13.59
C LEU A 32 10.28 -0.71 13.15
N ASP A 33 10.13 -1.11 11.89
CA ASP A 33 11.06 -1.94 11.16
C ASP A 33 12.42 -1.22 11.06
N PRO A 34 13.55 -1.95 11.03
CA PRO A 34 14.86 -1.40 10.67
C PRO A 34 14.95 -1.00 9.18
N GLU A 35 13.84 -1.10 8.44
CA GLU A 35 13.68 -0.49 7.13
C GLU A 35 12.82 0.78 7.21
N ALA A 36 11.74 0.85 8.00
CA ALA A 36 10.82 1.99 7.97
C ALA A 36 11.55 3.29 8.37
N PHE A 37 12.38 3.23 9.41
CA PHE A 37 13.17 4.33 9.93
C PHE A 37 14.08 4.92 8.86
N ARG A 38 14.79 4.08 8.09
CA ARG A 38 15.61 4.60 6.99
C ARG A 38 14.75 4.98 5.80
N VAL A 39 13.69 4.24 5.50
CA VAL A 39 12.75 4.55 4.44
C VAL A 39 12.18 5.97 4.62
N ALA A 40 12.10 6.47 5.86
CA ALA A 40 11.78 7.86 6.13
C ALA A 40 12.80 8.88 5.60
N ARG A 41 14.08 8.53 5.36
CA ARG A 41 15.09 9.44 4.81
C ARG A 41 15.19 9.32 3.29
N LYS A 42 15.13 8.09 2.76
CA LYS A 42 15.36 7.73 1.37
C LYS A 42 14.06 7.61 0.56
N ALA A 43 12.91 7.94 1.16
CA ALA A 43 11.58 7.85 0.56
C ALA A 43 11.24 6.44 0.03
N GLY A 44 12.00 5.43 0.43
CA GLY A 44 11.82 4.04 0.01
C GLY A 44 12.90 3.51 -0.92
N THR A 45 13.93 4.28 -1.32
CA THR A 45 15.02 3.70 -2.11
C THR A 45 16.35 4.42 -1.87
N GLU A 46 17.32 3.67 -1.32
CA GLU A 46 18.73 4.03 -1.18
C GLU A 46 19.50 3.24 -2.25
N PRO A 47 20.72 3.64 -2.64
CA PRO A 47 21.49 2.89 -3.62
C PRO A 47 21.90 1.52 -3.07
N PRO A 48 22.11 0.51 -3.95
CA PRO A 48 22.48 -0.83 -3.53
C PRO A 48 23.87 -0.83 -2.88
N PHE A 49 23.97 -1.50 -1.74
CA PHE A 49 25.21 -1.70 -0.98
C PHE A 49 24.98 -3.00 -0.21
N THR A 50 24.09 -2.95 0.77
CA THR A 50 23.40 -4.12 1.31
C THR A 50 22.46 -4.64 0.20
N GLY A 51 21.99 -5.88 0.32
CA GLY A 51 20.97 -6.47 -0.53
C GLY A 51 19.86 -7.07 0.32
N LYS A 52 18.77 -7.48 -0.34
CA LYS A 52 17.64 -8.19 0.26
C LYS A 52 17.04 -9.09 -0.83
N TYR A 53 16.00 -9.86 -0.50
CA TYR A 53 15.14 -10.57 -1.42
C TYR A 53 13.69 -10.37 -0.93
N HIS A 54 12.74 -10.68 -1.81
CA HIS A 54 11.29 -10.72 -1.52
C HIS A 54 10.68 -11.89 -2.27
N ASP A 55 11.14 -12.07 -3.51
CA ASP A 55 11.14 -13.24 -4.36
C ASP A 55 11.47 -14.52 -3.58
N LEU A 56 10.42 -15.26 -3.20
CA LEU A 56 10.48 -16.63 -2.69
C LEU A 56 9.37 -17.48 -3.31
N HIS A 57 8.18 -16.90 -3.49
CA HIS A 57 7.10 -17.41 -4.32
C HIS A 57 6.41 -16.20 -4.94
N ASP A 58 5.62 -16.41 -5.99
CA ASP A 58 4.64 -15.45 -6.46
C ASP A 58 3.48 -15.52 -5.46
N ASP A 59 3.54 -14.71 -4.39
CA ASP A 59 2.51 -14.58 -3.37
C ASP A 59 2.69 -13.22 -2.68
N GLY A 60 1.87 -12.90 -1.67
CA GLY A 60 2.11 -11.80 -0.75
C GLY A 60 1.09 -10.66 -0.83
N ILE A 61 1.21 -9.74 0.12
CA ILE A 61 0.41 -8.52 0.24
C ILE A 61 1.33 -7.34 0.57
N TYR A 62 0.77 -6.13 0.52
CA TYR A 62 1.48 -4.88 0.78
C TYR A 62 1.27 -4.44 2.22
N ARG A 63 2.34 -4.49 3.02
CA ARG A 63 2.43 -3.81 4.30
C ARG A 63 2.70 -2.33 3.99
N CYS A 64 1.72 -1.48 4.32
CA CYS A 64 1.86 -0.04 4.38
C CYS A 64 2.83 0.33 5.52
N ILE A 65 4.12 0.32 5.18
CA ILE A 65 5.24 0.62 6.07
C ILE A 65 5.24 2.09 6.53
N CYS A 66 4.41 2.92 5.90
CA CYS A 66 4.23 4.34 6.16
C CYS A 66 3.27 4.60 7.33
N CYS A 67 2.69 3.57 7.94
CA CYS A 67 2.02 3.70 9.24
C CYS A 67 2.00 2.44 10.08
N GLY A 68 2.28 1.25 9.51
CA GLY A 68 1.90 0.03 10.21
C GLY A 68 0.42 -0.22 9.90
N THR A 69 0.17 -0.51 8.64
CA THR A 69 -1.10 -0.94 8.10
C THR A 69 -0.78 -1.96 7.00
N ASP A 70 -1.77 -2.72 6.53
CA ASP A 70 -1.61 -3.67 5.44
C ASP A 70 -2.81 -3.47 4.53
N LEU A 71 -2.61 -3.65 3.21
CA LEU A 71 -3.66 -3.46 2.22
C LEU A 71 -3.39 -4.32 0.98
N PHE A 72 -2.89 -3.73 -0.11
CA PHE A 72 -2.98 -4.29 -1.46
C PHE A 72 -2.41 -5.71 -1.54
N ASP A 73 -3.29 -6.70 -1.70
CA ASP A 73 -2.91 -8.07 -1.96
C ASP A 73 -2.30 -8.13 -3.36
N SER A 74 -1.18 -8.83 -3.56
CA SER A 74 -0.48 -8.76 -4.86
C SER A 74 -1.27 -9.44 -5.99
N GLU A 75 -2.33 -10.19 -5.71
CA GLU A 75 -3.30 -10.57 -6.73
C GLU A 75 -3.99 -9.35 -7.40
N THR A 76 -3.98 -8.18 -6.73
CA THR A 76 -4.37 -6.89 -7.32
C THR A 76 -3.19 -6.18 -8.02
N LYS A 77 -1.94 -6.55 -7.69
CA LYS A 77 -0.71 -5.87 -8.08
C LYS A 77 0.30 -6.96 -8.49
N PHE A 78 0.25 -7.36 -9.75
CA PHE A 78 1.21 -8.27 -10.36
C PHE A 78 1.51 -7.76 -11.76
N ASP A 79 2.79 -7.52 -12.05
CA ASP A 79 3.27 -6.94 -13.30
C ASP A 79 4.61 -7.62 -13.60
N SER A 80 4.54 -8.69 -14.40
CA SER A 80 5.66 -9.60 -14.65
C SER A 80 6.83 -8.87 -15.32
N GLY A 81 8.01 -8.94 -14.72
CA GLY A 81 9.22 -8.32 -15.24
C GLY A 81 9.31 -6.86 -14.81
N THR A 82 8.33 -6.03 -15.20
CA THR A 82 8.32 -4.61 -14.90
C THR A 82 8.20 -4.33 -13.40
N GLY A 83 7.22 -5.00 -12.78
CA GLY A 83 6.64 -4.70 -11.49
C GLY A 83 6.39 -3.21 -11.21
N TRP A 84 5.87 -2.46 -12.18
CA TRP A 84 5.54 -1.05 -12.00
C TRP A 84 4.47 -0.94 -10.90
N PRO A 85 4.50 0.11 -10.05
CA PRO A 85 3.57 0.24 -8.92
C PRO A 85 2.18 0.70 -9.40
N SER A 86 1.49 -0.21 -10.10
CA SER A 86 0.10 -0.04 -10.48
C SER A 86 -0.68 -1.33 -10.25
N PHE A 87 -1.98 -1.16 -9.97
CA PHE A 87 -2.94 -2.21 -9.67
C PHE A 87 -4.23 -1.88 -10.42
N TYR A 88 -5.16 -2.83 -10.51
CA TYR A 88 -6.35 -2.72 -11.37
C TYR A 88 -7.64 -2.98 -10.59
N ASP A 89 -7.56 -3.41 -9.33
CA ASP A 89 -8.63 -3.48 -8.37
C ASP A 89 -7.98 -3.33 -6.99
N VAL A 90 -8.74 -3.39 -5.89
CA VAL A 90 -8.24 -3.18 -4.53
C VAL A 90 -8.72 -4.27 -3.58
N VAL A 91 -7.97 -4.40 -2.48
CA VAL A 91 -8.26 -5.22 -1.31
C VAL A 91 -9.67 -4.98 -0.77
N SER A 92 -10.09 -3.70 -0.71
CA SER A 92 -11.33 -3.10 -0.20
C SER A 92 -11.01 -1.64 0.12
N GLU A 93 -12.00 -0.73 0.12
CA GLU A 93 -11.86 0.57 0.78
C GLU A 93 -11.95 0.33 2.30
N HIS A 94 -10.87 -0.21 2.86
CA HIS A 94 -10.73 -0.45 4.29
C HIS A 94 -9.61 0.44 4.84
N ASN A 95 -8.40 0.40 4.25
CA ASN A 95 -7.30 1.30 4.60
C ASN A 95 -6.71 2.04 3.41
N ILE A 96 -7.40 2.04 2.28
CA ILE A 96 -7.24 3.00 1.20
C ILE A 96 -8.46 3.92 1.26
N LYS A 97 -8.32 5.16 0.78
CA LYS A 97 -9.44 6.05 0.52
C LYS A 97 -9.38 6.47 -0.95
N LEU A 98 -10.55 6.42 -1.61
CA LEU A 98 -10.82 6.91 -2.95
C LEU A 98 -11.86 8.02 -2.88
N ARG A 99 -11.78 8.97 -3.80
CA ARG A 99 -12.81 9.92 -4.19
C ARG A 99 -12.79 9.87 -5.71
N GLU A 100 -13.89 9.42 -6.31
CA GLU A 100 -14.13 9.43 -7.75
C GLU A 100 -14.12 10.86 -8.27
N ASP A 101 -13.58 11.02 -9.48
CA ASP A 101 -13.83 12.13 -10.37
C ASP A 101 -13.73 11.57 -11.80
N ARG A 102 -13.90 12.42 -12.80
CA ARG A 102 -13.93 12.10 -14.22
C ARG A 102 -12.86 12.91 -14.98
N SER A 103 -11.91 13.50 -14.23
CA SER A 103 -11.07 14.63 -14.65
C SER A 103 -10.16 14.38 -15.85
N LEU A 104 -9.83 13.13 -16.17
CA LEU A 104 -9.08 12.83 -17.40
C LEU A 104 -9.97 12.88 -18.65
N GLY A 105 -11.30 12.88 -18.46
CA GLY A 105 -12.30 12.69 -19.49
C GLY A 105 -13.07 11.38 -19.34
N MET A 106 -12.81 10.54 -18.33
CA MET A 106 -13.51 9.27 -18.13
C MET A 106 -13.67 9.06 -16.62
N VAL A 107 -12.67 8.49 -15.94
CA VAL A 107 -12.71 8.20 -14.51
C VAL A 107 -11.30 8.43 -14.01
N ARG A 108 -11.16 9.43 -13.13
CA ARG A 108 -9.95 9.72 -12.40
C ARG A 108 -10.26 9.89 -10.92
N CYS A 109 -9.95 8.88 -10.09
CA CYS A 109 -10.20 8.93 -8.66
C CYS A 109 -8.86 9.12 -7.93
N GLU A 110 -8.83 9.74 -6.75
CA GLU A 110 -7.60 9.78 -5.92
C GLU A 110 -7.30 8.39 -5.34
N VAL A 111 -6.06 8.18 -4.87
CA VAL A 111 -5.65 7.03 -4.07
C VAL A 111 -4.77 7.56 -2.94
N LEU A 112 -5.30 7.56 -1.71
CA LEU A 112 -4.50 7.78 -0.50
C LEU A 112 -4.71 6.58 0.42
N CYS A 113 -3.84 6.42 1.43
CA CYS A 113 -4.17 5.55 2.54
C CYS A 113 -5.36 6.19 3.29
N ALA A 114 -6.12 5.37 4.01
CA ALA A 114 -7.19 5.87 4.84
C ALA A 114 -6.60 6.62 6.04
N ARG A 115 -5.38 6.25 6.47
CA ARG A 115 -4.69 6.87 7.58
C ARG A 115 -3.38 7.58 7.28
N CYS A 116 -2.39 6.96 6.63
CA CYS A 116 -1.24 7.73 6.18
C CYS A 116 -1.62 8.52 4.91
N ASP A 117 -2.35 9.62 5.13
CA ASP A 117 -2.66 10.73 4.22
C ASP A 117 -1.36 11.30 3.61
N ALA A 118 -0.69 10.51 2.77
CA ALA A 118 0.57 10.80 2.12
C ALA A 118 0.44 10.58 0.60
N HIS A 119 1.56 10.79 -0.12
CA HIS A 119 1.66 10.95 -1.57
C HIS A 119 0.81 9.95 -2.35
N LEU A 120 1.08 8.65 -2.11
CA LEU A 120 0.42 7.51 -2.72
C LEU A 120 0.23 7.77 -4.22
N GLY A 121 -1.00 7.93 -4.68
CA GLY A 121 -1.22 8.36 -6.05
C GLY A 121 -2.69 8.54 -6.41
N HIS A 122 -3.12 7.87 -7.48
CA HIS A 122 -4.46 7.99 -8.01
C HIS A 122 -4.82 6.76 -8.85
N VAL A 123 -6.06 6.66 -9.32
CA VAL A 123 -6.51 5.65 -10.27
C VAL A 123 -7.13 6.35 -11.48
N PHE A 124 -6.80 5.87 -12.68
CA PHE A 124 -7.29 6.43 -13.92
C PHE A 124 -7.75 5.31 -14.86
N ASP A 125 -8.77 5.59 -15.66
CA ASP A 125 -9.23 4.73 -16.75
C ASP A 125 -8.08 4.50 -17.75
N ASP A 126 -7.55 3.28 -17.84
CA ASP A 126 -6.39 2.97 -18.70
C ASP A 126 -6.31 1.51 -19.15
N GLY A 127 -6.82 0.56 -18.35
CA GLY A 127 -6.78 -0.86 -18.71
C GLY A 127 -7.87 -1.19 -19.74
N PRO A 128 -7.71 -2.26 -20.55
CA PRO A 128 -8.71 -2.66 -21.52
C PRO A 128 -9.92 -3.35 -20.86
N ARG A 129 -9.71 -4.04 -19.74
CA ARG A 129 -10.63 -4.91 -19.00
C ARG A 129 -9.85 -5.45 -17.79
N PRO A 130 -10.47 -6.10 -16.79
CA PRO A 130 -11.91 -6.16 -16.54
C PRO A 130 -12.43 -4.84 -15.98
N THR A 131 -11.80 -4.29 -14.94
CA THR A 131 -12.19 -3.06 -14.25
C THR A 131 -11.93 -1.82 -15.11
N GLY A 132 -11.00 -1.90 -16.06
CA GLY A 132 -10.63 -0.83 -16.98
C GLY A 132 -9.75 0.24 -16.34
N LYS A 133 -9.57 0.20 -15.02
CA LYS A 133 -8.92 1.26 -14.27
C LYS A 133 -7.52 0.82 -13.87
N ARG A 134 -6.64 1.80 -13.69
CA ARG A 134 -5.24 1.65 -13.34
C ARG A 134 -4.99 2.53 -12.13
N TYR A 135 -5.01 1.91 -10.96
CA TYR A 135 -4.50 2.47 -9.74
C TYR A 135 -2.98 2.57 -9.90
N CYS A 136 -2.37 3.65 -9.42
CA CYS A 136 -0.93 3.79 -9.32
C CYS A 136 -0.58 4.51 -8.02
N MET A 137 0.59 4.19 -7.45
CA MET A 137 1.08 4.69 -6.19
C MET A 137 2.59 4.95 -6.30
N ASN A 138 3.07 5.95 -5.56
CA ASN A 138 4.42 6.48 -5.59
C ASN A 138 4.76 6.94 -4.17
N SER A 139 5.30 6.06 -3.34
CA SER A 139 5.72 6.40 -1.98
C SER A 139 6.61 5.29 -1.42
N ALA A 140 7.08 5.50 -0.19
CA ALA A 140 7.72 4.50 0.63
C ALA A 140 6.82 3.33 1.03
N ALA A 141 5.48 3.45 0.93
CA ALA A 141 4.47 2.64 1.61
C ALA A 141 4.36 1.17 1.12
N LEU A 142 5.40 0.61 0.51
CA LEU A 142 5.30 -0.56 -0.37
C LEU A 142 6.13 -1.75 0.07
N LYS A 143 6.16 -2.04 1.38
CA LYS A 143 6.87 -3.22 1.87
C LYS A 143 6.04 -4.47 1.56
N PHE A 144 6.41 -5.19 0.51
CA PHE A 144 5.88 -6.54 0.26
C PHE A 144 6.09 -7.40 1.52
N ILE A 145 5.08 -8.18 1.89
CA ILE A 145 5.16 -9.25 2.88
C ILE A 145 4.41 -10.48 2.33
N PRO A 146 4.57 -11.67 2.93
CA PRO A 146 3.65 -12.79 2.70
C PRO A 146 2.20 -12.45 3.07
N ARG A 147 1.25 -13.32 2.67
CA ARG A 147 -0.21 -13.28 2.83
C ARG A 147 -0.79 -12.36 3.89
N ASP A 148 -0.27 -12.45 5.09
CA ASP A 148 -0.82 -11.88 6.31
C ASP A 148 0.26 -11.91 7.38
N GLN A 149 0.47 -13.06 8.04
CA GLN A 149 1.43 -13.29 9.13
C GLN A 149 2.04 -14.70 9.07
N ILE A 150 1.90 -15.39 7.93
CA ILE A 150 2.52 -16.71 7.70
C ILE A 150 4.03 -16.62 7.43
N GLY A 151 4.55 -15.40 7.36
CA GLY A 151 5.93 -15.01 7.53
C GLY A 151 5.94 -13.49 7.76
ZN ZN B . -1.49 1.98 5.62
N MET A 1 -8.37 10.27 8.63
CA MET A 1 -9.48 9.77 9.43
C MET A 1 -9.17 10.11 10.91
N LYS A 2 -10.15 9.93 11.82
CA LYS A 2 -9.95 9.96 13.26
C LYS A 2 -10.98 9.00 13.86
N ASP A 3 -10.75 7.71 13.60
CA ASP A 3 -11.70 6.62 13.65
C ASP A 3 -10.93 5.35 13.33
N ARG A 4 -11.66 4.26 13.09
CA ARG A 4 -11.11 2.92 13.07
C ARG A 4 -11.26 2.23 11.73
N ILE A 5 -10.45 1.19 11.52
CA ILE A 5 -10.13 0.61 10.23
C ILE A 5 -10.28 -0.92 10.32
N PRO A 6 -11.26 -1.54 9.63
CA PRO A 6 -11.39 -2.98 9.59
C PRO A 6 -10.28 -3.57 8.71
N ILE A 7 -9.27 -4.21 9.30
CA ILE A 7 -8.23 -4.91 8.55
C ILE A 7 -8.82 -6.25 8.12
N PHE A 8 -9.59 -6.18 7.03
CA PHE A 8 -10.26 -7.31 6.43
C PHE A 8 -9.28 -8.00 5.51
N SER A 9 -8.54 -8.96 6.05
CA SER A 9 -7.67 -9.79 5.24
C SER A 9 -8.52 -10.73 4.38
N VAL A 10 -9.02 -10.24 3.24
CA VAL A 10 -10.00 -10.92 2.38
C VAL A 10 -9.53 -12.30 1.95
N ALA A 11 -8.22 -12.44 1.69
CA ALA A 11 -7.58 -13.68 1.26
C ALA A 11 -7.74 -14.81 2.28
N LYS A 12 -8.08 -14.48 3.54
CA LYS A 12 -8.30 -15.38 4.65
C LYS A 12 -9.64 -15.08 5.31
N ASN A 13 -10.47 -14.25 4.65
CA ASN A 13 -11.64 -13.53 5.14
C ASN A 13 -11.54 -13.26 6.65
N ARG A 14 -10.48 -12.55 7.09
CA ARG A 14 -10.45 -12.16 8.49
C ARG A 14 -11.02 -10.74 8.62
N VAL A 15 -11.16 -10.24 9.85
CA VAL A 15 -11.26 -8.82 10.12
C VAL A 15 -10.68 -8.55 11.50
N GLU A 16 -9.64 -7.70 11.57
CA GLU A 16 -9.13 -7.14 12.81
C GLU A 16 -9.45 -5.64 12.76
N MET A 17 -10.35 -5.12 13.60
CA MET A 17 -10.57 -3.68 13.63
C MET A 17 -9.42 -3.02 14.42
N VAL A 18 -8.52 -2.38 13.70
CA VAL A 18 -7.42 -1.57 14.21
C VAL A 18 -7.94 -0.12 14.19
N GLU A 19 -7.15 0.87 14.64
CA GLU A 19 -7.51 2.26 14.50
C GLU A 19 -6.37 3.11 13.92
N ARG A 20 -6.69 4.36 13.56
CA ARG A 20 -5.79 5.24 12.82
C ARG A 20 -4.50 5.49 13.60
N ILE A 21 -3.37 5.51 12.89
CA ILE A 21 -2.04 5.66 13.48
C ILE A 21 -1.86 7.10 13.93
N GLU A 22 -1.74 7.34 15.24
CA GLU A 22 -1.69 8.65 15.86
C GLU A 22 -0.60 8.56 16.92
N LEU A 23 0.60 9.06 16.59
CA LEU A 23 1.83 8.92 17.36
C LEU A 23 2.51 10.31 17.44
N SER A 24 3.63 10.38 18.16
CA SER A 24 4.61 11.47 17.96
C SER A 24 5.51 11.05 16.80
N ASP A 25 6.49 11.87 16.40
CA ASP A 25 7.65 11.39 15.65
C ASP A 25 8.30 10.23 16.41
N ASP A 26 8.31 10.35 17.75
CA ASP A 26 9.03 9.55 18.76
C ASP A 26 8.66 8.10 18.86
N GLU A 27 8.02 7.61 17.82
CA GLU A 27 7.45 6.31 17.80
C GLU A 27 7.85 5.66 16.47
N TRP A 28 7.73 6.39 15.34
CA TRP A 28 7.98 5.92 13.97
C TRP A 28 9.43 5.48 13.68
N ARG A 29 10.26 5.45 14.71
CA ARG A 29 11.64 5.00 14.66
C ARG A 29 11.96 3.90 15.66
N GLU A 30 11.05 3.64 16.60
CA GLU A 30 11.29 2.78 17.73
C GLU A 30 10.13 1.80 17.97
N ILE A 31 8.98 1.97 17.30
CA ILE A 31 7.92 0.97 17.22
C ILE A 31 7.65 0.57 15.76
N LEU A 32 8.52 0.97 14.82
CA LEU A 32 8.36 0.75 13.39
C LEU A 32 9.42 -0.20 12.84
N ASP A 33 9.25 -0.63 11.57
CA ASP A 33 10.24 -1.41 10.83
C ASP A 33 11.56 -0.61 10.70
N PRO A 34 12.74 -1.25 10.78
CA PRO A 34 14.03 -0.63 10.47
C PRO A 34 14.21 -0.35 8.97
N GLU A 35 13.28 -0.83 8.14
CA GLU A 35 13.09 -0.38 6.77
C GLU A 35 12.26 0.91 6.75
N ALA A 36 11.15 1.02 7.51
CA ALA A 36 10.32 2.22 7.47
C ALA A 36 11.07 3.43 7.98
N PHE A 37 11.83 3.27 9.07
CA PHE A 37 12.57 4.35 9.69
C PHE A 37 13.54 5.01 8.72
N ARG A 38 14.29 4.22 7.95
CA ARG A 38 15.08 4.80 6.88
C ARG A 38 14.17 5.30 5.78
N VAL A 39 13.22 4.48 5.29
CA VAL A 39 12.43 4.81 4.10
C VAL A 39 11.72 6.16 4.27
N ALA A 40 11.38 6.55 5.50
CA ALA A 40 10.83 7.85 5.80
C ALA A 40 11.73 9.04 5.47
N ARG A 41 13.07 8.89 5.50
CA ARG A 41 14.01 9.97 5.19
C ARG A 41 14.58 9.87 3.76
N LYS A 42 14.58 8.69 3.14
CA LYS A 42 15.14 8.46 1.81
C LYS A 42 14.07 8.26 0.73
N ALA A 43 12.79 8.39 1.08
CA ALA A 43 11.63 8.10 0.23
C ALA A 43 11.78 6.75 -0.46
N GLY A 44 12.11 5.72 0.33
CA GLY A 44 12.25 4.37 -0.15
C GLY A 44 13.68 4.11 -0.59
N THR A 45 14.03 4.70 -1.73
CA THR A 45 15.14 4.24 -2.52
C THR A 45 16.48 4.62 -1.88
N GLU A 46 17.17 3.62 -1.31
CA GLU A 46 18.46 3.79 -0.69
C GLU A 46 19.52 4.28 -1.70
N PRO A 47 20.43 5.19 -1.27
CA PRO A 47 21.62 5.53 -2.06
C PRO A 47 22.56 4.31 -2.15
N PRO A 48 23.52 4.32 -3.09
CA PRO A 48 24.38 3.17 -3.38
C PRO A 48 25.38 2.89 -2.25
N PHE A 49 24.98 2.06 -1.29
CA PHE A 49 25.82 1.51 -0.24
C PHE A 49 25.59 0.00 -0.18
N THR A 50 26.70 -0.75 -0.13
CA THR A 50 26.79 -2.20 -0.34
C THR A 50 26.24 -3.03 0.85
N GLY A 51 25.02 -2.74 1.31
CA GLY A 51 24.42 -3.41 2.45
C GLY A 51 22.91 -3.19 2.50
N LYS A 52 22.17 -3.81 1.56
CA LYS A 52 20.73 -3.74 1.48
C LYS A 52 20.18 -4.98 0.78
N TYR A 53 18.87 -5.25 0.94
CA TYR A 53 18.09 -6.18 0.14
C TYR A 53 16.60 -5.85 0.37
N HIS A 54 15.74 -6.42 -0.47
CA HIS A 54 14.29 -6.59 -0.32
C HIS A 54 13.95 -7.86 -1.14
N ASP A 55 12.69 -8.31 -1.17
CA ASP A 55 12.30 -9.52 -1.89
C ASP A 55 10.95 -9.29 -2.60
N LEU A 56 10.68 -10.11 -3.62
CA LEU A 56 9.47 -10.20 -4.43
C LEU A 56 9.45 -11.63 -4.95
N HIS A 57 8.43 -12.41 -4.59
CA HIS A 57 8.19 -13.77 -5.05
C HIS A 57 6.70 -13.86 -5.45
N ASP A 58 6.31 -14.94 -6.15
CA ASP A 58 4.97 -15.19 -6.67
C ASP A 58 3.98 -15.63 -5.59
N ASP A 59 4.28 -15.27 -4.35
CA ASP A 59 3.45 -15.38 -3.17
C ASP A 59 3.73 -14.17 -2.29
N GLY A 60 2.67 -13.56 -1.76
CA GLY A 60 2.77 -12.50 -0.77
C GLY A 60 1.58 -11.55 -0.87
N ILE A 61 1.60 -10.55 0.02
CA ILE A 61 0.75 -9.37 -0.02
C ILE A 61 1.62 -8.15 0.27
N TYR A 62 1.08 -6.96 0.02
CA TYR A 62 1.68 -5.73 0.47
C TYR A 62 1.29 -5.44 1.90
N ARG A 63 2.32 -5.19 2.72
CA ARG A 63 2.22 -4.47 3.95
C ARG A 63 2.37 -3.01 3.59
N CYS A 64 1.45 -2.21 4.11
CA CYS A 64 1.69 -0.79 4.23
C CYS A 64 2.64 -0.59 5.40
N ILE A 65 3.92 -0.39 5.09
CA ILE A 65 4.94 -0.19 6.10
C ILE A 65 4.71 1.11 6.87
N CYS A 66 3.94 2.04 6.30
CA CYS A 66 3.67 3.35 6.89
C CYS A 66 2.56 3.26 7.95
N CYS A 67 2.11 2.05 8.29
CA CYS A 67 1.24 1.82 9.44
C CYS A 67 1.36 0.41 10.02
N GLY A 68 2.23 -0.44 9.45
CA GLY A 68 2.47 -1.79 9.93
C GLY A 68 1.21 -2.64 9.80
N THR A 69 0.63 -2.73 8.59
CA THR A 69 -0.65 -3.40 8.37
C THR A 69 -0.71 -3.91 6.93
N ASP A 70 -1.50 -4.95 6.65
CA ASP A 70 -1.69 -5.50 5.31
C ASP A 70 -2.77 -4.78 4.53
N LEU A 71 -2.60 -4.80 3.20
CA LEU A 71 -3.63 -4.41 2.25
C LEU A 71 -3.57 -5.23 0.97
N PHE A 72 -3.02 -4.69 -0.13
CA PHE A 72 -3.21 -5.25 -1.46
C PHE A 72 -2.54 -6.63 -1.59
N ASP A 73 -3.21 -7.59 -2.23
CA ASP A 73 -2.68 -8.92 -2.51
C ASP A 73 -2.16 -8.95 -3.96
N SER A 74 -1.18 -9.80 -4.26
CA SER A 74 -0.63 -9.97 -5.61
C SER A 74 -1.69 -10.33 -6.66
N GLU A 75 -2.83 -10.90 -6.28
CA GLU A 75 -3.98 -11.08 -7.18
C GLU A 75 -4.42 -9.77 -7.85
N THR A 76 -4.21 -8.64 -7.14
CA THR A 76 -4.32 -7.28 -7.64
C THR A 76 -2.97 -6.56 -7.45
N LYS A 77 -1.89 -7.14 -7.98
CA LYS A 77 -0.66 -6.39 -8.29
C LYS A 77 -0.06 -6.87 -9.61
N PHE A 78 0.82 -6.06 -10.17
CA PHE A 78 1.76 -6.43 -11.23
C PHE A 78 3.11 -6.54 -10.52
N ASP A 79 3.76 -7.70 -10.54
CA ASP A 79 4.88 -8.09 -9.69
C ASP A 79 5.91 -8.82 -10.55
N SER A 80 5.48 -9.87 -11.24
CA SER A 80 6.17 -10.38 -12.41
C SER A 80 6.10 -9.38 -13.57
N GLY A 81 6.82 -9.68 -14.65
CA GLY A 81 7.00 -8.81 -15.81
C GLY A 81 7.47 -7.42 -15.39
N THR A 82 6.60 -6.42 -15.53
CA THR A 82 6.90 -5.02 -15.21
C THR A 82 7.14 -4.81 -13.71
N GLY A 83 6.38 -5.49 -12.86
CA GLY A 83 6.40 -5.35 -11.41
C GLY A 83 6.12 -3.94 -10.86
N TRP A 84 5.55 -3.07 -11.69
CA TRP A 84 5.30 -1.68 -11.31
C TRP A 84 4.21 -1.56 -10.22
N PRO A 85 4.25 -0.52 -9.37
CA PRO A 85 3.25 -0.27 -8.34
C PRO A 85 1.97 0.32 -8.94
N SER A 86 1.33 -0.44 -9.83
CA SER A 86 -0.02 -0.20 -10.29
C SER A 86 -0.80 -1.50 -10.31
N PHE A 87 -2.13 -1.42 -10.22
CA PHE A 87 -3.03 -2.56 -10.18
C PHE A 87 -4.43 -2.16 -10.65
N TYR A 88 -5.35 -3.13 -10.69
CA TYR A 88 -6.66 -2.98 -11.32
C TYR A 88 -7.83 -3.14 -10.33
N ASP A 89 -7.59 -3.60 -9.11
CA ASP A 89 -8.62 -3.83 -8.09
C ASP A 89 -8.05 -3.62 -6.68
N VAL A 90 -8.85 -3.72 -5.62
CA VAL A 90 -8.41 -3.57 -4.23
C VAL A 90 -8.88 -4.74 -3.37
N VAL A 91 -8.17 -4.96 -2.26
CA VAL A 91 -8.51 -5.93 -1.22
C VAL A 91 -9.87 -5.58 -0.57
N SER A 92 -10.18 -4.29 -0.47
CA SER A 92 -11.31 -3.61 0.15
C SER A 92 -10.93 -2.13 0.30
N GLU A 93 -11.89 -1.25 0.59
CA GLU A 93 -11.70 0.16 0.86
C GLU A 93 -11.65 0.34 2.39
N HIS A 94 -10.51 0.00 3.02
CA HIS A 94 -10.48 -0.29 4.44
C HIS A 94 -9.31 0.42 5.15
N ASN A 95 -8.07 0.07 4.82
CA ASN A 95 -6.86 0.82 5.18
C ASN A 95 -6.46 1.74 4.00
N ILE A 96 -7.39 1.97 3.07
CA ILE A 96 -7.26 2.70 1.81
C ILE A 96 -8.57 3.48 1.58
N LYS A 97 -8.45 4.71 1.07
CA LYS A 97 -9.49 5.71 0.87
C LYS A 97 -9.41 6.21 -0.57
N LEU A 98 -10.56 6.64 -1.11
CA LEU A 98 -10.74 7.10 -2.48
C LEU A 98 -11.80 8.20 -2.46
N ARG A 99 -11.75 9.09 -3.45
CA ARG A 99 -12.71 10.13 -3.74
C ARG A 99 -12.87 10.08 -5.25
N GLU A 100 -14.07 9.87 -5.78
CA GLU A 100 -14.33 9.87 -7.21
C GLU A 100 -14.25 11.30 -7.76
N ASP A 101 -13.41 11.50 -8.80
CA ASP A 101 -13.54 12.62 -9.70
C ASP A 101 -13.56 12.13 -11.16
N ARG A 102 -13.73 13.05 -12.10
CA ARG A 102 -13.67 12.87 -13.54
C ARG A 102 -12.39 13.50 -14.13
N SER A 103 -11.41 13.87 -13.29
CA SER A 103 -10.34 14.85 -13.56
C SER A 103 -9.64 14.69 -14.91
N LEU A 104 -9.36 13.46 -15.35
CA LEU A 104 -8.64 13.23 -16.61
C LEU A 104 -9.51 13.49 -17.84
N GLY A 105 -10.82 13.66 -17.64
CA GLY A 105 -11.84 13.70 -18.68
C GLY A 105 -12.84 12.53 -18.59
N MET A 106 -12.64 11.56 -17.67
CA MET A 106 -13.54 10.41 -17.57
C MET A 106 -13.76 10.03 -16.11
N VAL A 107 -12.87 9.24 -15.50
CA VAL A 107 -13.00 8.79 -14.13
C VAL A 107 -11.58 8.73 -13.58
N ARG A 108 -11.32 9.64 -12.65
CA ARG A 108 -10.09 9.74 -11.90
C ARG A 108 -10.42 9.83 -10.42
N CYS A 109 -10.20 8.77 -9.64
CA CYS A 109 -10.48 8.79 -8.21
C CYS A 109 -9.14 8.87 -7.46
N GLU A 110 -9.02 9.62 -6.36
CA GLU A 110 -7.77 9.53 -5.57
C GLU A 110 -7.62 8.15 -4.92
N VAL A 111 -6.41 7.76 -4.51
CA VAL A 111 -6.13 6.49 -3.83
C VAL A 111 -5.07 6.78 -2.76
N LEU A 112 -5.49 6.85 -1.49
CA LEU A 112 -4.61 7.10 -0.36
C LEU A 112 -4.80 5.99 0.67
N CYS A 113 -3.84 5.82 1.58
CA CYS A 113 -4.00 4.96 2.74
C CYS A 113 -4.85 5.69 3.77
N ALA A 114 -6.12 5.29 3.97
CA ALA A 114 -7.07 5.90 4.91
C ALA A 114 -6.52 5.99 6.34
N ARG A 115 -5.57 5.10 6.64
CA ARG A 115 -4.87 4.97 7.90
C ARG A 115 -3.74 5.98 8.06
N CYS A 116 -3.02 6.27 6.99
CA CYS A 116 -1.70 6.88 6.99
C CYS A 116 -1.56 7.61 5.66
N ASP A 117 -2.33 8.69 5.52
CA ASP A 117 -2.76 9.35 4.28
C ASP A 117 -1.64 10.09 3.56
N ALA A 118 -0.57 9.36 3.22
CA ALA A 118 0.64 9.86 2.58
C ALA A 118 0.40 10.21 1.09
N HIS A 119 1.43 10.02 0.26
CA HIS A 119 1.44 10.37 -1.16
C HIS A 119 0.52 9.42 -1.92
N LEU A 120 0.91 8.14 -1.92
CA LEU A 120 0.25 7.05 -2.62
C LEU A 120 0.03 7.49 -4.06
N GLY A 121 -1.24 7.60 -4.50
CA GLY A 121 -1.55 8.21 -5.78
C GLY A 121 -3.04 8.22 -6.06
N HIS A 122 -3.46 7.56 -7.14
CA HIS A 122 -4.82 7.67 -7.65
C HIS A 122 -5.18 6.46 -8.52
N VAL A 123 -6.43 6.40 -9.01
CA VAL A 123 -6.87 5.44 -10.01
C VAL A 123 -7.48 6.19 -11.19
N PHE A 124 -7.28 5.65 -12.40
CA PHE A 124 -7.86 6.13 -13.65
C PHE A 124 -8.27 4.93 -14.49
N ASP A 125 -9.38 5.02 -15.23
CA ASP A 125 -9.76 3.98 -16.17
C ASP A 125 -8.83 4.02 -17.39
N ASP A 126 -8.14 2.89 -17.62
CA ASP A 126 -6.98 2.71 -18.50
C ASP A 126 -6.98 1.33 -19.18
N GLY A 127 -7.26 0.28 -18.41
CA GLY A 127 -7.11 -1.10 -18.84
C GLY A 127 -8.39 -1.68 -19.47
N PRO A 128 -8.37 -2.96 -19.87
CA PRO A 128 -9.54 -3.63 -20.42
C PRO A 128 -10.62 -3.84 -19.35
N ARG A 129 -11.89 -3.95 -19.76
CA ARG A 129 -13.00 -4.26 -18.86
C ARG A 129 -12.87 -5.71 -18.35
N PRO A 130 -13.41 -6.06 -17.17
CA PRO A 130 -14.05 -5.15 -16.21
C PRO A 130 -13.02 -4.33 -15.43
N THR A 131 -11.88 -4.94 -15.10
CA THR A 131 -10.80 -4.42 -14.29
C THR A 131 -9.92 -3.43 -15.08
N GLY A 132 -10.57 -2.37 -15.55
CA GLY A 132 -9.94 -1.35 -16.36
C GLY A 132 -9.33 -0.22 -15.52
N LYS A 133 -9.52 -0.22 -14.20
CA LYS A 133 -9.20 0.97 -13.42
C LYS A 133 -7.83 0.84 -12.77
N ARG A 134 -6.88 1.54 -13.35
CA ARG A 134 -5.46 1.50 -13.02
C ARG A 134 -5.23 2.35 -11.78
N TYR A 135 -5.25 1.69 -10.63
CA TYR A 135 -4.68 2.19 -9.40
C TYR A 135 -3.19 2.35 -9.64
N CYS A 136 -2.60 3.49 -9.32
CA CYS A 136 -1.17 3.77 -9.46
C CYS A 136 -0.74 4.64 -8.29
N MET A 137 0.35 4.25 -7.61
CA MET A 137 0.81 4.90 -6.39
C MET A 137 2.34 4.94 -6.35
N ASN A 138 2.88 6.06 -5.86
CA ASN A 138 4.31 6.37 -5.76
C ASN A 138 4.80 6.18 -4.31
N SER A 139 4.03 5.48 -3.48
CA SER A 139 4.33 5.17 -2.10
C SER A 139 5.52 4.23 -2.02
N ALA A 140 6.62 4.74 -1.49
CA ALA A 140 7.76 3.96 -1.02
C ALA A 140 7.37 2.87 0.00
N ALA A 141 6.24 3.07 0.71
CA ALA A 141 5.78 2.31 1.85
C ALA A 141 5.29 0.88 1.56
N LEU A 142 5.36 0.41 0.31
CA LEU A 142 4.80 -0.87 -0.12
C LEU A 142 5.81 -2.00 0.13
N LYS A 143 5.81 -2.57 1.34
CA LYS A 143 6.69 -3.67 1.74
C LYS A 143 6.03 -5.00 1.34
N PHE A 144 6.72 -5.87 0.60
CA PHE A 144 6.22 -7.22 0.39
C PHE A 144 6.32 -8.02 1.69
N ILE A 145 5.26 -8.76 2.04
CA ILE A 145 5.26 -9.71 3.15
C ILE A 145 4.55 -11.00 2.72
N PRO A 146 4.74 -12.11 3.47
CA PRO A 146 3.84 -13.26 3.40
C PRO A 146 2.41 -12.88 3.80
N ARG A 147 1.49 -13.81 3.54
CA ARG A 147 0.05 -13.61 3.41
C ARG A 147 -0.75 -13.10 4.59
N ASP A 148 -0.11 -12.95 5.74
CA ASP A 148 -0.41 -12.22 6.93
C ASP A 148 0.69 -12.46 7.97
N GLN A 149 0.83 -13.72 8.38
CA GLN A 149 1.70 -14.26 9.40
C GLN A 149 1.95 -15.76 9.17
N ILE A 150 1.52 -16.34 8.04
CA ILE A 150 1.93 -17.72 7.69
C ILE A 150 3.43 -17.86 7.43
N GLY A 151 4.11 -16.72 7.24
CA GLY A 151 5.55 -16.54 7.39
C GLY A 151 5.78 -15.21 8.09
ZN ZN B . -1.69 1.83 4.81
N MET A 1 -10.56 11.82 9.10
CA MET A 1 -10.22 12.99 9.90
C MET A 1 -9.51 12.52 11.17
N LYS A 2 -10.25 12.23 12.25
CA LYS A 2 -9.75 11.61 13.47
C LYS A 2 -10.57 10.37 13.83
N ASP A 3 -11.35 9.87 12.88
CA ASP A 3 -11.92 8.55 12.88
C ASP A 3 -10.86 7.50 12.52
N ARG A 4 -10.85 6.47 13.37
CA ARG A 4 -10.27 5.14 13.39
C ARG A 4 -10.32 4.43 12.03
N ILE A 5 -9.54 3.35 11.87
CA ILE A 5 -9.28 2.71 10.59
C ILE A 5 -9.52 1.18 10.65
N PRO A 6 -10.17 0.58 9.64
CA PRO A 6 -10.26 -0.86 9.51
C PRO A 6 -8.98 -1.43 8.87
N ILE A 7 -8.28 -2.32 9.57
CA ILE A 7 -7.33 -3.23 8.94
C ILE A 7 -8.15 -4.48 8.57
N PHE A 8 -7.79 -5.14 7.46
CA PHE A 8 -8.34 -6.38 6.96
C PHE A 8 -7.15 -7.32 6.76
N SER A 9 -7.41 -8.62 6.80
CA SER A 9 -6.45 -9.65 6.46
C SER A 9 -7.21 -10.72 5.68
N VAL A 10 -7.23 -10.61 4.35
CA VAL A 10 -8.06 -11.44 3.48
C VAL A 10 -7.64 -12.91 3.54
N ALA A 11 -6.32 -13.15 3.50
CA ALA A 11 -5.76 -14.50 3.40
C ALA A 11 -5.84 -15.22 4.75
N LYS A 12 -5.80 -14.46 5.85
CA LYS A 12 -6.06 -14.94 7.20
C LYS A 12 -7.57 -14.88 7.53
N ASN A 13 -8.39 -14.40 6.58
CA ASN A 13 -9.80 -14.07 6.67
C ASN A 13 -10.17 -13.43 8.02
N ARG A 14 -9.64 -12.23 8.26
CA ARG A 14 -9.89 -11.39 9.44
C ARG A 14 -10.26 -9.97 8.98
N VAL A 15 -10.87 -9.21 9.89
CA VAL A 15 -11.04 -7.76 9.84
C VAL A 15 -10.77 -7.30 11.28
N GLU A 16 -9.98 -6.24 11.44
CA GLU A 16 -9.48 -5.75 12.71
C GLU A 16 -9.49 -4.21 12.67
N MET A 17 -10.54 -3.59 13.23
CA MET A 17 -10.61 -2.13 13.32
C MET A 17 -9.76 -1.65 14.50
N VAL A 18 -8.94 -0.62 14.26
CA VAL A 18 -7.99 -0.05 15.21
C VAL A 18 -8.09 1.48 15.08
N GLU A 19 -7.62 2.23 16.08
CA GLU A 19 -7.37 3.65 15.91
C GLU A 19 -6.37 3.94 14.80
N ARG A 20 -6.27 5.23 14.49
CA ARG A 20 -5.33 5.77 13.51
C ARG A 20 -3.89 5.68 14.04
N ILE A 21 -2.91 6.08 13.21
CA ILE A 21 -1.58 6.35 13.70
C ILE A 21 -1.62 7.74 14.35
N GLU A 22 -1.13 7.82 15.59
CA GLU A 22 -1.09 9.04 16.38
C GLU A 22 0.00 8.81 17.43
N LEU A 23 1.21 9.30 17.17
CA LEU A 23 2.42 8.96 17.89
C LEU A 23 3.23 10.26 18.10
N SER A 24 4.35 10.14 18.84
CA SER A 24 5.40 11.14 18.88
C SER A 24 6.39 10.85 17.73
N ASP A 25 7.64 11.35 17.78
CA ASP A 25 8.71 10.75 16.96
C ASP A 25 9.06 9.37 17.52
N ASP A 26 9.26 9.32 18.84
CA ASP A 26 10.01 8.29 19.56
C ASP A 26 9.43 6.89 19.44
N GLU A 27 8.21 6.79 18.92
CA GLU A 27 7.41 5.60 18.80
C GLU A 27 7.77 4.85 17.52
N TRP A 28 7.84 5.56 16.36
CA TRP A 28 7.93 5.05 14.99
C TRP A 28 9.17 4.19 14.67
N ARG A 29 9.92 3.84 15.70
CA ARG A 29 11.26 3.34 15.72
C ARG A 29 11.43 2.22 16.74
N GLU A 30 10.45 2.03 17.62
CA GLU A 30 10.41 0.94 18.57
C GLU A 30 9.07 0.21 18.55
N ILE A 31 8.00 0.79 17.98
CA ILE A 31 6.72 0.09 17.78
C ILE A 31 6.43 -0.17 16.29
N LEU A 32 7.43 -0.02 15.42
CA LEU A 32 7.28 -0.07 13.96
C LEU A 32 8.22 -1.10 13.33
N ASP A 33 7.98 -1.41 12.05
CA ASP A 33 8.88 -2.20 11.24
C ASP A 33 10.27 -1.52 11.23
N PRO A 34 11.38 -2.28 11.35
CA PRO A 34 12.74 -1.71 11.39
C PRO A 34 13.19 -1.12 10.05
N GLU A 35 12.36 -1.26 9.01
CA GLU A 35 12.48 -0.63 7.72
C GLU A 35 11.64 0.66 7.68
N ALA A 36 10.54 0.78 8.41
CA ALA A 36 9.66 1.96 8.30
C ALA A 36 10.40 3.23 8.69
N PHE A 37 11.10 3.18 9.82
CA PHE A 37 11.77 4.34 10.40
C PHE A 37 12.80 4.93 9.43
N ARG A 38 13.52 4.07 8.70
CA ARG A 38 14.45 4.51 7.69
C ARG A 38 13.70 4.85 6.41
N VAL A 39 12.77 4.02 5.93
CA VAL A 39 12.05 4.25 4.68
C VAL A 39 11.32 5.58 4.72
N ALA A 40 10.92 6.04 5.92
CA ALA A 40 10.34 7.34 6.13
C ALA A 40 11.28 8.54 5.88
N ARG A 41 12.59 8.34 5.65
CA ARG A 41 13.53 9.45 5.39
C ARG A 41 14.16 9.31 4.01
N LYS A 42 14.29 8.08 3.52
CA LYS A 42 14.87 7.72 2.24
C LYS A 42 13.81 7.32 1.20
N ALA A 43 12.54 7.60 1.51
CA ALA A 43 11.36 7.50 0.67
C ALA A 43 11.04 6.10 0.15
N GLY A 44 11.76 5.07 0.60
CA GLY A 44 11.49 3.68 0.28
C GLY A 44 12.55 3.01 -0.61
N THR A 45 13.71 3.65 -0.83
CA THR A 45 14.90 2.92 -1.26
C THR A 45 16.01 3.27 -0.28
N GLU A 46 16.76 2.25 0.10
CA GLU A 46 18.10 2.42 0.65
C GLU A 46 19.09 2.39 -0.53
N PRO A 47 20.38 2.68 -0.31
CA PRO A 47 21.43 2.44 -1.30
C PRO A 47 21.66 0.92 -1.53
N PRO A 48 22.35 0.54 -2.63
CA PRO A 48 22.39 -0.84 -3.10
C PRO A 48 23.14 -1.83 -2.18
N PHE A 49 23.81 -1.34 -1.13
CA PHE A 49 24.40 -2.19 -0.09
C PHE A 49 23.39 -3.15 0.54
N THR A 50 22.09 -2.85 0.45
CA THR A 50 21.01 -3.72 0.91
C THR A 50 19.96 -3.96 -0.19
N GLY A 51 20.28 -3.69 -1.46
CA GLY A 51 19.36 -3.77 -2.58
C GLY A 51 20.09 -4.18 -3.84
N LYS A 52 20.16 -5.49 -4.11
CA LYS A 52 20.90 -6.05 -5.24
C LYS A 52 20.12 -7.21 -5.88
N TYR A 53 19.76 -8.22 -5.08
CA TYR A 53 18.81 -9.24 -5.51
C TYR A 53 17.43 -8.62 -5.71
N HIS A 54 16.57 -9.26 -6.51
CA HIS A 54 15.16 -8.93 -6.65
C HIS A 54 14.42 -10.21 -7.04
N ASP A 55 13.11 -10.24 -6.84
CA ASP A 55 12.20 -11.29 -7.25
C ASP A 55 10.95 -10.65 -7.87
N LEU A 56 10.00 -11.49 -8.33
CA LEU A 56 8.61 -11.13 -8.55
C LEU A 56 7.82 -12.44 -8.44
N HIS A 57 6.66 -12.42 -7.79
CA HIS A 57 5.71 -13.53 -7.79
C HIS A 57 4.30 -12.99 -7.57
N ASP A 58 3.31 -13.83 -7.85
CA ASP A 58 1.89 -13.73 -7.51
C ASP A 58 1.66 -14.10 -6.02
N ASP A 59 2.57 -13.68 -5.15
CA ASP A 59 2.59 -14.04 -3.73
C ASP A 59 2.89 -12.79 -2.90
N GLY A 60 2.55 -12.85 -1.62
CA GLY A 60 2.70 -11.78 -0.65
C GLY A 60 1.51 -10.83 -0.64
N ILE A 61 1.49 -9.96 0.36
CA ILE A 61 0.67 -8.75 0.37
C ILE A 61 1.56 -7.54 0.70
N TYR A 62 0.99 -6.34 0.60
CA TYR A 62 1.66 -5.09 0.83
C TYR A 62 1.45 -4.64 2.27
N ARG A 63 2.55 -4.52 3.00
CA ARG A 63 2.67 -3.72 4.19
C ARG A 63 2.42 -2.27 3.78
N CYS A 64 1.40 -1.63 4.35
CA CYS A 64 1.26 -0.19 4.43
C CYS A 64 2.25 0.26 5.52
N ILE A 65 3.55 0.18 5.20
CA ILE A 65 4.61 0.20 6.20
C ILE A 65 4.62 1.53 6.98
N CYS A 66 4.15 2.62 6.36
CA CYS A 66 4.07 3.96 6.94
C CYS A 66 2.90 4.11 7.93
N CYS A 67 2.15 3.04 8.21
CA CYS A 67 1.33 2.91 9.41
C CYS A 67 1.38 1.48 9.96
N GLY A 68 2.43 0.70 9.62
CA GLY A 68 2.65 -0.63 10.19
C GLY A 68 1.42 -1.53 10.04
N THR A 69 0.73 -1.37 8.92
CA THR A 69 -0.56 -1.95 8.59
C THR A 69 -0.39 -2.72 7.28
N ASP A 70 -1.42 -3.40 6.77
CA ASP A 70 -1.32 -4.27 5.62
C ASP A 70 -2.53 -4.07 4.71
N LEU A 71 -2.33 -4.18 3.40
CA LEU A 71 -3.39 -4.05 2.39
C LEU A 71 -3.13 -4.85 1.11
N PHE A 72 -2.70 -4.21 0.01
CA PHE A 72 -2.83 -4.73 -1.36
C PHE A 72 -2.24 -6.14 -1.56
N ASP A 73 -2.80 -6.92 -2.49
CA ASP A 73 -2.42 -8.32 -2.71
C ASP A 73 -1.75 -8.47 -4.09
N SER A 74 -0.76 -9.35 -4.17
CA SER A 74 -0.02 -9.62 -5.41
C SER A 74 -0.90 -10.17 -6.54
N GLU A 75 -2.13 -10.68 -6.27
CA GLU A 75 -3.11 -11.02 -7.30
C GLU A 75 -3.44 -9.81 -8.20
N THR A 76 -3.23 -8.59 -7.70
CA THR A 76 -3.40 -7.36 -8.46
C THR A 76 -2.07 -6.63 -8.72
N LYS A 77 -0.95 -7.12 -8.16
CA LYS A 77 0.39 -6.55 -8.37
C LYS A 77 1.23 -7.59 -9.13
N PHE A 78 0.87 -7.84 -10.38
CA PHE A 78 1.54 -8.79 -11.26
C PHE A 78 1.74 -8.18 -12.65
N ASP A 79 2.27 -6.95 -12.71
CA ASP A 79 2.54 -6.26 -13.97
C ASP A 79 3.75 -6.91 -14.65
N SER A 80 3.51 -7.85 -15.56
CA SER A 80 4.57 -8.62 -16.21
C SER A 80 5.53 -7.68 -16.94
N GLY A 81 6.84 -7.91 -16.76
CA GLY A 81 7.88 -7.06 -17.33
C GLY A 81 8.13 -5.84 -16.44
N THR A 82 7.17 -4.92 -16.35
CA THR A 82 7.33 -3.66 -15.64
C THR A 82 7.51 -3.87 -14.14
N GLY A 83 6.54 -4.58 -13.56
CA GLY A 83 6.37 -4.91 -12.17
C GLY A 83 6.35 -3.74 -11.19
N TRP A 84 6.15 -2.52 -11.71
CA TRP A 84 5.91 -1.31 -10.93
C TRP A 84 4.75 -1.49 -9.92
N PRO A 85 4.78 -0.77 -8.77
CA PRO A 85 3.72 -0.81 -7.78
C PRO A 85 2.49 -0.02 -8.27
N SER A 86 1.80 -0.58 -9.25
CA SER A 86 0.46 -0.18 -9.63
C SER A 86 -0.38 -1.46 -9.79
N PHE A 87 -1.68 -1.33 -9.57
CA PHE A 87 -2.60 -2.45 -9.48
C PHE A 87 -3.82 -2.17 -10.36
N TYR A 88 -4.74 -3.12 -10.46
CA TYR A 88 -5.99 -2.99 -11.20
C TYR A 88 -7.23 -3.28 -10.33
N ASP A 89 -7.03 -3.67 -9.07
CA ASP A 89 -8.05 -4.05 -8.11
C ASP A 89 -7.53 -3.72 -6.71
N VAL A 90 -8.25 -4.11 -5.66
CA VAL A 90 -7.84 -3.91 -4.27
C VAL A 90 -8.15 -5.16 -3.45
N VAL A 91 -7.43 -5.35 -2.35
CA VAL A 91 -7.73 -6.38 -1.37
C VAL A 91 -9.13 -6.15 -0.75
N SER A 92 -9.50 -4.87 -0.62
CA SER A 92 -10.72 -4.26 -0.14
C SER A 92 -10.38 -2.78 0.04
N GLU A 93 -11.39 -1.93 0.07
CA GLU A 93 -11.18 -0.50 0.19
C GLU A 93 -11.45 -0.14 1.65
N HIS A 94 -10.43 -0.39 2.50
CA HIS A 94 -10.51 -0.42 3.95
C HIS A 94 -9.47 0.55 4.53
N ASN A 95 -8.16 0.27 4.37
CA ASN A 95 -7.08 1.11 4.87
C ASN A 95 -6.52 2.05 3.79
N ILE A 96 -7.34 2.30 2.77
CA ILE A 96 -7.10 3.12 1.61
C ILE A 96 -8.28 4.10 1.58
N LYS A 97 -8.07 5.33 1.10
CA LYS A 97 -9.13 6.30 0.94
C LYS A 97 -9.18 6.82 -0.50
N LEU A 98 -10.42 6.95 -0.98
CA LEU A 98 -10.78 7.10 -2.37
C LEU A 98 -11.97 8.04 -2.49
N ARG A 99 -11.87 9.04 -3.37
CA ARG A 99 -12.87 10.06 -3.71
C ARG A 99 -12.93 10.07 -5.23
N GLU A 100 -14.05 9.63 -5.79
CA GLU A 100 -14.29 9.47 -7.22
C GLU A 100 -14.51 10.84 -7.88
N ASP A 101 -13.76 11.09 -8.95
CA ASP A 101 -14.02 12.13 -9.93
C ASP A 101 -13.85 11.55 -11.35
N ARG A 102 -14.10 12.37 -12.37
CA ARG A 102 -14.03 12.01 -13.78
C ARG A 102 -12.89 12.78 -14.46
N SER A 103 -11.93 13.30 -13.70
CA SER A 103 -11.03 14.39 -14.09
C SER A 103 -10.23 14.19 -15.39
N LEU A 104 -9.88 12.94 -15.74
CA LEU A 104 -9.18 12.64 -16.98
C LEU A 104 -10.09 12.69 -18.21
N GLY A 105 -11.41 12.70 -17.98
CA GLY A 105 -12.45 12.52 -18.97
C GLY A 105 -13.26 11.24 -18.75
N MET A 106 -12.95 10.40 -17.75
CA MET A 106 -13.67 9.14 -17.52
C MET A 106 -13.80 8.88 -16.02
N VAL A 107 -12.77 8.34 -15.38
CA VAL A 107 -12.75 8.10 -13.94
C VAL A 107 -11.33 8.37 -13.47
N ARG A 108 -11.19 9.38 -12.62
CA ARG A 108 -9.99 9.70 -11.85
C ARG A 108 -10.39 9.78 -10.38
N CYS A 109 -9.95 8.83 -9.56
CA CYS A 109 -10.41 8.69 -8.18
C CYS A 109 -9.17 8.60 -7.31
N GLU A 110 -9.04 9.46 -6.28
CA GLU A 110 -7.80 9.53 -5.50
C GLU A 110 -7.49 8.19 -4.84
N VAL A 111 -6.22 7.98 -4.47
CA VAL A 111 -5.77 6.85 -3.67
C VAL A 111 -4.78 7.45 -2.69
N LEU A 112 -5.20 7.56 -1.42
CA LEU A 112 -4.31 7.79 -0.29
C LEU A 112 -4.49 6.62 0.67
N CYS A 113 -3.64 6.51 1.70
CA CYS A 113 -3.98 5.62 2.80
C CYS A 113 -5.24 6.14 3.49
N ALA A 114 -5.90 5.30 4.29
CA ALA A 114 -6.95 5.75 5.19
C ALA A 114 -6.40 6.68 6.28
N ARG A 115 -5.09 6.65 6.55
CA ARG A 115 -4.48 7.44 7.61
C ARG A 115 -3.04 7.89 7.34
N CYS A 116 -2.12 7.01 6.90
CA CYS A 116 -0.77 7.47 6.55
C CYS A 116 -0.82 8.07 5.14
N ASP A 117 -1.54 9.17 4.97
CA ASP A 117 -1.81 9.90 3.73
C ASP A 117 -0.55 10.54 3.14
N ALA A 118 0.46 9.70 2.87
CA ALA A 118 1.81 10.15 2.61
C ALA A 118 1.95 10.84 1.25
N HIS A 119 1.40 10.21 0.22
CA HIS A 119 1.33 10.72 -1.15
C HIS A 119 0.40 9.82 -1.94
N LEU A 120 0.87 8.58 -2.16
CA LEU A 120 0.28 7.58 -3.01
C LEU A 120 0.00 8.12 -4.40
N GLY A 121 -1.28 8.23 -4.80
CA GLY A 121 -1.64 8.74 -6.11
C GLY A 121 -3.15 8.65 -6.37
N HIS A 122 -3.55 7.91 -7.40
CA HIS A 122 -4.95 7.77 -7.79
C HIS A 122 -5.17 6.52 -8.63
N VAL A 123 -6.44 6.13 -8.75
CA VAL A 123 -6.88 5.11 -9.68
C VAL A 123 -7.51 5.82 -10.86
N PHE A 124 -7.12 5.41 -12.07
CA PHE A 124 -7.62 5.97 -13.30
C PHE A 124 -8.05 4.85 -14.25
N ASP A 125 -8.96 5.18 -15.17
CA ASP A 125 -9.39 4.29 -16.25
C ASP A 125 -8.19 4.01 -17.18
N ASP A 126 -7.71 2.76 -17.21
CA ASP A 126 -6.48 2.36 -17.91
C ASP A 126 -6.54 0.97 -18.54
N GLY A 127 -7.40 0.09 -18.04
CA GLY A 127 -7.38 -1.32 -18.37
C GLY A 127 -8.53 -1.73 -19.29
N PRO A 128 -8.47 -2.90 -19.95
CA PRO A 128 -9.48 -3.34 -20.91
C PRO A 128 -10.73 -3.95 -20.26
N ARG A 129 -10.65 -4.32 -18.97
CA ARG A 129 -11.45 -5.25 -18.15
C ARG A 129 -10.48 -5.98 -17.20
N PRO A 130 -10.92 -6.67 -16.13
CA PRO A 130 -12.28 -6.71 -15.58
C PRO A 130 -12.68 -5.35 -15.01
N THR A 131 -11.88 -4.78 -14.12
CA THR A 131 -12.14 -3.51 -13.44
C THR A 131 -11.95 -2.30 -14.35
N GLY A 132 -11.16 -2.44 -15.41
CA GLY A 132 -10.88 -1.39 -16.39
C GLY A 132 -9.95 -0.30 -15.86
N LYS A 133 -9.38 -0.44 -14.66
CA LYS A 133 -8.71 0.67 -13.99
C LYS A 133 -7.28 0.32 -13.60
N ARG A 134 -6.48 1.34 -13.34
CA ARG A 134 -5.13 1.25 -12.82
C ARG A 134 -5.06 2.10 -11.55
N TYR A 135 -4.94 1.45 -10.40
CA TYR A 135 -4.57 2.04 -9.12
C TYR A 135 -3.06 2.31 -9.18
N CYS A 136 -2.62 3.57 -9.32
CA CYS A 136 -1.20 3.93 -9.41
C CYS A 136 -0.83 4.90 -8.29
N MET A 137 0.32 4.66 -7.64
CA MET A 137 0.73 5.36 -6.44
C MET A 137 2.23 5.25 -6.22
N ASN A 138 2.79 6.14 -5.41
CA ASN A 138 4.11 5.97 -4.81
C ASN A 138 4.13 6.65 -3.44
N SER A 139 4.87 6.08 -2.49
CA SER A 139 5.39 6.72 -1.28
C SER A 139 6.34 5.72 -0.61
N ALA A 140 6.85 6.09 0.57
CA ALA A 140 7.51 5.19 1.50
C ALA A 140 6.59 4.07 2.01
N ALA A 141 5.26 4.22 1.94
CA ALA A 141 4.26 3.34 2.56
C ALA A 141 4.11 1.97 1.90
N LEU A 142 5.09 1.48 1.15
CA LEU A 142 4.96 0.35 0.23
C LEU A 142 6.08 -0.67 0.47
N LYS A 143 5.77 -1.81 1.10
CA LYS A 143 6.69 -2.93 1.30
C LYS A 143 5.96 -4.24 1.03
N PHE A 144 6.60 -5.23 0.38
CA PHE A 144 6.08 -6.60 0.28
C PHE A 144 6.31 -7.34 1.60
N ILE A 145 5.34 -8.16 2.02
CA ILE A 145 5.46 -9.18 3.06
C ILE A 145 4.74 -10.46 2.58
N PRO A 146 4.86 -11.62 3.27
CA PRO A 146 4.01 -12.78 3.02
C PRO A 146 2.52 -12.46 3.16
N ARG A 147 1.66 -13.38 2.65
CA ARG A 147 0.23 -13.24 2.36
C ARG A 147 -0.67 -12.57 3.39
N ASP A 148 -0.25 -12.47 4.66
CA ASP A 148 -0.96 -11.69 5.65
C ASP A 148 -0.03 -11.47 6.82
N GLN A 149 0.11 -12.50 7.65
CA GLN A 149 1.15 -12.72 8.64
C GLN A 149 1.29 -14.25 8.72
N ILE A 150 1.27 -14.96 7.58
CA ILE A 150 1.38 -16.43 7.58
C ILE A 150 2.81 -16.90 7.84
N GLY A 151 3.80 -16.07 7.51
CA GLY A 151 5.22 -16.33 7.77
C GLY A 151 5.90 -16.90 6.53
ZN ZN B . -2.49 1.52 6.14
N MET A 1 -9.61 12.74 8.53
CA MET A 1 -10.25 12.87 9.84
C MET A 1 -9.68 11.77 10.73
N LYS A 2 -9.85 11.89 12.05
CA LYS A 2 -9.53 10.80 12.96
C LYS A 2 -10.61 9.74 12.87
N ASP A 3 -10.20 8.46 12.79
CA ASP A 3 -11.08 7.30 12.80
C ASP A 3 -10.27 6.12 13.32
N ARG A 4 -10.86 4.93 13.28
CA ARG A 4 -10.16 3.66 13.37
C ARG A 4 -9.95 3.11 11.95
N ILE A 5 -9.29 1.97 11.84
CA ILE A 5 -9.08 1.21 10.62
C ILE A 5 -9.48 -0.25 10.79
N PRO A 6 -10.36 -0.79 9.93
CA PRO A 6 -10.54 -2.22 9.82
C PRO A 6 -9.34 -2.86 9.10
N ILE A 7 -8.96 -4.05 9.56
CA ILE A 7 -7.87 -4.88 9.07
C ILE A 7 -8.53 -6.22 8.77
N PHE A 8 -8.85 -6.46 7.49
CA PHE A 8 -9.63 -7.60 7.05
C PHE A 8 -8.68 -8.65 6.50
N SER A 9 -8.44 -9.69 7.30
CA SER A 9 -7.67 -10.84 6.88
C SER A 9 -8.49 -11.68 5.90
N VAL A 10 -8.59 -11.26 4.63
CA VAL A 10 -9.36 -12.01 3.63
C VAL A 10 -8.84 -13.45 3.53
N ALA A 11 -7.51 -13.60 3.58
CA ALA A 11 -6.78 -14.87 3.50
C ALA A 11 -7.14 -15.87 4.61
N LYS A 12 -7.84 -15.44 5.67
CA LYS A 12 -8.36 -16.27 6.75
C LYS A 12 -9.85 -16.03 6.99
N ASN A 13 -10.51 -15.25 6.11
CA ASN A 13 -11.77 -14.53 6.31
C ASN A 13 -11.97 -14.06 7.75
N ARG A 14 -11.24 -13.01 8.17
CA ARG A 14 -11.42 -12.39 9.49
C ARG A 14 -11.40 -10.88 9.32
N VAL A 15 -11.79 -10.15 10.36
CA VAL A 15 -11.53 -8.73 10.48
C VAL A 15 -11.15 -8.46 11.94
N GLU A 16 -10.21 -7.56 12.15
CA GLU A 16 -10.03 -6.86 13.41
C GLU A 16 -10.08 -5.37 13.10
N MET A 17 -10.22 -4.53 14.12
CA MET A 17 -10.25 -3.08 13.98
C MET A 17 -9.32 -2.49 15.03
N VAL A 18 -8.50 -1.54 14.60
CA VAL A 18 -7.41 -0.94 15.35
C VAL A 18 -7.46 0.57 15.05
N GLU A 19 -6.86 1.44 15.86
CA GLU A 19 -6.91 2.88 15.60
C GLU A 19 -6.03 3.28 14.41
N ARG A 20 -6.28 4.49 13.86
CA ARG A 20 -5.32 5.19 13.01
C ARG A 20 -4.11 5.55 13.89
N ILE A 21 -2.89 5.46 13.35
CA ILE A 21 -1.63 5.68 14.07
C ILE A 21 -1.61 7.11 14.63
N GLU A 22 -1.16 7.30 15.86
CA GLU A 22 -0.90 8.56 16.51
C GLU A 22 0.22 8.23 17.50
N LEU A 23 1.40 8.79 17.28
CA LEU A 23 2.62 8.53 18.03
C LEU A 23 3.33 9.87 18.28
N SER A 24 4.63 9.84 18.57
CA SER A 24 5.52 10.98 18.48
C SER A 24 6.89 10.48 18.01
N ASP A 25 7.83 11.40 17.76
CA ASP A 25 9.01 11.19 16.94
C ASP A 25 9.81 9.94 17.33
N ASP A 26 9.96 9.70 18.63
CA ASP A 26 10.79 8.59 19.11
C ASP A 26 10.15 7.22 18.99
N GLU A 27 8.83 7.14 18.84
CA GLU A 27 8.12 5.86 18.79
C GLU A 27 8.52 5.09 17.54
N TRP A 28 8.52 5.79 16.40
CA TRP A 28 8.74 5.29 15.05
C TRP A 28 10.13 4.67 14.78
N ARG A 29 10.89 4.36 15.83
CA ARG A 29 12.12 3.60 15.74
C ARG A 29 12.24 2.48 16.77
N GLU A 30 11.34 2.40 17.76
CA GLU A 30 11.39 1.37 18.78
C GLU A 30 10.11 0.54 18.84
N ILE A 31 9.00 1.02 18.27
CA ILE A 31 7.79 0.21 18.10
C ILE A 31 7.54 -0.09 16.61
N LEU A 32 8.56 0.04 15.76
CA LEU A 32 8.45 -0.09 14.31
C LEU A 32 9.46 -1.10 13.75
N ASP A 33 9.27 -1.50 12.49
CA ASP A 33 10.31 -2.16 11.70
C ASP A 33 11.52 -1.21 11.62
N PRO A 34 12.76 -1.70 11.77
CA PRO A 34 13.95 -0.86 11.66
C PRO A 34 14.17 -0.34 10.24
N GLU A 35 13.52 -0.95 9.24
CA GLU A 35 13.52 -0.40 7.90
C GLU A 35 12.61 0.84 7.86
N ALA A 36 11.44 0.81 8.48
CA ALA A 36 10.53 1.96 8.47
C ALA A 36 11.20 3.20 9.08
N PHE A 37 11.99 2.98 10.14
CA PHE A 37 12.83 4.00 10.75
C PHE A 37 13.75 4.64 9.70
N ARG A 38 14.57 3.83 9.00
CA ARG A 38 15.46 4.43 8.00
C ARG A 38 14.65 5.07 6.89
N VAL A 39 13.64 4.38 6.37
CA VAL A 39 12.77 4.84 5.29
C VAL A 39 12.24 6.23 5.61
N ALA A 40 11.90 6.52 6.88
CA ALA A 40 11.45 7.84 7.28
C ALA A 40 12.48 8.96 7.10
N ARG A 41 13.76 8.66 6.82
CA ARG A 41 14.82 9.66 6.61
C ARG A 41 15.38 9.66 5.19
N LYS A 42 15.17 8.58 4.43
CA LYS A 42 15.65 8.44 3.05
C LYS A 42 14.50 8.35 2.04
N ALA A 43 13.26 8.59 2.49
CA ALA A 43 11.96 8.30 1.89
C ALA A 43 11.70 6.82 1.68
N GLY A 44 12.74 6.01 1.44
CA GLY A 44 12.68 4.62 1.03
C GLY A 44 14.07 4.06 0.91
N THR A 45 14.66 4.23 -0.28
CA THR A 45 16.07 4.06 -0.51
C THR A 45 16.53 5.38 -1.11
N GLU A 46 17.44 6.05 -0.40
CA GLU A 46 18.10 7.25 -0.89
C GLU A 46 18.80 6.93 -2.23
N PRO A 47 18.62 7.76 -3.28
CA PRO A 47 19.16 7.50 -4.60
C PRO A 47 20.69 7.73 -4.61
N PRO A 48 21.53 6.73 -4.92
CA PRO A 48 22.98 6.92 -5.00
C PRO A 48 23.39 7.77 -6.22
N PHE A 49 22.55 7.81 -7.26
CA PHE A 49 22.62 8.73 -8.39
C PHE A 49 21.28 8.79 -9.14
N THR A 50 20.47 7.73 -9.07
CA THR A 50 19.09 7.71 -9.55
C THR A 50 18.27 6.84 -8.58
N GLY A 51 16.94 6.87 -8.75
CA GLY A 51 15.97 6.17 -7.93
C GLY A 51 15.13 5.28 -8.82
N LYS A 52 15.46 3.98 -8.87
CA LYS A 52 14.73 2.97 -9.64
C LYS A 52 14.65 1.69 -8.80
N TYR A 53 13.56 0.94 -8.95
CA TYR A 53 13.35 -0.34 -8.28
C TYR A 53 12.42 -1.17 -9.17
N HIS A 54 12.42 -2.50 -8.99
CA HIS A 54 11.50 -3.44 -9.62
C HIS A 54 11.15 -4.48 -8.55
N ASP A 55 10.02 -5.17 -8.71
CA ASP A 55 9.58 -6.20 -7.78
C ASP A 55 9.49 -7.55 -8.49
N LEU A 56 9.32 -8.62 -7.70
CA LEU A 56 8.87 -9.94 -8.12
C LEU A 56 7.53 -10.21 -7.42
N HIS A 57 7.01 -11.43 -7.53
CA HIS A 57 5.70 -11.82 -7.00
C HIS A 57 5.85 -13.24 -6.45
N ASP A 58 5.23 -13.50 -5.28
CA ASP A 58 5.23 -14.80 -4.60
C ASP A 58 3.97 -14.88 -3.71
N ASP A 59 3.69 -16.04 -3.13
CA ASP A 59 2.52 -16.31 -2.28
C ASP A 59 2.61 -15.54 -0.97
N GLY A 60 1.79 -14.51 -0.83
CA GLY A 60 1.81 -13.58 0.28
C GLY A 60 0.90 -12.40 0.01
N ILE A 61 0.81 -11.47 0.96
CA ILE A 61 0.05 -10.22 0.80
C ILE A 61 0.98 -9.03 1.02
N TYR A 62 0.48 -7.83 0.73
CA TYR A 62 1.25 -6.59 0.77
C TYR A 62 1.00 -5.88 2.08
N ARG A 63 2.04 -5.24 2.61
CA ARG A 63 2.01 -4.49 3.84
C ARG A 63 2.55 -3.09 3.60
N CYS A 64 1.99 -2.16 4.34
CA CYS A 64 2.38 -0.77 4.39
C CYS A 64 3.19 -0.58 5.67
N ILE A 65 4.50 -0.69 5.54
CA ILE A 65 5.46 -0.66 6.65
C ILE A 65 5.34 0.64 7.46
N CYS A 66 4.96 1.74 6.78
CA CYS A 66 4.84 3.09 7.34
C CYS A 66 3.56 3.24 8.20
N CYS A 67 2.83 2.15 8.42
CA CYS A 67 1.84 2.02 9.48
C CYS A 67 1.81 0.61 10.05
N GLY A 68 2.81 -0.22 9.69
CA GLY A 68 3.00 -1.58 10.12
C GLY A 68 1.90 -2.55 9.66
N THR A 69 1.01 -2.15 8.76
CA THR A 69 -0.30 -2.77 8.56
C THR A 69 -0.38 -3.43 7.19
N ASP A 70 -1.05 -4.58 7.11
CA ASP A 70 -1.21 -5.38 5.91
C ASP A 70 -2.53 -5.08 5.19
N LEU A 71 -2.50 -5.19 3.85
CA LEU A 71 -3.67 -5.10 3.00
C LEU A 71 -3.53 -5.88 1.69
N PHE A 72 -3.18 -5.23 0.58
CA PHE A 72 -3.43 -5.73 -0.78
C PHE A 72 -3.00 -7.19 -1.00
N ASP A 73 -3.87 -8.04 -1.57
CA ASP A 73 -3.49 -9.38 -1.99
C ASP A 73 -2.55 -9.28 -3.20
N SER A 74 -1.43 -10.00 -3.18
CA SER A 74 -0.42 -9.88 -4.22
C SER A 74 -0.93 -10.30 -5.61
N GLU A 75 -2.00 -11.09 -5.70
CA GLU A 75 -2.66 -11.41 -6.99
C GLU A 75 -3.27 -10.18 -7.68
N THR A 76 -3.38 -9.04 -6.97
CA THR A 76 -3.68 -7.75 -7.58
C THR A 76 -2.46 -7.17 -8.32
N LYS A 77 -1.24 -7.57 -7.92
CA LYS A 77 0.03 -6.97 -8.33
C LYS A 77 0.90 -8.03 -8.99
N PHE A 78 0.86 -8.09 -10.33
CA PHE A 78 1.75 -8.89 -11.14
C PHE A 78 2.06 -8.07 -12.39
N ASP A 79 3.33 -7.70 -12.59
CA ASP A 79 3.81 -7.08 -13.82
C ASP A 79 5.16 -7.71 -14.16
N SER A 80 5.20 -8.51 -15.23
CA SER A 80 6.31 -9.39 -15.57
C SER A 80 7.59 -8.60 -15.84
N GLY A 81 8.52 -8.59 -14.89
CA GLY A 81 9.83 -7.96 -15.00
C GLY A 81 9.85 -6.58 -14.37
N THR A 82 8.85 -5.75 -14.67
CA THR A 82 8.70 -4.43 -14.08
C THR A 82 8.39 -4.53 -12.58
N GLY A 83 7.34 -5.29 -12.27
CA GLY A 83 6.67 -5.36 -10.99
C GLY A 83 6.34 -4.02 -10.35
N TRP A 84 6.22 -2.94 -11.14
CA TRP A 84 5.94 -1.59 -10.64
C TRP A 84 4.66 -1.54 -9.77
N PRO A 85 4.56 -0.59 -8.83
CA PRO A 85 3.39 -0.40 -7.98
C PRO A 85 2.20 0.17 -8.77
N SER A 86 1.61 -0.67 -9.63
CA SER A 86 0.26 -0.52 -10.12
C SER A 86 -0.44 -1.88 -10.01
N PHE A 87 -1.76 -1.86 -9.81
CA PHE A 87 -2.59 -3.04 -9.73
C PHE A 87 -3.97 -2.71 -10.31
N TYR A 88 -4.84 -3.72 -10.43
CA TYR A 88 -6.13 -3.60 -11.11
C TYR A 88 -7.31 -3.75 -10.17
N ASP A 89 -7.12 -4.23 -8.94
CA ASP A 89 -8.16 -4.43 -7.92
C ASP A 89 -7.50 -4.40 -6.53
N VAL A 90 -8.26 -4.59 -5.45
CA VAL A 90 -7.80 -4.49 -4.07
C VAL A 90 -8.26 -5.71 -3.24
N VAL A 91 -7.69 -5.88 -2.04
CA VAL A 91 -8.18 -6.83 -1.04
C VAL A 91 -9.62 -6.48 -0.66
N SER A 92 -9.85 -5.20 -0.33
CA SER A 92 -11.09 -4.52 0.01
C SER A 92 -10.70 -3.12 0.47
N GLU A 93 -11.66 -2.21 0.48
CA GLU A 93 -11.47 -0.82 0.86
C GLU A 93 -11.59 -0.73 2.38
N HIS A 94 -10.63 -1.36 3.09
CA HIS A 94 -10.63 -1.49 4.54
C HIS A 94 -9.49 -0.65 5.10
N ASN A 95 -8.25 -0.90 4.65
CA ASN A 95 -7.09 -0.11 5.03
C ASN A 95 -6.67 0.92 3.98
N ILE A 96 -7.42 1.03 2.90
CA ILE A 96 -7.16 1.96 1.81
C ILE A 96 -8.41 2.80 1.62
N LYS A 97 -8.23 4.12 1.56
CA LYS A 97 -9.29 5.11 1.44
C LYS A 97 -9.24 5.67 0.01
N LEU A 98 -10.42 5.91 -0.57
CA LEU A 98 -10.61 6.51 -1.88
C LEU A 98 -11.68 7.60 -1.79
N ARG A 99 -11.61 8.55 -2.71
CA ARG A 99 -12.60 9.54 -3.09
C ARG A 99 -12.59 9.54 -4.60
N GLU A 100 -13.76 9.46 -5.22
CA GLU A 100 -13.87 9.63 -6.66
C GLU A 100 -13.64 11.10 -6.99
N ASP A 101 -13.10 11.36 -8.18
CA ASP A 101 -13.18 12.64 -8.87
C ASP A 101 -13.19 12.31 -10.35
N ARG A 102 -14.00 13.01 -11.16
CA ARG A 102 -13.94 12.87 -12.61
C ARG A 102 -12.66 13.46 -13.21
N SER A 103 -11.61 13.71 -12.41
CA SER A 103 -10.51 14.64 -12.66
C SER A 103 -9.96 14.54 -14.09
N LEU A 104 -9.44 13.37 -14.48
CA LEU A 104 -8.82 13.14 -15.80
C LEU A 104 -9.78 13.41 -16.98
N GLY A 105 -11.08 13.52 -16.70
CA GLY A 105 -12.16 13.62 -17.65
C GLY A 105 -13.14 12.45 -17.52
N MET A 106 -12.88 11.45 -16.65
CA MET A 106 -13.71 10.25 -16.56
C MET A 106 -13.84 9.85 -15.10
N VAL A 107 -12.88 9.09 -14.57
CA VAL A 107 -12.91 8.50 -13.24
C VAL A 107 -11.47 8.49 -12.77
N ARG A 108 -11.15 9.35 -11.81
CA ARG A 108 -9.84 9.45 -11.18
C ARG A 108 -9.96 9.48 -9.66
N CYS A 109 -10.08 8.30 -9.07
CA CYS A 109 -10.28 8.20 -7.64
C CYS A 109 -8.94 8.24 -6.92
N GLU A 110 -8.80 8.98 -5.80
CA GLU A 110 -7.58 8.96 -5.00
C GLU A 110 -7.38 7.58 -4.34
N VAL A 111 -6.12 7.26 -3.99
CA VAL A 111 -5.74 6.06 -3.25
C VAL A 111 -4.78 6.51 -2.16
N LEU A 112 -5.22 6.53 -0.90
CA LEU A 112 -4.34 6.76 0.24
C LEU A 112 -4.57 5.67 1.28
N CYS A 113 -3.56 5.40 2.11
CA CYS A 113 -3.72 4.44 3.20
C CYS A 113 -4.64 5.07 4.23
N ALA A 114 -5.59 4.31 4.77
CA ALA A 114 -6.46 4.79 5.82
C ALA A 114 -5.70 4.97 7.15
N ARG A 115 -4.51 4.36 7.29
CA ARG A 115 -3.71 4.31 8.51
C ARG A 115 -2.50 5.25 8.46
N CYS A 116 -1.86 5.38 7.29
CA CYS A 116 -0.82 6.37 7.07
C CYS A 116 -1.07 7.04 5.73
N ASP A 117 -2.07 7.90 5.77
CA ASP A 117 -2.60 8.88 4.83
C ASP A 117 -1.53 9.84 4.27
N ALA A 118 -0.48 9.28 3.66
CA ALA A 118 0.79 9.95 3.48
C ALA A 118 1.14 10.27 2.02
N HIS A 119 1.21 9.27 1.13
CA HIS A 119 1.45 9.52 -0.29
C HIS A 119 0.56 8.62 -1.13
N LEU A 120 1.05 7.41 -1.44
CA LEU A 120 0.42 6.42 -2.28
C LEU A 120 0.17 7.00 -3.67
N GLY A 121 -1.09 7.05 -4.13
CA GLY A 121 -1.40 7.52 -5.47
C GLY A 121 -2.89 7.61 -5.73
N HIS A 122 -3.36 6.95 -6.79
CA HIS A 122 -4.73 7.06 -7.28
C HIS A 122 -5.08 5.88 -8.19
N VAL A 123 -6.32 5.83 -8.69
CA VAL A 123 -6.77 4.87 -9.68
C VAL A 123 -7.46 5.62 -10.82
N PHE A 124 -7.27 5.14 -12.05
CA PHE A 124 -7.88 5.67 -13.26
C PHE A 124 -8.31 4.51 -14.16
N ASP A 125 -9.30 4.74 -15.02
CA ASP A 125 -9.80 3.74 -15.96
C ASP A 125 -8.76 3.58 -17.09
N ASP A 126 -8.14 2.40 -17.17
CA ASP A 126 -6.97 2.11 -18.02
C ASP A 126 -6.74 0.61 -18.17
N GLY A 127 -6.79 -0.12 -17.06
CA GLY A 127 -6.51 -1.55 -17.02
C GLY A 127 -7.54 -2.36 -17.83
N PRO A 128 -7.24 -3.65 -18.08
CA PRO A 128 -8.16 -4.54 -18.79
C PRO A 128 -9.36 -4.91 -17.89
N ARG A 129 -10.30 -5.67 -18.46
CA ARG A 129 -11.24 -6.44 -17.64
C ARG A 129 -10.41 -7.35 -16.72
N PRO A 130 -10.85 -7.64 -15.48
CA PRO A 130 -12.20 -7.44 -14.96
C PRO A 130 -12.56 -5.97 -14.68
N THR A 131 -11.75 -5.25 -13.92
CA THR A 131 -12.13 -3.98 -13.32
C THR A 131 -12.10 -2.81 -14.30
N GLY A 132 -11.31 -2.88 -15.38
CA GLY A 132 -11.18 -1.79 -16.34
C GLY A 132 -10.27 -0.66 -15.86
N LYS A 133 -9.60 -0.80 -14.71
CA LYS A 133 -8.92 0.33 -14.05
C LYS A 133 -7.51 -0.05 -13.62
N ARG A 134 -6.68 0.98 -13.40
CA ARG A 134 -5.31 0.87 -12.95
C ARG A 134 -5.21 1.75 -11.71
N TYR A 135 -5.07 1.10 -10.57
CA TYR A 135 -4.55 1.68 -9.35
C TYR A 135 -3.05 1.87 -9.57
N CYS A 136 -2.51 3.06 -9.32
CA CYS A 136 -1.10 3.37 -9.47
C CYS A 136 -0.66 4.18 -8.26
N MET A 137 0.50 3.83 -7.71
CA MET A 137 0.93 4.27 -6.40
C MET A 137 2.42 4.59 -6.43
N ASN A 138 2.81 5.44 -5.49
CA ASN A 138 4.18 5.83 -5.20
C ASN A 138 4.27 5.96 -3.69
N SER A 139 4.87 4.98 -3.04
CA SER A 139 5.37 5.08 -1.68
C SER A 139 6.51 4.07 -1.56
N ALA A 140 7.39 4.30 -0.60
CA ALA A 140 8.46 3.36 -0.28
C ALA A 140 7.95 2.16 0.52
N ALA A 141 6.84 2.35 1.23
CA ALA A 141 6.39 1.55 2.36
C ALA A 141 5.97 0.11 2.04
N LEU A 142 6.14 -0.33 0.80
CA LEU A 142 5.44 -1.46 0.21
C LEU A 142 6.24 -2.74 0.45
N LYS A 143 5.99 -3.39 1.59
CA LYS A 143 6.67 -4.63 1.96
C LYS A 143 5.79 -5.79 1.50
N PHE A 144 6.39 -6.80 0.87
CA PHE A 144 5.74 -8.11 0.81
C PHE A 144 5.80 -8.72 2.20
N ILE A 145 4.76 -9.49 2.56
CA ILE A 145 4.76 -10.38 3.71
C ILE A 145 4.08 -11.69 3.28
N PRO A 146 4.19 -12.77 4.08
CA PRO A 146 3.34 -13.94 3.93
C PRO A 146 1.85 -13.57 4.06
N ARG A 147 0.97 -14.54 3.82
CA ARG A 147 -0.47 -14.40 3.55
C ARG A 147 -1.30 -13.59 4.54
N ASP A 148 -0.79 -13.40 5.75
CA ASP A 148 -1.30 -12.51 6.80
C ASP A 148 -0.30 -12.56 7.96
N GLN A 149 -0.32 -13.63 8.75
CA GLN A 149 0.52 -13.90 9.92
C GLN A 149 0.84 -15.41 10.01
N ILE A 150 0.65 -16.16 8.91
CA ILE A 150 1.04 -17.57 8.80
C ILE A 150 2.57 -17.76 8.67
N GLY A 151 3.28 -16.66 8.47
CA GLY A 151 4.70 -16.47 8.72
C GLY A 151 4.89 -15.02 9.13
ZN ZN B . -0.28 1.81 5.18
N MET A 1 -13.03 8.17 11.13
CA MET A 1 -13.66 8.90 12.23
C MET A 1 -12.64 9.02 13.36
N LYS A 2 -12.95 9.80 14.41
CA LYS A 2 -12.13 9.93 15.62
C LYS A 2 -12.25 8.67 16.49
N ASP A 3 -11.93 7.50 15.94
CA ASP A 3 -11.70 6.26 16.67
C ASP A 3 -10.70 5.40 15.87
N ARG A 4 -10.43 4.18 16.33
CA ARG A 4 -9.66 3.11 15.70
C ARG A 4 -10.16 2.73 14.30
N ILE A 5 -9.36 1.92 13.58
CA ILE A 5 -9.58 1.57 12.17
C ILE A 5 -9.67 0.05 12.00
N PRO A 6 -10.72 -0.47 11.33
CA PRO A 6 -10.82 -1.88 10.98
C PRO A 6 -9.93 -2.18 9.76
N ILE A 7 -8.81 -2.90 9.96
CA ILE A 7 -8.05 -3.45 8.84
C ILE A 7 -8.65 -4.81 8.50
N PHE A 8 -8.47 -5.28 7.26
CA PHE A 8 -9.06 -6.50 6.73
C PHE A 8 -7.98 -7.27 5.96
N SER A 9 -7.40 -8.31 6.56
CA SER A 9 -6.67 -9.36 5.84
C SER A 9 -7.65 -10.12 4.95
N VAL A 10 -8.00 -9.56 3.79
CA VAL A 10 -8.95 -10.15 2.86
C VAL A 10 -8.51 -11.55 2.45
N ALA A 11 -7.22 -11.75 2.20
CA ALA A 11 -6.60 -13.02 1.83
C ALA A 11 -6.76 -14.14 2.89
N LYS A 12 -7.19 -13.81 4.11
CA LYS A 12 -7.50 -14.75 5.18
C LYS A 12 -8.90 -14.48 5.77
N ASN A 13 -9.70 -13.64 5.09
CA ASN A 13 -10.95 -13.04 5.55
C ASN A 13 -10.93 -12.73 7.05
N ARG A 14 -9.97 -11.90 7.50
CA ARG A 14 -9.94 -11.41 8.88
C ARG A 14 -10.35 -9.95 8.91
N VAL A 15 -10.58 -9.43 10.13
CA VAL A 15 -10.75 -8.01 10.40
C VAL A 15 -9.96 -7.72 11.67
N GLU A 16 -8.74 -7.22 11.51
CA GLU A 16 -7.80 -6.91 12.58
C GLU A 16 -7.88 -5.41 12.86
N MET A 17 -8.87 -5.01 13.66
CA MET A 17 -9.08 -3.62 14.04
C MET A 17 -7.92 -3.13 14.92
N VAL A 18 -7.31 -1.99 14.57
CA VAL A 18 -6.14 -1.41 15.23
C VAL A 18 -6.44 0.05 15.52
N GLU A 19 -5.99 0.55 16.68
CA GLU A 19 -6.21 1.94 17.07
C GLU A 19 -5.21 2.85 16.35
N ARG A 20 -5.67 4.05 15.99
CA ARG A 20 -5.05 4.87 14.96
C ARG A 20 -3.65 5.34 15.37
N ILE A 21 -2.76 5.50 14.37
CA ILE A 21 -1.48 6.15 14.54
C ILE A 21 -1.75 7.59 15.01
N GLU A 22 -1.35 7.94 16.23
CA GLU A 22 -1.33 9.27 16.79
C GLU A 22 -0.09 9.23 17.68
N LEU A 23 1.04 9.81 17.24
CA LEU A 23 2.34 9.65 17.89
C LEU A 23 3.05 11.01 17.96
N SER A 24 4.21 11.02 18.62
CA SER A 24 5.21 12.09 18.50
C SER A 24 6.32 11.60 17.58
N ASP A 25 7.16 12.51 17.07
CA ASP A 25 8.31 12.18 16.22
C ASP A 25 9.23 11.17 16.90
N ASP A 26 9.29 11.21 18.23
CA ASP A 26 10.05 10.36 19.13
C ASP A 26 9.70 8.87 18.96
N GLU A 27 8.48 8.55 18.52
CA GLU A 27 7.93 7.21 18.49
C GLU A 27 8.35 6.47 17.21
N TRP A 28 8.24 7.16 16.07
CA TRP A 28 8.47 6.67 14.70
C TRP A 28 9.89 6.14 14.41
N ARG A 29 10.70 5.90 15.45
CA ARG A 29 12.00 5.27 15.37
C ARG A 29 12.17 4.09 16.31
N GLU A 30 11.27 3.92 17.29
CA GLU A 30 11.43 2.91 18.33
C GLU A 30 10.19 2.04 18.50
N ILE A 31 9.05 2.43 17.91
CA ILE A 31 7.90 1.54 17.78
C ILE A 31 7.63 1.17 16.32
N LEU A 32 8.61 1.42 15.43
CA LEU A 32 8.50 1.24 13.99
C LEU A 32 9.52 0.20 13.52
N ASP A 33 9.42 -0.20 12.23
CA ASP A 33 10.50 -0.94 11.58
C ASP A 33 11.78 -0.08 11.59
N PRO A 34 12.97 -0.68 11.76
CA PRO A 34 14.24 -0.01 11.55
C PRO A 34 14.51 0.26 10.06
N GLU A 35 13.69 -0.34 9.19
CA GLU A 35 13.57 0.02 7.80
C GLU A 35 12.77 1.32 7.66
N ALA A 36 11.62 1.48 8.34
CA ALA A 36 10.82 2.68 8.19
C ALA A 36 11.62 3.92 8.57
N PHE A 37 12.40 3.80 9.65
CA PHE A 37 13.25 4.85 10.17
C PHE A 37 14.26 5.34 9.12
N ARG A 38 14.91 4.44 8.37
CA ARG A 38 15.85 4.83 7.35
C ARG A 38 15.09 5.24 6.08
N VAL A 39 14.05 4.50 5.69
CA VAL A 39 13.15 4.79 4.56
C VAL A 39 12.61 6.22 4.69
N ALA A 40 12.41 6.72 5.90
CA ALA A 40 12.03 8.12 6.11
C ALA A 40 13.06 9.14 5.61
N ARG A 41 14.34 8.78 5.42
CA ARG A 41 15.34 9.67 4.82
C ARG A 41 15.49 9.43 3.32
N LYS A 42 15.30 8.18 2.88
CA LYS A 42 15.62 7.73 1.53
C LYS A 42 14.39 7.57 0.63
N ALA A 43 13.20 7.90 1.15
CA ALA A 43 11.87 7.63 0.58
C ALA A 43 11.62 6.17 0.19
N GLY A 44 12.57 5.26 0.44
CA GLY A 44 12.47 3.83 0.24
C GLY A 44 13.79 3.17 -0.12
N THR A 45 14.64 3.82 -0.93
CA THR A 45 15.92 3.22 -1.33
C THR A 45 16.95 4.32 -1.58
N GLU A 46 18.11 4.17 -0.93
CA GLU A 46 19.32 4.93 -1.21
C GLU A 46 19.89 4.54 -2.59
N PRO A 47 20.24 3.27 -2.86
CA PRO A 47 20.68 2.84 -4.19
C PRO A 47 19.47 2.58 -5.12
N PRO A 48 19.69 2.42 -6.44
CA PRO A 48 18.74 1.75 -7.32
C PRO A 48 18.65 0.25 -6.98
N PHE A 49 17.74 -0.47 -7.66
CA PHE A 49 17.55 -1.91 -7.50
C PHE A 49 17.37 -2.56 -8.87
N THR A 50 17.47 -3.90 -8.91
CA THR A 50 17.31 -4.73 -10.09
C THR A 50 16.56 -5.98 -9.63
N GLY A 51 15.71 -6.55 -10.50
CA GLY A 51 14.92 -7.73 -10.19
C GLY A 51 14.19 -8.25 -11.42
N LYS A 52 14.94 -8.54 -12.49
CA LYS A 52 14.37 -8.96 -13.78
C LYS A 52 13.50 -10.22 -13.68
N TYR A 53 13.78 -11.07 -12.70
CA TYR A 53 12.97 -12.20 -12.27
C TYR A 53 13.31 -12.43 -10.79
N HIS A 54 12.49 -13.24 -10.12
CA HIS A 54 12.74 -13.77 -8.78
C HIS A 54 12.08 -15.14 -8.69
N ASP A 55 10.76 -15.14 -8.88
CA ASP A 55 9.88 -16.30 -8.98
C ASP A 55 8.76 -15.94 -9.99
N LEU A 56 7.69 -16.73 -10.06
CA LEU A 56 6.53 -16.48 -10.91
C LEU A 56 5.25 -16.96 -10.22
N HIS A 57 5.10 -16.68 -8.91
CA HIS A 57 3.97 -17.13 -8.10
C HIS A 57 3.36 -15.96 -7.30
N ASP A 58 2.37 -16.30 -6.49
CA ASP A 58 1.49 -15.45 -5.71
C ASP A 58 1.87 -15.52 -4.24
N ASP A 59 2.58 -14.51 -3.74
CA ASP A 59 2.74 -14.27 -2.30
C ASP A 59 2.71 -12.76 -2.07
N GLY A 60 2.29 -12.37 -0.87
CA GLY A 60 2.55 -11.11 -0.26
C GLY A 60 1.32 -10.25 -0.11
N ILE A 61 1.40 -9.38 0.90
CA ILE A 61 0.54 -8.23 1.07
C ILE A 61 1.47 -7.04 1.32
N TYR A 62 1.03 -5.83 0.99
CA TYR A 62 1.82 -4.64 1.26
C TYR A 62 1.58 -4.22 2.72
N ARG A 63 2.65 -4.06 3.47
CA ARG A 63 2.65 -3.26 4.68
C ARG A 63 2.79 -1.82 4.19
N CYS A 64 1.75 -1.02 4.42
CA CYS A 64 1.85 0.43 4.37
C CYS A 64 2.77 0.82 5.53
N ILE A 65 4.08 0.79 5.28
CA ILE A 65 5.07 0.91 6.35
C ILE A 65 5.01 2.31 6.98
N CYS A 66 4.50 3.28 6.21
CA CYS A 66 4.15 4.62 6.64
C CYS A 66 3.07 4.65 7.73
N CYS A 67 2.42 3.52 8.05
CA CYS A 67 1.68 3.34 9.30
C CYS A 67 1.91 1.94 9.88
N GLY A 68 2.94 1.21 9.43
CA GLY A 68 3.25 -0.15 9.85
C GLY A 68 2.10 -1.14 9.65
N THR A 69 1.10 -0.81 8.83
CA THR A 69 -0.19 -1.50 8.77
C THR A 69 -0.41 -2.04 7.36
N ASP A 70 -1.02 -3.22 7.22
CA ASP A 70 -1.18 -3.86 5.92
C ASP A 70 -2.22 -3.19 5.04
N LEU A 71 -2.19 -3.60 3.77
CA LEU A 71 -3.08 -3.33 2.64
C LEU A 71 -2.51 -4.01 1.37
N PHE A 72 -2.93 -3.56 0.17
CA PHE A 72 -2.83 -4.13 -1.19
C PHE A 72 -2.13 -5.51 -1.31
N ASP A 73 -2.91 -6.55 -1.57
CA ASP A 73 -2.45 -7.90 -1.89
C ASP A 73 -1.69 -7.91 -3.22
N SER A 74 -0.65 -8.76 -3.30
CA SER A 74 0.20 -8.86 -4.51
C SER A 74 -0.60 -9.17 -5.78
N GLU A 75 -1.72 -9.90 -5.67
CA GLU A 75 -2.50 -10.35 -6.83
C GLU A 75 -3.12 -9.19 -7.62
N THR A 76 -3.30 -8.02 -7.00
CA THR A 76 -3.76 -6.84 -7.73
C THR A 76 -2.59 -5.98 -8.23
N LYS A 77 -1.36 -6.32 -7.82
CA LYS A 77 -0.18 -5.45 -7.81
C LYS A 77 0.97 -6.17 -8.55
N PHE A 78 0.67 -6.71 -9.73
CA PHE A 78 1.54 -7.64 -10.43
C PHE A 78 1.98 -7.03 -11.78
N ASP A 79 2.68 -5.90 -11.71
CA ASP A 79 3.18 -5.20 -12.89
C ASP A 79 4.27 -6.04 -13.56
N SER A 80 3.91 -6.80 -14.58
CA SER A 80 4.74 -7.89 -15.11
C SER A 80 6.12 -7.40 -15.55
N GLY A 81 7.18 -7.92 -14.92
CA GLY A 81 8.56 -7.57 -15.21
C GLY A 81 9.00 -6.29 -14.51
N THR A 82 8.22 -5.20 -14.63
CA THR A 82 8.52 -3.93 -14.00
C THR A 82 8.48 -4.02 -12.48
N GLY A 83 7.44 -4.71 -12.00
CA GLY A 83 6.87 -4.67 -10.68
C GLY A 83 6.73 -3.26 -10.08
N TRP A 84 6.44 -2.27 -10.92
CA TRP A 84 6.17 -0.89 -10.56
C TRP A 84 5.12 -0.82 -9.44
N PRO A 85 5.15 0.20 -8.56
CA PRO A 85 4.21 0.33 -7.44
C PRO A 85 2.83 0.80 -7.94
N SER A 86 2.16 -0.09 -8.65
CA SER A 86 0.87 0.12 -9.27
C SER A 86 0.07 -1.16 -9.20
N PHE A 87 -1.25 -1.02 -9.20
CA PHE A 87 -2.20 -2.11 -9.08
C PHE A 87 -3.41 -1.81 -9.95
N TYR A 88 -4.29 -2.79 -10.16
CA TYR A 88 -5.51 -2.63 -10.96
C TYR A 88 -6.78 -2.80 -10.12
N ASP A 89 -6.69 -3.26 -8.87
CA ASP A 89 -7.83 -3.49 -7.99
C ASP A 89 -7.30 -3.44 -6.54
N VAL A 90 -8.20 -3.54 -5.55
CA VAL A 90 -7.92 -3.16 -4.17
C VAL A 90 -8.22 -4.31 -3.21
N VAL A 91 -7.46 -4.35 -2.11
CA VAL A 91 -7.65 -5.22 -0.96
C VAL A 91 -9.06 -5.04 -0.36
N SER A 92 -9.43 -3.80 -0.01
CA SER A 92 -10.71 -3.29 0.49
C SER A 92 -10.47 -1.85 0.96
N GLU A 93 -11.55 -1.08 1.15
CA GLU A 93 -11.54 0.27 1.72
C GLU A 93 -11.36 0.19 3.24
N HIS A 94 -10.20 -0.32 3.69
CA HIS A 94 -9.95 -0.65 5.09
C HIS A 94 -8.85 0.26 5.64
N ASN A 95 -7.69 0.29 4.98
CA ASN A 95 -6.55 1.11 5.34
C ASN A 95 -6.15 2.07 4.21
N ILE A 96 -7.01 2.25 3.20
CA ILE A 96 -6.79 3.09 2.03
C ILE A 96 -7.97 4.07 1.91
N LYS A 97 -7.70 5.25 1.33
CA LYS A 97 -8.60 6.39 1.21
C LYS A 97 -8.76 6.79 -0.26
N LEU A 98 -9.94 7.33 -0.58
CA LEU A 98 -10.48 7.56 -1.91
C LEU A 98 -11.32 8.85 -1.93
N ARG A 99 -11.16 9.65 -2.98
CA ARG A 99 -12.04 10.69 -3.50
C ARG A 99 -11.99 10.56 -5.02
N GLU A 100 -13.12 10.25 -5.66
CA GLU A 100 -13.21 10.00 -7.10
C GLU A 100 -13.83 11.19 -7.82
N ASP A 101 -13.34 11.45 -9.04
CA ASP A 101 -13.66 12.56 -9.91
C ASP A 101 -13.43 12.11 -11.37
N ARG A 102 -13.68 12.99 -12.34
CA ARG A 102 -13.38 12.76 -13.75
C ARG A 102 -12.15 13.57 -14.21
N SER A 103 -11.22 13.90 -13.30
CA SER A 103 -10.25 14.99 -13.46
C SER A 103 -9.42 14.94 -14.74
N LEU A 104 -9.00 13.73 -15.16
CA LEU A 104 -8.19 13.56 -16.36
C LEU A 104 -9.01 13.68 -17.65
N GLY A 105 -10.35 13.74 -17.53
CA GLY A 105 -11.29 13.62 -18.63
C GLY A 105 -12.01 12.26 -18.64
N MET A 106 -11.83 11.39 -17.63
CA MET A 106 -12.48 10.08 -17.62
C MET A 106 -12.82 9.69 -16.18
N VAL A 107 -11.94 9.00 -15.46
CA VAL A 107 -12.07 8.70 -14.05
C VAL A 107 -10.69 8.87 -13.46
N ARG A 108 -10.58 9.80 -12.52
CA ARG A 108 -9.44 9.92 -11.62
C ARG A 108 -9.93 9.80 -10.18
N CYS A 109 -9.34 8.93 -9.37
CA CYS A 109 -9.58 8.92 -7.94
C CYS A 109 -8.23 9.05 -7.24
N GLU A 110 -8.16 9.78 -6.13
CA GLU A 110 -6.94 9.76 -5.31
C GLU A 110 -6.77 8.38 -4.66
N VAL A 111 -5.56 8.09 -4.20
CA VAL A 111 -5.24 6.93 -3.36
C VAL A 111 -4.33 7.47 -2.28
N LEU A 112 -4.81 7.57 -1.04
CA LEU A 112 -3.97 7.83 0.13
C LEU A 112 -4.22 6.72 1.15
N CYS A 113 -3.46 6.68 2.24
CA CYS A 113 -3.77 5.77 3.33
C CYS A 113 -5.04 6.27 4.05
N ALA A 114 -5.73 5.39 4.79
CA ALA A 114 -6.82 5.77 5.69
C ALA A 114 -6.31 6.29 7.04
N ARG A 115 -5.04 6.08 7.37
CA ARG A 115 -4.39 6.62 8.56
C ARG A 115 -3.26 7.59 8.27
N CYS A 116 -2.23 7.15 7.53
CA CYS A 116 -1.05 7.97 7.29
C CYS A 116 -1.24 8.69 5.95
N ASP A 117 -2.27 9.55 5.85
CA ASP A 117 -2.82 10.19 4.64
C ASP A 117 -1.84 11.19 3.97
N ALA A 118 -0.60 10.77 3.69
CA ALA A 118 0.51 11.64 3.32
C ALA A 118 0.61 11.86 1.80
N HIS A 119 1.03 10.84 1.06
CA HIS A 119 1.49 10.98 -0.33
C HIS A 119 0.78 9.92 -1.18
N LEU A 120 1.32 8.70 -1.22
CA LEU A 120 0.86 7.55 -1.98
C LEU A 120 0.66 7.95 -3.44
N GLY A 121 -0.57 8.06 -3.92
CA GLY A 121 -0.81 8.46 -5.30
C GLY A 121 -2.28 8.54 -5.66
N HIS A 122 -2.66 7.84 -6.74
CA HIS A 122 -3.98 7.96 -7.34
C HIS A 122 -4.26 6.76 -8.24
N VAL A 123 -5.45 6.71 -8.84
CA VAL A 123 -5.83 5.75 -9.85
C VAL A 123 -6.40 6.48 -11.06
N PHE A 124 -6.11 5.95 -12.25
CA PHE A 124 -6.66 6.52 -13.49
C PHE A 124 -7.19 5.41 -14.40
N ASP A 125 -8.20 5.74 -15.20
CA ASP A 125 -8.77 4.86 -16.23
C ASP A 125 -7.70 4.59 -17.31
N ASP A 126 -7.15 3.36 -17.34
CA ASP A 126 -5.99 2.99 -18.14
C ASP A 126 -5.80 1.47 -18.17
N GLY A 127 -5.85 0.82 -16.99
CA GLY A 127 -5.51 -0.57 -16.81
C GLY A 127 -6.44 -1.54 -17.55
N PRO A 128 -6.10 -2.84 -17.57
CA PRO A 128 -6.91 -3.84 -18.25
C PRO A 128 -8.25 -4.07 -17.52
N ARG A 129 -9.17 -4.77 -18.19
CA ARG A 129 -10.31 -5.37 -17.50
C ARG A 129 -9.75 -6.40 -16.48
N PRO A 130 -10.45 -6.67 -15.36
CA PRO A 130 -11.85 -6.32 -15.07
C PRO A 130 -12.09 -4.83 -14.83
N THR A 131 -11.28 -4.18 -14.00
CA THR A 131 -11.55 -2.85 -13.47
C THR A 131 -11.37 -1.72 -14.48
N GLY A 132 -10.51 -1.89 -15.50
CA GLY A 132 -10.25 -0.86 -16.51
C GLY A 132 -9.35 0.27 -16.00
N LYS A 133 -8.79 0.16 -14.78
CA LYS A 133 -8.12 1.28 -14.12
C LYS A 133 -6.75 0.86 -13.59
N ARG A 134 -5.87 1.85 -13.42
CA ARG A 134 -4.49 1.70 -12.99
C ARG A 134 -4.28 2.58 -11.77
N TYR A 135 -4.22 1.95 -10.59
CA TYR A 135 -3.78 2.56 -9.34
C TYR A 135 -2.26 2.70 -9.42
N CYS A 136 -1.71 3.79 -8.90
CA CYS A 136 -0.29 4.12 -8.89
C CYS A 136 0.01 4.82 -7.56
N MET A 137 1.11 4.44 -6.91
CA MET A 137 1.46 4.93 -5.58
C MET A 137 2.97 5.07 -5.49
N ASN A 138 3.40 6.14 -4.82
CA ASN A 138 4.78 6.58 -4.76
C ASN A 138 5.05 7.22 -3.40
N SER A 139 5.54 6.41 -2.47
CA SER A 139 6.09 6.88 -1.21
C SER A 139 6.91 5.73 -0.61
N ALA A 140 7.37 5.93 0.62
CA ALA A 140 7.96 4.91 1.47
C ALA A 140 7.06 3.71 1.72
N ALA A 141 5.74 3.84 1.56
CA ALA A 141 4.67 2.95 2.04
C ALA A 141 4.62 1.55 1.39
N LEU A 142 5.75 1.03 0.88
CA LEU A 142 5.79 -0.08 -0.07
C LEU A 142 6.60 -1.27 0.48
N LYS A 143 6.48 -1.56 1.78
CA LYS A 143 7.10 -2.74 2.39
C LYS A 143 6.29 -3.96 1.98
N PHE A 144 6.82 -4.82 1.12
CA PHE A 144 6.26 -6.16 0.99
C PHE A 144 6.44 -6.92 2.30
N ILE A 145 5.43 -7.68 2.70
CA ILE A 145 5.58 -8.78 3.65
C ILE A 145 4.95 -10.04 3.02
N PRO A 146 5.21 -11.24 3.55
CA PRO A 146 4.46 -12.46 3.22
C PRO A 146 2.95 -12.29 3.39
N ARG A 147 2.20 -13.22 2.78
CA ARG A 147 0.74 -13.44 2.85
C ARG A 147 0.05 -12.74 4.02
N ASP A 148 0.50 -12.94 5.26
CA ASP A 148 0.28 -12.10 6.41
C ASP A 148 1.37 -12.30 7.47
N GLN A 149 1.42 -13.48 8.10
CA GLN A 149 2.16 -13.74 9.34
C GLN A 149 2.75 -15.17 9.32
N ILE A 150 2.55 -15.90 8.23
CA ILE A 150 2.86 -17.32 8.08
C ILE A 150 4.35 -17.67 8.11
N GLY A 151 5.22 -16.68 7.88
CA GLY A 151 6.66 -16.84 7.82
C GLY A 151 7.22 -15.93 6.74
ZN ZN B . -0.62 3.71 5.76
N MET A 1 -10.70 12.41 11.97
CA MET A 1 -10.05 11.12 11.85
C MET A 1 -9.21 10.88 13.10
N LYS A 2 -9.84 10.39 14.18
CA LYS A 2 -9.18 10.02 15.44
C LYS A 2 -9.95 8.83 16.03
N ASP A 3 -10.00 7.76 15.24
CA ASP A 3 -10.94 6.66 15.38
C ASP A 3 -10.18 5.35 15.20
N ARG A 4 -10.90 4.29 14.86
CA ARG A 4 -10.34 3.02 14.44
C ARG A 4 -10.75 2.72 13.03
N ILE A 5 -10.01 1.79 12.43
CA ILE A 5 -10.15 1.37 11.06
C ILE A 5 -10.07 -0.16 10.91
N PRO A 6 -10.79 -0.76 9.95
CA PRO A 6 -10.70 -2.17 9.63
C PRO A 6 -9.48 -2.47 8.74
N ILE A 7 -8.73 -3.51 9.08
CA ILE A 7 -7.56 -4.01 8.38
C ILE A 7 -7.95 -5.40 7.87
N PHE A 8 -8.30 -5.51 6.59
CA PHE A 8 -8.72 -6.77 5.98
C PHE A 8 -7.56 -7.34 5.19
N SER A 9 -7.17 -8.58 5.50
CA SER A 9 -6.15 -9.30 4.77
C SER A 9 -6.85 -10.30 3.85
N VAL A 10 -7.22 -9.86 2.64
CA VAL A 10 -7.92 -10.69 1.65
C VAL A 10 -7.16 -11.99 1.39
N ALA A 11 -5.83 -11.90 1.33
CA ALA A 11 -4.87 -12.98 1.12
C ALA A 11 -5.03 -14.17 2.08
N LYS A 12 -5.59 -13.94 3.27
CA LYS A 12 -5.92 -14.92 4.29
C LYS A 12 -7.40 -14.85 4.69
N ASN A 13 -8.21 -14.05 3.98
CA ASN A 13 -9.51 -13.53 4.37
C ASN A 13 -9.59 -13.27 5.88
N ARG A 14 -8.77 -12.34 6.41
CA ARG A 14 -8.87 -11.96 7.83
C ARG A 14 -9.42 -10.54 7.92
N VAL A 15 -9.86 -10.16 9.12
CA VAL A 15 -10.00 -8.78 9.51
C VAL A 15 -9.42 -8.65 10.91
N GLU A 16 -8.79 -7.52 11.19
CA GLU A 16 -8.56 -7.00 12.52
C GLU A 16 -8.85 -5.50 12.47
N MET A 17 -9.00 -4.83 13.62
CA MET A 17 -9.47 -3.45 13.70
C MET A 17 -8.46 -2.65 14.52
N VAL A 18 -7.83 -1.65 13.90
CA VAL A 18 -6.58 -1.02 14.35
C VAL A 18 -6.83 0.48 14.42
N GLU A 19 -6.32 1.15 15.45
CA GLU A 19 -6.68 2.54 15.71
C GLU A 19 -5.77 3.52 14.98
N ARG A 20 -6.35 4.66 14.62
CA ARG A 20 -5.79 5.56 13.62
C ARG A 20 -4.49 6.15 14.17
N ILE A 21 -3.53 6.39 13.26
CA ILE A 21 -2.16 6.71 13.64
C ILE A 21 -2.17 8.09 14.32
N GLU A 22 -1.75 8.16 15.58
CA GLU A 22 -1.54 9.37 16.34
C GLU A 22 -0.24 9.21 17.12
N LEU A 23 0.82 9.84 16.62
CA LEU A 23 2.09 10.09 17.27
C LEU A 23 2.45 11.54 16.99
N SER A 24 3.57 12.01 17.55
CA SER A 24 3.97 13.42 17.40
C SER A 24 5.43 13.72 17.72
N ASP A 25 6.18 12.82 18.36
CA ASP A 25 7.52 13.08 18.86
C ASP A 25 8.52 12.14 18.18
N ASP A 26 9.58 11.69 18.87
CA ASP A 26 10.59 10.74 18.37
C ASP A 26 10.02 9.36 18.04
N GLU A 27 8.70 9.20 18.12
CA GLU A 27 8.01 7.94 18.19
C GLU A 27 8.24 7.13 16.91
N TRP A 28 8.15 7.78 15.74
CA TRP A 28 8.40 7.27 14.39
C TRP A 28 9.89 6.97 14.16
N ARG A 29 10.53 6.33 15.12
CA ARG A 29 11.78 5.59 14.98
C ARG A 29 11.86 4.55 16.08
N GLU A 30 11.51 4.93 17.32
CA GLU A 30 11.62 4.00 18.44
C GLU A 30 10.48 2.96 18.42
N ILE A 31 9.31 3.27 17.86
CA ILE A 31 8.20 2.32 17.73
C ILE A 31 7.96 1.91 16.26
N LEU A 32 9.01 1.94 15.44
CA LEU A 32 8.98 1.62 14.02
C LEU A 32 9.87 0.42 13.70
N ASP A 33 9.70 -0.14 12.50
CA ASP A 33 10.69 -1.04 11.92
C ASP A 33 12.02 -0.28 11.75
N PRO A 34 13.18 -0.96 11.90
CA PRO A 34 14.47 -0.38 11.54
C PRO A 34 14.61 -0.17 10.03
N GLU A 35 13.67 -0.70 9.25
CA GLU A 35 13.43 -0.37 7.86
C GLU A 35 12.65 0.95 7.78
N ALA A 36 11.52 1.10 8.47
CA ALA A 36 10.70 2.31 8.35
C ALA A 36 11.51 3.56 8.72
N PHE A 37 12.38 3.42 9.73
CA PHE A 37 13.33 4.44 10.14
C PHE A 37 14.19 4.93 8.98
N ARG A 38 14.83 4.02 8.25
CA ARG A 38 15.68 4.41 7.14
C ARG A 38 14.82 4.79 5.95
N VAL A 39 13.80 4.00 5.60
CA VAL A 39 12.91 4.25 4.48
C VAL A 39 12.32 5.66 4.57
N ALA A 40 12.11 6.19 5.78
CA ALA A 40 11.67 7.57 5.95
C ALA A 40 12.65 8.65 5.47
N ARG A 41 13.95 8.36 5.29
CA ARG A 41 14.92 9.32 4.75
C ARG A 41 15.25 9.05 3.28
N LYS A 42 15.32 7.79 2.85
CA LYS A 42 15.70 7.37 1.50
C LYS A 42 14.49 7.09 0.60
N ALA A 43 13.27 7.30 1.10
CA ALA A 43 11.98 6.97 0.48
C ALA A 43 11.83 5.50 0.03
N GLY A 44 12.73 4.62 0.48
CA GLY A 44 12.72 3.19 0.20
C GLY A 44 14.15 2.66 0.24
N THR A 45 14.86 2.74 -0.89
CA THR A 45 16.15 2.09 -1.04
C THR A 45 17.13 3.14 -1.57
N GLU A 46 18.23 3.34 -0.83
CA GLU A 46 19.35 4.19 -1.24
C GLU A 46 19.93 3.69 -2.58
N PRO A 47 20.46 2.45 -2.69
CA PRO A 47 20.81 1.86 -3.97
C PRO A 47 19.56 1.38 -4.74
N PRO A 48 19.68 0.95 -6.00
CA PRO A 48 18.63 0.22 -6.69
C PRO A 48 18.36 -1.14 -6.01
N PHE A 49 17.28 -1.81 -6.42
CA PHE A 49 16.79 -3.04 -5.79
C PHE A 49 16.30 -4.02 -6.87
N THR A 50 16.05 -5.27 -6.47
CA THR A 50 15.71 -6.39 -7.34
C THR A 50 14.69 -7.25 -6.60
N GLY A 51 13.86 -8.03 -7.32
CA GLY A 51 12.87 -8.96 -6.77
C GLY A 51 13.48 -10.20 -6.10
N LYS A 52 14.63 -10.06 -5.43
CA LYS A 52 15.46 -11.13 -4.87
C LYS A 52 14.63 -12.06 -3.96
N TYR A 53 13.67 -11.49 -3.23
CA TYR A 53 12.89 -12.21 -2.24
C TYR A 53 11.86 -13.16 -2.88
N HIS A 54 11.20 -12.75 -3.98
CA HIS A 54 10.23 -13.57 -4.67
C HIS A 54 9.88 -12.95 -6.04
N ASP A 55 9.91 -13.77 -7.09
CA ASP A 55 9.23 -13.54 -8.35
C ASP A 55 9.03 -14.93 -8.97
N LEU A 56 7.96 -15.63 -8.55
CA LEU A 56 7.78 -17.05 -8.86
C LEU A 56 6.34 -17.56 -8.80
N HIS A 57 5.52 -17.12 -7.82
CA HIS A 57 4.14 -17.55 -7.64
C HIS A 57 3.40 -16.50 -6.79
N ASP A 58 2.11 -16.73 -6.59
CA ASP A 58 1.09 -15.77 -6.20
C ASP A 58 1.06 -15.64 -4.67
N ASP A 59 2.17 -15.16 -4.11
CA ASP A 59 2.23 -14.83 -2.70
C ASP A 59 2.95 -13.51 -2.43
N GLY A 60 2.65 -12.99 -1.23
CA GLY A 60 3.08 -11.74 -0.67
C GLY A 60 1.95 -10.72 -0.75
N ILE A 61 1.97 -9.73 0.14
CA ILE A 61 1.07 -8.59 0.15
C ILE A 61 1.85 -7.33 0.52
N TYR A 62 1.18 -6.18 0.47
CA TYR A 62 1.75 -4.87 0.74
C TYR A 62 1.41 -4.43 2.17
N ARG A 63 2.43 -4.45 3.02
CA ARG A 63 2.45 -3.67 4.25
C ARG A 63 2.58 -2.21 3.84
N CYS A 64 1.63 -1.37 4.26
CA CYS A 64 1.88 0.06 4.33
C CYS A 64 2.82 0.26 5.52
N ILE A 65 4.13 0.22 5.27
CA ILE A 65 5.13 0.42 6.32
C ILE A 65 5.05 1.84 6.90
N CYS A 66 4.48 2.79 6.15
CA CYS A 66 4.25 4.18 6.53
C CYS A 66 3.11 4.31 7.56
N CYS A 67 2.47 3.21 7.97
CA CYS A 67 1.69 3.17 9.20
C CYS A 67 1.79 1.83 9.94
N GLY A 68 2.69 0.93 9.53
CA GLY A 68 2.84 -0.40 10.11
C GLY A 68 1.53 -1.18 10.03
N THR A 69 0.95 -1.32 8.84
CA THR A 69 -0.32 -2.04 8.63
C THR A 69 -0.31 -2.60 7.20
N ASP A 70 -1.36 -3.32 6.76
CA ASP A 70 -1.35 -4.19 5.59
C ASP A 70 -2.59 -3.88 4.76
N LEU A 71 -2.45 -3.88 3.42
CA LEU A 71 -3.58 -3.66 2.53
C LEU A 71 -3.44 -4.35 1.18
N PHE A 72 -2.84 -3.72 0.17
CA PHE A 72 -2.81 -4.20 -1.22
C PHE A 72 -2.27 -5.64 -1.35
N ASP A 73 -2.71 -6.36 -2.37
CA ASP A 73 -2.52 -7.81 -2.52
C ASP A 73 -1.88 -8.17 -3.87
N SER A 74 -1.12 -9.27 -3.92
CA SER A 74 -0.48 -9.74 -5.15
C SER A 74 -1.47 -10.05 -6.29
N GLU A 75 -2.75 -10.34 -6.02
CA GLU A 75 -3.74 -10.64 -7.06
C GLU A 75 -3.94 -9.48 -8.05
N THR A 76 -3.55 -8.27 -7.63
CA THR A 76 -3.65 -7.04 -8.39
C THR A 76 -2.26 -6.41 -8.63
N LYS A 77 -1.19 -6.99 -8.06
CA LYS A 77 0.17 -6.46 -8.13
C LYS A 77 0.94 -7.13 -9.27
N PHE A 78 0.96 -6.50 -10.46
CA PHE A 78 1.94 -6.85 -11.49
C PHE A 78 3.33 -6.54 -10.95
N ASP A 79 4.25 -7.50 -10.99
CA ASP A 79 5.51 -7.57 -10.25
C ASP A 79 6.51 -8.30 -11.14
N SER A 80 6.19 -9.54 -11.51
CA SER A 80 6.89 -10.32 -12.52
C SER A 80 7.03 -9.55 -13.83
N GLY A 81 8.28 -9.19 -14.18
CA GLY A 81 8.67 -8.54 -15.42
C GLY A 81 8.22 -7.08 -15.55
N THR A 82 6.98 -6.77 -15.18
CA THR A 82 6.40 -5.43 -15.22
C THR A 82 6.84 -4.67 -13.95
N GLY A 83 6.30 -5.04 -12.79
CA GLY A 83 6.71 -4.60 -11.47
C GLY A 83 6.87 -3.10 -11.34
N TRP A 84 5.87 -2.39 -11.88
CA TRP A 84 5.68 -0.98 -11.65
C TRP A 84 4.70 -0.83 -10.47
N PRO A 85 4.78 0.21 -9.62
CA PRO A 85 3.85 0.41 -8.51
C PRO A 85 2.51 0.96 -9.02
N SER A 86 1.80 0.09 -9.76
CA SER A 86 0.43 0.30 -10.17
C SER A 86 -0.34 -1.01 -10.03
N PHE A 87 -1.63 -0.88 -9.76
CA PHE A 87 -2.58 -1.96 -9.54
C PHE A 87 -3.80 -1.71 -10.45
N TYR A 88 -4.67 -2.71 -10.62
CA TYR A 88 -5.86 -2.59 -11.47
C TYR A 88 -7.16 -2.89 -10.74
N ASP A 89 -7.06 -3.53 -9.58
CA ASP A 89 -8.13 -3.86 -8.66
C ASP A 89 -7.57 -3.65 -7.26
N VAL A 90 -8.39 -3.80 -6.22
CA VAL A 90 -7.99 -3.39 -4.89
C VAL A 90 -8.56 -4.33 -3.82
N VAL A 91 -7.87 -4.33 -2.68
CA VAL A 91 -8.16 -5.20 -1.54
C VAL A 91 -9.56 -4.94 -0.97
N SER A 92 -10.01 -3.67 -0.99
CA SER A 92 -11.18 -3.04 -0.36
C SER A 92 -10.75 -1.66 0.16
N GLU A 93 -11.68 -0.71 0.23
CA GLU A 93 -11.47 0.66 0.69
C GLU A 93 -11.36 0.72 2.22
N HIS A 94 -10.48 -0.10 2.80
CA HIS A 94 -10.42 -0.37 4.24
C HIS A 94 -9.22 0.37 4.85
N ASN A 95 -8.03 0.23 4.25
CA ASN A 95 -6.86 1.07 4.51
C ASN A 95 -6.33 1.71 3.21
N ILE A 96 -7.18 1.83 2.20
CA ILE A 96 -6.96 2.67 1.04
C ILE A 96 -8.23 3.50 0.89
N LYS A 97 -8.04 4.83 0.86
CA LYS A 97 -9.07 5.83 0.75
C LYS A 97 -9.05 6.35 -0.68
N LEU A 98 -10.23 6.76 -1.16
CA LEU A 98 -10.41 7.51 -2.39
C LEU A 98 -11.38 8.67 -2.14
N ARG A 99 -11.32 9.66 -3.03
CA ARG A 99 -12.27 10.73 -3.33
C ARG A 99 -12.34 10.70 -4.85
N GLU A 100 -13.54 10.68 -5.43
CA GLU A 100 -13.73 10.81 -6.86
C GLU A 100 -13.32 12.21 -7.30
N ASP A 101 -12.68 12.25 -8.46
CA ASP A 101 -12.56 13.41 -9.32
C ASP A 101 -12.66 12.82 -10.73
N ARG A 102 -12.74 13.68 -11.74
CA ARG A 102 -12.97 13.39 -13.15
C ARG A 102 -11.94 14.11 -14.02
N SER A 103 -10.85 14.51 -13.38
CA SER A 103 -9.89 15.54 -13.79
C SER A 103 -9.31 15.33 -15.19
N LEU A 104 -9.03 14.08 -15.57
CA LEU A 104 -8.45 13.77 -16.87
C LEU A 104 -9.49 13.88 -18.00
N GLY A 105 -10.77 14.05 -17.67
CA GLY A 105 -11.89 13.95 -18.58
C GLY A 105 -12.68 12.65 -18.40
N MET A 106 -12.34 11.80 -17.42
CA MET A 106 -13.05 10.54 -17.15
C MET A 106 -13.16 10.36 -15.64
N VAL A 107 -12.31 9.57 -14.98
CA VAL A 107 -12.45 9.27 -13.57
C VAL A 107 -11.06 9.18 -12.95
N ARG A 108 -10.68 10.26 -12.28
CA ARG A 108 -9.37 10.45 -11.67
C ARG A 108 -9.47 10.51 -10.15
N CYS A 109 -9.96 9.43 -9.54
CA CYS A 109 -10.16 9.37 -8.09
C CYS A 109 -8.79 9.33 -7.41
N GLU A 110 -8.59 10.08 -6.31
CA GLU A 110 -7.36 9.97 -5.54
C GLU A 110 -7.22 8.58 -4.92
N VAL A 111 -5.99 8.18 -4.56
CA VAL A 111 -5.66 6.90 -3.94
C VAL A 111 -4.61 7.20 -2.88
N LEU A 112 -5.03 7.23 -1.61
CA LEU A 112 -4.11 7.42 -0.48
C LEU A 112 -4.42 6.36 0.58
N CYS A 113 -3.48 6.09 1.49
CA CYS A 113 -3.69 5.14 2.57
C CYS A 113 -4.66 5.73 3.58
N ALA A 114 -5.72 4.98 3.93
CA ALA A 114 -6.84 5.52 4.72
C ALA A 114 -6.46 5.75 6.18
N ARG A 115 -5.38 5.12 6.67
CA ARG A 115 -4.73 5.39 7.95
C ARG A 115 -3.83 6.62 7.89
N CYS A 116 -3.15 6.81 6.77
CA CYS A 116 -2.05 7.75 6.60
C CYS A 116 -2.09 8.27 5.16
N ASP A 117 -2.82 9.38 4.97
CA ASP A 117 -3.03 10.11 3.73
C ASP A 117 -1.72 10.71 3.17
N ALA A 118 -0.70 9.87 2.95
CA ALA A 118 0.69 10.32 2.88
C ALA A 118 1.11 11.05 1.58
N HIS A 119 1.33 10.31 0.50
CA HIS A 119 1.64 10.81 -0.82
C HIS A 119 0.84 9.96 -1.80
N LEU A 120 1.29 8.72 -1.99
CA LEU A 120 0.62 7.64 -2.69
C LEU A 120 0.31 8.12 -4.11
N GLY A 121 -0.96 8.30 -4.49
CA GLY A 121 -1.29 8.81 -5.81
C GLY A 121 -2.78 8.81 -6.12
N HIS A 122 -3.17 8.21 -7.25
CA HIS A 122 -4.54 8.23 -7.73
C HIS A 122 -4.83 7.03 -8.64
N VAL A 123 -6.09 6.84 -9.04
CA VAL A 123 -6.50 5.88 -10.06
C VAL A 123 -7.04 6.65 -11.25
N PHE A 124 -6.79 6.13 -12.46
CA PHE A 124 -7.26 6.70 -13.70
C PHE A 124 -7.60 5.60 -14.71
N ASP A 125 -8.45 5.93 -15.67
CA ASP A 125 -8.92 5.05 -16.75
C ASP A 125 -7.76 4.80 -17.73
N ASP A 126 -7.12 3.63 -17.66
CA ASP A 126 -5.90 3.32 -18.41
C ASP A 126 -5.61 1.82 -18.39
N GLY A 127 -5.66 1.21 -17.20
CA GLY A 127 -5.29 -0.18 -17.00
C GLY A 127 -6.23 -1.16 -17.69
N PRO A 128 -5.89 -2.46 -17.69
CA PRO A 128 -6.59 -3.46 -18.48
C PRO A 128 -7.98 -3.76 -17.90
N ARG A 129 -8.81 -4.48 -18.67
CA ARG A 129 -9.96 -5.18 -18.11
C ARG A 129 -9.43 -6.19 -17.08
N PRO A 130 -10.21 -6.55 -16.02
CA PRO A 130 -11.64 -6.34 -15.87
C PRO A 130 -12.05 -4.88 -15.63
N THR A 131 -11.32 -4.16 -14.80
CA THR A 131 -11.71 -2.86 -14.30
C THR A 131 -11.52 -1.71 -15.31
N GLY A 132 -10.55 -1.81 -16.21
CA GLY A 132 -10.23 -0.72 -17.13
C GLY A 132 -9.47 0.45 -16.48
N LYS A 133 -8.93 0.28 -15.27
CA LYS A 133 -8.33 1.37 -14.49
C LYS A 133 -6.94 1.00 -14.02
N ARG A 134 -6.13 2.03 -13.78
CA ARG A 134 -4.79 1.94 -13.23
C ARG A 134 -4.80 2.76 -11.96
N TYR A 135 -4.79 2.08 -10.81
CA TYR A 135 -4.39 2.65 -9.54
C TYR A 135 -2.87 2.82 -9.62
N CYS A 136 -2.33 4.01 -9.34
CA CYS A 136 -0.90 4.28 -9.37
C CYS A 136 -0.55 5.10 -8.14
N MET A 137 0.44 4.64 -7.35
CA MET A 137 0.83 5.27 -6.11
C MET A 137 2.34 5.12 -5.91
N ASN A 138 2.97 6.10 -5.27
CA ASN A 138 4.39 6.07 -4.91
C ASN A 138 4.54 6.70 -3.54
N SER A 139 5.24 6.02 -2.63
CA SER A 139 5.71 6.54 -1.36
C SER A 139 6.69 5.53 -0.77
N ALA A 140 7.31 5.89 0.35
CA ALA A 140 8.08 4.99 1.20
C ALA A 140 7.22 3.87 1.81
N ALA A 141 5.88 3.92 1.68
CA ALA A 141 4.95 2.99 2.30
C ALA A 141 4.99 1.58 1.69
N LEU A 142 5.50 1.41 0.47
CA LEU A 142 5.23 0.23 -0.34
C LEU A 142 6.15 -0.94 0.03
N LYS A 143 5.89 -1.57 1.18
CA LYS A 143 6.69 -2.69 1.69
C LYS A 143 6.00 -4.01 1.34
N PHE A 144 6.66 -4.88 0.57
CA PHE A 144 6.25 -6.27 0.46
C PHE A 144 6.45 -6.97 1.81
N ILE A 145 5.57 -7.94 2.09
CA ILE A 145 5.72 -8.99 3.10
C ILE A 145 5.14 -10.29 2.52
N PRO A 146 5.34 -11.44 3.19
CA PRO A 146 4.53 -12.65 3.02
C PRO A 146 3.03 -12.41 3.24
N ARG A 147 2.21 -13.46 3.04
CA ARG A 147 0.75 -13.50 3.16
C ARG A 147 0.13 -12.56 4.20
N ASP A 148 0.68 -12.49 5.42
CA ASP A 148 0.15 -11.66 6.51
C ASP A 148 1.22 -11.56 7.62
N GLN A 149 1.45 -12.66 8.35
CA GLN A 149 2.35 -12.72 9.50
C GLN A 149 2.99 -14.11 9.67
N ILE A 150 2.83 -15.02 8.70
CA ILE A 150 3.19 -16.43 8.86
C ILE A 150 4.70 -16.70 8.96
N GLY A 151 5.53 -15.88 8.33
CA GLY A 151 6.97 -16.05 8.26
C GLY A 151 7.48 -15.48 6.96
ZN ZN B . -1.66 3.31 5.37
N MET A 1 -12.53 12.26 12.96
CA MET A 1 -11.48 11.38 13.46
C MET A 1 -11.47 11.37 14.98
N LYS A 2 -12.02 10.33 15.62
CA LYS A 2 -12.05 10.19 17.10
C LYS A 2 -12.15 8.71 17.50
N ASP A 3 -11.58 7.82 16.70
CA ASP A 3 -11.92 6.40 16.65
C ASP A 3 -10.75 5.58 16.06
N ARG A 4 -10.97 4.27 15.85
CA ARG A 4 -9.93 3.25 15.65
C ARG A 4 -9.84 2.85 14.16
N ILE A 5 -8.93 1.96 13.78
CA ILE A 5 -8.66 1.62 12.38
C ILE A 5 -8.86 0.12 12.13
N PRO A 6 -9.92 -0.28 11.38
CA PRO A 6 -10.05 -1.66 10.97
C PRO A 6 -9.02 -1.96 9.87
N ILE A 7 -8.42 -3.14 9.91
CA ILE A 7 -7.54 -3.67 8.90
C ILE A 7 -8.11 -5.06 8.56
N PHE A 8 -7.93 -5.50 7.32
CA PHE A 8 -8.47 -6.73 6.77
C PHE A 8 -7.33 -7.42 6.06
N SER A 9 -7.40 -8.75 5.99
CA SER A 9 -6.48 -9.60 5.26
C SER A 9 -7.34 -10.46 4.35
N VAL A 10 -7.78 -9.91 3.22
CA VAL A 10 -8.78 -10.53 2.36
C VAL A 10 -8.32 -11.92 1.91
N ALA A 11 -7.03 -12.08 1.61
CA ALA A 11 -6.43 -13.33 1.17
C ALA A 11 -6.33 -14.39 2.28
N LYS A 12 -6.84 -14.11 3.49
CA LYS A 12 -7.00 -15.00 4.62
C LYS A 12 -8.39 -14.81 5.26
N ASN A 13 -9.24 -13.98 4.63
CA ASN A 13 -10.45 -13.34 5.18
C ASN A 13 -10.32 -12.98 6.68
N ARG A 14 -9.17 -12.42 7.10
CA ARG A 14 -9.04 -11.96 8.48
C ARG A 14 -9.54 -10.52 8.57
N VAL A 15 -9.83 -10.09 9.80
CA VAL A 15 -10.05 -8.70 10.17
C VAL A 15 -9.27 -8.51 11.47
N GLU A 16 -8.50 -7.45 11.54
CA GLU A 16 -7.69 -7.06 12.68
C GLU A 16 -7.94 -5.57 12.91
N MET A 17 -8.69 -5.19 13.95
CA MET A 17 -8.80 -3.78 14.31
C MET A 17 -7.58 -3.38 15.12
N VAL A 18 -7.03 -2.20 14.82
CA VAL A 18 -5.88 -1.57 15.48
C VAL A 18 -6.33 -0.13 15.82
N GLU A 19 -5.56 0.62 16.60
CA GLU A 19 -5.90 2.00 16.93
C GLU A 19 -5.08 2.96 16.05
N ARG A 20 -5.65 4.15 15.83
CA ARG A 20 -5.21 5.13 14.88
C ARG A 20 -3.86 5.73 15.31
N ILE A 21 -2.91 5.91 14.38
CA ILE A 21 -1.56 6.28 14.79
C ILE A 21 -1.55 7.75 15.23
N GLU A 22 -1.08 8.02 16.44
CA GLU A 22 -0.90 9.34 17.02
C GLU A 22 0.21 9.14 18.05
N LEU A 23 1.39 9.71 17.78
CA LEU A 23 2.59 9.58 18.58
C LEU A 23 3.30 10.93 18.65
N SER A 24 4.34 10.96 19.48
CA SER A 24 5.38 11.97 19.54
C SER A 24 6.42 11.65 18.47
N ASP A 25 7.21 12.64 18.05
CA ASP A 25 8.13 12.49 16.92
C ASP A 25 9.18 11.40 17.15
N ASP A 26 9.64 11.24 18.39
CA ASP A 26 10.72 10.32 18.71
C ASP A 26 10.30 8.85 18.58
N GLU A 27 9.01 8.58 18.79
CA GLU A 27 8.45 7.23 18.91
C GLU A 27 8.73 6.42 17.63
N TRP A 28 8.63 7.12 16.49
CA TRP A 28 8.85 6.65 15.14
C TRP A 28 10.26 6.12 14.81
N ARG A 29 11.12 5.92 15.81
CA ARG A 29 12.36 5.17 15.64
C ARG A 29 12.63 4.17 16.75
N GLU A 30 11.77 4.08 17.76
CA GLU A 30 11.99 3.23 18.92
C GLU A 30 10.81 2.29 19.18
N ILE A 31 9.62 2.59 18.65
CA ILE A 31 8.51 1.64 18.56
C ILE A 31 8.25 1.19 17.11
N LEU A 32 9.01 1.73 16.15
CA LEU A 32 8.86 1.44 14.73
C LEU A 32 9.94 0.46 14.27
N ASP A 33 9.71 -0.15 13.09
CA ASP A 33 10.73 -0.91 12.39
C ASP A 33 11.96 -0.02 12.11
N PRO A 34 13.19 -0.56 12.19
CA PRO A 34 14.37 0.13 11.68
C PRO A 34 14.32 0.26 10.15
N GLU A 35 13.45 -0.52 9.48
CA GLU A 35 13.18 -0.31 8.09
C GLU A 35 12.35 0.96 7.90
N ALA A 36 11.34 1.20 8.73
CA ALA A 36 10.52 2.40 8.57
C ALA A 36 11.39 3.64 8.74
N PHE A 37 12.24 3.61 9.77
CA PHE A 37 13.18 4.66 10.07
C PHE A 37 14.11 4.98 8.90
N ARG A 38 14.67 3.95 8.24
CA ARG A 38 15.61 4.17 7.16
C ARG A 38 14.83 4.58 5.94
N VAL A 39 13.77 3.85 5.59
CA VAL A 39 12.92 4.12 4.42
C VAL A 39 12.42 5.55 4.50
N ALA A 40 12.17 6.10 5.69
CA ALA A 40 11.79 7.49 5.84
C ALA A 40 12.85 8.52 5.38
N ARG A 41 14.13 8.16 5.24
CA ARG A 41 15.17 9.06 4.73
C ARG A 41 15.46 8.83 3.25
N LYS A 42 15.22 7.61 2.76
CA LYS A 42 15.58 7.16 1.43
C LYS A 42 14.38 6.98 0.51
N ALA A 43 13.18 7.24 1.03
CA ALA A 43 11.87 6.95 0.46
C ALA A 43 11.61 5.47 0.11
N GLY A 44 12.59 4.58 0.30
CA GLY A 44 12.44 3.14 0.10
C GLY A 44 13.78 2.43 0.06
N THR A 45 14.59 2.67 -0.97
CA THR A 45 15.97 2.24 -0.99
C THR A 45 16.76 3.33 -1.70
N GLU A 46 17.98 3.61 -1.22
CA GLU A 46 18.85 4.62 -1.83
C GLU A 46 19.16 4.37 -3.32
N PRO A 47 19.58 3.16 -3.77
CA PRO A 47 19.78 2.90 -5.19
C PRO A 47 18.44 2.86 -5.94
N PRO A 48 18.43 2.91 -7.28
CA PRO A 48 17.19 2.73 -8.04
C PRO A 48 16.71 1.28 -7.91
N PHE A 49 15.39 1.06 -8.03
CA PHE A 49 14.75 -0.25 -7.96
C PHE A 49 14.97 -1.07 -9.26
N THR A 50 16.21 -1.13 -9.76
CA THR A 50 16.58 -1.93 -10.92
C THR A 50 16.64 -3.41 -10.51
N GLY A 51 15.49 -4.06 -10.41
CA GLY A 51 15.40 -5.50 -10.17
C GLY A 51 14.04 -6.00 -10.67
N LYS A 52 14.02 -7.22 -11.21
CA LYS A 52 12.84 -7.90 -11.72
C LYS A 52 13.12 -9.39 -11.69
N TYR A 53 12.41 -10.15 -10.86
CA TYR A 53 12.43 -11.60 -10.90
C TYR A 53 11.02 -12.10 -10.62
N HIS A 54 10.65 -13.22 -11.26
CA HIS A 54 9.40 -13.93 -11.07
C HIS A 54 9.64 -15.35 -11.58
N ASP A 55 8.77 -16.29 -11.21
CA ASP A 55 8.66 -17.60 -11.83
C ASP A 55 7.17 -17.96 -11.76
N LEU A 56 6.81 -18.97 -10.96
CA LEU A 56 5.45 -19.27 -10.49
C LEU A 56 4.80 -18.08 -9.74
N HIS A 57 3.57 -18.30 -9.27
CA HIS A 57 2.75 -17.41 -8.45
C HIS A 57 3.58 -16.66 -7.40
N ASP A 58 3.29 -15.37 -7.28
CA ASP A 58 3.83 -14.41 -6.35
C ASP A 58 3.64 -14.82 -4.89
N ASP A 59 4.29 -14.07 -4.00
CA ASP A 59 4.07 -14.09 -2.56
C ASP A 59 3.96 -12.62 -2.10
N GLY A 60 3.52 -12.45 -0.88
CA GLY A 60 3.69 -11.25 -0.10
C GLY A 60 2.44 -10.39 -0.10
N ILE A 61 2.47 -9.41 0.80
CA ILE A 61 1.58 -8.28 0.76
C ILE A 61 2.41 -7.01 1.01
N TYR A 62 1.83 -5.85 0.70
CA TYR A 62 2.36 -4.57 1.13
C TYR A 62 2.01 -4.33 2.59
N ARG A 63 3.03 -4.14 3.41
CA ARG A 63 2.98 -3.58 4.74
C ARG A 63 2.98 -2.05 4.57
N CYS A 64 1.90 -1.39 5.00
CA CYS A 64 1.79 0.06 5.10
C CYS A 64 2.68 0.55 6.26
N ILE A 65 3.99 0.45 6.06
CA ILE A 65 5.02 0.65 7.08
C ILE A 65 5.01 2.07 7.67
N CYS A 66 4.38 3.04 6.98
CA CYS A 66 4.17 4.40 7.45
C CYS A 66 3.12 4.49 8.56
N CYS A 67 2.51 3.38 8.98
CA CYS A 67 1.87 3.25 10.30
C CYS A 67 1.97 1.83 10.89
N GLY A 68 2.48 0.85 10.13
CA GLY A 68 2.69 -0.51 10.61
C GLY A 68 1.58 -1.47 10.16
N THR A 69 0.50 -0.94 9.57
CA THR A 69 -0.65 -1.64 8.99
C THR A 69 -0.22 -2.47 7.77
N ASP A 70 -1.13 -3.30 7.23
CA ASP A 70 -0.91 -4.15 6.06
C ASP A 70 -2.10 -3.94 5.11
N LEU A 71 -1.90 -4.14 3.80
CA LEU A 71 -2.97 -4.00 2.81
C LEU A 71 -2.72 -4.81 1.53
N PHE A 72 -2.22 -4.20 0.45
CA PHE A 72 -2.36 -4.74 -0.91
C PHE A 72 -1.70 -6.11 -1.09
N ASP A 73 -2.44 -7.05 -1.70
CA ASP A 73 -1.94 -8.38 -2.08
C ASP A 73 -1.14 -8.30 -3.39
N SER A 74 0.01 -8.98 -3.44
CA SER A 74 0.95 -8.93 -4.58
C SER A 74 0.29 -9.23 -5.93
N GLU A 75 -0.72 -10.11 -5.98
CA GLU A 75 -1.45 -10.45 -7.20
C GLU A 75 -2.21 -9.26 -7.81
N THR A 76 -2.43 -8.19 -7.04
CA THR A 76 -3.00 -6.94 -7.56
C THR A 76 -1.97 -6.13 -8.34
N LYS A 77 -0.67 -6.34 -8.07
CA LYS A 77 0.45 -5.65 -8.71
C LYS A 77 0.84 -6.38 -10.01
N PHE A 78 1.98 -6.01 -10.60
CA PHE A 78 2.43 -6.54 -11.89
C PHE A 78 3.92 -6.95 -11.88
N ASP A 79 4.42 -7.44 -10.73
CA ASP A 79 5.70 -8.15 -10.61
C ASP A 79 5.81 -9.36 -11.54
N SER A 80 4.66 -9.89 -11.99
CA SER A 80 4.50 -10.83 -13.08
C SER A 80 4.86 -10.17 -14.43
N GLY A 81 6.10 -9.68 -14.56
CA GLY A 81 6.67 -9.12 -15.77
C GLY A 81 7.37 -7.78 -15.55
N THR A 82 6.91 -6.94 -14.60
CA THR A 82 7.34 -5.54 -14.52
C THR A 82 7.75 -5.15 -13.09
N GLY A 83 6.83 -5.24 -12.12
CA GLY A 83 7.08 -4.95 -10.71
C GLY A 83 7.03 -3.48 -10.31
N TRP A 84 6.59 -2.60 -11.21
CA TRP A 84 6.37 -1.18 -10.90
C TRP A 84 5.18 -1.07 -9.92
N PRO A 85 5.17 -0.11 -8.96
CA PRO A 85 4.15 -0.01 -7.92
C PRO A 85 2.82 0.56 -8.45
N SER A 86 2.21 -0.20 -9.36
CA SER A 86 0.89 0.05 -9.91
C SER A 86 0.10 -1.27 -9.90
N PHE A 87 -1.19 -1.16 -9.60
CA PHE A 87 -2.12 -2.28 -9.44
C PHE A 87 -3.41 -1.97 -10.20
N TYR A 88 -4.28 -2.97 -10.37
CA TYR A 88 -5.47 -2.86 -11.20
C TYR A 88 -6.75 -3.31 -10.49
N ASP A 89 -6.63 -3.92 -9.31
CA ASP A 89 -7.74 -4.20 -8.41
C ASP A 89 -7.17 -4.07 -7.00
N VAL A 90 -7.98 -4.19 -5.95
CA VAL A 90 -7.57 -3.80 -4.60
C VAL A 90 -8.06 -4.81 -3.56
N VAL A 91 -7.34 -4.82 -2.44
CA VAL A 91 -7.55 -5.70 -1.30
C VAL A 91 -8.96 -5.52 -0.69
N SER A 92 -9.47 -4.28 -0.66
CA SER A 92 -10.74 -3.76 -0.15
C SER A 92 -10.54 -2.30 0.29
N GLU A 93 -11.62 -1.54 0.40
CA GLU A 93 -11.65 -0.21 1.03
C GLU A 93 -11.62 -0.40 2.56
N HIS A 94 -10.51 -0.92 3.09
CA HIS A 94 -10.39 -1.27 4.50
C HIS A 94 -9.45 -0.31 5.20
N ASN A 95 -8.22 -0.13 4.69
CA ASN A 95 -7.27 0.86 5.20
C ASN A 95 -6.60 1.66 4.09
N ILE A 96 -7.25 1.75 2.94
CA ILE A 96 -6.87 2.59 1.80
C ILE A 96 -8.01 3.60 1.60
N LYS A 97 -7.64 4.86 1.33
CA LYS A 97 -8.50 6.02 1.21
C LYS A 97 -8.63 6.39 -0.26
N LEU A 98 -9.87 6.72 -0.68
CA LEU A 98 -10.24 7.19 -2.01
C LEU A 98 -11.22 8.36 -1.93
N ARG A 99 -11.20 9.20 -2.97
CA ARG A 99 -12.16 10.22 -3.40
C ARG A 99 -12.11 10.17 -4.93
N GLU A 100 -13.26 10.06 -5.61
CA GLU A 100 -13.38 10.28 -7.04
C GLU A 100 -13.00 11.71 -7.41
N ASP A 101 -12.40 11.84 -8.58
CA ASP A 101 -12.34 13.07 -9.34
C ASP A 101 -12.28 12.66 -10.83
N ARG A 102 -12.31 13.62 -11.76
CA ARG A 102 -12.16 13.40 -13.20
C ARG A 102 -10.91 14.09 -13.75
N SER A 103 -9.96 14.40 -12.87
CA SER A 103 -8.76 15.25 -13.03
C SER A 103 -7.69 14.74 -14.03
N LEU A 104 -8.08 13.94 -15.02
CA LEU A 104 -7.31 13.67 -16.23
C LEU A 104 -8.14 13.85 -17.51
N GLY A 105 -9.45 14.09 -17.37
CA GLY A 105 -10.42 14.06 -18.45
C GLY A 105 -11.35 12.84 -18.37
N MET A 106 -11.20 11.92 -17.39
CA MET A 106 -12.08 10.74 -17.31
C MET A 106 -12.39 10.45 -15.85
N VAL A 107 -11.55 9.67 -15.15
CA VAL A 107 -11.72 9.33 -13.75
C VAL A 107 -10.32 9.24 -13.18
N ARG A 108 -10.04 10.17 -12.27
CA ARG A 108 -8.82 10.25 -11.49
C ARG A 108 -9.20 10.26 -10.01
N CYS A 109 -9.20 9.09 -9.38
CA CYS A 109 -9.65 8.91 -8.00
C CYS A 109 -8.41 8.72 -7.13
N GLU A 110 -8.25 9.46 -6.02
CA GLU A 110 -7.05 9.42 -5.19
C GLU A 110 -6.84 8.04 -4.54
N VAL A 111 -5.60 7.76 -4.11
CA VAL A 111 -5.21 6.56 -3.36
C VAL A 111 -4.24 7.02 -2.27
N LEU A 112 -4.67 7.07 -1.02
CA LEU A 112 -3.82 7.28 0.15
C LEU A 112 -4.05 6.15 1.16
N CYS A 113 -3.28 6.08 2.25
CA CYS A 113 -3.67 5.23 3.38
C CYS A 113 -4.89 5.85 4.08
N ALA A 114 -5.76 5.02 4.67
CA ALA A 114 -6.89 5.51 5.45
C ALA A 114 -6.47 6.16 6.77
N ARG A 115 -5.23 5.95 7.22
CA ARG A 115 -4.65 6.68 8.35
C ARG A 115 -3.43 7.50 7.97
N CYS A 116 -2.30 6.87 7.66
CA CYS A 116 -0.97 7.47 7.72
C CYS A 116 -0.62 8.58 6.72
N ASP A 117 -1.60 9.22 6.09
CA ASP A 117 -1.52 10.46 5.31
C ASP A 117 -0.62 10.44 4.07
N ALA A 118 0.21 9.39 3.88
CA ALA A 118 1.33 9.40 2.96
C ALA A 118 0.88 9.57 1.51
N HIS A 119 1.79 10.20 0.73
CA HIS A 119 1.69 10.55 -0.68
C HIS A 119 0.90 9.53 -1.49
N LEU A 120 1.39 8.28 -1.48
CA LEU A 120 0.93 7.16 -2.26
C LEU A 120 0.72 7.59 -3.70
N GLY A 121 -0.53 7.76 -4.14
CA GLY A 121 -0.85 8.33 -5.43
C GLY A 121 -2.34 8.34 -5.72
N HIS A 122 -2.75 7.65 -6.78
CA HIS A 122 -4.12 7.69 -7.29
C HIS A 122 -4.36 6.54 -8.25
N VAL A 123 -5.63 6.36 -8.66
CA VAL A 123 -6.05 5.44 -9.69
C VAL A 123 -6.63 6.24 -10.86
N PHE A 124 -6.29 5.80 -12.06
CA PHE A 124 -6.77 6.39 -13.30
C PHE A 124 -7.30 5.30 -14.23
N ASP A 125 -8.30 5.67 -15.04
CA ASP A 125 -9.00 4.82 -15.99
C ASP A 125 -8.09 4.53 -17.21
N ASP A 126 -7.20 3.55 -17.08
CA ASP A 126 -6.08 3.31 -17.99
C ASP A 126 -5.57 1.85 -17.96
N GLY A 127 -6.17 1.00 -17.12
CA GLY A 127 -5.67 -0.34 -16.83
C GLY A 127 -6.35 -1.43 -17.66
N PRO A 128 -5.95 -2.70 -17.46
CA PRO A 128 -6.53 -3.83 -18.17
C PRO A 128 -7.95 -4.11 -17.67
N ARG A 129 -8.75 -4.80 -18.49
CA ARG A 129 -9.98 -5.41 -18.00
C ARG A 129 -9.62 -6.51 -16.99
N PRO A 130 -10.51 -6.87 -16.03
CA PRO A 130 -11.91 -6.47 -15.93
C PRO A 130 -12.10 -5.01 -15.51
N THR A 131 -11.31 -4.53 -14.55
CA THR A 131 -11.53 -3.26 -13.86
C THR A 131 -11.30 -2.02 -14.74
N GLY A 132 -10.40 -2.11 -15.74
CA GLY A 132 -10.11 -1.01 -16.64
C GLY A 132 -9.23 0.08 -16.01
N LYS A 133 -8.75 -0.10 -14.78
CA LYS A 133 -8.17 0.99 -14.00
C LYS A 133 -6.76 0.64 -13.55
N ARG A 134 -5.94 1.68 -13.36
CA ARG A 134 -4.54 1.62 -12.99
C ARG A 134 -4.38 2.45 -11.73
N TYR A 135 -4.36 1.80 -10.58
CA TYR A 135 -3.88 2.36 -9.33
C TYR A 135 -2.36 2.50 -9.47
N CYS A 136 -1.78 3.60 -8.98
CA CYS A 136 -0.34 3.83 -8.95
C CYS A 136 0.00 4.58 -7.67
N MET A 137 1.12 4.22 -7.03
CA MET A 137 1.54 4.82 -5.76
C MET A 137 3.06 4.86 -5.65
N ASN A 138 3.57 5.75 -4.81
CA ASN A 138 4.97 5.84 -4.40
C ASN A 138 5.04 6.55 -3.05
N SER A 139 5.68 5.94 -2.05
CA SER A 139 6.13 6.60 -0.82
C SER A 139 7.01 5.63 -0.02
N ALA A 140 7.50 6.08 1.14
CA ALA A 140 8.08 5.21 2.16
C ALA A 140 7.10 4.16 2.70
N ALA A 141 5.77 4.31 2.51
CA ALA A 141 4.78 3.40 3.08
C ALA A 141 4.76 2.01 2.43
N LEU A 142 5.73 1.66 1.57
CA LEU A 142 5.66 0.54 0.65
C LEU A 142 6.74 -0.49 1.00
N LYS A 143 6.57 -1.18 2.13
CA LYS A 143 7.44 -2.30 2.50
C LYS A 143 6.75 -3.60 2.10
N PHE A 144 7.43 -4.50 1.38
CA PHE A 144 6.94 -5.85 1.19
C PHE A 144 7.14 -6.67 2.47
N ILE A 145 6.20 -7.57 2.75
CA ILE A 145 6.31 -8.64 3.75
C ILE A 145 5.72 -9.93 3.16
N PRO A 146 5.92 -11.10 3.80
CA PRO A 146 5.15 -12.32 3.52
C PRO A 146 3.64 -12.08 3.62
N ARG A 147 2.85 -12.99 3.03
CA ARG A 147 1.43 -12.86 2.71
C ARG A 147 0.51 -12.35 3.83
N ASP A 148 0.86 -12.55 5.09
CA ASP A 148 0.41 -11.87 6.27
C ASP A 148 1.40 -12.13 7.40
N GLN A 149 1.42 -13.36 7.90
CA GLN A 149 2.17 -13.83 9.06
C GLN A 149 2.56 -15.32 8.86
N ILE A 150 2.32 -15.90 7.66
CA ILE A 150 2.64 -17.30 7.33
C ILE A 150 4.12 -17.66 7.53
N GLY A 151 5.01 -16.68 7.48
CA GLY A 151 6.43 -16.86 7.75
C GLY A 151 7.18 -15.61 7.36
ZN ZN B . -1.09 1.93 6.86
N MET A 1 -8.60 14.45 11.03
CA MET A 1 -9.11 13.98 12.31
C MET A 1 -8.26 12.78 12.77
N LYS A 2 -8.66 12.11 13.85
CA LYS A 2 -8.20 10.79 14.26
C LYS A 2 -9.42 9.88 14.30
N ASP A 3 -9.22 8.57 14.14
CA ASP A 3 -10.24 7.61 13.76
C ASP A 3 -9.87 6.24 14.33
N ARG A 4 -10.74 5.25 14.09
CA ARG A 4 -10.31 3.85 14.15
C ARG A 4 -10.15 3.34 12.72
N ILE A 5 -9.47 2.20 12.58
CA ILE A 5 -9.17 1.55 11.32
C ILE A 5 -9.59 0.08 11.40
N PRO A 6 -10.54 -0.37 10.57
CA PRO A 6 -10.79 -1.79 10.40
C PRO A 6 -9.65 -2.39 9.57
N ILE A 7 -9.12 -3.55 9.95
CA ILE A 7 -8.08 -4.27 9.20
C ILE A 7 -8.72 -5.60 8.81
N PHE A 8 -8.97 -5.79 7.52
CA PHE A 8 -9.62 -6.96 6.96
C PHE A 8 -8.61 -7.72 6.10
N SER A 9 -7.99 -8.76 6.65
CA SER A 9 -7.16 -9.70 5.90
C SER A 9 -8.05 -10.53 4.97
N VAL A 10 -8.40 -10.02 3.78
CA VAL A 10 -9.35 -10.67 2.88
C VAL A 10 -8.92 -12.11 2.57
N ALA A 11 -7.60 -12.33 2.40
CA ALA A 11 -7.01 -13.63 2.11
C ALA A 11 -7.25 -14.68 3.20
N LYS A 12 -7.68 -14.27 4.40
CA LYS A 12 -7.99 -15.10 5.55
C LYS A 12 -9.40 -14.83 6.07
N ASN A 13 -10.15 -13.95 5.40
CA ASN A 13 -11.31 -13.23 5.91
C ASN A 13 -11.13 -12.85 7.40
N ARG A 14 -9.95 -12.34 7.82
CA ARG A 14 -9.92 -11.75 9.16
C ARG A 14 -10.62 -10.40 9.13
N VAL A 15 -11.02 -9.93 10.31
CA VAL A 15 -11.38 -8.56 10.59
C VAL A 15 -10.81 -8.31 12.00
N GLU A 16 -10.04 -7.24 12.17
CA GLU A 16 -9.57 -6.74 13.46
C GLU A 16 -9.58 -5.23 13.38
N MET A 17 -10.36 -4.56 14.25
CA MET A 17 -10.31 -3.11 14.37
C MET A 17 -9.15 -2.73 15.30
N VAL A 18 -8.48 -1.63 14.97
CA VAL A 18 -7.36 -1.00 15.66
C VAL A 18 -7.66 0.51 15.50
N GLU A 19 -6.85 1.41 16.06
CA GLU A 19 -7.05 2.84 15.83
C GLU A 19 -5.98 3.47 14.94
N ARG A 20 -6.18 4.72 14.49
CA ARG A 20 -5.21 5.47 13.67
C ARG A 20 -3.89 5.66 14.46
N ILE A 21 -2.87 6.15 13.78
CA ILE A 21 -1.49 6.21 14.26
C ILE A 21 -1.39 6.97 15.58
N GLU A 22 -0.71 6.38 16.58
CA GLU A 22 -0.39 7.01 17.84
C GLU A 22 0.83 6.33 18.47
N LEU A 23 2.01 6.96 18.32
CA LEU A 23 3.27 6.60 18.93
C LEU A 23 4.04 7.89 19.25
N SER A 24 5.12 7.75 20.01
CA SER A 24 6.07 8.78 20.41
C SER A 24 7.20 8.88 19.38
N ASP A 25 7.98 9.97 19.40
CA ASP A 25 9.31 9.99 18.77
C ASP A 25 10.32 9.26 19.66
N ASP A 26 10.01 7.99 19.95
CA ASP A 26 10.97 6.98 20.38
C ASP A 26 10.55 5.58 19.97
N GLU A 27 9.31 5.40 19.51
CA GLU A 27 8.73 4.09 19.28
C GLU A 27 9.19 3.56 17.92
N TRP A 28 9.07 4.39 16.88
CA TRP A 28 9.35 4.06 15.47
C TRP A 28 10.81 3.66 15.19
N ARG A 29 11.61 3.44 16.23
CA ARG A 29 12.98 3.00 16.15
C ARG A 29 13.33 1.83 17.06
N GLU A 30 12.36 1.34 17.83
CA GLU A 30 12.55 0.15 18.62
C GLU A 30 11.39 -0.85 18.49
N ILE A 31 10.19 -0.39 18.11
CA ILE A 31 9.10 -1.31 17.76
C ILE A 31 8.93 -1.40 16.24
N LEU A 32 9.93 -0.96 15.47
CA LEU A 32 9.87 -0.86 14.02
C LEU A 32 11.16 -1.29 13.36
N ASP A 33 11.07 -1.63 12.07
CA ASP A 33 12.21 -1.91 11.21
C ASP A 33 13.14 -0.69 11.15
N PRO A 34 14.46 -0.89 10.99
CA PRO A 34 15.36 0.19 10.61
C PRO A 34 15.02 0.73 9.22
N GLU A 35 14.27 -0.02 8.41
CA GLU A 35 13.77 0.47 7.16
C GLU A 35 12.66 1.48 7.39
N ALA A 36 11.64 1.16 8.21
CA ALA A 36 10.57 2.09 8.50
C ALA A 36 11.13 3.38 9.10
N PHE A 37 12.06 3.24 10.05
CA PHE A 37 12.78 4.33 10.68
C PHE A 37 13.43 5.25 9.66
N ARG A 38 14.22 4.70 8.72
CA ARG A 38 14.86 5.55 7.72
C ARG A 38 13.82 6.11 6.79
N VAL A 39 12.96 5.26 6.24
CA VAL A 39 12.04 5.64 5.17
C VAL A 39 11.11 6.73 5.68
N ALA A 40 10.81 6.76 6.99
CA ALA A 40 10.03 7.82 7.59
C ALA A 40 10.67 9.22 7.54
N ARG A 41 11.98 9.32 7.29
CA ARG A 41 12.66 10.60 7.11
C ARG A 41 13.07 10.85 5.65
N LYS A 42 13.40 9.80 4.88
CA LYS A 42 13.90 9.95 3.51
C LYS A 42 12.89 9.63 2.41
N ALA A 43 11.65 9.25 2.75
CA ALA A 43 10.64 8.74 1.82
C ALA A 43 11.24 7.71 0.84
N GLY A 44 12.03 6.78 1.39
CA GLY A 44 12.51 5.60 0.72
C GLY A 44 14.01 5.65 0.59
N THR A 45 14.50 6.56 -0.25
CA THR A 45 15.91 6.66 -0.57
C THR A 45 16.26 8.16 -0.68
N GLU A 46 17.14 8.65 0.19
CA GLU A 46 17.71 10.00 0.05
C GLU A 46 18.36 10.17 -1.33
N PRO A 47 19.36 9.35 -1.74
CA PRO A 47 20.11 9.60 -2.96
C PRO A 47 19.36 9.05 -4.19
N PRO A 48 19.69 9.51 -5.40
CA PRO A 48 19.19 8.96 -6.65
C PRO A 48 19.87 7.61 -6.96
N PHE A 49 19.63 6.59 -6.13
CA PHE A 49 20.01 5.21 -6.36
C PHE A 49 18.87 4.30 -5.87
N THR A 50 18.93 3.02 -6.28
CA THR A 50 17.88 2.05 -6.05
C THR A 50 18.46 0.79 -5.38
N GLY A 51 17.59 0.00 -4.76
CA GLY A 51 17.90 -1.27 -4.14
C GLY A 51 16.58 -1.95 -3.80
N LYS A 52 16.29 -3.07 -4.45
CA LYS A 52 15.11 -3.90 -4.20
C LYS A 52 15.57 -5.36 -4.27
N TYR A 53 14.73 -6.29 -3.82
CA TYR A 53 14.94 -7.72 -3.91
C TYR A 53 13.62 -8.37 -4.33
N HIS A 54 13.66 -9.10 -5.44
CA HIS A 54 12.65 -10.03 -5.95
C HIS A 54 13.33 -10.83 -7.07
N ASP A 55 12.63 -11.81 -7.62
CA ASP A 55 13.05 -12.57 -8.80
C ASP A 55 11.81 -12.71 -9.69
N LEU A 56 11.02 -13.77 -9.51
CA LEU A 56 9.64 -13.89 -9.99
C LEU A 56 8.83 -14.64 -8.95
N HIS A 57 7.69 -14.09 -8.50
CA HIS A 57 6.79 -14.73 -7.53
C HIS A 57 5.35 -14.29 -7.71
N ASP A 58 4.43 -15.09 -7.15
CA ASP A 58 3.07 -14.71 -6.80
C ASP A 58 2.78 -15.35 -5.44
N ASP A 59 3.13 -14.62 -4.37
CA ASP A 59 2.71 -14.93 -3.02
C ASP A 59 2.65 -13.60 -2.25
N GLY A 60 2.28 -13.64 -0.98
CA GLY A 60 2.35 -12.52 -0.08
C GLY A 60 1.09 -11.66 -0.11
N ILE A 61 1.19 -10.53 0.58
CA ILE A 61 0.36 -9.35 0.39
C ILE A 61 1.30 -8.13 0.52
N TYR A 62 0.78 -6.90 0.37
CA TYR A 62 1.54 -5.68 0.69
C TYR A 62 1.33 -5.29 2.15
N ARG A 63 2.37 -4.69 2.77
CA ARG A 63 2.22 -3.88 3.95
C ARG A 63 2.72 -2.47 3.71
N CYS A 64 1.98 -1.54 4.30
CA CYS A 64 2.30 -0.12 4.27
C CYS A 64 3.14 0.18 5.51
N ILE A 65 4.47 0.14 5.34
CA ILE A 65 5.43 0.08 6.44
C ILE A 65 5.36 1.32 7.32
N CYS A 66 4.98 2.44 6.71
CA CYS A 66 4.87 3.76 7.31
C CYS A 66 3.60 3.91 8.15
N CYS A 67 2.77 2.87 8.25
CA CYS A 67 1.73 2.75 9.25
C CYS A 67 1.72 1.37 9.95
N GLY A 68 2.49 0.40 9.43
CA GLY A 68 2.47 -0.99 9.87
C GLY A 68 1.26 -1.77 9.34
N THR A 69 0.45 -1.16 8.47
CA THR A 69 -0.88 -1.65 8.14
C THR A 69 -0.87 -2.27 6.74
N ASP A 70 -1.44 -3.47 6.63
CA ASP A 70 -1.56 -4.25 5.41
C ASP A 70 -2.63 -3.74 4.46
N LEU A 71 -2.59 -4.22 3.21
CA LEU A 71 -3.47 -3.94 2.07
C LEU A 71 -2.94 -4.69 0.83
N PHE A 72 -3.52 -4.43 -0.35
CA PHE A 72 -3.23 -4.98 -1.69
C PHE A 72 -2.62 -6.38 -1.73
N ASP A 73 -3.48 -7.40 -1.89
CA ASP A 73 -3.08 -8.77 -2.16
C ASP A 73 -2.35 -8.90 -3.50
N SER A 74 -1.44 -9.88 -3.60
CA SER A 74 -0.58 -10.07 -4.76
C SER A 74 -1.34 -10.38 -6.06
N GLU A 75 -2.56 -10.92 -5.99
CA GLU A 75 -3.35 -11.30 -7.17
C GLU A 75 -3.85 -10.10 -8.00
N THR A 76 -3.85 -8.88 -7.44
CA THR A 76 -4.09 -7.64 -8.19
C THR A 76 -2.76 -6.95 -8.56
N LYS A 77 -1.64 -7.41 -8.01
CA LYS A 77 -0.29 -6.98 -8.34
C LYS A 77 0.19 -7.76 -9.57
N PHE A 78 1.40 -7.48 -10.03
CA PHE A 78 2.10 -8.18 -11.11
C PHE A 78 3.58 -8.28 -10.71
N ASP A 79 4.43 -8.77 -11.63
CA ASP A 79 5.73 -9.33 -11.29
C ASP A 79 6.59 -9.29 -12.56
N SER A 80 6.51 -10.31 -13.41
CA SER A 80 7.04 -10.25 -14.77
C SER A 80 6.36 -9.09 -15.52
N GLY A 81 7.17 -8.24 -16.16
CA GLY A 81 6.70 -7.03 -16.84
C GLY A 81 6.28 -5.98 -15.82
N THR A 82 5.02 -6.00 -15.37
CA THR A 82 4.46 -4.99 -14.47
C THR A 82 4.84 -5.26 -13.02
N GLY A 83 6.12 -5.48 -12.74
CA GLY A 83 6.61 -5.63 -11.38
C GLY A 83 6.93 -4.28 -10.74
N TRP A 84 6.17 -3.27 -11.11
CA TRP A 84 6.26 -1.89 -10.66
C TRP A 84 4.90 -1.48 -10.05
N PRO A 85 4.79 -0.36 -9.32
CA PRO A 85 3.69 -0.13 -8.38
C PRO A 85 2.37 0.29 -9.06
N SER A 86 1.73 -0.66 -9.76
CA SER A 86 0.37 -0.56 -10.24
C SER A 86 -0.39 -1.88 -10.00
N PHE A 87 -1.73 -1.80 -10.05
CA PHE A 87 -2.69 -2.87 -9.87
C PHE A 87 -3.90 -2.63 -10.79
N TYR A 88 -4.89 -3.54 -10.79
CA TYR A 88 -6.13 -3.40 -11.57
C TYR A 88 -7.42 -3.59 -10.75
N ASP A 89 -7.31 -3.94 -9.47
CA ASP A 89 -8.41 -4.18 -8.53
C ASP A 89 -7.86 -4.02 -7.11
N VAL A 90 -8.68 -4.16 -6.07
CA VAL A 90 -8.33 -3.80 -4.69
C VAL A 90 -8.74 -4.90 -3.71
N VAL A 91 -7.99 -5.00 -2.60
CA VAL A 91 -8.28 -5.84 -1.44
C VAL A 91 -9.68 -5.54 -0.86
N SER A 92 -10.01 -4.26 -0.68
CA SER A 92 -11.19 -3.64 -0.08
C SER A 92 -10.84 -2.17 0.18
N GLU A 93 -11.82 -1.32 0.55
CA GLU A 93 -11.53 -0.06 1.23
C GLU A 93 -11.54 -0.37 2.73
N HIS A 94 -10.36 -0.59 3.32
CA HIS A 94 -10.23 -0.89 4.73
C HIS A 94 -9.16 0.00 5.38
N ASN A 95 -7.91 -0.10 4.90
CA ASN A 95 -6.76 0.67 5.39
C ASN A 95 -6.23 1.61 4.31
N ILE A 96 -7.07 1.87 3.31
CA ILE A 96 -6.85 2.73 2.17
C ILE A 96 -8.08 3.65 2.07
N LYS A 97 -7.99 4.75 1.30
CA LYS A 97 -9.09 5.65 1.03
C LYS A 97 -9.09 6.00 -0.46
N LEU A 98 -10.25 5.84 -1.11
CA LEU A 98 -10.58 6.15 -2.48
C LEU A 98 -11.63 7.28 -2.56
N ARG A 99 -11.52 8.16 -3.56
CA ARG A 99 -12.54 9.15 -3.96
C ARG A 99 -12.57 9.24 -5.48
N GLU A 100 -13.68 8.83 -6.09
CA GLU A 100 -13.83 8.79 -7.54
C GLU A 100 -14.18 10.17 -8.12
N ASP A 101 -13.39 10.64 -9.07
CA ASP A 101 -13.61 11.85 -9.86
C ASP A 101 -13.42 11.51 -11.35
N ARG A 102 -13.50 12.51 -12.22
CA ARG A 102 -13.31 12.39 -13.66
C ARG A 102 -12.03 13.10 -14.13
N SER A 103 -11.07 13.36 -13.23
CA SER A 103 -9.91 14.27 -13.35
C SER A 103 -8.85 13.98 -14.43
N LEU A 104 -9.20 13.21 -15.45
CA LEU A 104 -8.40 13.05 -16.67
C LEU A 104 -9.26 13.20 -17.94
N GLY A 105 -10.57 13.40 -17.79
CA GLY A 105 -11.53 13.33 -18.89
C GLY A 105 -12.24 11.98 -18.96
N MET A 106 -12.07 11.07 -17.98
CA MET A 106 -12.82 9.82 -17.96
C MET A 106 -13.19 9.51 -16.51
N VAL A 107 -12.37 8.74 -15.80
CA VAL A 107 -12.55 8.38 -14.41
C VAL A 107 -11.16 8.38 -13.81
N ARG A 108 -10.92 9.31 -12.89
CA ARG A 108 -9.75 9.35 -12.03
C ARG A 108 -10.21 9.23 -10.59
N CYS A 109 -9.88 8.15 -9.89
CA CYS A 109 -10.16 8.06 -8.47
C CYS A 109 -8.84 8.22 -7.74
N GLU A 110 -8.73 9.22 -6.84
CA GLU A 110 -7.54 9.32 -6.00
C GLU A 110 -7.47 8.10 -5.07
N VAL A 111 -6.25 7.71 -4.69
CA VAL A 111 -5.96 6.57 -3.84
C VAL A 111 -4.90 7.01 -2.82
N LEU A 112 -5.28 7.10 -1.54
CA LEU A 112 -4.36 7.40 -0.44
C LEU A 112 -4.51 6.35 0.65
N CYS A 113 -3.57 6.27 1.60
CA CYS A 113 -3.71 5.35 2.74
C CYS A 113 -4.78 5.89 3.69
N ALA A 114 -5.43 5.01 4.47
CA ALA A 114 -6.34 5.47 5.51
C ALA A 114 -5.60 5.87 6.81
N ARG A 115 -4.36 5.36 7.01
CA ARG A 115 -3.67 5.33 8.30
C ARG A 115 -2.45 6.24 8.33
N CYS A 116 -1.64 6.24 7.27
CA CYS A 116 -0.58 7.22 7.05
C CYS A 116 -0.87 7.85 5.69
N ASP A 117 -1.79 8.82 5.70
CA ASP A 117 -2.57 9.46 4.64
C ASP A 117 -1.73 10.19 3.56
N ALA A 118 -0.61 9.60 3.14
CA ALA A 118 0.43 10.14 2.30
C ALA A 118 0.25 9.77 0.82
N HIS A 119 1.26 10.15 0.02
CA HIS A 119 1.32 10.26 -1.44
C HIS A 119 0.44 9.25 -2.19
N LEU A 120 0.83 7.96 -2.13
CA LEU A 120 0.28 6.86 -2.90
C LEU A 120 0.04 7.29 -4.34
N GLY A 121 -1.21 7.40 -4.78
CA GLY A 121 -1.52 7.98 -6.08
C GLY A 121 -2.99 7.95 -6.40
N HIS A 122 -3.38 7.17 -7.42
CA HIS A 122 -4.72 7.19 -7.97
C HIS A 122 -4.96 5.96 -8.85
N VAL A 123 -6.16 5.83 -9.40
CA VAL A 123 -6.49 4.88 -10.45
C VAL A 123 -7.07 5.64 -11.63
N PHE A 124 -6.78 5.17 -12.85
CA PHE A 124 -7.33 5.71 -14.07
C PHE A 124 -7.86 4.58 -14.94
N ASP A 125 -8.94 4.84 -15.70
CA ASP A 125 -9.48 3.91 -16.69
C ASP A 125 -8.44 3.75 -17.81
N ASP A 126 -7.90 2.53 -17.95
CA ASP A 126 -6.77 2.25 -18.85
C ASP A 126 -6.77 0.82 -19.40
N GLY A 127 -7.21 -0.16 -18.60
CA GLY A 127 -7.14 -1.57 -18.98
C GLY A 127 -8.30 -1.98 -19.87
N PRO A 128 -8.29 -3.20 -20.43
CA PRO A 128 -9.39 -3.73 -21.23
C PRO A 128 -10.60 -4.05 -20.33
N ARG A 129 -10.63 -5.24 -19.72
CA ARG A 129 -11.62 -5.76 -18.77
C ARG A 129 -10.80 -6.63 -17.78
N PRO A 130 -11.36 -7.10 -16.64
CA PRO A 130 -12.71 -6.88 -16.15
C PRO A 130 -12.91 -5.44 -15.65
N THR A 131 -12.07 -4.97 -14.74
CA THR A 131 -12.23 -3.66 -14.11
C THR A 131 -11.97 -2.50 -15.09
N GLY A 132 -11.16 -2.75 -16.14
CA GLY A 132 -10.83 -1.76 -17.15
C GLY A 132 -9.95 -0.62 -16.62
N LYS A 133 -9.39 -0.73 -15.40
CA LYS A 133 -8.74 0.39 -14.74
C LYS A 133 -7.36 0.00 -14.22
N ARG A 134 -6.52 1.01 -14.01
CA ARG A 134 -5.13 0.89 -13.61
C ARG A 134 -4.92 1.73 -12.37
N TYR A 135 -4.83 1.08 -11.21
CA TYR A 135 -4.40 1.68 -9.96
C TYR A 135 -2.89 1.88 -10.06
N CYS A 136 -2.37 3.04 -9.66
CA CYS A 136 -0.96 3.38 -9.70
C CYS A 136 -0.62 4.19 -8.45
N MET A 137 0.48 3.83 -7.79
CA MET A 137 0.95 4.51 -6.58
C MET A 137 2.44 4.77 -6.71
N ASN A 138 2.91 5.77 -5.96
CA ASN A 138 4.29 6.19 -5.83
C ASN A 138 4.47 6.46 -4.35
N SER A 139 5.03 5.50 -3.62
CA SER A 139 5.38 5.67 -2.22
C SER A 139 6.44 4.64 -1.89
N ALA A 140 7.19 4.93 -0.82
CA ALA A 140 8.25 4.07 -0.35
C ALA A 140 7.71 2.86 0.43
N ALA A 141 6.57 3.04 1.08
CA ALA A 141 5.95 2.13 2.02
C ALA A 141 5.31 0.91 1.35
N LEU A 142 6.06 0.16 0.54
CA LEU A 142 5.55 -0.97 -0.23
C LEU A 142 6.31 -2.24 0.19
N LYS A 143 6.16 -2.61 1.46
CA LYS A 143 6.83 -3.77 2.03
C LYS A 143 6.02 -5.00 1.59
N PHE A 144 6.50 -5.74 0.58
CA PHE A 144 5.98 -7.08 0.32
C PHE A 144 6.18 -7.90 1.60
N ILE A 145 5.16 -8.65 2.01
CA ILE A 145 5.19 -9.53 3.18
C ILE A 145 4.49 -10.85 2.81
N PRO A 146 4.65 -11.92 3.60
CA PRO A 146 3.75 -13.08 3.55
C PRO A 146 2.30 -12.67 3.86
N ARG A 147 1.36 -13.60 3.66
CA ARG A 147 -0.10 -13.44 3.58
C ARG A 147 -0.79 -12.67 4.71
N ASP A 148 -0.13 -12.35 5.83
CA ASP A 148 -0.43 -11.31 6.82
C ASP A 148 0.60 -11.42 7.94
N GLN A 149 0.61 -12.58 8.60
CA GLN A 149 1.40 -12.92 9.78
C GLN A 149 1.71 -14.43 9.85
N ILE A 150 1.46 -15.19 8.77
CA ILE A 150 1.83 -16.62 8.67
C ILE A 150 3.35 -16.82 8.51
N GLY A 151 4.06 -15.72 8.25
CA GLY A 151 5.48 -15.51 8.45
C GLY A 151 5.67 -14.02 8.72
ZN ZN B . -0.04 3.56 5.10
N MET A 1 -8.48 13.53 12.75
CA MET A 1 -8.67 13.96 14.12
C MET A 1 -8.24 12.85 15.08
N LYS A 2 -9.17 12.10 15.67
CA LYS A 2 -8.90 10.97 16.55
C LYS A 2 -9.82 9.86 16.05
N ASP A 3 -9.22 8.84 15.45
CA ASP A 3 -9.92 7.94 14.54
C ASP A 3 -9.38 6.52 14.78
N ARG A 4 -9.97 5.50 14.14
CA ARG A 4 -9.60 4.09 14.22
C ARG A 4 -9.68 3.56 12.78
N ILE A 5 -9.05 2.43 12.48
CA ILE A 5 -8.89 1.91 11.12
C ILE A 5 -9.16 0.40 11.07
N PRO A 6 -9.88 -0.08 10.03
CA PRO A 6 -10.03 -1.51 9.78
C PRO A 6 -8.75 -2.07 9.15
N ILE A 7 -8.05 -2.95 9.86
CA ILE A 7 -7.10 -3.87 9.24
C ILE A 7 -7.96 -5.07 8.87
N PHE A 8 -7.79 -5.53 7.64
CA PHE A 8 -8.55 -6.59 7.03
C PHE A 8 -7.48 -7.46 6.42
N SER A 9 -7.07 -8.51 7.11
CA SER A 9 -6.25 -9.57 6.53
C SER A 9 -7.07 -10.35 5.50
N VAL A 10 -7.57 -9.72 4.42
CA VAL A 10 -8.35 -10.37 3.37
C VAL A 10 -7.57 -11.57 2.85
N ALA A 11 -6.26 -11.43 2.78
CA ALA A 11 -5.38 -12.42 2.21
C ALA A 11 -5.33 -13.72 3.05
N LYS A 12 -5.76 -13.65 4.33
CA LYS A 12 -6.03 -14.72 5.29
C LYS A 12 -7.55 -14.88 5.56
N ASN A 13 -8.38 -14.09 4.89
CA ASN A 13 -9.76 -13.73 5.23
C ASN A 13 -9.97 -13.54 6.74
N ARG A 14 -9.28 -12.56 7.35
CA ARG A 14 -9.52 -12.09 8.72
C ARG A 14 -9.82 -10.58 8.70
N VAL A 15 -10.28 -10.02 9.82
CA VAL A 15 -10.63 -8.62 10.01
C VAL A 15 -10.32 -8.29 11.48
N GLU A 16 -9.50 -7.27 11.72
CA GLU A 16 -8.99 -6.89 13.01
C GLU A 16 -8.89 -5.35 13.06
N MET A 17 -9.91 -4.67 13.59
CA MET A 17 -9.88 -3.22 13.67
C MET A 17 -8.84 -2.77 14.72
N VAL A 18 -8.06 -1.73 14.40
CA VAL A 18 -6.98 -1.20 15.25
C VAL A 18 -7.11 0.34 15.24
N GLU A 19 -6.55 1.04 16.21
CA GLU A 19 -6.46 2.49 16.17
C GLU A 19 -5.49 2.95 15.06
N ARG A 20 -5.66 4.18 14.57
CA ARG A 20 -4.79 4.71 13.53
C ARG A 20 -3.44 5.08 14.15
N ILE A 21 -2.37 5.06 13.34
CA ILE A 21 -1.06 5.48 13.81
C ILE A 21 -1.15 6.94 14.26
N GLU A 22 -0.57 7.22 15.43
CA GLU A 22 -0.12 8.50 15.90
C GLU A 22 0.83 8.11 17.04
N LEU A 23 2.07 8.55 16.98
CA LEU A 23 3.13 8.26 17.94
C LEU A 23 3.92 9.55 18.12
N SER A 24 4.97 9.52 18.95
CA SER A 24 5.72 10.74 19.26
C SER A 24 7.13 10.56 19.85
N ASP A 25 7.51 9.34 20.26
CA ASP A 25 8.76 9.09 20.97
C ASP A 25 9.66 8.15 20.15
N ASP A 26 10.42 7.24 20.78
CA ASP A 26 11.24 6.23 20.12
C ASP A 26 10.40 5.18 19.35
N GLU A 27 9.09 5.36 19.33
CA GLU A 27 8.11 4.36 18.96
C GLU A 27 8.34 3.87 17.52
N TRP A 28 8.56 4.78 16.57
CA TRP A 28 8.91 4.55 15.19
C TRP A 28 10.33 3.98 15.02
N ARG A 29 10.68 2.99 15.83
CA ARG A 29 11.75 2.03 15.64
C ARG A 29 11.53 0.82 16.52
N GLU A 30 11.01 1.00 17.73
CA GLU A 30 10.80 -0.14 18.64
C GLU A 30 9.47 -0.85 18.37
N ILE A 31 8.44 -0.17 17.82
CA ILE A 31 7.16 -0.80 17.48
C ILE A 31 6.98 -0.91 15.96
N LEU A 32 8.05 -0.81 15.18
CA LEU A 32 8.01 -0.67 13.72
C LEU A 32 9.19 -1.39 13.08
N ASP A 33 9.19 -1.42 11.75
CA ASP A 33 10.36 -1.86 11.00
C ASP A 33 11.49 -0.85 11.20
N PRO A 34 12.76 -1.31 11.32
CA PRO A 34 13.91 -0.42 11.34
C PRO A 34 14.14 0.24 9.99
N GLU A 35 13.49 -0.26 8.93
CA GLU A 35 13.44 0.41 7.66
C GLU A 35 12.38 1.51 7.70
N ALA A 36 11.18 1.26 8.27
CA ALA A 36 10.14 2.28 8.29
C ALA A 36 10.61 3.52 9.06
N PHE A 37 11.32 3.27 10.16
CA PHE A 37 12.03 4.23 10.97
C PHE A 37 12.86 5.18 10.11
N ARG A 38 13.79 4.65 9.30
CA ARG A 38 14.64 5.51 8.49
C ARG A 38 13.85 6.12 7.34
N VAL A 39 13.00 5.34 6.67
CA VAL A 39 12.13 5.78 5.58
C VAL A 39 11.31 7.01 6.03
N ALA A 40 10.90 7.06 7.30
CA ALA A 40 10.19 8.22 7.82
C ALA A 40 11.00 9.53 7.83
N ARG A 41 12.31 9.49 7.55
CA ARG A 41 13.13 10.69 7.40
C ARG A 41 13.68 10.84 5.99
N LYS A 42 14.09 9.76 5.32
CA LYS A 42 14.63 9.81 3.97
C LYS A 42 13.55 9.73 2.89
N ALA A 43 12.27 9.82 3.27
CA ALA A 43 11.06 9.52 2.51
C ALA A 43 10.91 8.05 2.14
N GLY A 44 12.02 7.37 1.82
CA GLY A 44 12.09 6.08 1.18
C GLY A 44 13.54 5.72 0.96
N THR A 45 14.17 6.37 0.00
CA THR A 45 15.58 6.20 -0.31
C THR A 45 16.19 7.59 -0.44
N GLU A 46 17.28 7.83 0.29
CA GLU A 46 18.11 9.02 0.16
C GLU A 46 18.45 9.30 -1.32
N PRO A 47 19.07 8.38 -2.10
CA PRO A 47 19.14 8.51 -3.55
C PRO A 47 17.84 8.06 -4.22
N PRO A 48 17.62 8.36 -5.51
CA PRO A 48 16.52 7.79 -6.30
C PRO A 48 16.81 6.32 -6.68
N PHE A 49 17.02 5.46 -5.68
CA PHE A 49 17.24 4.03 -5.87
C PHE A 49 15.91 3.36 -6.20
N THR A 50 15.57 3.30 -7.48
CA THR A 50 14.43 2.54 -8.02
C THR A 50 14.69 1.03 -7.87
N GLY A 51 14.60 0.53 -6.64
CA GLY A 51 14.76 -0.89 -6.30
C GLY A 51 13.56 -1.70 -6.79
N LYS A 52 13.47 -1.91 -8.11
CA LYS A 52 12.38 -2.61 -8.79
C LYS A 52 12.46 -4.12 -8.54
N TYR A 53 12.30 -4.54 -7.29
CA TYR A 53 12.21 -5.94 -6.87
C TYR A 53 10.88 -6.54 -7.37
N HIS A 54 10.85 -6.88 -8.65
CA HIS A 54 9.64 -7.17 -9.42
C HIS A 54 9.21 -8.64 -9.39
N ASP A 55 9.91 -9.50 -8.65
CA ASP A 55 9.63 -10.93 -8.66
C ASP A 55 8.34 -11.23 -7.89
N LEU A 56 7.63 -12.27 -8.33
CA LEU A 56 6.36 -12.76 -7.80
C LEU A 56 6.39 -14.28 -8.07
N HIS A 57 6.78 -15.06 -7.07
CA HIS A 57 7.13 -16.47 -7.22
C HIS A 57 6.33 -17.31 -6.23
N ASP A 58 6.71 -17.27 -4.95
CA ASP A 58 5.94 -17.72 -3.81
C ASP A 58 4.88 -16.68 -3.45
N ASP A 59 4.10 -16.92 -2.40
CA ASP A 59 3.00 -16.06 -1.98
C ASP A 59 3.51 -14.72 -1.43
N GLY A 60 2.59 -13.75 -1.26
CA GLY A 60 2.96 -12.49 -0.63
C GLY A 60 2.01 -11.36 -0.93
N ILE A 61 2.10 -10.32 -0.09
CA ILE A 61 1.29 -9.10 -0.13
C ILE A 61 2.16 -7.90 0.26
N TYR A 62 1.60 -6.70 0.18
CA TYR A 62 2.26 -5.49 0.65
C TYR A 62 1.88 -5.15 2.08
N ARG A 63 2.91 -5.05 2.93
CA ARG A 63 2.86 -4.34 4.20
C ARG A 63 3.13 -2.88 3.83
N CYS A 64 2.15 -2.00 4.03
CA CYS A 64 2.36 -0.57 4.01
C CYS A 64 3.16 -0.23 5.26
N ILE A 65 4.49 -0.18 5.09
CA ILE A 65 5.47 -0.18 6.16
C ILE A 65 5.25 1.01 7.11
N CYS A 66 4.78 2.14 6.56
CA CYS A 66 4.71 3.42 7.23
C CYS A 66 3.45 3.54 8.10
N CYS A 67 2.67 2.46 8.21
CA CYS A 67 1.72 2.25 9.30
C CYS A 67 1.66 0.78 9.72
N GLY A 68 2.67 -0.04 9.36
CA GLY A 68 2.77 -1.42 9.80
C GLY A 68 1.55 -2.27 9.41
N THR A 69 0.86 -1.87 8.35
CA THR A 69 -0.49 -2.32 8.03
C THR A 69 -0.45 -2.98 6.66
N ASP A 70 -0.90 -4.22 6.57
CA ASP A 70 -1.12 -4.93 5.33
C ASP A 70 -2.21 -4.28 4.50
N LEU A 71 -2.02 -4.34 3.18
CA LEU A 71 -3.08 -4.16 2.21
C LEU A 71 -2.84 -4.97 0.94
N PHE A 72 -2.48 -4.31 -0.17
CA PHE A 72 -2.64 -4.81 -1.53
C PHE A 72 -1.96 -6.18 -1.73
N ASP A 73 -2.74 -7.12 -2.25
CA ASP A 73 -2.34 -8.51 -2.45
C ASP A 73 -1.71 -8.65 -3.83
N SER A 74 -0.77 -9.59 -3.99
CA SER A 74 -0.22 -9.93 -5.29
C SER A 74 -1.31 -10.41 -6.27
N GLU A 75 -2.42 -10.98 -5.81
CA GLU A 75 -3.54 -11.32 -6.70
C GLU A 75 -4.27 -10.08 -7.23
N THR A 76 -4.09 -8.93 -6.58
CA THR A 76 -4.56 -7.61 -7.06
C THR A 76 -3.45 -6.84 -7.78
N LYS A 77 -2.19 -7.17 -7.51
CA LYS A 77 -0.98 -6.46 -7.91
C LYS A 77 -0.07 -7.46 -8.63
N PHE A 78 -0.39 -7.74 -9.90
CA PHE A 78 0.43 -8.54 -10.78
C PHE A 78 0.66 -7.75 -12.07
N ASP A 79 1.93 -7.43 -12.36
CA ASP A 79 2.43 -7.08 -13.68
C ASP A 79 3.74 -7.86 -13.83
N SER A 80 4.28 -8.01 -15.04
CA SER A 80 5.31 -8.99 -15.33
C SER A 80 6.40 -8.36 -16.20
N GLY A 81 7.66 -8.62 -15.86
CA GLY A 81 8.82 -7.86 -16.36
C GLY A 81 8.85 -6.47 -15.73
N THR A 82 7.74 -5.74 -15.83
CA THR A 82 7.49 -4.51 -15.10
C THR A 82 7.47 -4.79 -13.60
N GLY A 83 6.45 -5.51 -13.14
CA GLY A 83 6.11 -5.73 -11.74
C GLY A 83 5.95 -4.48 -10.88
N TRP A 84 5.88 -3.30 -11.50
CA TRP A 84 5.72 -1.99 -10.88
C TRP A 84 4.55 -1.95 -9.90
N PRO A 85 4.56 -1.03 -8.91
CA PRO A 85 3.50 -0.89 -7.92
C PRO A 85 2.25 -0.24 -8.53
N SER A 86 1.60 -0.99 -9.42
CA SER A 86 0.29 -0.72 -9.95
C SER A 86 -0.54 -2.00 -9.86
N PHE A 87 -1.84 -1.83 -9.56
CA PHE A 87 -2.78 -2.90 -9.24
C PHE A 87 -4.06 -2.64 -10.02
N TYR A 88 -4.89 -3.67 -10.20
CA TYR A 88 -6.06 -3.61 -11.08
C TYR A 88 -7.36 -3.94 -10.35
N ASP A 89 -7.31 -4.11 -9.03
CA ASP A 89 -8.45 -4.01 -8.13
C ASP A 89 -7.87 -3.77 -6.73
N VAL A 90 -8.69 -3.57 -5.70
CA VAL A 90 -8.25 -3.36 -4.33
C VAL A 90 -8.38 -4.65 -3.53
N VAL A 91 -7.62 -4.75 -2.44
CA VAL A 91 -7.79 -5.81 -1.44
C VAL A 91 -9.15 -5.62 -0.74
N SER A 92 -9.47 -4.38 -0.34
CA SER A 92 -10.74 -3.84 0.13
C SER A 92 -10.52 -2.36 0.44
N GLU A 93 -11.59 -1.58 0.51
CA GLU A 93 -11.61 -0.18 0.89
C GLU A 93 -11.45 -0.03 2.41
N HIS A 94 -10.37 -0.58 2.99
CA HIS A 94 -10.20 -0.74 4.43
C HIS A 94 -9.10 0.20 4.91
N ASN A 95 -7.86 0.03 4.43
CA ASN A 95 -6.75 0.91 4.74
C ASN A 95 -6.24 1.71 3.54
N ILE A 96 -7.08 1.85 2.53
CA ILE A 96 -6.91 2.79 1.42
C ILE A 96 -8.00 3.87 1.56
N LYS A 97 -7.72 5.06 1.04
CA LYS A 97 -8.69 6.13 0.88
C LYS A 97 -8.75 6.51 -0.60
N LEU A 98 -9.96 6.87 -1.02
CA LEU A 98 -10.48 6.90 -2.38
C LEU A 98 -11.54 8.01 -2.48
N ARG A 99 -11.44 8.84 -3.53
CA ARG A 99 -12.42 9.82 -4.01
C ARG A 99 -12.47 9.75 -5.55
N GLU A 100 -13.49 9.10 -6.13
CA GLU A 100 -13.69 9.03 -7.59
C GLU A 100 -14.19 10.36 -8.15
N ASP A 101 -13.71 10.68 -9.37
CA ASP A 101 -13.96 11.85 -10.18
C ASP A 101 -13.72 11.46 -11.65
N ARG A 102 -13.93 12.38 -12.61
CA ARG A 102 -13.69 12.13 -14.03
C ARG A 102 -12.39 12.78 -14.55
N SER A 103 -11.40 13.02 -13.69
CA SER A 103 -10.21 13.87 -13.92
C SER A 103 -9.19 13.40 -14.98
N LEU A 104 -9.61 12.51 -15.89
CA LEU A 104 -8.88 12.21 -17.13
C LEU A 104 -9.81 12.12 -18.35
N GLY A 105 -11.11 12.37 -18.17
CA GLY A 105 -12.16 12.13 -19.15
C GLY A 105 -12.96 10.85 -18.88
N MET A 106 -12.61 10.05 -17.85
CA MET A 106 -13.25 8.76 -17.59
C MET A 106 -13.46 8.60 -16.09
N VAL A 107 -12.58 7.88 -15.39
CA VAL A 107 -12.60 7.72 -13.94
C VAL A 107 -11.20 7.91 -13.44
N ARG A 108 -10.97 9.01 -12.74
CA ARG A 108 -9.81 9.14 -11.88
C ARG A 108 -10.27 9.03 -10.44
N CYS A 109 -9.48 8.38 -9.59
CA CYS A 109 -9.65 8.48 -8.15
C CYS A 109 -8.30 8.63 -7.48
N GLU A 110 -8.20 9.49 -6.48
CA GLU A 110 -7.00 9.53 -5.64
C GLU A 110 -6.80 8.17 -4.93
N VAL A 111 -5.56 7.83 -4.59
CA VAL A 111 -5.23 6.64 -3.81
C VAL A 111 -4.24 7.08 -2.75
N LEU A 112 -4.69 7.13 -1.49
CA LEU A 112 -3.84 7.36 -0.33
C LEU A 112 -4.06 6.22 0.66
N CYS A 113 -3.19 6.07 1.66
CA CYS A 113 -3.48 5.17 2.77
C CYS A 113 -4.53 5.81 3.67
N ALA A 114 -5.38 4.96 4.26
CA ALA A 114 -6.45 5.41 5.14
C ALA A 114 -5.85 6.06 6.38
N ARG A 115 -4.82 5.44 7.00
CA ARG A 115 -3.98 6.17 7.94
C ARG A 115 -2.87 6.91 7.23
N CYS A 116 -1.79 6.25 6.79
CA CYS A 116 -0.54 6.96 6.54
C CYS A 116 -0.59 7.71 5.19
N ASP A 117 -1.30 8.83 5.13
CA ASP A 117 -1.35 9.78 4.00
C ASP A 117 0.02 10.36 3.67
N ALA A 118 0.79 9.51 3.01
CA ALA A 118 1.96 9.85 2.24
C ALA A 118 1.56 10.07 0.77
N HIS A 119 2.52 9.88 -0.14
CA HIS A 119 2.44 10.25 -1.55
C HIS A 119 1.46 9.35 -2.30
N LEU A 120 1.77 8.05 -2.30
CA LEU A 120 1.01 6.98 -2.92
C LEU A 120 0.71 7.37 -4.36
N GLY A 121 -0.55 7.61 -4.71
CA GLY A 121 -0.85 8.00 -6.08
C GLY A 121 -2.34 8.09 -6.37
N HIS A 122 -2.78 7.42 -7.43
CA HIS A 122 -4.15 7.49 -7.92
C HIS A 122 -4.47 6.26 -8.76
N VAL A 123 -5.73 6.14 -9.20
CA VAL A 123 -6.20 5.11 -10.13
C VAL A 123 -6.80 5.80 -11.36
N PHE A 124 -6.60 5.20 -12.53
CA PHE A 124 -7.07 5.70 -13.81
C PHE A 124 -7.54 4.56 -14.72
N ASP A 125 -8.27 4.92 -15.78
CA ASP A 125 -8.78 4.04 -16.83
C ASP A 125 -7.61 3.59 -17.72
N ASP A 126 -7.14 2.35 -17.54
CA ASP A 126 -6.04 1.70 -18.27
C ASP A 126 -6.10 0.19 -18.07
N GLY A 127 -6.18 -0.24 -16.80
CA GLY A 127 -6.05 -1.64 -16.44
C GLY A 127 -7.18 -2.50 -17.02
N PRO A 128 -6.96 -3.81 -17.15
CA PRO A 128 -7.85 -4.70 -17.89
C PRO A 128 -9.12 -5.03 -17.09
N ARG A 129 -10.02 -5.79 -17.74
CA ARG A 129 -11.04 -6.56 -17.05
C ARG A 129 -10.39 -7.38 -15.93
N PRO A 130 -11.06 -7.59 -14.78
CA PRO A 130 -12.50 -7.46 -14.59
C PRO A 130 -12.95 -6.03 -14.30
N THR A 131 -12.04 -5.24 -13.75
CA THR A 131 -12.38 -4.03 -13.02
C THR A 131 -12.02 -2.76 -13.80
N GLY A 132 -11.23 -2.87 -14.87
CA GLY A 132 -11.17 -1.87 -15.94
C GLY A 132 -10.34 -0.62 -15.61
N LYS A 133 -9.50 -0.67 -14.57
CA LYS A 133 -8.72 0.47 -14.11
C LYS A 133 -7.37 0.02 -13.57
N ARG A 134 -6.42 0.96 -13.51
CA ARG A 134 -5.07 0.78 -13.01
C ARG A 134 -4.90 1.73 -11.84
N TYR A 135 -4.84 1.17 -10.63
CA TYR A 135 -4.34 1.83 -9.44
C TYR A 135 -2.83 1.89 -9.56
N CYS A 136 -2.20 3.01 -9.19
CA CYS A 136 -0.74 3.16 -9.20
C CYS A 136 -0.33 3.95 -7.96
N MET A 137 0.71 3.48 -7.27
CA MET A 137 1.21 4.07 -6.02
C MET A 137 2.73 4.26 -6.13
N ASN A 138 3.15 5.51 -6.32
CA ASN A 138 4.54 5.92 -6.22
C ASN A 138 4.84 6.20 -4.74
N SER A 139 4.86 5.12 -3.94
CA SER A 139 5.05 5.17 -2.50
C SER A 139 6.37 4.50 -2.12
N ALA A 140 7.03 5.08 -1.12
CA ALA A 140 8.20 4.50 -0.48
C ALA A 140 7.86 3.21 0.28
N ALA A 141 6.70 3.22 0.97
CA ALA A 141 6.28 2.36 2.05
C ALA A 141 6.05 0.87 1.70
N LEU A 142 6.56 0.40 0.56
CA LEU A 142 6.13 -0.84 -0.07
C LEU A 142 6.99 -2.01 0.37
N LYS A 143 6.78 -2.51 1.60
CA LYS A 143 7.47 -3.71 2.05
C LYS A 143 6.66 -4.93 1.59
N PHE A 144 7.20 -5.71 0.65
CA PHE A 144 6.67 -7.05 0.39
C PHE A 144 6.86 -7.92 1.65
N ILE A 145 5.90 -8.79 1.90
CA ILE A 145 5.93 -9.84 2.92
C ILE A 145 5.23 -11.07 2.35
N PRO A 146 5.31 -12.25 3.01
CA PRO A 146 4.36 -13.35 2.81
C PRO A 146 2.91 -12.88 3.08
N ARG A 147 1.93 -13.77 2.87
CA ARG A 147 0.47 -13.59 2.91
C ARG A 147 -0.18 -12.90 4.12
N ASP A 148 0.61 -12.34 5.03
CA ASP A 148 0.38 -11.37 6.10
C ASP A 148 1.29 -11.74 7.25
N GLN A 149 0.93 -12.83 7.92
CA GLN A 149 1.56 -13.40 9.11
C GLN A 149 1.23 -14.90 9.12
N ILE A 150 1.32 -15.54 7.95
CA ILE A 150 1.42 -16.99 7.85
C ILE A 150 2.84 -17.47 8.20
N GLY A 151 3.81 -16.54 8.12
CA GLY A 151 5.19 -16.60 8.52
C GLY A 151 5.70 -15.16 8.45
ZN ZN B . -1.16 1.11 5.07
N MET A 1 -18.07 5.91 12.57
CA MET A 1 -17.38 6.68 13.61
C MET A 1 -16.66 5.70 14.53
N LYS A 2 -15.34 5.58 14.37
CA LYS A 2 -14.46 4.89 15.31
C LYS A 2 -13.04 5.44 15.17
N ASP A 3 -12.33 5.53 16.28
CA ASP A 3 -11.02 6.12 16.52
C ASP A 3 -9.89 5.21 16.03
N ARG A 4 -10.18 4.46 14.98
CA ARG A 4 -9.36 3.40 14.44
C ARG A 4 -9.49 3.42 12.90
N ILE A 5 -8.91 2.40 12.24
CA ILE A 5 -9.03 2.12 10.81
C ILE A 5 -9.19 0.60 10.59
N PRO A 6 -10.04 0.15 9.64
CA PRO A 6 -10.17 -1.25 9.29
C PRO A 6 -9.05 -1.70 8.34
N ILE A 7 -8.56 -2.93 8.51
CA ILE A 7 -7.35 -3.45 7.89
C ILE A 7 -7.67 -4.85 7.40
N PHE A 8 -7.52 -5.13 6.10
CA PHE A 8 -8.08 -6.31 5.48
C PHE A 8 -7.02 -7.02 4.63
N SER A 9 -6.39 -8.07 5.17
CA SER A 9 -5.51 -8.96 4.43
C SER A 9 -6.33 -9.80 3.44
N VAL A 10 -6.78 -9.20 2.34
CA VAL A 10 -7.69 -9.83 1.36
C VAL A 10 -7.11 -11.14 0.81
N ALA A 11 -5.79 -11.14 0.57
CA ALA A 11 -4.97 -12.28 0.13
C ALA A 11 -5.04 -13.49 1.07
N LYS A 12 -5.53 -13.27 2.29
CA LYS A 12 -5.68 -14.23 3.37
C LYS A 12 -7.08 -14.11 3.99
N ASN A 13 -7.98 -13.44 3.26
CA ASN A 13 -9.28 -12.87 3.61
C ASN A 13 -9.42 -12.53 5.10
N ARG A 14 -8.41 -11.89 5.72
CA ARG A 14 -8.57 -11.46 7.10
C ARG A 14 -9.13 -10.05 7.18
N VAL A 15 -9.47 -9.67 8.41
CA VAL A 15 -9.59 -8.30 8.82
C VAL A 15 -9.01 -8.21 10.24
N GLU A 16 -8.54 -7.02 10.59
CA GLU A 16 -8.33 -6.51 11.92
C GLU A 16 -8.67 -5.01 11.88
N MET A 17 -8.71 -4.39 13.05
CA MET A 17 -8.94 -2.96 13.19
C MET A 17 -7.85 -2.35 14.07
N VAL A 18 -6.78 -1.88 13.41
CA VAL A 18 -5.68 -1.15 14.03
C VAL A 18 -6.17 0.27 14.31
N GLU A 19 -5.58 0.97 15.26
CA GLU A 19 -5.92 2.36 15.52
C GLU A 19 -5.28 3.32 14.52
N ARG A 20 -5.64 4.60 14.60
CA ARG A 20 -5.17 5.64 13.69
C ARG A 20 -3.75 6.06 14.06
N ILE A 21 -3.05 6.75 13.14
CA ILE A 21 -1.62 7.03 13.28
C ILE A 21 -1.36 8.35 14.04
N GLU A 22 -1.69 8.33 15.33
CA GLU A 22 -1.68 9.47 16.23
C GLU A 22 -0.61 9.17 17.30
N LEU A 23 0.61 9.58 16.99
CA LEU A 23 1.84 9.36 17.76
C LEU A 23 2.59 10.69 17.97
N SER A 24 3.78 10.63 18.59
CA SER A 24 4.80 11.69 18.58
C SER A 24 6.02 11.16 17.80
N ASP A 25 6.93 12.04 17.35
CA ASP A 25 8.11 11.65 16.55
C ASP A 25 8.90 10.52 17.22
N ASP A 26 8.97 10.60 18.56
CA ASP A 26 9.59 9.67 19.49
C ASP A 26 9.22 8.23 19.20
N GLU A 27 7.99 8.00 18.74
CA GLU A 27 7.40 6.69 18.45
C GLU A 27 7.85 6.17 17.08
N TRP A 28 7.78 7.04 16.04
CA TRP A 28 8.01 6.81 14.60
C TRP A 28 9.47 6.41 14.28
N ARG A 29 10.06 5.56 15.11
CA ARG A 29 11.46 5.18 15.12
C ARG A 29 11.74 4.00 16.03
N GLU A 30 10.85 3.68 16.97
CA GLU A 30 11.00 2.54 17.86
C GLU A 30 9.77 1.63 17.87
N ILE A 31 8.62 2.08 17.32
CA ILE A 31 7.47 1.20 17.11
C ILE A 31 7.23 0.92 15.62
N LEU A 32 8.12 1.42 14.75
CA LEU A 32 8.06 1.28 13.31
C LEU A 32 8.96 0.14 12.84
N ASP A 33 8.84 -0.21 11.55
CA ASP A 33 9.90 -0.93 10.86
C ASP A 33 11.16 -0.05 10.88
N PRO A 34 12.38 -0.62 11.00
CA PRO A 34 13.61 0.13 10.73
C PRO A 34 13.69 0.58 9.27
N GLU A 35 12.85 0.00 8.41
CA GLU A 35 12.69 0.46 7.06
C GLU A 35 11.96 1.80 7.03
N ALA A 36 10.92 1.95 7.86
CA ALA A 36 10.04 3.11 7.82
C ALA A 36 10.83 4.37 8.15
N PHE A 37 11.72 4.23 9.14
CA PHE A 37 12.69 5.25 9.51
C PHE A 37 13.52 5.71 8.32
N ARG A 38 14.14 4.79 7.57
CA ARG A 38 15.07 5.18 6.54
C ARG A 38 14.29 5.67 5.34
N VAL A 39 13.27 4.94 4.92
CA VAL A 39 12.52 5.23 3.70
C VAL A 39 11.83 6.59 3.86
N ALA A 40 11.58 7.03 5.10
CA ALA A 40 11.06 8.34 5.36
C ALA A 40 12.00 9.51 5.00
N ARG A 41 13.28 9.24 4.67
CA ARG A 41 14.22 10.33 4.35
C ARG A 41 14.80 10.14 2.94
N LYS A 42 15.14 8.89 2.57
CA LYS A 42 15.62 8.54 1.24
C LYS A 42 14.49 8.18 0.26
N ALA A 43 13.22 8.29 0.67
CA ALA A 43 12.00 7.93 -0.05
C ALA A 43 11.91 6.46 -0.53
N GLY A 44 12.90 5.60 -0.22
CA GLY A 44 13.03 4.34 -0.94
C GLY A 44 13.81 3.21 -0.26
N THR A 45 15.14 3.33 -0.17
CA THR A 45 15.99 2.31 0.43
C THR A 45 17.29 2.98 0.85
N GLU A 46 17.97 2.37 1.82
CA GLU A 46 19.39 2.60 2.00
C GLU A 46 20.13 1.87 0.86
N PRO A 47 21.40 2.21 0.57
CA PRO A 47 22.17 1.51 -0.46
C PRO A 47 22.52 0.07 -0.02
N PRO A 48 22.71 -0.86 -0.96
CA PRO A 48 23.20 -2.21 -0.66
C PRO A 48 24.70 -2.18 -0.34
N PHE A 49 25.21 -3.30 0.18
CA PHE A 49 26.61 -3.53 0.51
C PHE A 49 26.98 -4.96 0.11
N THR A 50 28.27 -5.30 0.20
CA THR A 50 28.79 -6.64 -0.04
C THR A 50 28.22 -7.60 1.01
N GLY A 51 27.30 -8.47 0.61
CA GLY A 51 26.60 -9.43 1.46
C GLY A 51 25.81 -10.37 0.55
N LYS A 52 24.87 -11.13 1.11
CA LYS A 52 23.96 -11.99 0.35
C LYS A 52 22.55 -11.89 0.92
N TYR A 53 21.57 -12.27 0.09
CA TYR A 53 20.18 -12.51 0.45
C TYR A 53 19.66 -13.51 -0.59
N HIS A 54 18.70 -14.35 -0.20
CA HIS A 54 17.80 -15.03 -1.11
C HIS A 54 16.53 -15.36 -0.32
N ASP A 55 15.51 -15.82 -1.03
CA ASP A 55 14.34 -16.51 -0.48
C ASP A 55 13.95 -17.57 -1.51
N LEU A 56 12.71 -18.06 -1.47
CA LEU A 56 12.13 -18.93 -2.49
C LEU A 56 10.60 -18.73 -2.55
N HIS A 57 10.11 -17.49 -2.41
CA HIS A 57 8.68 -17.19 -2.45
C HIS A 57 8.29 -16.34 -3.66
N ASP A 58 7.00 -16.33 -3.97
CA ASP A 58 6.34 -15.47 -4.95
C ASP A 58 4.91 -15.25 -4.43
N ASP A 59 4.83 -14.62 -3.25
CA ASP A 59 3.62 -14.35 -2.48
C ASP A 59 3.92 -13.10 -1.64
N GLY A 60 2.90 -12.52 -1.01
CA GLY A 60 3.00 -11.32 -0.19
C GLY A 60 2.17 -10.15 -0.75
N ILE A 61 2.05 -9.10 0.07
CA ILE A 61 1.19 -7.94 -0.17
C ILE A 61 1.92 -6.65 0.23
N TYR A 62 1.33 -5.48 -0.08
CA TYR A 62 1.88 -4.19 0.32
C TYR A 62 1.41 -3.80 1.72
N ARG A 63 2.35 -3.26 2.51
CA ARG A 63 2.08 -2.54 3.74
C ARG A 63 2.43 -1.07 3.55
N CYS A 64 1.41 -0.23 3.74
CA CYS A 64 1.54 1.22 3.74
C CYS A 64 2.30 1.64 4.99
N ILE A 65 3.64 1.65 4.87
CA ILE A 65 4.57 1.85 5.98
C ILE A 65 4.29 3.09 6.83
N CYS A 66 3.67 4.11 6.24
CA CYS A 66 3.38 5.37 6.90
C CYS A 66 2.21 5.25 7.88
N CYS A 67 1.59 4.07 8.02
CA CYS A 67 0.74 3.70 9.15
C CYS A 67 0.80 2.20 9.43
N GLY A 68 1.85 1.50 8.96
CA GLY A 68 2.09 0.07 9.18
C GLY A 68 1.02 -0.88 8.62
N THR A 69 -0.07 -0.37 8.06
CA THR A 69 -1.25 -1.13 7.64
C THR A 69 -0.91 -1.94 6.40
N ASP A 70 -1.44 -3.16 6.28
CA ASP A 70 -1.44 -3.92 5.04
C ASP A 70 -2.69 -3.64 4.21
N LEU A 71 -2.50 -3.44 2.88
CA LEU A 71 -3.59 -3.18 1.95
C LEU A 71 -3.44 -3.96 0.63
N PHE A 72 -2.83 -3.36 -0.40
CA PHE A 72 -2.90 -3.85 -1.76
C PHE A 72 -2.29 -5.26 -1.86
N ASP A 73 -3.11 -6.25 -2.25
CA ASP A 73 -2.60 -7.56 -2.62
C ASP A 73 -1.85 -7.47 -3.95
N SER A 74 -0.88 -8.37 -4.13
CA SER A 74 -0.11 -8.55 -5.35
C SER A 74 -0.98 -8.80 -6.59
N GLU A 75 -2.21 -9.35 -6.49
CA GLU A 75 -3.12 -9.45 -7.64
C GLU A 75 -3.43 -8.06 -8.22
N THR A 76 -3.33 -7.01 -7.40
CA THR A 76 -3.57 -5.62 -7.77
C THR A 76 -2.29 -4.88 -8.14
N LYS A 77 -1.22 -5.63 -8.44
CA LYS A 77 -0.04 -5.14 -9.17
C LYS A 77 0.64 -6.28 -9.96
N PHE A 78 -0.15 -7.21 -10.50
CA PHE A 78 0.35 -8.49 -10.99
C PHE A 78 0.90 -8.37 -12.42
N ASP A 79 1.87 -7.47 -12.62
CA ASP A 79 2.38 -7.13 -13.93
C ASP A 79 3.68 -7.89 -14.20
N SER A 80 3.64 -8.85 -15.13
CA SER A 80 4.67 -9.84 -15.39
C SER A 80 6.07 -9.21 -15.56
N GLY A 81 6.91 -9.30 -14.53
CA GLY A 81 8.27 -8.80 -14.52
C GLY A 81 8.34 -7.30 -14.27
N THR A 82 7.55 -6.49 -14.99
CA THR A 82 7.48 -5.04 -14.84
C THR A 82 7.04 -4.67 -13.42
N GLY A 83 6.00 -5.34 -12.90
CA GLY A 83 5.50 -5.28 -11.54
C GLY A 83 5.27 -3.88 -10.97
N TRP A 84 5.02 -2.90 -11.84
CA TRP A 84 4.79 -1.51 -11.47
C TRP A 84 3.61 -1.40 -10.48
N PRO A 85 3.63 -0.43 -9.54
CA PRO A 85 2.60 -0.24 -8.52
C PRO A 85 1.37 0.46 -9.12
N SER A 86 0.81 -0.17 -10.16
CA SER A 86 -0.25 0.39 -10.96
C SER A 86 -0.93 -0.76 -11.69
N PHE A 87 -2.23 -0.92 -11.47
CA PHE A 87 -3.01 -2.06 -11.96
C PHE A 87 -4.47 -1.64 -12.07
N TYR A 88 -5.39 -2.60 -12.12
CA TYR A 88 -6.73 -2.33 -12.62
C TYR A 88 -7.79 -2.51 -11.53
N ASP A 89 -7.36 -2.76 -10.30
CA ASP A 89 -8.27 -2.85 -9.14
C ASP A 89 -7.50 -2.55 -7.84
N VAL A 90 -8.18 -2.60 -6.70
CA VAL A 90 -7.67 -2.38 -5.35
C VAL A 90 -8.25 -3.43 -4.39
N VAL A 91 -7.66 -3.52 -3.19
CA VAL A 91 -8.05 -4.48 -2.15
C VAL A 91 -9.52 -4.33 -1.76
N SER A 92 -9.94 -3.10 -1.43
CA SER A 92 -11.21 -2.69 -0.81
C SER A 92 -11.01 -1.30 -0.20
N GLU A 93 -12.08 -0.50 -0.11
CA GLU A 93 -12.04 0.79 0.60
C GLU A 93 -12.04 0.55 2.11
N HIS A 94 -10.86 0.22 2.66
CA HIS A 94 -10.66 0.03 4.09
C HIS A 94 -9.63 1.04 4.63
N ASN A 95 -8.41 1.06 4.08
CA ASN A 95 -7.40 2.09 4.35
C ASN A 95 -6.86 2.70 3.06
N ILE A 96 -7.72 2.79 2.05
CA ILE A 96 -7.52 3.63 0.87
C ILE A 96 -8.68 4.62 0.88
N LYS A 97 -8.40 5.85 0.44
CA LYS A 97 -9.37 6.88 0.21
C LYS A 97 -9.15 7.40 -1.20
N LEU A 98 -10.26 7.68 -1.88
CA LEU A 98 -10.34 8.21 -3.22
C LEU A 98 -11.24 9.45 -3.19
N ARG A 99 -10.88 10.48 -3.94
CA ARG A 99 -11.65 11.68 -4.21
C ARG A 99 -11.78 11.67 -5.73
N GLU A 100 -13.00 11.75 -6.24
CA GLU A 100 -13.29 11.48 -7.65
C GLU A 100 -13.59 12.78 -8.39
N ASP A 101 -12.88 13.00 -9.49
CA ASP A 101 -13.01 14.12 -10.41
C ASP A 101 -13.03 13.60 -11.86
N ARG A 102 -13.19 14.51 -12.83
CA ARG A 102 -13.16 14.24 -14.27
C ARG A 102 -11.87 14.73 -14.95
N SER A 103 -10.83 15.11 -14.20
CA SER A 103 -9.72 15.98 -14.63
C SER A 103 -9.12 15.63 -15.99
N LEU A 104 -8.88 14.33 -16.25
CA LEU A 104 -8.25 13.90 -17.50
C LEU A 104 -9.15 14.11 -18.73
N GLY A 105 -10.43 14.41 -18.52
CA GLY A 105 -11.47 14.42 -19.53
C GLY A 105 -12.47 13.27 -19.36
N MET A 106 -12.39 12.44 -18.31
CA MET A 106 -13.31 11.33 -18.14
C MET A 106 -13.54 11.09 -16.65
N VAL A 107 -12.70 10.29 -15.98
CA VAL A 107 -12.80 10.07 -14.55
C VAL A 107 -11.40 9.84 -14.03
N ARG A 108 -10.95 10.78 -13.21
CA ARG A 108 -9.69 10.79 -12.51
C ARG A 108 -9.98 10.85 -11.01
N CYS A 109 -9.68 9.78 -10.30
CA CYS A 109 -9.92 9.70 -8.87
C CYS A 109 -8.56 9.60 -8.19
N GLU A 110 -8.30 10.35 -7.11
CA GLU A 110 -7.04 10.17 -6.40
C GLU A 110 -7.03 8.84 -5.63
N VAL A 111 -5.85 8.43 -5.19
CA VAL A 111 -5.62 7.24 -4.36
C VAL A 111 -4.65 7.69 -3.28
N LEU A 112 -5.11 7.82 -2.04
CA LEU A 112 -4.23 7.99 -0.88
C LEU A 112 -4.65 6.99 0.20
N CYS A 113 -3.83 6.81 1.23
CA CYS A 113 -4.22 5.99 2.38
C CYS A 113 -5.36 6.70 3.11
N ALA A 114 -6.28 5.95 3.74
CA ALA A 114 -7.45 6.56 4.37
C ALA A 114 -7.14 7.26 5.70
N ARG A 115 -5.98 6.95 6.32
CA ARG A 115 -5.48 7.69 7.48
C ARG A 115 -4.21 8.46 7.14
N CYS A 116 -3.15 7.80 6.67
CA CYS A 116 -1.91 8.50 6.32
C CYS A 116 -2.04 9.02 4.88
N ASP A 117 -2.79 10.11 4.67
CA ASP A 117 -2.89 10.82 3.38
C ASP A 117 -1.51 11.38 2.98
N ALA A 118 -0.61 10.50 2.52
CA ALA A 118 0.82 10.76 2.38
C ALA A 118 1.19 11.16 0.94
N HIS A 119 1.20 10.19 0.01
CA HIS A 119 1.59 10.39 -1.39
C HIS A 119 0.73 9.51 -2.29
N LEU A 120 1.09 8.22 -2.41
CA LEU A 120 0.47 7.24 -3.29
C LEU A 120 0.26 7.83 -4.70
N GLY A 121 -0.98 8.07 -5.11
CA GLY A 121 -1.24 8.67 -6.41
C GLY A 121 -2.72 8.72 -6.75
N HIS A 122 -3.15 7.93 -7.75
CA HIS A 122 -4.48 8.11 -8.35
C HIS A 122 -4.92 6.90 -9.18
N VAL A 123 -6.09 7.00 -9.82
CA VAL A 123 -6.62 6.10 -10.82
C VAL A 123 -7.17 6.92 -11.98
N PHE A 124 -7.08 6.37 -13.19
CA PHE A 124 -7.66 6.93 -14.40
C PHE A 124 -8.30 5.80 -15.21
N ASP A 125 -9.43 6.07 -15.86
CA ASP A 125 -10.09 5.10 -16.74
C ASP A 125 -9.29 5.00 -18.04
N ASP A 126 -8.67 3.83 -18.24
CA ASP A 126 -7.54 3.58 -19.14
C ASP A 126 -7.30 2.08 -19.31
N GLY A 127 -7.31 1.33 -18.20
CA GLY A 127 -7.04 -0.10 -18.17
C GLY A 127 -8.15 -0.97 -18.77
N PRO A 128 -7.98 -2.29 -18.81
CA PRO A 128 -8.93 -3.20 -19.43
C PRO A 128 -10.21 -3.35 -18.59
N ARG A 129 -11.28 -3.85 -19.23
CA ARG A 129 -12.44 -4.37 -18.51
C ARG A 129 -11.97 -5.56 -17.64
N PRO A 130 -12.65 -5.90 -16.52
CA PRO A 130 -13.97 -5.43 -16.09
C PRO A 130 -13.99 -3.97 -15.64
N THR A 131 -12.99 -3.53 -14.87
CA THR A 131 -13.00 -2.22 -14.23
C THR A 131 -12.83 -1.06 -15.22
N GLY A 132 -12.10 -1.27 -16.33
CA GLY A 132 -11.86 -0.25 -17.34
C GLY A 132 -10.84 0.79 -16.89
N LYS A 133 -10.12 0.55 -15.77
CA LYS A 133 -9.34 1.61 -15.13
C LYS A 133 -7.94 1.17 -14.76
N ARG A 134 -7.08 2.14 -14.48
CA ARG A 134 -5.68 1.98 -14.15
C ARG A 134 -5.38 2.83 -12.93
N TYR A 135 -5.22 2.18 -11.78
CA TYR A 135 -4.67 2.74 -10.55
C TYR A 135 -3.17 2.92 -10.76
N CYS A 136 -2.56 3.93 -10.14
CA CYS A 136 -1.13 4.20 -10.18
C CYS A 136 -0.75 5.01 -8.94
N MET A 137 0.08 4.43 -8.08
CA MET A 137 0.48 5.00 -6.81
C MET A 137 1.96 4.73 -6.54
N ASN A 138 2.70 5.72 -6.04
CA ASN A 138 4.12 5.62 -5.74
C ASN A 138 4.43 6.39 -4.47
N SER A 139 5.06 5.75 -3.48
CA SER A 139 5.63 6.46 -2.33
C SER A 139 6.64 5.55 -1.62
N ALA A 140 7.27 6.13 -0.59
CA ALA A 140 8.01 5.43 0.44
C ALA A 140 7.16 4.34 1.12
N ALA A 141 5.83 4.55 1.21
CA ALA A 141 4.90 3.67 1.89
C ALA A 141 4.37 2.56 0.97
N LEU A 142 5.28 1.88 0.27
CA LEU A 142 4.98 0.71 -0.55
C LEU A 142 5.99 -0.38 -0.21
N LYS A 143 6.00 -0.82 1.05
CA LYS A 143 6.86 -1.90 1.50
C LYS A 143 6.12 -3.23 1.27
N PHE A 144 6.77 -4.17 0.58
CA PHE A 144 6.28 -5.54 0.49
C PHE A 144 6.41 -6.22 1.87
N ILE A 145 5.46 -7.09 2.19
CA ILE A 145 5.46 -7.98 3.35
C ILE A 145 4.95 -9.36 2.91
N PRO A 146 5.09 -10.40 3.75
CA PRO A 146 4.28 -11.60 3.64
C PRO A 146 2.79 -11.25 3.75
N ARG A 147 1.94 -12.26 3.53
CA ARG A 147 0.47 -12.15 3.42
C ARG A 147 -0.17 -11.30 4.51
N ASP A 148 0.41 -11.33 5.72
CA ASP A 148 0.28 -10.34 6.76
C ASP A 148 1.56 -10.39 7.61
N GLN A 149 1.77 -11.50 8.30
CA GLN A 149 2.77 -11.80 9.32
C GLN A 149 3.13 -13.29 9.33
N ILE A 150 2.54 -14.13 8.44
CA ILE A 150 2.74 -15.58 8.41
C ILE A 150 4.22 -16.00 8.31
N GLY A 151 5.07 -15.19 7.68
CA GLY A 151 6.49 -15.44 7.51
C GLY A 151 6.95 -14.92 6.17
ZN ZN B . -0.96 3.34 5.24
N MET A 1 -13.68 8.63 8.90
CA MET A 1 -14.12 7.33 9.43
C MET A 1 -13.91 7.36 10.95
N LYS A 2 -14.23 6.25 11.63
CA LYS A 2 -14.03 6.08 13.08
C LYS A 2 -12.56 6.27 13.42
N ASP A 3 -12.24 6.46 14.71
CA ASP A 3 -10.86 6.70 15.17
C ASP A 3 -9.99 5.43 15.23
N ARG A 4 -10.42 4.44 14.47
CA ARG A 4 -9.95 3.07 14.43
C ARG A 4 -10.00 2.64 12.97
N ILE A 5 -9.16 1.67 12.63
CA ILE A 5 -8.82 1.30 11.27
C ILE A 5 -8.96 -0.22 11.13
N PRO A 6 -9.99 -0.72 10.42
CA PRO A 6 -10.23 -2.14 10.23
C PRO A 6 -9.23 -2.69 9.21
N ILE A 7 -8.19 -3.40 9.67
CA ILE A 7 -7.20 -4.04 8.83
C ILE A 7 -7.76 -5.40 8.43
N PHE A 8 -8.33 -5.48 7.23
CA PHE A 8 -8.82 -6.73 6.65
C PHE A 8 -7.60 -7.54 6.16
N SER A 9 -7.11 -8.46 6.98
CA SER A 9 -6.28 -9.58 6.54
C SER A 9 -7.13 -10.52 5.69
N VAL A 10 -7.57 -10.08 4.50
CA VAL A 10 -8.54 -10.83 3.71
C VAL A 10 -7.96 -12.19 3.27
N ALA A 11 -6.66 -12.24 2.98
CA ALA A 11 -5.92 -13.47 2.67
C ALA A 11 -5.89 -14.50 3.82
N LYS A 12 -6.31 -14.11 5.04
CA LYS A 12 -6.48 -15.00 6.19
C LYS A 12 -7.92 -14.92 6.73
N ASN A 13 -8.81 -14.29 5.94
CA ASN A 13 -10.13 -13.77 6.25
C ASN A 13 -10.26 -13.29 7.71
N ARG A 14 -9.56 -12.20 8.04
CA ARG A 14 -9.71 -11.54 9.34
C ARG A 14 -9.88 -10.04 9.13
N VAL A 15 -10.32 -9.34 10.17
CA VAL A 15 -10.57 -7.91 10.17
C VAL A 15 -10.18 -7.42 11.57
N GLU A 16 -8.96 -6.88 11.69
CA GLU A 16 -8.45 -6.37 12.95
C GLU A 16 -8.78 -4.89 13.03
N MET A 17 -9.80 -4.49 13.80
CA MET A 17 -10.03 -3.07 14.04
C MET A 17 -9.04 -2.55 15.08
N VAL A 18 -7.88 -2.11 14.57
CA VAL A 18 -6.81 -1.50 15.36
C VAL A 18 -7.14 0.00 15.48
N GLU A 19 -6.45 0.75 16.34
CA GLU A 19 -6.76 2.17 16.55
C GLU A 19 -5.91 3.01 15.60
N ARG A 20 -6.28 4.28 15.35
CA ARG A 20 -5.47 5.15 14.49
C ARG A 20 -4.07 5.32 15.07
N ILE A 21 -3.08 5.57 14.20
CA ILE A 21 -1.74 5.91 14.63
C ILE A 21 -1.82 7.28 15.34
N GLU A 22 -1.23 7.36 16.52
CA GLU A 22 -0.90 8.56 17.29
C GLU A 22 0.27 8.09 18.15
N LEU A 23 1.42 8.74 18.01
CA LEU A 23 2.65 8.44 18.73
C LEU A 23 3.40 9.75 19.02
N SER A 24 4.50 9.64 19.76
CA SER A 24 5.53 10.67 19.82
C SER A 24 6.61 10.35 18.79
N ASP A 25 7.38 11.33 18.33
CA ASP A 25 8.37 11.18 17.25
C ASP A 25 9.37 10.05 17.55
N ASP A 26 9.75 9.89 18.82
CA ASP A 26 10.73 8.89 19.26
C ASP A 26 10.23 7.45 19.15
N GLU A 27 8.92 7.22 19.06
CA GLU A 27 8.31 5.90 19.00
C GLU A 27 8.62 5.23 17.66
N TRP A 28 8.51 6.01 16.58
CA TRP A 28 8.62 5.64 15.17
C TRP A 28 9.98 5.02 14.76
N ARG A 29 10.84 4.70 15.72
CA ARG A 29 12.08 3.97 15.49
C ARG A 29 12.30 2.79 16.41
N GLU A 30 11.47 2.61 17.45
CA GLU A 30 11.66 1.56 18.44
C GLU A 30 10.42 0.70 18.64
N ILE A 31 9.25 1.12 18.16
CA ILE A 31 8.04 0.29 18.15
C ILE A 31 7.59 -0.07 16.72
N LEU A 32 8.28 0.45 15.70
CA LEU A 32 7.87 0.35 14.30
C LEU A 32 8.47 -0.89 13.64
N ASP A 33 8.07 -1.17 12.39
CA ASP A 33 8.80 -2.06 11.49
C ASP A 33 10.23 -1.50 11.38
N PRO A 34 11.30 -2.31 11.49
CA PRO A 34 12.68 -1.82 11.55
C PRO A 34 13.12 -1.18 10.24
N GLU A 35 12.46 -1.52 9.13
CA GLU A 35 12.66 -0.86 7.86
C GLU A 35 12.01 0.51 7.85
N ALA A 36 10.91 0.74 8.57
CA ALA A 36 10.18 2.01 8.51
C ALA A 36 11.09 3.17 8.90
N PHE A 37 11.89 2.94 9.94
CA PHE A 37 12.87 3.89 10.44
C PHE A 37 13.85 4.30 9.34
N ARG A 38 14.43 3.34 8.61
CA ARG A 38 15.29 3.69 7.49
C ARG A 38 14.50 4.31 6.35
N VAL A 39 13.38 3.70 5.96
CA VAL A 39 12.53 4.12 4.85
C VAL A 39 12.01 5.54 5.05
N ALA A 40 11.95 6.05 6.28
CA ALA A 40 11.72 7.45 6.53
C ALA A 40 12.82 8.38 5.99
N ARG A 41 14.08 7.94 5.89
CA ARG A 41 15.18 8.74 5.32
C ARG A 41 15.33 8.50 3.82
N LYS A 42 15.13 7.26 3.37
CA LYS A 42 15.37 6.86 1.97
C LYS A 42 14.10 6.94 1.11
N ALA A 43 12.99 7.45 1.67
CA ALA A 43 11.64 7.46 1.10
C ALA A 43 11.18 6.10 0.55
N GLY A 44 11.83 5.01 0.97
CA GLY A 44 11.55 3.64 0.55
C GLY A 44 12.64 3.00 -0.29
N THR A 45 13.58 3.74 -0.89
CA THR A 45 14.66 3.17 -1.71
C THR A 45 15.76 4.22 -1.90
N GLU A 46 16.94 3.94 -1.37
CA GLU A 46 18.15 4.73 -1.68
C GLU A 46 18.40 4.77 -3.20
N PRO A 47 18.97 5.86 -3.75
CA PRO A 47 19.40 5.90 -5.14
C PRO A 47 20.57 4.92 -5.32
N PRO A 48 20.47 3.92 -6.23
CA PRO A 48 21.56 2.99 -6.47
C PRO A 48 22.72 3.68 -7.19
N PHE A 49 23.92 3.11 -7.09
CA PHE A 49 25.10 3.61 -7.77
C PHE A 49 26.02 2.44 -8.16
N THR A 50 26.48 1.66 -7.16
CA THR A 50 27.48 0.61 -7.35
C THR A 50 26.88 -0.75 -6.98
N GLY A 51 25.92 -1.23 -7.78
CA GLY A 51 25.31 -2.55 -7.61
C GLY A 51 23.91 -2.57 -8.21
N LYS A 52 23.32 -3.78 -8.28
CA LYS A 52 21.92 -4.01 -8.64
C LYS A 52 21.47 -5.28 -7.91
N TYR A 53 20.14 -5.43 -7.73
CA TYR A 53 19.45 -6.64 -7.33
C TYR A 53 18.06 -6.62 -8.00
N HIS A 54 17.22 -7.63 -7.77
CA HIS A 54 15.77 -7.61 -7.96
C HIS A 54 15.17 -8.84 -7.25
N ASP A 55 13.85 -8.86 -7.06
CA ASP A 55 13.07 -10.03 -6.64
C ASP A 55 11.92 -10.24 -7.64
N LEU A 56 11.24 -11.38 -7.57
CA LEU A 56 10.00 -11.66 -8.29
C LEU A 56 9.24 -12.76 -7.53
N HIS A 57 8.08 -12.42 -6.98
CA HIS A 57 7.09 -13.33 -6.40
C HIS A 57 5.70 -12.77 -6.69
N ASP A 58 4.66 -13.58 -6.45
CA ASP A 58 3.24 -13.32 -6.68
C ASP A 58 2.42 -13.56 -5.40
N ASP A 59 3.12 -13.48 -4.28
CA ASP A 59 2.70 -13.93 -2.96
C ASP A 59 2.73 -12.77 -1.97
N GLY A 60 2.09 -12.95 -0.81
CA GLY A 60 2.08 -12.02 0.29
C GLY A 60 0.90 -11.06 0.25
N ILE A 61 0.90 -10.12 1.21
CA ILE A 61 0.06 -8.94 1.18
C ILE A 61 0.97 -7.70 1.33
N TYR A 62 0.47 -6.53 0.94
CA TYR A 62 1.17 -5.29 1.20
C TYR A 62 1.06 -4.94 2.69
N ARG A 63 2.04 -4.17 3.14
CA ARG A 63 2.23 -3.70 4.50
C ARG A 63 2.44 -2.19 4.40
N CYS A 64 1.44 -1.45 4.88
CA CYS A 64 1.41 0.01 4.90
C CYS A 64 2.33 0.47 6.04
N ILE A 65 3.64 0.35 5.80
CA ILE A 65 4.74 0.53 6.75
C ILE A 65 4.76 1.95 7.38
N CYS A 66 4.04 2.92 6.78
CA CYS A 66 3.86 4.27 7.30
C CYS A 66 2.87 4.32 8.48
N CYS A 67 2.29 3.18 8.89
CA CYS A 67 1.70 3.04 10.23
C CYS A 67 1.70 1.59 10.76
N GLY A 68 1.94 0.57 9.92
CA GLY A 68 1.88 -0.83 10.33
C GLY A 68 0.53 -1.49 10.06
N THR A 69 -0.35 -0.83 9.29
CA THR A 69 -1.48 -1.45 8.60
C THR A 69 -0.95 -2.45 7.57
N ASP A 70 -1.81 -3.36 7.09
CA ASP A 70 -1.56 -4.24 5.96
C ASP A 70 -2.76 -4.09 5.00
N LEU A 71 -2.57 -4.34 3.71
CA LEU A 71 -3.55 -4.13 2.63
C LEU A 71 -3.04 -4.78 1.33
N PHE A 72 -3.62 -4.42 0.16
CA PHE A 72 -3.37 -4.87 -1.21
C PHE A 72 -2.68 -6.23 -1.32
N ASP A 73 -3.48 -7.30 -1.41
CA ASP A 73 -3.03 -8.66 -1.66
C ASP A 73 -2.25 -8.73 -2.98
N SER A 74 -1.13 -9.46 -3.01
CA SER A 74 -0.19 -9.43 -4.13
C SER A 74 -0.80 -9.84 -5.47
N GLU A 75 -1.92 -10.59 -5.49
CA GLU A 75 -2.65 -10.90 -6.73
C GLU A 75 -3.17 -9.64 -7.43
N THR A 76 -3.32 -8.52 -6.70
CA THR A 76 -3.66 -7.22 -7.25
C THR A 76 -2.47 -6.55 -7.95
N LYS A 77 -1.24 -7.07 -7.78
CA LYS A 77 0.01 -6.40 -8.12
C LYS A 77 0.95 -7.36 -8.87
N PHE A 78 0.79 -7.46 -10.20
CA PHE A 78 1.66 -8.31 -11.01
C PHE A 78 1.97 -7.68 -12.38
N ASP A 79 2.31 -6.38 -12.39
CA ASP A 79 2.78 -5.69 -13.59
C ASP A 79 4.07 -6.36 -14.08
N SER A 80 3.93 -7.25 -15.06
CA SER A 80 4.90 -8.29 -15.34
C SER A 80 6.12 -7.71 -16.05
N GLY A 81 7.27 -7.72 -15.37
CA GLY A 81 8.51 -7.13 -15.84
C GLY A 81 8.75 -5.80 -15.13
N THR A 82 7.84 -4.84 -15.30
CA THR A 82 7.90 -3.52 -14.68
C THR A 82 7.90 -3.61 -13.16
N GLY A 83 6.88 -4.31 -12.64
CA GLY A 83 6.41 -4.40 -11.27
C GLY A 83 6.49 -3.11 -10.48
N TRP A 84 6.26 -1.98 -11.15
CA TRP A 84 6.04 -0.69 -10.51
C TRP A 84 4.85 -0.76 -9.53
N PRO A 85 4.76 0.14 -8.54
CA PRO A 85 3.65 0.19 -7.59
C PRO A 85 2.36 0.67 -8.27
N SER A 86 1.73 -0.24 -9.00
CA SER A 86 0.37 -0.07 -9.47
C SER A 86 -0.40 -1.38 -9.36
N PHE A 87 -1.73 -1.27 -9.29
CA PHE A 87 -2.67 -2.34 -9.13
C PHE A 87 -3.83 -2.13 -10.10
N TYR A 88 -4.69 -3.14 -10.22
CA TYR A 88 -5.92 -3.09 -11.02
C TYR A 88 -7.17 -3.39 -10.18
N ASP A 89 -7.01 -3.80 -8.91
CA ASP A 89 -8.09 -4.00 -7.96
C ASP A 89 -7.51 -3.77 -6.55
N VAL A 90 -8.33 -3.92 -5.51
CA VAL A 90 -7.99 -3.67 -4.11
C VAL A 90 -8.16 -4.95 -3.27
N VAL A 91 -7.58 -4.92 -2.07
CA VAL A 91 -7.92 -5.82 -0.96
C VAL A 91 -9.39 -5.61 -0.57
N SER A 92 -9.80 -4.34 -0.36
CA SER A 92 -11.11 -3.81 -0.02
C SER A 92 -10.94 -2.34 0.38
N GLU A 93 -12.02 -1.56 0.33
CA GLU A 93 -12.16 -0.28 0.98
C GLU A 93 -12.24 -0.49 2.50
N HIS A 94 -11.08 -0.66 3.17
CA HIS A 94 -11.02 -0.98 4.59
C HIS A 94 -10.09 0.01 5.33
N ASN A 95 -8.81 0.06 4.96
CA ASN A 95 -7.81 0.95 5.56
C ASN A 95 -7.31 1.97 4.53
N ILE A 96 -8.13 2.30 3.54
CA ILE A 96 -7.81 3.10 2.38
C ILE A 96 -8.91 4.15 2.18
N LYS A 97 -8.59 5.24 1.48
CA LYS A 97 -9.42 6.43 1.34
C LYS A 97 -9.42 6.84 -0.13
N LEU A 98 -10.60 6.85 -0.76
CA LEU A 98 -10.79 7.17 -2.17
C LEU A 98 -11.99 8.09 -2.40
N ARG A 99 -11.84 9.09 -3.28
CA ARG A 99 -12.89 9.97 -3.84
C ARG A 99 -12.81 9.91 -5.36
N GLU A 100 -13.89 9.47 -6.00
CA GLU A 100 -14.00 9.39 -7.45
C GLU A 100 -14.24 10.78 -8.05
N ASP A 101 -13.65 11.02 -9.22
CA ASP A 101 -13.90 12.13 -10.12
C ASP A 101 -13.73 11.60 -11.56
N ARG A 102 -13.88 12.46 -12.57
CA ARG A 102 -13.71 12.17 -13.98
C ARG A 102 -12.50 12.92 -14.56
N SER A 103 -11.66 13.50 -13.70
CA SER A 103 -10.70 14.59 -13.91
C SER A 103 -9.65 14.43 -15.03
N LEU A 104 -9.58 13.28 -15.70
CA LEU A 104 -8.73 13.09 -16.87
C LEU A 104 -9.52 13.16 -18.18
N GLY A 105 -10.86 13.18 -18.09
CA GLY A 105 -11.76 12.95 -19.20
C GLY A 105 -12.43 11.57 -19.15
N MET A 106 -12.30 10.78 -18.06
CA MET A 106 -12.99 9.50 -17.96
C MET A 106 -13.31 9.20 -16.49
N VAL A 107 -12.39 8.60 -15.75
CA VAL A 107 -12.52 8.31 -14.32
C VAL A 107 -11.13 8.52 -13.73
N ARG A 108 -11.00 9.51 -12.85
CA ARG A 108 -9.81 9.76 -12.06
C ARG A 108 -10.23 9.88 -10.58
N CYS A 109 -9.81 8.96 -9.72
CA CYS A 109 -10.21 8.90 -8.31
C CYS A 109 -8.96 8.98 -7.45
N GLU A 110 -8.94 9.76 -6.37
CA GLU A 110 -7.80 9.77 -5.46
C GLU A 110 -7.62 8.41 -4.76
N VAL A 111 -6.41 8.14 -4.25
CA VAL A 111 -6.10 6.98 -3.43
C VAL A 111 -5.11 7.42 -2.35
N LEU A 112 -5.56 7.45 -1.09
CA LEU A 112 -4.72 7.65 0.10
C LEU A 112 -4.94 6.47 1.05
N CYS A 113 -4.07 6.30 2.05
CA CYS A 113 -4.38 5.43 3.19
C CYS A 113 -5.49 6.08 4.03
N ALA A 114 -6.16 5.31 4.89
CA ALA A 114 -7.19 5.83 5.80
C ALA A 114 -6.65 6.38 7.14
N ARG A 115 -5.34 6.30 7.40
CA ARG A 115 -4.70 6.94 8.54
C ARG A 115 -3.33 7.50 8.23
N CYS A 116 -2.40 6.71 7.66
CA CYS A 116 -1.10 7.26 7.28
C CYS A 116 -1.25 7.91 5.89
N ASP A 117 -2.05 8.98 5.80
CA ASP A 117 -2.52 9.68 4.59
C ASP A 117 -1.39 10.42 3.85
N ALA A 118 -0.32 9.69 3.54
CA ALA A 118 0.81 10.14 2.75
C ALA A 118 0.45 10.20 1.26
N HIS A 119 1.46 10.58 0.46
CA HIS A 119 1.41 10.86 -0.98
C HIS A 119 0.51 9.90 -1.73
N LEU A 120 0.87 8.61 -1.67
CA LEU A 120 0.20 7.50 -2.32
C LEU A 120 -0.02 7.90 -3.78
N GLY A 121 -1.27 7.99 -4.23
CA GLY A 121 -1.61 8.57 -5.51
C GLY A 121 -3.10 8.49 -5.81
N HIS A 122 -3.47 7.66 -6.78
CA HIS A 122 -4.80 7.71 -7.38
C HIS A 122 -5.12 6.44 -8.16
N VAL A 123 -6.34 6.35 -8.71
CA VAL A 123 -6.73 5.34 -9.69
C VAL A 123 -7.35 6.03 -10.90
N PHE A 124 -7.01 5.55 -12.10
CA PHE A 124 -7.47 6.10 -13.36
C PHE A 124 -7.83 4.98 -14.34
N ASP A 125 -8.62 5.32 -15.37
CA ASP A 125 -9.01 4.45 -16.47
C ASP A 125 -7.79 4.10 -17.33
N ASP A 126 -7.35 2.83 -17.34
CA ASP A 126 -6.17 2.35 -18.09
C ASP A 126 -6.20 0.84 -18.41
N GLY A 127 -6.86 0.03 -17.59
CA GLY A 127 -6.84 -1.41 -17.74
C GLY A 127 -7.77 -1.87 -18.87
N PRO A 128 -7.51 -3.01 -19.51
CA PRO A 128 -8.37 -3.51 -20.60
C PRO A 128 -9.70 -4.07 -20.07
N ARG A 129 -9.70 -4.66 -18.87
CA ARG A 129 -10.71 -5.44 -18.16
C ARG A 129 -9.97 -6.18 -17.02
N PRO A 130 -10.65 -6.76 -16.01
CA PRO A 130 -12.07 -6.63 -15.70
C PRO A 130 -12.43 -5.24 -15.17
N THR A 131 -11.62 -4.70 -14.26
CA THR A 131 -11.89 -3.47 -13.53
C THR A 131 -11.72 -2.21 -14.39
N GLY A 132 -10.94 -2.30 -15.48
CA GLY A 132 -10.70 -1.20 -16.41
C GLY A 132 -9.73 -0.15 -15.88
N LYS A 133 -9.23 -0.30 -14.64
CA LYS A 133 -8.61 0.79 -13.91
C LYS A 133 -7.21 0.44 -13.47
N ARG A 134 -6.42 1.48 -13.21
CA ARG A 134 -5.05 1.45 -12.77
C ARG A 134 -4.96 2.29 -11.52
N TYR A 135 -4.77 1.63 -10.38
CA TYR A 135 -4.42 2.23 -9.12
C TYR A 135 -2.91 2.45 -9.21
N CYS A 136 -2.43 3.69 -9.08
CA CYS A 136 -1.02 4.06 -9.18
C CYS A 136 -0.70 4.98 -8.01
N MET A 137 0.28 4.58 -7.21
CA MET A 137 0.69 5.28 -6.00
C MET A 137 2.21 5.22 -5.86
N ASN A 138 2.78 6.11 -5.04
CA ASN A 138 4.20 6.18 -4.68
C ASN A 138 4.24 6.72 -3.25
N SER A 139 5.03 6.11 -2.37
CA SER A 139 5.43 6.66 -1.08
C SER A 139 6.44 5.71 -0.43
N ALA A 140 6.96 6.11 0.73
CA ALA A 140 7.63 5.22 1.67
C ALA A 140 6.70 4.14 2.25
N ALA A 141 5.37 4.26 2.11
CA ALA A 141 4.40 3.39 2.77
C ALA A 141 4.29 1.98 2.15
N LEU A 142 5.14 1.63 1.19
CA LEU A 142 4.91 0.50 0.30
C LEU A 142 5.89 -0.65 0.63
N LYS A 143 5.53 -1.50 1.60
CA LYS A 143 6.26 -2.73 1.90
C LYS A 143 5.38 -3.94 1.55
N PHE A 144 5.97 -5.13 1.51
CA PHE A 144 5.28 -6.41 1.43
C PHE A 144 5.52 -7.17 2.75
N ILE A 145 4.65 -8.14 3.04
CA ILE A 145 4.83 -9.21 4.01
C ILE A 145 4.22 -10.50 3.41
N PRO A 146 4.44 -11.69 4.01
CA PRO A 146 3.59 -12.86 3.77
C PRO A 146 2.11 -12.57 4.12
N ARG A 147 1.21 -13.52 3.82
CA ARG A 147 -0.26 -13.37 3.77
C ARG A 147 -0.92 -12.65 4.94
N ASP A 148 -0.28 -12.66 6.11
CA ASP A 148 -0.60 -11.82 7.28
C ASP A 148 0.43 -12.12 8.37
N GLN A 149 0.53 -13.37 8.83
CA GLN A 149 1.44 -13.86 9.88
C GLN A 149 1.76 -15.36 9.66
N ILE A 150 1.55 -15.89 8.43
CA ILE A 150 1.95 -17.27 8.10
C ILE A 150 3.47 -17.42 8.01
N GLY A 151 4.17 -16.28 7.95
CA GLY A 151 5.59 -16.10 8.24
C GLY A 151 5.73 -14.65 8.70
ZN ZN B . -1.33 2.23 6.59
N MET A 1 -8.50 12.69 11.34
CA MET A 1 -9.22 11.48 11.73
C MET A 1 -9.29 11.43 13.27
N LYS A 2 -10.12 10.54 13.82
CA LYS A 2 -10.53 10.52 15.24
C LYS A 2 -11.07 9.14 15.63
N ASP A 3 -10.52 8.09 15.01
CA ASP A 3 -11.15 6.78 14.86
C ASP A 3 -10.13 5.63 14.78
N ARG A 4 -10.64 4.46 14.36
CA ARG A 4 -10.01 3.15 14.21
C ARG A 4 -10.10 2.73 12.74
N ILE A 5 -9.54 1.58 12.34
CA ILE A 5 -9.75 0.99 11.03
C ILE A 5 -10.04 -0.52 11.11
N PRO A 6 -10.79 -1.10 10.16
CA PRO A 6 -10.83 -2.54 9.96
C PRO A 6 -9.58 -3.00 9.20
N ILE A 7 -8.81 -3.95 9.73
CA ILE A 7 -7.89 -4.74 8.91
C ILE A 7 -8.70 -5.96 8.43
N PHE A 8 -8.39 -6.44 7.23
CA PHE A 8 -9.14 -7.45 6.52
C PHE A 8 -8.14 -8.27 5.74
N SER A 9 -7.65 -9.36 6.32
CA SER A 9 -6.82 -10.26 5.54
C SER A 9 -7.67 -11.01 4.52
N VAL A 10 -7.89 -10.42 3.33
CA VAL A 10 -8.67 -11.02 2.24
C VAL A 10 -8.05 -12.37 1.82
N ALA A 11 -6.73 -12.45 1.88
CA ALA A 11 -5.91 -13.64 1.66
C ALA A 11 -6.31 -14.83 2.57
N LYS A 12 -7.07 -14.59 3.64
CA LYS A 12 -7.63 -15.58 4.56
C LYS A 12 -9.13 -15.35 4.78
N ASN A 13 -9.73 -14.42 4.02
CA ASN A 13 -10.97 -13.71 4.27
C ASN A 13 -11.23 -13.56 5.77
N ARG A 14 -10.37 -12.78 6.42
CA ARG A 14 -10.38 -12.49 7.84
C ARG A 14 -10.72 -11.00 8.01
N VAL A 15 -11.15 -10.61 9.22
CA VAL A 15 -11.45 -9.24 9.59
C VAL A 15 -10.99 -9.05 11.04
N GLU A 16 -10.12 -8.07 11.26
CA GLU A 16 -9.45 -7.78 12.51
C GLU A 16 -9.43 -6.26 12.66
N MET A 17 -10.36 -5.67 13.43
CA MET A 17 -10.33 -4.23 13.66
C MET A 17 -9.11 -3.86 14.52
N VAL A 18 -8.44 -2.76 14.19
CA VAL A 18 -7.32 -2.20 14.93
C VAL A 18 -7.57 -0.69 14.99
N GLU A 19 -7.40 -0.05 16.15
CA GLU A 19 -7.32 1.40 16.14
C GLU A 19 -6.10 1.89 15.35
N ARG A 20 -6.06 3.19 15.08
CA ARG A 20 -5.08 3.74 14.13
C ARG A 20 -3.68 3.89 14.75
N ILE A 21 -2.81 4.64 14.06
CA ILE A 21 -1.44 4.86 14.47
C ILE A 21 -1.50 6.06 15.42
N GLU A 22 -1.21 5.86 16.71
CA GLU A 22 -1.28 6.87 17.73
C GLU A 22 -0.09 6.59 18.66
N LEU A 23 1.04 7.31 18.49
CA LEU A 23 2.26 7.21 19.28
C LEU A 23 2.78 8.62 19.60
N SER A 24 3.81 8.65 20.45
CA SER A 24 4.75 9.75 20.63
C SER A 24 5.79 9.69 19.50
N ASP A 25 6.58 10.74 19.31
CA ASP A 25 7.53 10.81 18.19
C ASP A 25 8.59 9.71 18.27
N ASP A 26 9.31 9.62 19.39
CA ASP A 26 10.47 8.73 19.47
C ASP A 26 10.14 7.24 19.35
N GLU A 27 8.88 6.85 19.57
CA GLU A 27 8.43 5.48 19.48
C GLU A 27 8.76 4.92 18.08
N TRP A 28 8.56 5.74 17.04
CA TRP A 28 8.75 5.44 15.62
C TRP A 28 10.15 4.99 15.19
N ARG A 29 11.09 4.77 16.12
CA ARG A 29 12.40 4.21 15.83
C ARG A 29 12.83 3.09 16.76
N GLU A 30 12.08 2.86 17.84
CA GLU A 30 12.40 1.84 18.83
C GLU A 30 11.31 0.76 18.93
N ILE A 31 10.06 1.03 18.51
CA ILE A 31 9.03 0.00 18.34
C ILE A 31 8.76 -0.33 16.87
N LEU A 32 9.33 0.44 15.94
CA LEU A 32 9.01 0.37 14.52
C LEU A 32 9.95 -0.59 13.78
N ASP A 33 9.70 -0.81 12.49
CA ASP A 33 10.68 -1.42 11.60
C ASP A 33 11.92 -0.50 11.52
N PRO A 34 13.14 -1.08 11.50
CA PRO A 34 14.37 -0.31 11.40
C PRO A 34 14.58 0.29 10.00
N GLU A 35 13.79 -0.15 9.03
CA GLU A 35 13.63 0.43 7.73
C GLU A 35 12.65 1.60 7.78
N ALA A 36 11.56 1.52 8.56
CA ALA A 36 10.61 2.62 8.67
C ALA A 36 11.29 3.86 9.25
N PHE A 37 12.09 3.64 10.31
CA PHE A 37 12.93 4.65 10.94
C PHE A 37 13.70 5.43 9.90
N ARG A 38 14.48 4.74 9.08
CA ARG A 38 15.34 5.42 8.15
C ARG A 38 14.51 5.99 7.03
N VAL A 39 13.61 5.20 6.42
CA VAL A 39 12.80 5.64 5.28
C VAL A 39 12.05 6.92 5.64
N ALA A 40 11.67 7.10 6.91
CA ALA A 40 11.02 8.33 7.35
C ALA A 40 11.86 9.60 7.18
N ARG A 41 13.19 9.53 7.21
CA ARG A 41 14.05 10.69 6.96
C ARG A 41 14.44 10.82 5.49
N LYS A 42 14.43 9.72 4.73
CA LYS A 42 15.02 9.69 3.39
C LYS A 42 14.01 9.56 2.25
N ALA A 43 12.71 9.46 2.55
CA ALA A 43 11.65 9.08 1.61
C ALA A 43 12.12 7.93 0.70
N GLY A 44 12.79 6.95 1.31
CA GLY A 44 13.11 5.66 0.73
C GLY A 44 14.55 5.50 0.29
N THR A 45 15.28 6.56 -0.07
CA THR A 45 16.70 6.40 -0.42
C THR A 45 17.44 7.73 -0.25
N GLU A 46 18.47 7.73 0.61
CA GLU A 46 19.41 8.85 0.81
C GLU A 46 20.12 9.25 -0.50
N PRO A 47 20.91 8.40 -1.17
CA PRO A 47 21.36 8.66 -2.53
C PRO A 47 20.19 8.47 -3.53
N PRO A 48 20.32 8.92 -4.78
CA PRO A 48 19.37 8.55 -5.83
C PRO A 48 19.46 7.04 -6.11
N PHE A 49 18.36 6.45 -6.60
CA PHE A 49 18.35 5.08 -7.07
C PHE A 49 19.10 4.98 -8.41
N THR A 50 19.39 3.76 -8.86
CA THR A 50 19.95 3.44 -10.18
C THR A 50 19.76 1.94 -10.39
N GLY A 51 20.22 1.13 -9.41
CA GLY A 51 19.83 -0.27 -9.31
C GLY A 51 18.37 -0.39 -8.86
N LYS A 52 17.86 -1.63 -8.88
CA LYS A 52 16.51 -2.00 -8.46
C LYS A 52 16.59 -3.34 -7.72
N TYR A 53 15.45 -3.82 -7.20
CA TYR A 53 15.36 -5.19 -6.72
C TYR A 53 15.49 -6.19 -7.88
N HIS A 54 15.97 -7.38 -7.55
CA HIS A 54 15.88 -8.58 -8.37
C HIS A 54 14.54 -9.27 -8.12
N ASP A 55 14.10 -10.09 -9.08
CA ASP A 55 12.98 -11.02 -8.97
C ASP A 55 13.24 -11.96 -7.80
N LEU A 56 12.21 -12.21 -6.98
CA LEU A 56 12.32 -12.83 -5.66
C LEU A 56 11.25 -13.92 -5.51
N HIS A 57 11.11 -14.48 -4.30
CA HIS A 57 9.91 -15.20 -3.89
C HIS A 57 8.80 -14.16 -3.66
N ASP A 58 8.36 -13.51 -4.75
CA ASP A 58 7.41 -12.41 -4.77
C ASP A 58 5.98 -12.95 -4.59
N ASP A 59 5.75 -13.62 -3.46
CA ASP A 59 4.49 -14.22 -3.04
C ASP A 59 4.16 -13.70 -1.65
N GLY A 60 3.06 -12.98 -1.51
CA GLY A 60 2.81 -12.17 -0.34
C GLY A 60 1.74 -11.12 -0.60
N ILE A 61 1.59 -10.15 0.31
CA ILE A 61 0.70 -8.99 0.15
C ILE A 61 1.47 -7.70 0.48
N TYR A 62 0.92 -6.55 0.04
CA TYR A 62 1.51 -5.23 0.23
C TYR A 62 1.26 -4.71 1.64
N ARG A 63 2.15 -3.82 2.09
CA ARG A 63 2.06 -3.13 3.36
C ARG A 63 2.48 -1.68 3.20
N CYS A 64 1.93 -0.83 4.07
CA CYS A 64 2.32 0.55 4.27
C CYS A 64 3.15 0.62 5.56
N ILE A 65 4.48 0.52 5.43
CA ILE A 65 5.45 0.48 6.54
C ILE A 65 5.39 1.76 7.37
N CYS A 66 5.11 2.92 6.76
CA CYS A 66 5.05 4.22 7.42
C CYS A 66 3.75 4.38 8.23
N CYS A 67 2.94 3.33 8.33
CA CYS A 67 1.95 3.17 9.37
C CYS A 67 1.89 1.71 9.85
N GLY A 68 2.91 0.90 9.51
CA GLY A 68 3.07 -0.48 9.93
C GLY A 68 1.98 -1.44 9.45
N THR A 69 1.09 -1.03 8.52
CA THR A 69 -0.21 -1.67 8.31
C THR A 69 -0.31 -2.24 6.90
N ASP A 70 -0.88 -3.44 6.78
CA ASP A 70 -1.06 -4.16 5.52
C ASP A 70 -2.27 -3.67 4.71
N LEU A 71 -2.31 -4.05 3.43
CA LEU A 71 -3.42 -3.78 2.53
C LEU A 71 -3.41 -4.70 1.29
N PHE A 72 -2.96 -4.21 0.13
CA PHE A 72 -3.32 -4.81 -1.16
C PHE A 72 -2.85 -6.25 -1.31
N ASP A 73 -3.77 -7.14 -1.70
CA ASP A 73 -3.45 -8.50 -2.10
C ASP A 73 -2.79 -8.49 -3.48
N SER A 74 -1.69 -9.24 -3.65
CA SER A 74 -0.94 -9.32 -4.88
C SER A 74 -1.74 -9.90 -6.05
N GLU A 75 -2.86 -10.61 -5.81
CA GLU A 75 -3.75 -11.05 -6.88
C GLU A 75 -4.27 -9.87 -7.72
N THR A 76 -4.42 -8.71 -7.07
CA THR A 76 -4.84 -7.47 -7.71
C THR A 76 -3.78 -6.90 -8.67
N LYS A 77 -2.53 -7.36 -8.54
CA LYS A 77 -1.34 -6.73 -9.10
C LYS A 77 -0.90 -7.48 -10.36
N PHE A 78 0.34 -7.26 -10.81
CA PHE A 78 0.89 -7.83 -12.04
C PHE A 78 2.28 -8.45 -11.87
N ASP A 79 2.65 -8.82 -10.64
CA ASP A 79 3.77 -9.71 -10.32
C ASP A 79 3.61 -11.01 -11.10
N SER A 80 4.57 -11.30 -11.98
CA SER A 80 4.72 -12.40 -12.97
C SER A 80 4.61 -11.86 -14.40
N GLY A 81 3.95 -10.71 -14.59
CA GLY A 81 3.83 -10.05 -15.88
C GLY A 81 4.84 -8.92 -15.99
N THR A 82 4.88 -8.02 -14.99
CA THR A 82 5.97 -7.04 -14.85
C THR A 82 6.16 -6.54 -13.41
N GLY A 83 5.29 -6.89 -12.46
CA GLY A 83 5.40 -6.50 -11.06
C GLY A 83 5.37 -5.00 -10.79
N TRP A 84 4.89 -4.19 -11.75
CA TRP A 84 4.73 -2.75 -11.57
C TRP A 84 3.72 -2.45 -10.46
N PRO A 85 3.85 -1.31 -9.74
CA PRO A 85 2.95 -0.94 -8.64
C PRO A 85 1.62 -0.38 -9.17
N SER A 86 0.97 -1.10 -10.09
CA SER A 86 -0.39 -0.85 -10.50
C SER A 86 -1.20 -2.15 -10.44
N PHE A 87 -2.49 -2.02 -10.10
CA PHE A 87 -3.40 -3.09 -9.79
C PHE A 87 -4.78 -2.75 -10.37
N TYR A 88 -5.70 -3.72 -10.45
CA TYR A 88 -6.99 -3.52 -11.15
C TYR A 88 -8.20 -3.64 -10.22
N ASP A 89 -8.02 -4.07 -8.96
CA ASP A 89 -9.00 -4.02 -7.89
C ASP A 89 -8.22 -3.88 -6.58
N VAL A 90 -8.87 -3.92 -5.41
CA VAL A 90 -8.24 -3.75 -4.10
C VAL A 90 -8.66 -4.86 -3.14
N VAL A 91 -7.91 -4.96 -2.04
CA VAL A 91 -8.23 -5.76 -0.87
C VAL A 91 -9.64 -5.45 -0.35
N SER A 92 -9.98 -4.15 -0.26
CA SER A 92 -11.21 -3.52 0.26
C SER A 92 -10.89 -2.09 0.66
N GLU A 93 -11.91 -1.23 0.74
CA GLU A 93 -11.81 0.08 1.41
C GLU A 93 -11.77 -0.16 2.92
N HIS A 94 -10.64 -0.66 3.41
CA HIS A 94 -10.45 -1.05 4.80
C HIS A 94 -9.27 -0.26 5.40
N ASN A 95 -8.09 -0.35 4.76
CA ASN A 95 -6.90 0.46 5.02
C ASN A 95 -6.53 1.29 3.78
N ILE A 96 -7.41 1.41 2.79
CA ILE A 96 -7.26 2.29 1.65
C ILE A 96 -8.54 3.11 1.53
N LYS A 97 -8.38 4.39 1.17
CA LYS A 97 -9.44 5.38 1.04
C LYS A 97 -9.42 5.91 -0.40
N LEU A 98 -10.59 6.26 -0.96
CA LEU A 98 -10.74 6.90 -2.26
C LEU A 98 -11.63 8.15 -2.17
N ARG A 99 -11.45 9.04 -3.14
CA ARG A 99 -12.29 10.18 -3.47
C ARG A 99 -12.31 10.26 -5.00
N GLU A 100 -13.49 10.44 -5.60
CA GLU A 100 -13.64 10.58 -7.05
C GLU A 100 -13.23 11.98 -7.50
N ASP A 101 -12.62 12.02 -8.69
CA ASP A 101 -12.51 13.16 -9.56
C ASP A 101 -12.43 12.58 -10.98
N ARG A 102 -12.36 13.45 -11.99
CA ARG A 102 -12.35 13.13 -13.41
C ARG A 102 -11.07 13.66 -14.08
N SER A 103 -9.97 13.77 -13.31
CA SER A 103 -8.70 14.45 -13.60
C SER A 103 -7.85 13.84 -14.74
N LEU A 104 -8.46 13.07 -15.64
CA LEU A 104 -7.87 12.65 -16.90
C LEU A 104 -8.84 12.82 -18.09
N GLY A 105 -10.06 13.31 -17.83
CA GLY A 105 -11.15 13.36 -18.79
C GLY A 105 -12.16 12.24 -18.59
N MET A 106 -11.98 11.35 -17.59
CA MET A 106 -12.95 10.27 -17.33
C MET A 106 -13.13 10.13 -15.83
N VAL A 107 -12.30 9.32 -15.16
CA VAL A 107 -12.42 9.03 -13.74
C VAL A 107 -11.00 8.86 -13.20
N ARG A 108 -10.53 9.85 -12.44
CA ARG A 108 -9.33 9.78 -11.63
C ARG A 108 -9.72 9.84 -10.15
N CYS A 109 -9.99 8.69 -9.55
CA CYS A 109 -10.24 8.66 -8.11
C CYS A 109 -8.89 8.52 -7.40
N GLU A 110 -8.63 9.31 -6.36
CA GLU A 110 -7.41 9.15 -5.56
C GLU A 110 -7.43 7.83 -4.77
N VAL A 111 -6.26 7.34 -4.35
CA VAL A 111 -6.04 6.07 -3.64
C VAL A 111 -4.95 6.32 -2.59
N LEU A 112 -5.32 6.45 -1.30
CA LEU A 112 -4.38 6.71 -0.21
C LEU A 112 -4.65 5.78 0.98
N CYS A 113 -3.65 5.60 1.85
CA CYS A 113 -3.69 4.64 2.95
C CYS A 113 -4.50 5.20 4.13
N ALA A 114 -5.62 4.56 4.46
CA ALA A 114 -6.61 5.05 5.41
C ALA A 114 -6.09 5.07 6.86
N ARG A 115 -5.10 4.24 7.23
CA ARG A 115 -4.49 4.28 8.56
C ARG A 115 -3.87 5.64 8.89
N CYS A 116 -3.45 6.39 7.87
CA CYS A 116 -2.73 7.64 8.03
C CYS A 116 -3.32 8.60 7.00
N ASP A 117 -2.68 8.69 5.84
CA ASP A 117 -2.95 9.60 4.72
C ASP A 117 -1.92 9.45 3.58
N ALA A 118 -1.19 8.35 3.58
CA ALA A 118 0.08 8.29 2.88
C ALA A 118 -0.07 8.23 1.36
N HIS A 119 0.93 8.82 0.69
CA HIS A 119 0.96 9.33 -0.69
C HIS A 119 0.26 8.42 -1.68
N LEU A 120 0.83 7.22 -1.88
CA LEU A 120 0.31 6.16 -2.73
C LEU A 120 0.03 6.73 -4.11
N GLY A 121 -1.24 6.90 -4.48
CA GLY A 121 -1.55 7.55 -5.74
C GLY A 121 -3.04 7.61 -6.02
N HIS A 122 -3.47 6.92 -7.08
CA HIS A 122 -4.82 7.08 -7.61
C HIS A 122 -5.21 5.88 -8.47
N VAL A 123 -6.44 5.85 -8.97
CA VAL A 123 -6.95 4.87 -9.92
C VAL A 123 -7.52 5.60 -11.13
N PHE A 124 -7.23 5.09 -12.33
CA PHE A 124 -7.66 5.66 -13.59
C PHE A 124 -8.25 4.61 -14.53
N ASP A 125 -9.05 5.08 -15.49
CA ASP A 125 -9.77 4.32 -16.51
C ASP A 125 -8.81 3.78 -17.58
N ASP A 126 -8.18 2.61 -17.32
CA ASP A 126 -7.12 2.04 -18.16
C ASP A 126 -6.93 0.51 -17.93
N GLY A 127 -7.81 -0.13 -17.14
CA GLY A 127 -7.63 -1.52 -16.75
C GLY A 127 -8.45 -2.48 -17.61
N PRO A 128 -8.22 -3.80 -17.46
CA PRO A 128 -9.03 -4.82 -18.09
C PRO A 128 -10.40 -4.90 -17.40
N ARG A 129 -11.37 -5.56 -18.05
CA ARG A 129 -12.55 -6.04 -17.32
C ARG A 129 -12.10 -7.06 -16.26
N PRO A 130 -12.81 -7.23 -15.14
CA PRO A 130 -14.13 -6.67 -14.83
C PRO A 130 -14.12 -5.16 -14.56
N THR A 131 -13.16 -4.67 -13.77
CA THR A 131 -13.21 -3.33 -13.19
C THR A 131 -12.96 -2.20 -14.18
N GLY A 132 -12.24 -2.45 -15.29
CA GLY A 132 -11.91 -1.45 -16.30
C GLY A 132 -10.85 -0.44 -15.86
N LYS A 133 -10.28 -0.58 -14.66
CA LYS A 133 -9.51 0.49 -14.02
C LYS A 133 -8.14 0.02 -13.57
N ARG A 134 -7.22 0.97 -13.44
CA ARG A 134 -5.83 0.80 -13.06
C ARG A 134 -5.57 1.68 -11.86
N TYR A 135 -5.56 1.08 -10.69
CA TYR A 135 -4.99 1.63 -9.47
C TYR A 135 -3.48 1.69 -9.69
N CYS A 136 -2.81 2.80 -9.33
CA CYS A 136 -1.36 2.93 -9.40
C CYS A 136 -0.90 3.76 -8.21
N MET A 137 0.24 3.38 -7.63
CA MET A 137 0.75 3.99 -6.40
C MET A 137 2.27 4.15 -6.45
N ASN A 138 2.77 5.06 -5.62
CA ASN A 138 4.15 5.16 -5.20
C ASN A 138 4.17 5.78 -3.80
N SER A 139 4.80 5.11 -2.84
CA SER A 139 5.30 5.71 -1.63
C SER A 139 6.53 4.90 -1.24
N ALA A 140 7.49 5.56 -0.60
CA ALA A 140 8.57 4.86 0.08
C ALA A 140 8.03 3.99 1.22
N ALA A 141 6.82 4.28 1.70
CA ALA A 141 6.10 3.48 2.67
C ALA A 141 5.70 2.09 2.14
N LEU A 142 5.80 1.82 0.82
CA LEU A 142 5.36 0.55 0.26
C LEU A 142 6.39 -0.54 0.58
N LYS A 143 6.02 -1.42 1.52
CA LYS A 143 6.74 -2.65 1.85
C LYS A 143 5.90 -3.83 1.36
N PHE A 144 6.51 -5.02 1.34
CA PHE A 144 5.86 -6.28 0.99
C PHE A 144 6.08 -7.22 2.16
N ILE A 145 5.12 -8.11 2.41
CA ILE A 145 5.13 -9.08 3.50
C ILE A 145 4.59 -10.41 2.95
N PRO A 146 4.74 -11.54 3.67
CA PRO A 146 4.03 -12.78 3.34
C PRO A 146 2.51 -12.56 3.29
N ARG A 147 1.77 -13.56 2.80
CA ARG A 147 0.34 -13.47 2.51
C ARG A 147 -0.51 -12.96 3.67
N ASP A 148 -0.03 -13.18 4.89
CA ASP A 148 -0.40 -12.44 6.08
C ASP A 148 0.66 -12.78 7.13
N GLN A 149 0.51 -13.91 7.84
CA GLN A 149 1.44 -14.37 8.87
C GLN A 149 1.93 -15.79 8.54
N ILE A 150 1.67 -16.30 7.33
CA ILE A 150 1.89 -17.70 6.97
C ILE A 150 3.37 -18.12 7.00
N GLY A 151 4.29 -17.17 6.84
CA GLY A 151 5.73 -17.40 6.85
C GLY A 151 6.40 -16.53 5.81
ZN ZN B . -0.22 4.82 4.62
N MET A 1 -15.11 7.38 11.36
CA MET A 1 -16.05 7.44 12.48
C MET A 1 -15.53 6.77 13.77
N LYS A 2 -14.33 6.18 13.76
CA LYS A 2 -13.66 5.62 14.93
C LYS A 2 -12.16 5.87 14.83
N ASP A 3 -11.50 5.94 15.98
CA ASP A 3 -10.08 6.22 16.21
C ASP A 3 -9.20 5.00 15.93
N ARG A 4 -9.72 4.14 15.05
CA ARG A 4 -9.20 2.84 14.70
C ARG A 4 -9.42 2.61 13.21
N ILE A 5 -8.63 1.71 12.63
CA ILE A 5 -8.69 1.24 11.26
C ILE A 5 -9.04 -0.26 11.31
N PRO A 6 -10.23 -0.68 10.83
CA PRO A 6 -10.53 -2.08 10.63
C PRO A 6 -9.71 -2.54 9.42
N ILE A 7 -8.59 -3.24 9.64
CA ILE A 7 -7.87 -3.88 8.55
C ILE A 7 -8.67 -5.14 8.17
N PHE A 8 -8.64 -5.49 6.89
CA PHE A 8 -9.30 -6.62 6.29
C PHE A 8 -8.37 -7.20 5.24
N SER A 9 -8.61 -8.46 4.86
CA SER A 9 -8.10 -9.01 3.60
C SER A 9 -9.22 -9.81 2.94
N VAL A 10 -9.74 -9.38 1.78
CA VAL A 10 -10.66 -10.20 1.00
C VAL A 10 -10.02 -11.56 0.68
N ALA A 11 -8.76 -11.52 0.24
CA ALA A 11 -7.97 -12.65 -0.24
C ALA A 11 -7.89 -13.80 0.78
N LYS A 12 -7.92 -13.46 2.08
CA LYS A 12 -7.76 -14.38 3.19
C LYS A 12 -8.99 -14.43 4.09
N ASN A 13 -10.04 -13.66 3.75
CA ASN A 13 -11.10 -13.23 4.66
C ASN A 13 -10.56 -12.81 6.05
N ARG A 14 -9.42 -12.10 6.10
CA ARG A 14 -8.94 -11.57 7.38
C ARG A 14 -9.79 -10.39 7.79
N VAL A 15 -9.90 -10.18 9.10
CA VAL A 15 -10.27 -8.91 9.72
C VAL A 15 -9.43 -8.77 10.99
N GLU A 16 -8.91 -7.57 11.22
CA GLU A 16 -8.20 -7.19 12.42
C GLU A 16 -8.31 -5.67 12.61
N MET A 17 -9.04 -5.20 13.63
CA MET A 17 -9.06 -3.76 13.92
C MET A 17 -7.82 -3.36 14.71
N VAL A 18 -7.12 -2.33 14.26
CA VAL A 18 -5.95 -1.73 14.92
C VAL A 18 -6.26 -0.25 15.16
N GLU A 19 -5.64 0.38 16.15
CA GLU A 19 -5.88 1.79 16.46
C GLU A 19 -5.14 2.70 15.48
N ARG A 20 -5.53 3.97 15.39
CA ARG A 20 -4.88 4.92 14.50
C ARG A 20 -3.52 5.36 15.08
N ILE A 21 -2.64 5.90 14.22
CA ILE A 21 -1.22 6.00 14.53
C ILE A 21 -0.86 7.33 15.21
N GLU A 22 -1.35 7.48 16.44
CA GLU A 22 -1.29 8.75 17.17
C GLU A 22 -0.16 8.74 18.19
N LEU A 23 1.02 8.30 17.75
CA LEU A 23 2.19 8.20 18.61
C LEU A 23 2.85 9.58 18.81
N SER A 24 3.82 9.56 19.70
CA SER A 24 4.88 10.55 19.86
C SER A 24 5.94 10.26 18.80
N ASP A 25 6.73 11.25 18.34
CA ASP A 25 7.72 10.98 17.28
C ASP A 25 8.72 9.90 17.71
N ASP A 26 9.15 9.94 18.98
CA ASP A 26 10.19 9.03 19.47
C ASP A 26 9.83 7.56 19.33
N GLU A 27 8.54 7.24 19.25
CA GLU A 27 8.04 5.89 19.17
C GLU A 27 8.44 5.27 17.82
N TRP A 28 8.39 6.07 16.75
CA TRP A 28 8.67 5.72 15.35
C TRP A 28 10.11 5.26 15.05
N ARG A 29 10.93 5.04 16.07
CA ARG A 29 12.26 4.46 15.94
C ARG A 29 12.54 3.33 16.92
N GLU A 30 11.60 3.00 17.80
CA GLU A 30 11.77 1.95 18.79
C GLU A 30 10.60 0.96 18.82
N ILE A 31 9.42 1.34 18.28
CA ILE A 31 8.34 0.38 18.01
C ILE A 31 8.17 0.13 16.51
N LEU A 32 9.02 0.74 15.67
CA LEU A 32 8.95 0.64 14.22
C LEU A 32 10.09 -0.21 13.67
N ASP A 33 9.99 -0.59 12.38
CA ASP A 33 11.11 -1.15 11.64
C ASP A 33 12.26 -0.14 11.65
N PRO A 34 13.52 -0.58 11.79
CA PRO A 34 14.68 0.29 11.56
C PRO A 34 14.79 0.71 10.09
N GLU A 35 14.11 -0.02 9.18
CA GLU A 35 13.98 0.40 7.82
C GLU A 35 13.05 1.61 7.74
N ALA A 36 11.92 1.61 8.45
CA ALA A 36 11.00 2.74 8.41
C ALA A 36 11.70 4.00 8.90
N PHE A 37 12.47 3.87 9.99
CA PHE A 37 13.22 4.96 10.57
C PHE A 37 14.23 5.56 9.59
N ARG A 38 15.00 4.74 8.86
CA ARG A 38 15.92 5.29 7.87
C ARG A 38 15.11 5.84 6.72
N VAL A 39 14.14 5.09 6.20
CA VAL A 39 13.31 5.47 5.06
C VAL A 39 12.66 6.82 5.31
N ALA A 40 12.34 7.15 6.57
CA ALA A 40 11.81 8.44 6.92
C ALA A 40 12.75 9.63 6.63
N ARG A 41 14.07 9.43 6.61
CA ARG A 41 15.02 10.48 6.22
C ARG A 41 15.28 10.49 4.72
N LYS A 42 15.15 9.35 4.04
CA LYS A 42 15.60 9.17 2.66
C LYS A 42 14.47 9.00 1.64
N ALA A 43 13.22 9.08 2.08
CA ALA A 43 12.02 8.79 1.29
C ALA A 43 12.18 7.47 0.50
N GLY A 44 12.86 6.51 1.12
CA GLY A 44 13.03 5.16 0.61
C GLY A 44 14.43 4.91 0.04
N THR A 45 15.09 5.91 -0.53
CA THR A 45 16.38 5.68 -1.16
C THR A 45 17.23 6.96 -1.17
N GLU A 46 18.37 6.87 -0.49
CA GLU A 46 19.46 7.85 -0.56
C GLU A 46 19.93 8.08 -2.01
N PRO A 47 20.38 7.06 -2.77
CA PRO A 47 20.62 7.23 -4.19
C PRO A 47 19.27 7.38 -4.91
N PRO A 48 19.13 8.29 -5.88
CA PRO A 48 17.86 8.53 -6.58
C PRO A 48 17.50 7.41 -7.57
N PHE A 49 18.46 6.54 -7.92
CA PHE A 49 18.28 5.41 -8.80
C PHE A 49 17.32 4.41 -8.15
N THR A 50 16.22 4.09 -8.83
CA THR A 50 15.18 3.19 -8.36
C THR A 50 14.62 2.41 -9.55
N GLY A 51 13.60 1.58 -9.31
CA GLY A 51 13.10 0.58 -10.24
C GLY A 51 13.78 -0.75 -9.94
N LYS A 52 13.33 -1.42 -8.88
CA LYS A 52 13.89 -2.68 -8.39
C LYS A 52 12.73 -3.53 -7.84
N TYR A 53 13.03 -4.78 -7.50
CA TYR A 53 12.18 -5.72 -6.80
C TYR A 53 13.09 -6.43 -5.78
N HIS A 54 12.50 -7.15 -4.82
CA HIS A 54 13.24 -7.99 -3.85
C HIS A 54 12.58 -9.37 -3.72
N ASP A 55 11.75 -9.70 -4.69
CA ASP A 55 10.68 -10.69 -4.69
C ASP A 55 10.61 -11.30 -6.09
N LEU A 56 10.15 -12.56 -6.16
CA LEU A 56 10.13 -13.34 -7.41
C LEU A 56 9.04 -14.42 -7.37
N HIS A 57 8.03 -14.25 -6.50
CA HIS A 57 6.94 -15.20 -6.32
C HIS A 57 5.68 -14.42 -5.96
N ASP A 58 4.53 -14.89 -6.43
CA ASP A 58 3.21 -14.26 -6.41
C ASP A 58 2.56 -14.32 -5.02
N ASP A 59 3.37 -14.20 -3.96
CA ASP A 59 2.92 -14.38 -2.58
C ASP A 59 3.53 -13.33 -1.65
N GLY A 60 3.13 -13.35 -0.38
CA GLY A 60 3.24 -12.22 0.52
C GLY A 60 2.17 -11.17 0.19
N ILE A 61 2.14 -10.08 0.96
CA ILE A 61 1.28 -8.93 0.68
C ILE A 61 2.08 -7.64 0.92
N TYR A 62 1.59 -6.54 0.34
CA TYR A 62 2.21 -5.22 0.50
C TYR A 62 1.83 -4.60 1.84
N ARG A 63 2.66 -3.65 2.27
CA ARG A 63 2.63 -3.06 3.59
C ARG A 63 2.98 -1.59 3.50
N CYS A 64 2.17 -0.80 4.20
CA CYS A 64 2.38 0.62 4.36
C CYS A 64 3.30 0.79 5.55
N ILE A 65 4.61 0.85 5.30
CA ILE A 65 5.61 0.86 6.38
C ILE A 65 5.44 2.10 7.28
N CYS A 66 4.86 3.17 6.72
CA CYS A 66 4.53 4.41 7.38
C CYS A 66 3.37 4.29 8.38
N CYS A 67 2.78 3.10 8.55
CA CYS A 67 2.01 2.73 9.74
C CYS A 67 2.31 1.29 10.14
N GLY A 68 3.39 0.70 9.61
CA GLY A 68 3.77 -0.68 9.84
C GLY A 68 2.70 -1.70 9.44
N THR A 69 1.63 -1.30 8.76
CA THR A 69 0.39 -2.06 8.60
C THR A 69 0.29 -2.52 7.15
N ASP A 70 -0.20 -3.74 6.95
CA ASP A 70 -0.44 -4.31 5.64
C ASP A 70 -1.54 -3.61 4.85
N LEU A 71 -1.54 -3.90 3.55
CA LEU A 71 -2.64 -3.61 2.66
C LEU A 71 -2.62 -4.58 1.47
N PHE A 72 -2.31 -4.11 0.26
CA PHE A 72 -2.60 -4.77 -1.01
C PHE A 72 -2.08 -6.21 -1.05
N ASP A 73 -3.00 -7.18 -1.15
CA ASP A 73 -2.64 -8.57 -1.39
C ASP A 73 -2.03 -8.68 -2.79
N SER A 74 -1.13 -9.64 -3.02
CA SER A 74 -0.57 -9.84 -4.35
C SER A 74 -1.59 -10.34 -5.39
N GLU A 75 -2.76 -10.85 -5.01
CA GLU A 75 -3.88 -11.00 -5.95
C GLU A 75 -4.37 -9.63 -6.48
N THR A 76 -3.95 -8.55 -5.83
CA THR A 76 -4.14 -7.15 -6.21
C THR A 76 -2.79 -6.43 -6.42
N LYS A 77 -1.69 -7.17 -6.49
CA LYS A 77 -0.34 -6.63 -6.73
C LYS A 77 0.57 -7.71 -7.34
N PHE A 78 0.61 -7.75 -8.66
CA PHE A 78 1.58 -8.47 -9.46
C PHE A 78 1.90 -7.58 -10.67
N ASP A 79 3.12 -7.63 -11.18
CA ASP A 79 3.46 -7.07 -12.49
C ASP A 79 4.61 -7.89 -13.08
N SER A 80 4.49 -8.20 -14.39
CA SER A 80 5.17 -9.29 -15.09
C SER A 80 6.69 -9.24 -14.93
N GLY A 81 7.23 -10.05 -14.00
CA GLY A 81 8.65 -10.14 -13.70
C GLY A 81 9.29 -8.83 -13.22
N THR A 82 8.45 -7.83 -12.89
CA THR A 82 8.85 -6.43 -12.84
C THR A 82 8.28 -5.77 -11.58
N GLY A 83 7.07 -6.16 -11.14
CA GLY A 83 6.47 -5.74 -9.88
C GLY A 83 6.28 -4.23 -9.75
N TRP A 84 6.15 -3.47 -10.85
CA TRP A 84 5.92 -2.04 -10.82
C TRP A 84 4.59 -1.74 -10.07
N PRO A 85 4.52 -0.69 -9.24
CA PRO A 85 3.44 -0.47 -8.29
C PRO A 85 2.15 0.08 -8.94
N SER A 86 1.52 -0.74 -9.78
CA SER A 86 0.14 -0.53 -10.19
C SER A 86 -0.58 -1.85 -10.39
N PHE A 87 -1.87 -1.91 -10.06
CA PHE A 87 -2.72 -3.07 -10.36
C PHE A 87 -4.11 -2.60 -10.77
N TYR A 88 -5.14 -3.44 -10.63
CA TYR A 88 -6.48 -3.16 -11.13
C TYR A 88 -7.56 -3.45 -10.10
N ASP A 89 -7.16 -3.82 -8.88
CA ASP A 89 -8.01 -3.68 -7.70
C ASP A 89 -7.15 -3.49 -6.46
N VAL A 90 -7.79 -3.42 -5.28
CA VAL A 90 -7.18 -3.38 -3.97
C VAL A 90 -7.91 -4.35 -3.04
N VAL A 91 -7.29 -4.68 -1.90
CA VAL A 91 -7.73 -5.78 -1.05
C VAL A 91 -9.02 -5.49 -0.26
N SER A 92 -9.42 -4.20 -0.14
CA SER A 92 -10.56 -3.60 0.58
C SER A 92 -10.26 -2.12 0.80
N GLU A 93 -11.24 -1.35 1.29
CA GLU A 93 -11.00 -0.09 1.96
C GLU A 93 -10.88 -0.44 3.45
N HIS A 94 -9.65 -0.53 3.96
CA HIS A 94 -9.37 -1.02 5.29
C HIS A 94 -8.24 -0.20 5.93
N ASN A 95 -7.06 -0.23 5.30
CA ASN A 95 -5.88 0.58 5.58
C ASN A 95 -5.60 1.53 4.40
N ILE A 96 -6.52 1.63 3.45
CA ILE A 96 -6.45 2.41 2.21
C ILE A 96 -7.84 3.03 1.98
N LYS A 97 -7.88 4.20 1.34
CA LYS A 97 -9.07 5.03 1.12
C LYS A 97 -9.04 5.67 -0.28
N LEU A 98 -10.21 5.86 -0.89
CA LEU A 98 -10.47 6.49 -2.18
C LEU A 98 -11.51 7.60 -2.08
N ARG A 99 -11.38 8.60 -2.95
CA ARG A 99 -12.34 9.62 -3.37
C ARG A 99 -12.30 9.58 -4.90
N GLU A 100 -13.37 9.96 -5.59
CA GLU A 100 -13.53 9.76 -7.03
C GLU A 100 -13.84 11.06 -7.74
N ASP A 101 -13.18 11.28 -8.87
CA ASP A 101 -13.32 12.42 -9.76
C ASP A 101 -13.13 11.94 -11.22
N ARG A 102 -13.14 12.87 -12.16
CA ARG A 102 -13.00 12.72 -13.61
C ARG A 102 -11.69 13.35 -14.12
N SER A 103 -10.74 13.64 -13.23
CA SER A 103 -9.66 14.62 -13.45
C SER A 103 -8.83 14.46 -14.73
N LEU A 104 -8.61 13.24 -15.21
CA LEU A 104 -7.84 13.02 -16.45
C LEU A 104 -8.66 13.28 -17.71
N GLY A 105 -9.97 13.47 -17.56
CA GLY A 105 -10.95 13.53 -18.64
C GLY A 105 -11.91 12.34 -18.64
N MET A 106 -11.78 11.36 -17.72
CA MET A 106 -12.64 10.17 -17.68
C MET A 106 -12.87 9.81 -16.21
N VAL A 107 -12.01 9.01 -15.56
CA VAL A 107 -12.18 8.62 -14.17
C VAL A 107 -10.81 8.67 -13.51
N ARG A 108 -10.62 9.62 -12.59
CA ARG A 108 -9.47 9.66 -11.70
C ARG A 108 -9.96 9.64 -10.26
N CYS A 109 -9.58 8.61 -9.50
CA CYS A 109 -9.92 8.49 -8.10
C CYS A 109 -8.60 8.47 -7.31
N GLU A 110 -8.53 9.10 -6.15
CA GLU A 110 -7.32 9.04 -5.32
C GLU A 110 -7.19 7.66 -4.68
N VAL A 111 -5.98 7.30 -4.25
CA VAL A 111 -5.67 6.11 -3.45
C VAL A 111 -4.65 6.58 -2.41
N LEU A 112 -5.10 6.78 -1.16
CA LEU A 112 -4.20 7.09 -0.05
C LEU A 112 -4.45 6.06 1.05
N CYS A 113 -3.65 6.11 2.12
CA CYS A 113 -3.87 5.28 3.29
C CYS A 113 -5.21 5.64 3.97
N ALA A 114 -5.67 4.78 4.86
CA ALA A 114 -6.87 4.99 5.68
C ALA A 114 -6.49 5.46 7.09
N ARG A 115 -5.19 5.51 7.41
CA ARG A 115 -4.69 6.33 8.50
C ARG A 115 -3.48 7.15 8.07
N CYS A 116 -2.31 6.53 7.84
CA CYS A 116 -1.07 7.30 7.68
C CYS A 116 -1.05 7.95 6.29
N ASP A 117 -1.49 9.20 6.23
CA ASP A 117 -1.55 10.22 5.16
C ASP A 117 -0.36 10.32 4.15
N ALA A 118 0.33 9.23 3.85
CA ALA A 118 1.39 9.10 2.87
C ALA A 118 0.87 9.27 1.43
N HIS A 119 1.81 9.27 0.48
CA HIS A 119 1.65 9.74 -0.89
C HIS A 119 0.77 8.79 -1.69
N LEU A 120 1.20 7.52 -1.77
CA LEU A 120 0.52 6.43 -2.42
C LEU A 120 0.22 6.88 -3.85
N GLY A 121 -1.04 7.09 -4.22
CA GLY A 121 -1.35 7.81 -5.44
C GLY A 121 -2.83 7.80 -5.74
N HIS A 122 -3.22 6.99 -6.73
CA HIS A 122 -4.52 7.15 -7.36
C HIS A 122 -4.93 5.88 -8.12
N VAL A 123 -6.08 5.91 -8.79
CA VAL A 123 -6.56 4.93 -9.74
C VAL A 123 -7.13 5.68 -10.95
N PHE A 124 -6.90 5.18 -12.17
CA PHE A 124 -7.37 5.79 -13.39
C PHE A 124 -7.87 4.73 -14.37
N ASP A 125 -8.80 5.06 -15.27
CA ASP A 125 -9.13 4.20 -16.40
C ASP A 125 -7.90 4.06 -17.32
N ASP A 126 -7.42 2.81 -17.49
CA ASP A 126 -6.23 2.49 -18.28
C ASP A 126 -6.24 1.05 -18.84
N GLY A 127 -6.90 0.12 -18.15
CA GLY A 127 -6.99 -1.28 -18.53
C GLY A 127 -8.28 -1.57 -19.31
N PRO A 128 -8.50 -2.83 -19.71
CA PRO A 128 -9.63 -3.21 -20.55
C PRO A 128 -10.95 -3.19 -19.77
N ARG A 129 -11.34 -4.30 -19.11
CA ARG A 129 -12.59 -4.50 -18.37
C ARG A 129 -12.51 -5.90 -17.72
N PRO A 130 -13.34 -6.22 -16.72
CA PRO A 130 -14.17 -5.30 -15.94
C PRO A 130 -13.28 -4.40 -15.07
N THR A 131 -12.23 -4.98 -14.49
CA THR A 131 -11.11 -4.28 -13.90
C THR A 131 -10.24 -3.71 -15.01
N GLY A 132 -10.71 -2.57 -15.52
CA GLY A 132 -10.03 -1.69 -16.46
C GLY A 132 -9.64 -0.37 -15.77
N LYS A 133 -10.03 -0.21 -14.49
CA LYS A 133 -9.44 0.80 -13.65
C LYS A 133 -8.07 0.28 -13.23
N ARG A 134 -7.08 1.14 -13.22
CA ARG A 134 -5.70 0.85 -12.88
C ARG A 134 -5.32 1.67 -11.65
N TYR A 135 -5.15 0.99 -10.53
CA TYR A 135 -4.68 1.55 -9.28
C TYR A 135 -3.17 1.71 -9.40
N CYS A 136 -2.63 2.89 -9.09
CA CYS A 136 -1.24 3.27 -9.33
C CYS A 136 -0.75 4.07 -8.13
N MET A 137 0.31 3.56 -7.49
CA MET A 137 0.80 4.09 -6.22
C MET A 137 2.31 4.25 -6.27
N ASN A 138 2.84 5.15 -5.44
CA ASN A 138 4.23 5.58 -5.39
C ASN A 138 4.50 6.02 -3.95
N SER A 139 5.01 5.11 -3.12
CA SER A 139 5.43 5.45 -1.77
C SER A 139 6.68 4.64 -1.44
N ALA A 140 7.51 5.17 -0.55
CA ALA A 140 8.56 4.37 0.08
C ALA A 140 7.91 3.25 0.91
N ALA A 141 6.77 3.58 1.52
CA ALA A 141 5.82 2.64 2.11
C ALA A 141 5.15 1.81 1.01
N LEU A 142 5.88 0.83 0.48
CA LEU A 142 5.43 -0.29 -0.34
C LEU A 142 6.30 -1.51 0.00
N LYS A 143 6.51 -1.79 1.28
CA LYS A 143 7.26 -2.97 1.73
C LYS A 143 6.40 -4.23 1.49
N PHE A 144 7.01 -5.41 1.38
CA PHE A 144 6.32 -6.70 1.47
C PHE A 144 6.45 -7.25 2.90
N ILE A 145 5.43 -7.95 3.39
CA ILE A 145 5.50 -8.88 4.53
C ILE A 145 4.72 -10.16 4.12
N PRO A 146 4.70 -11.24 4.92
CA PRO A 146 3.90 -12.42 4.57
C PRO A 146 2.40 -12.11 4.57
N ARG A 147 1.62 -13.09 4.09
CA ARG A 147 0.17 -13.11 4.00
C ARG A 147 -0.53 -12.47 5.21
N ASP A 148 -0.06 -12.79 6.40
CA ASP A 148 -0.45 -12.21 7.66
C ASP A 148 0.79 -12.13 8.55
N GLN A 149 1.18 -13.27 9.14
CA GLN A 149 2.32 -13.48 10.02
C GLN A 149 2.94 -14.88 9.80
N ILE A 150 2.45 -15.69 8.85
CA ILE A 150 2.92 -17.08 8.65
C ILE A 150 4.43 -17.26 8.45
N GLY A 151 5.12 -16.23 7.97
CA GLY A 151 6.58 -16.21 7.79
C GLY A 151 6.95 -15.53 6.50
ZN ZN B . -1.26 1.94 5.72
N MET A 1 -13.46 12.04 13.93
CA MET A 1 -13.21 11.79 15.35
C MET A 1 -11.91 10.98 15.48
N LYS A 2 -11.41 10.81 16.71
CA LYS A 2 -10.30 9.91 17.00
C LYS A 2 -10.89 8.52 17.28
N ASP A 3 -10.44 7.52 16.53
CA ASP A 3 -11.13 6.25 16.35
C ASP A 3 -10.13 5.10 16.23
N ARG A 4 -10.61 4.03 15.61
CA ARG A 4 -9.90 2.81 15.30
C ARG A 4 -10.20 2.47 13.85
N ILE A 5 -9.33 1.65 13.26
CA ILE A 5 -9.27 1.36 11.84
C ILE A 5 -9.41 -0.17 11.68
N PRO A 6 -10.57 -0.66 11.16
CA PRO A 6 -10.78 -2.09 10.93
C PRO A 6 -9.89 -2.54 9.77
N ILE A 7 -8.79 -3.24 10.06
CA ILE A 7 -7.93 -3.82 9.03
C ILE A 7 -8.54 -5.16 8.65
N PHE A 8 -8.26 -5.60 7.43
CA PHE A 8 -8.79 -6.81 6.84
C PHE A 8 -7.64 -7.55 6.18
N SER A 9 -7.75 -8.87 6.10
CA SER A 9 -6.81 -9.75 5.43
C SER A 9 -7.61 -10.64 4.48
N VAL A 10 -8.00 -10.08 3.33
CA VAL A 10 -8.92 -10.70 2.38
C VAL A 10 -8.46 -12.10 1.98
N ALA A 11 -7.15 -12.27 1.79
CA ALA A 11 -6.50 -13.53 1.43
C ALA A 11 -6.74 -14.67 2.44
N LYS A 12 -7.22 -14.35 3.64
CA LYS A 12 -7.61 -15.27 4.71
C LYS A 12 -9.00 -14.90 5.26
N ASN A 13 -9.72 -13.99 4.59
CA ASN A 13 -10.89 -13.24 5.03
C ASN A 13 -10.85 -12.88 6.53
N ARG A 14 -9.69 -12.47 7.07
CA ARG A 14 -9.62 -12.05 8.47
C ARG A 14 -10.06 -10.58 8.56
N VAL A 15 -10.37 -10.14 9.79
CA VAL A 15 -10.58 -8.75 10.14
C VAL A 15 -9.84 -8.57 11.46
N GLU A 16 -9.04 -7.51 11.58
CA GLU A 16 -8.25 -7.17 12.74
C GLU A 16 -8.43 -5.66 12.99
N MET A 17 -9.23 -5.27 13.98
CA MET A 17 -9.35 -3.86 14.32
C MET A 17 -8.03 -3.40 14.98
N VAL A 18 -7.40 -2.40 14.40
CA VAL A 18 -6.22 -1.72 14.96
C VAL A 18 -6.68 -0.33 15.37
N GLU A 19 -6.00 0.34 16.32
CA GLU A 19 -6.39 1.67 16.73
C GLU A 19 -5.71 2.73 15.84
N ARG A 20 -6.20 3.97 15.87
CA ARG A 20 -5.67 5.05 15.05
C ARG A 20 -4.23 5.37 15.47
N ILE A 21 -3.37 5.73 14.49
CA ILE A 21 -1.97 6.06 14.78
C ILE A 21 -1.88 7.52 15.20
N GLU A 22 -1.35 7.76 16.40
CA GLU A 22 -0.97 9.04 16.93
C GLU A 22 0.06 8.72 18.00
N LEU A 23 1.28 9.22 17.79
CA LEU A 23 2.49 8.97 18.54
C LEU A 23 3.22 10.29 18.78
N SER A 24 4.34 10.24 19.50
CA SER A 24 5.32 11.32 19.55
C SER A 24 6.29 11.17 18.37
N ASP A 25 7.24 12.11 18.25
CA ASP A 25 8.38 12.00 17.35
C ASP A 25 9.23 10.76 17.70
N ASP A 26 9.41 10.45 19.00
CA ASP A 26 10.43 9.49 19.41
C ASP A 26 10.04 8.04 19.14
N GLU A 27 8.75 7.80 18.94
CA GLU A 27 8.17 6.47 18.88
C GLU A 27 8.57 5.77 17.59
N TRP A 28 8.49 6.50 16.47
CA TRP A 28 8.75 6.07 15.09
C TRP A 28 10.21 5.65 14.80
N ARG A 29 10.97 5.29 15.84
CA ARG A 29 12.24 4.61 15.73
C ARG A 29 12.43 3.45 16.70
N GLU A 30 11.55 3.29 17.70
CA GLU A 30 11.67 2.19 18.65
C GLU A 30 10.43 1.29 18.66
N ILE A 31 9.28 1.75 18.13
CA ILE A 31 8.13 0.86 17.93
C ILE A 31 7.87 0.63 16.43
N LEU A 32 8.90 0.77 15.59
CA LEU A 32 8.83 0.64 14.15
C LEU A 32 9.82 -0.40 13.63
N ASP A 33 9.70 -0.77 12.35
CA ASP A 33 10.71 -1.55 11.66
C ASP A 33 12.02 -0.76 11.60
N PRO A 34 13.19 -1.42 11.71
CA PRO A 34 14.48 -0.78 11.42
C PRO A 34 14.64 -0.46 9.93
N GLU A 35 13.76 -0.99 9.08
CA GLU A 35 13.63 -0.54 7.71
C GLU A 35 12.83 0.75 7.64
N ALA A 36 11.74 0.92 8.40
CA ALA A 36 10.92 2.13 8.32
C ALA A 36 11.74 3.37 8.65
N PHE A 37 12.64 3.27 9.63
CA PHE A 37 13.49 4.37 10.06
C PHE A 37 14.41 4.88 8.96
N ARG A 38 14.94 3.99 8.12
CA ARG A 38 15.67 4.39 6.93
C ARG A 38 14.69 4.80 5.84
N VAL A 39 13.68 3.98 5.55
CA VAL A 39 12.77 4.20 4.44
C VAL A 39 12.02 5.54 4.58
N ALA A 40 11.88 6.06 5.80
CA ALA A 40 11.36 7.39 6.05
C ALA A 40 12.24 8.54 5.52
N ARG A 41 13.56 8.32 5.34
CA ARG A 41 14.50 9.32 4.83
C ARG A 41 14.90 9.00 3.38
N LYS A 42 15.08 7.73 3.01
CA LYS A 42 15.47 7.33 1.66
C LYS A 42 14.27 7.08 0.74
N ALA A 43 13.05 7.43 1.17
CA ALA A 43 11.80 7.22 0.46
C ALA A 43 11.74 5.81 -0.16
N GLY A 44 12.03 4.80 0.66
CA GLY A 44 11.87 3.41 0.25
C GLY A 44 13.02 2.89 -0.60
N THR A 45 13.97 3.73 -1.02
CA THR A 45 14.85 3.43 -2.12
C THR A 45 16.28 3.90 -1.86
N GLU A 46 17.19 2.96 -1.57
CA GLU A 46 18.61 3.26 -1.40
C GLU A 46 19.27 3.81 -2.68
N PRO A 47 19.12 3.19 -3.87
CA PRO A 47 19.78 3.68 -5.08
C PRO A 47 19.09 4.95 -5.61
N PRO A 48 19.81 5.80 -6.37
CA PRO A 48 19.29 7.05 -6.90
C PRO A 48 18.32 6.88 -8.08
N PHE A 49 18.06 5.64 -8.52
CA PHE A 49 17.12 5.28 -9.57
C PHE A 49 16.44 3.97 -9.17
N THR A 50 15.29 3.69 -9.76
CA THR A 50 14.52 2.48 -9.53
C THR A 50 15.32 1.25 -9.97
N GLY A 51 15.73 0.41 -9.03
CA GLY A 51 16.11 -0.96 -9.31
C GLY A 51 14.93 -1.75 -9.90
N LYS A 52 15.19 -2.98 -10.34
CA LYS A 52 14.21 -3.86 -10.95
C LYS A 52 14.20 -5.19 -10.19
N TYR A 53 13.12 -5.95 -10.34
CA TYR A 53 12.95 -7.29 -9.80
C TYR A 53 12.06 -8.06 -10.78
N HIS A 54 11.99 -9.39 -10.62
CA HIS A 54 11.15 -10.28 -11.38
C HIS A 54 10.82 -11.48 -10.49
N ASP A 55 9.63 -12.06 -10.62
CA ASP A 55 9.22 -13.22 -9.81
C ASP A 55 8.44 -14.25 -10.64
N LEU A 56 8.20 -15.41 -10.04
CA LEU A 56 7.49 -16.57 -10.59
C LEU A 56 6.50 -17.14 -9.56
N HIS A 57 6.35 -16.54 -8.38
CA HIS A 57 5.52 -17.04 -7.28
C HIS A 57 4.70 -15.87 -6.73
N ASP A 58 3.40 -15.86 -7.04
CA ASP A 58 2.40 -14.84 -6.69
C ASP A 58 2.07 -14.83 -5.18
N ASP A 59 3.08 -15.00 -4.32
CA ASP A 59 2.96 -14.98 -2.87
C ASP A 59 3.10 -13.56 -2.33
N GLY A 60 2.77 -13.38 -1.05
CA GLY A 60 3.04 -12.21 -0.26
C GLY A 60 1.82 -11.30 -0.18
N ILE A 61 1.87 -10.39 0.80
CA ILE A 61 0.99 -9.24 0.87
C ILE A 61 1.87 -8.03 1.20
N TYR A 62 1.41 -6.84 0.84
CA TYR A 62 2.10 -5.61 1.11
C TYR A 62 1.87 -5.20 2.56
N ARG A 63 2.90 -4.58 3.14
CA ARG A 63 2.94 -3.89 4.40
C ARG A 63 3.09 -2.40 4.10
N CYS A 64 2.03 -1.64 4.39
CA CYS A 64 2.06 -0.19 4.47
C CYS A 64 2.97 0.17 5.64
N ILE A 65 4.26 0.31 5.37
CA ILE A 65 5.27 0.45 6.43
C ILE A 65 5.02 1.72 7.24
N CYS A 66 4.41 2.71 6.58
CA CYS A 66 4.10 4.04 7.05
C CYS A 66 2.97 4.05 8.09
N CYS A 67 2.29 2.93 8.30
CA CYS A 67 1.41 2.72 9.44
C CYS A 67 1.55 1.31 10.02
N GLY A 68 2.61 0.57 9.66
CA GLY A 68 2.88 -0.76 10.22
C GLY A 68 1.67 -1.69 10.08
N THR A 69 0.96 -1.58 8.96
CA THR A 69 -0.31 -2.25 8.67
C THR A 69 -0.20 -2.88 7.30
N ASP A 70 -0.84 -4.03 7.05
CA ASP A 70 -0.83 -4.64 5.74
C ASP A 70 -1.85 -4.00 4.80
N LEU A 71 -1.81 -4.42 3.53
CA LEU A 71 -2.79 -4.12 2.49
C LEU A 71 -2.56 -5.01 1.26
N PHE A 72 -2.24 -4.44 0.10
CA PHE A 72 -2.40 -5.05 -1.23
C PHE A 72 -1.84 -6.48 -1.34
N ASP A 73 -2.65 -7.38 -1.91
CA ASP A 73 -2.24 -8.74 -2.23
C ASP A 73 -1.45 -8.75 -3.54
N SER A 74 -0.44 -9.63 -3.65
CA SER A 74 0.35 -9.83 -4.85
C SER A 74 -0.48 -10.13 -6.10
N GLU A 75 -1.69 -10.71 -6.00
CA GLU A 75 -2.52 -10.93 -7.18
C GLU A 75 -2.93 -9.61 -7.87
N THR A 76 -2.88 -8.49 -7.16
CA THR A 76 -3.14 -7.16 -7.71
C THR A 76 -1.92 -6.61 -8.47
N LYS A 77 -0.76 -7.26 -8.36
CA LYS A 77 0.55 -6.71 -8.68
C LYS A 77 1.22 -7.50 -9.81
N PHE A 78 2.45 -7.12 -10.18
CA PHE A 78 3.07 -7.50 -11.45
C PHE A 78 4.57 -7.85 -11.35
N ASP A 79 5.08 -8.27 -10.19
CA ASP A 79 6.48 -8.75 -10.07
C ASP A 79 6.80 -9.89 -11.03
N SER A 80 5.83 -10.78 -11.31
CA SER A 80 5.93 -11.66 -12.47
C SER A 80 5.59 -10.85 -13.72
N GLY A 81 6.56 -10.03 -14.18
CA GLY A 81 6.44 -9.17 -15.34
C GLY A 81 7.41 -7.99 -15.25
N THR A 82 7.19 -7.08 -14.30
CA THR A 82 7.95 -5.83 -14.17
C THR A 82 8.00 -5.26 -12.75
N GLY A 83 7.21 -5.76 -11.80
CA GLY A 83 7.18 -5.30 -10.41
C GLY A 83 6.78 -3.84 -10.21
N TRP A 84 6.14 -3.22 -11.20
CA TRP A 84 5.75 -1.82 -11.17
C TRP A 84 4.75 -1.56 -10.03
N PRO A 85 4.88 -0.46 -9.25
CA PRO A 85 3.94 -0.09 -8.19
C PRO A 85 2.67 0.59 -8.75
N SER A 86 2.05 -0.06 -9.74
CA SER A 86 0.73 0.30 -10.23
C SER A 86 -0.06 -0.97 -10.45
N PHE A 87 -1.15 -1.11 -9.71
CA PHE A 87 -1.97 -2.30 -9.59
C PHE A 87 -3.25 -2.06 -10.39
N TYR A 88 -4.16 -3.04 -10.43
CA TYR A 88 -5.42 -2.89 -11.16
C TYR A 88 -6.66 -3.00 -10.27
N ASP A 89 -6.53 -3.47 -9.02
CA ASP A 89 -7.66 -3.64 -8.11
C ASP A 89 -7.13 -3.56 -6.67
N VAL A 90 -8.01 -3.71 -5.68
CA VAL A 90 -7.76 -3.37 -4.28
C VAL A 90 -8.22 -4.51 -3.38
N VAL A 91 -7.60 -4.61 -2.19
CA VAL A 91 -8.03 -5.49 -1.12
C VAL A 91 -9.40 -5.05 -0.59
N SER A 92 -9.50 -3.78 -0.14
CA SER A 92 -10.65 -3.18 0.52
C SER A 92 -10.25 -1.76 0.93
N GLU A 93 -11.21 -0.85 1.16
CA GLU A 93 -10.97 0.35 1.94
C GLU A 93 -10.94 -0.06 3.42
N HIS A 94 -9.77 -0.51 3.90
CA HIS A 94 -9.58 -0.95 5.27
C HIS A 94 -8.52 -0.07 5.96
N ASN A 95 -7.30 -0.03 5.39
CA ASN A 95 -6.25 0.91 5.77
C ASN A 95 -6.08 2.01 4.71
N ILE A 96 -6.84 1.98 3.61
CA ILE A 96 -6.67 2.79 2.41
C ILE A 96 -7.99 3.51 2.12
N LYS A 97 -7.90 4.66 1.44
CA LYS A 97 -8.96 5.61 1.28
C LYS A 97 -8.95 6.18 -0.13
N LEU A 98 -10.15 6.24 -0.73
CA LEU A 98 -10.35 6.69 -2.10
C LEU A 98 -11.63 7.53 -2.29
N ARG A 99 -11.56 8.52 -3.18
CA ARG A 99 -12.58 9.48 -3.59
C ARG A 99 -12.51 9.62 -5.11
N GLU A 100 -13.64 9.38 -5.79
CA GLU A 100 -13.75 9.47 -7.25
C GLU A 100 -14.02 10.91 -7.69
N ASP A 101 -13.52 11.24 -8.88
CA ASP A 101 -13.79 12.43 -9.67
C ASP A 101 -13.54 12.07 -11.15
N ARG A 102 -13.86 12.98 -12.07
CA ARG A 102 -13.57 12.84 -13.50
C ARG A 102 -12.28 13.58 -13.91
N SER A 103 -11.37 13.89 -12.97
CA SER A 103 -10.36 14.94 -13.12
C SER A 103 -9.52 14.88 -14.40
N LEU A 104 -9.06 13.68 -14.78
CA LEU A 104 -8.19 13.50 -15.94
C LEU A 104 -8.96 13.65 -17.26
N GLY A 105 -10.30 13.76 -17.21
CA GLY A 105 -11.19 13.70 -18.36
C GLY A 105 -11.93 12.36 -18.46
N MET A 106 -11.74 11.45 -17.49
CA MET A 106 -12.39 10.13 -17.48
C MET A 106 -12.76 9.78 -16.04
N VAL A 107 -11.97 8.99 -15.30
CA VAL A 107 -12.27 8.61 -13.93
C VAL A 107 -10.93 8.65 -13.17
N ARG A 108 -10.78 9.68 -12.34
CA ARG A 108 -9.64 9.81 -11.47
C ARG A 108 -10.13 9.61 -10.04
N CYS A 109 -9.70 8.54 -9.37
CA CYS A 109 -10.11 8.28 -8.00
C CYS A 109 -8.84 8.24 -7.14
N GLU A 110 -8.77 9.07 -6.09
CA GLU A 110 -7.55 9.19 -5.29
C GLU A 110 -7.20 7.86 -4.61
N VAL A 111 -5.96 7.68 -4.15
CA VAL A 111 -5.56 6.57 -3.29
C VAL A 111 -4.66 7.17 -2.21
N LEU A 112 -5.15 7.31 -0.98
CA LEU A 112 -4.31 7.69 0.16
C LEU A 112 -4.54 6.70 1.31
N CYS A 113 -3.71 6.75 2.35
CA CYS A 113 -3.93 5.91 3.52
C CYS A 113 -5.17 6.42 4.27
N ALA A 114 -6.02 5.52 4.75
CA ALA A 114 -7.15 5.84 5.62
C ALA A 114 -6.72 6.36 6.98
N ARG A 115 -5.43 6.23 7.34
CA ARG A 115 -4.85 6.91 8.47
C ARG A 115 -3.65 7.77 8.09
N CYS A 116 -2.47 7.19 7.81
CA CYS A 116 -1.18 7.89 7.88
C CYS A 116 -0.93 8.98 6.81
N ASP A 117 -1.97 9.48 6.13
CA ASP A 117 -2.02 10.73 5.36
C ASP A 117 -1.18 10.78 4.08
N ALA A 118 -0.17 9.91 3.95
CA ALA A 118 0.94 10.05 3.01
C ALA A 118 0.55 9.94 1.54
N HIS A 119 1.49 10.37 0.68
CA HIS A 119 1.39 10.60 -0.76
C HIS A 119 0.53 9.57 -1.50
N LEU A 120 0.98 8.32 -1.43
CA LEU A 120 0.46 7.17 -2.14
C LEU A 120 0.22 7.51 -3.62
N GLY A 121 -1.03 7.63 -4.06
CA GLY A 121 -1.29 8.05 -5.43
C GLY A 121 -2.76 8.12 -5.78
N HIS A 122 -3.16 7.45 -6.87
CA HIS A 122 -4.52 7.46 -7.38
C HIS A 122 -4.70 6.35 -8.42
N VAL A 123 -5.95 6.07 -8.81
CA VAL A 123 -6.28 5.20 -9.92
C VAL A 123 -6.74 6.03 -11.12
N PHE A 124 -6.36 5.58 -12.32
CA PHE A 124 -6.82 6.14 -13.58
C PHE A 124 -7.08 5.05 -14.63
N ASP A 125 -7.76 5.39 -15.72
CA ASP A 125 -8.25 4.47 -16.76
C ASP A 125 -7.11 3.96 -17.67
N ASP A 126 -6.19 3.15 -17.12
CA ASP A 126 -4.99 2.67 -17.83
C ASP A 126 -4.66 1.22 -17.45
N GLY A 127 -5.67 0.44 -17.03
CA GLY A 127 -5.51 -0.97 -16.66
C GLY A 127 -6.02 -1.90 -17.76
N PRO A 128 -5.70 -3.21 -17.68
CA PRO A 128 -6.26 -4.20 -18.58
C PRO A 128 -7.72 -4.52 -18.22
N ARG A 129 -8.42 -5.22 -19.11
CA ARG A 129 -9.64 -5.94 -18.71
C ARG A 129 -9.27 -6.93 -17.59
N PRO A 130 -10.15 -7.22 -16.62
CA PRO A 130 -11.56 -6.82 -16.55
C PRO A 130 -11.76 -5.32 -16.24
N THR A 131 -11.18 -4.81 -15.16
CA THR A 131 -11.61 -3.54 -14.58
C THR A 131 -11.10 -2.29 -15.29
N GLY A 132 -10.11 -2.39 -16.18
CA GLY A 132 -9.71 -1.30 -17.08
C GLY A 132 -8.94 -0.17 -16.38
N LYS A 133 -8.72 -0.25 -15.06
CA LYS A 133 -8.18 0.87 -14.29
C LYS A 133 -6.85 0.51 -13.62
N ARG A 134 -6.03 1.52 -13.32
CA ARG A 134 -4.65 1.42 -12.89
C ARG A 134 -4.43 2.20 -11.61
N TYR A 135 -4.43 1.49 -10.47
CA TYR A 135 -4.17 1.99 -9.12
C TYR A 135 -2.67 2.22 -8.94
N CYS A 136 -2.20 3.45 -9.19
CA CYS A 136 -0.79 3.82 -9.05
C CYS A 136 -0.54 4.38 -7.66
N MET A 137 0.61 4.03 -7.06
CA MET A 137 1.04 4.54 -5.76
C MET A 137 2.56 4.71 -5.76
N ASN A 138 3.03 5.72 -5.03
CA ASN A 138 4.43 6.02 -4.78
C ASN A 138 4.54 6.52 -3.34
N SER A 139 5.30 5.82 -2.49
CA SER A 139 5.76 6.32 -1.20
C SER A 139 6.73 5.29 -0.62
N ALA A 140 7.17 5.54 0.62
CA ALA A 140 7.81 4.57 1.49
C ALA A 140 6.96 3.33 1.78
N ALA A 141 5.64 3.38 1.61
CA ALA A 141 4.64 2.43 2.13
C ALA A 141 4.63 1.03 1.47
N LEU A 142 5.76 0.58 0.91
CA LEU A 142 5.80 -0.50 -0.07
C LEU A 142 6.71 -1.65 0.36
N LYS A 143 6.67 -2.03 1.64
CA LYS A 143 7.36 -3.23 2.10
C LYS A 143 6.50 -4.45 1.73
N PHE A 144 7.11 -5.59 1.38
CA PHE A 144 6.41 -6.87 1.26
C PHE A 144 6.55 -7.65 2.58
N ILE A 145 5.64 -8.61 2.81
CA ILE A 145 5.82 -9.72 3.72
C ILE A 145 5.25 -10.99 3.04
N PRO A 146 5.46 -12.19 3.60
CA PRO A 146 4.68 -13.41 3.29
C PRO A 146 3.16 -13.18 3.26
N ARG A 147 2.42 -14.16 2.73
CA ARG A 147 0.97 -14.39 2.85
C ARG A 147 0.25 -13.63 3.97
N ASP A 148 0.83 -13.72 5.16
CA ASP A 148 0.32 -13.45 6.47
C ASP A 148 1.62 -13.52 7.31
N GLN A 149 1.50 -13.78 8.59
CA GLN A 149 2.52 -13.82 9.63
C GLN A 149 3.15 -15.23 9.70
N ILE A 150 2.94 -16.04 8.65
CA ILE A 150 3.12 -17.49 8.63
C ILE A 150 4.58 -17.94 8.56
N GLY A 151 5.50 -17.01 8.30
CA GLY A 151 6.94 -17.24 8.24
C GLY A 151 7.38 -17.58 6.82
ZN ZN B . -1.67 2.40 5.45
N MET A 1 -11.03 11.88 10.52
CA MET A 1 -11.29 12.23 11.92
C MET A 1 -10.31 11.53 12.85
N LYS A 2 -10.51 11.69 14.17
CA LYS A 2 -9.94 10.87 15.24
C LYS A 2 -10.58 9.46 15.22
N ASP A 3 -10.71 8.90 14.02
CA ASP A 3 -11.30 7.62 13.71
C ASP A 3 -10.29 6.50 13.98
N ARG A 4 -10.64 5.29 13.54
CA ARG A 4 -10.01 4.01 13.80
C ARG A 4 -9.98 3.24 12.48
N ILE A 5 -9.04 2.31 12.30
CA ILE A 5 -8.80 1.56 11.08
C ILE A 5 -9.21 0.09 11.24
N PRO A 6 -10.24 -0.40 10.51
CA PRO A 6 -10.48 -1.82 10.35
C PRO A 6 -9.39 -2.42 9.46
N ILE A 7 -8.71 -3.48 9.94
CA ILE A 7 -7.61 -4.13 9.23
C ILE A 7 -8.16 -5.49 8.83
N PHE A 8 -8.69 -5.57 7.60
CA PHE A 8 -9.17 -6.82 7.02
C PHE A 8 -7.99 -7.47 6.31
N SER A 9 -7.53 -8.60 6.82
CA SER A 9 -6.61 -9.49 6.13
C SER A 9 -7.48 -10.37 5.23
N VAL A 10 -7.96 -9.79 4.12
CA VAL A 10 -8.97 -10.43 3.28
C VAL A 10 -8.51 -11.79 2.76
N ALA A 11 -7.19 -11.92 2.59
CA ALA A 11 -6.54 -13.11 2.10
C ALA A 11 -6.82 -14.35 2.97
N LYS A 12 -7.28 -14.18 4.22
CA LYS A 12 -7.85 -15.23 5.06
C LYS A 12 -9.18 -14.78 5.68
N ASN A 13 -9.78 -13.70 5.14
CA ASN A 13 -10.87 -12.90 5.66
C ASN A 13 -10.80 -12.73 7.19
N ARG A 14 -9.60 -12.44 7.73
CA ARG A 14 -9.53 -12.04 9.14
C ARG A 14 -9.81 -10.54 9.19
N VAL A 15 -10.25 -10.03 10.35
CA VAL A 15 -10.60 -8.63 10.53
C VAL A 15 -10.17 -8.29 11.96
N GLU A 16 -9.31 -7.29 12.10
CA GLU A 16 -8.92 -6.71 13.39
C GLU A 16 -9.06 -5.19 13.28
N MET A 17 -9.97 -4.58 14.04
CA MET A 17 -10.02 -3.12 14.11
C MET A 17 -8.98 -2.62 15.11
N VAL A 18 -8.25 -1.58 14.74
CA VAL A 18 -7.19 -0.95 15.51
C VAL A 18 -7.39 0.56 15.41
N GLU A 19 -6.85 1.33 16.32
CA GLU A 19 -6.91 2.78 16.27
C GLU A 19 -6.07 3.39 15.14
N ARG A 20 -6.32 4.67 14.88
CA ARG A 20 -5.42 5.52 14.09
C ARG A 20 -4.17 5.80 14.94
N ILE A 21 -3.16 6.40 14.31
CA ILE A 21 -1.85 6.51 14.91
C ILE A 21 -1.86 7.61 15.98
N GLU A 22 -1.19 7.35 17.10
CA GLU A 22 -0.99 8.29 18.18
C GLU A 22 0.24 7.82 18.97
N LEU A 23 1.44 8.32 18.60
CA LEU A 23 2.73 8.14 19.25
C LEU A 23 3.35 9.53 19.52
N SER A 24 4.56 9.56 20.09
CA SER A 24 5.31 10.78 20.35
C SER A 24 6.14 11.16 19.11
N ASP A 25 7.40 10.71 19.06
CA ASP A 25 8.33 10.85 17.96
C ASP A 25 9.28 9.66 17.98
N ASP A 26 10.06 9.51 19.06
CA ASP A 26 11.08 8.46 19.18
C ASP A 26 10.56 7.04 19.05
N GLU A 27 9.26 6.86 19.29
CA GLU A 27 8.57 5.61 19.09
C GLU A 27 8.80 5.09 17.66
N TRP A 28 8.66 5.97 16.66
CA TRP A 28 8.87 5.74 15.23
C TRP A 28 10.35 5.50 14.88
N ARG A 29 11.05 4.73 15.72
CA ARG A 29 12.27 4.03 15.41
C ARG A 29 12.36 2.77 16.25
N GLU A 30 12.05 2.86 17.54
CA GLU A 30 12.23 1.72 18.44
C GLU A 30 11.05 0.75 18.37
N ILE A 31 9.84 1.18 17.96
CA ILE A 31 8.71 0.26 17.73
C ILE A 31 8.43 0.05 16.23
N LEU A 32 9.41 0.30 15.35
CA LEU A 32 9.26 0.19 13.90
C LEU A 32 9.98 -1.02 13.30
N ASP A 33 9.62 -1.31 12.04
CA ASP A 33 10.38 -2.17 11.13
C ASP A 33 11.81 -1.60 11.00
N PRO A 34 12.84 -2.45 10.73
CA PRO A 34 14.20 -2.04 10.34
C PRO A 34 14.24 -1.47 8.91
N GLU A 35 13.08 -1.00 8.44
CA GLU A 35 12.86 -0.41 7.15
C GLU A 35 12.06 0.86 7.32
N ALA A 36 10.95 0.87 8.06
CA ALA A 36 10.15 2.08 8.18
C ALA A 36 10.97 3.24 8.74
N PHE A 37 11.87 2.98 9.69
CA PHE A 37 12.77 3.99 10.24
C PHE A 37 13.61 4.67 9.14
N ARG A 38 14.18 3.88 8.24
CA ARG A 38 15.07 4.39 7.23
C ARG A 38 14.23 4.98 6.10
N VAL A 39 13.27 4.21 5.59
CA VAL A 39 12.41 4.60 4.48
C VAL A 39 11.62 5.86 4.85
N ALA A 40 11.41 6.16 6.14
CA ALA A 40 10.86 7.44 6.56
C ALA A 40 11.73 8.66 6.27
N ARG A 41 13.06 8.52 6.15
CA ARG A 41 13.96 9.66 5.88
C ARG A 41 14.36 9.73 4.42
N LYS A 42 14.53 8.57 3.77
CA LYS A 42 14.86 8.47 2.35
C LYS A 42 13.61 8.44 1.46
N ALA A 43 12.41 8.62 2.05
CA ALA A 43 11.12 8.61 1.38
C ALA A 43 11.00 7.36 0.49
N GLY A 44 11.27 6.20 1.08
CA GLY A 44 11.17 4.91 0.41
C GLY A 44 12.23 4.67 -0.66
N THR A 45 13.11 5.65 -0.89
CA THR A 45 13.86 5.72 -2.14
C THR A 45 15.34 5.62 -1.82
N GLU A 46 15.84 4.39 -1.75
CA GLU A 46 17.20 4.10 -1.32
C GLU A 46 18.20 4.36 -2.46
N PRO A 47 19.48 4.64 -2.16
CA PRO A 47 20.50 4.80 -3.19
C PRO A 47 20.78 3.45 -3.89
N PRO A 48 21.25 3.48 -5.15
CA PRO A 48 21.43 2.27 -5.94
C PRO A 48 22.64 1.44 -5.46
N PHE A 49 22.56 0.13 -5.68
CA PHE A 49 23.62 -0.86 -5.51
C PHE A 49 23.45 -1.91 -6.61
N THR A 50 24.41 -2.83 -6.75
CA THR A 50 24.21 -4.05 -7.50
C THR A 50 23.39 -5.06 -6.66
N GLY A 51 22.99 -6.18 -7.27
CA GLY A 51 22.11 -7.17 -6.67
C GLY A 51 20.66 -6.73 -6.85
N LYS A 52 20.06 -7.04 -8.00
CA LYS A 52 18.70 -6.66 -8.37
C LYS A 52 18.00 -7.81 -9.09
N TYR A 53 16.69 -7.67 -9.28
CA TYR A 53 15.81 -8.67 -9.88
C TYR A 53 14.95 -8.02 -10.97
N HIS A 54 14.10 -8.81 -11.64
CA HIS A 54 13.19 -8.35 -12.68
C HIS A 54 11.85 -9.01 -12.43
N ASP A 55 11.81 -10.33 -12.62
CA ASP A 55 10.83 -11.26 -12.06
C ASP A 55 11.24 -11.60 -10.62
N LEU A 56 10.27 -12.09 -9.84
CA LEU A 56 10.46 -12.66 -8.51
C LEU A 56 9.38 -13.73 -8.29
N HIS A 57 9.34 -14.34 -7.09
CA HIS A 57 8.20 -15.11 -6.64
C HIS A 57 7.01 -14.18 -6.43
N ASP A 58 5.92 -14.42 -7.16
CA ASP A 58 4.61 -13.86 -6.85
C ASP A 58 4.11 -14.55 -5.60
N ASP A 59 4.06 -13.80 -4.49
CA ASP A 59 3.75 -14.26 -3.16
C ASP A 59 3.31 -13.03 -2.36
N GLY A 60 2.95 -13.23 -1.09
CA GLY A 60 2.85 -12.21 -0.08
C GLY A 60 1.54 -11.45 -0.14
N ILE A 61 1.46 -10.41 0.67
CA ILE A 61 0.53 -9.31 0.47
C ILE A 61 1.28 -8.01 0.77
N TYR A 62 0.73 -6.85 0.40
CA TYR A 62 1.32 -5.56 0.76
C TYR A 62 0.98 -5.20 2.21
N ARG A 63 1.90 -4.47 2.85
CA ARG A 63 1.81 -3.96 4.21
C ARG A 63 2.16 -2.48 4.15
N CYS A 64 1.20 -1.66 4.58
CA CYS A 64 1.29 -0.23 4.65
C CYS A 64 2.18 0.11 5.84
N ILE A 65 3.50 0.15 5.60
CA ILE A 65 4.53 0.06 6.64
C ILE A 65 4.49 1.28 7.56
N CYS A 66 4.08 2.42 7.00
CA CYS A 66 3.92 3.71 7.67
C CYS A 66 2.67 3.75 8.59
N CYS A 67 1.99 2.62 8.72
CA CYS A 67 1.02 2.36 9.76
C CYS A 67 0.98 0.88 10.15
N GLY A 68 2.00 0.08 9.78
CA GLY A 68 2.13 -1.32 10.14
C GLY A 68 1.02 -2.24 9.61
N THR A 69 0.15 -1.75 8.73
CA THR A 69 -1.17 -2.33 8.49
C THR A 69 -1.21 -3.02 7.13
N ASP A 70 -1.52 -4.32 7.07
CA ASP A 70 -1.70 -5.05 5.82
C ASP A 70 -2.90 -4.53 5.03
N LEU A 71 -2.83 -4.69 3.70
CA LEU A 71 -3.91 -4.30 2.78
C LEU A 71 -3.85 -5.10 1.47
N PHE A 72 -3.34 -4.53 0.38
CA PHE A 72 -3.55 -5.05 -0.97
C PHE A 72 -2.95 -6.45 -1.12
N ASP A 73 -3.74 -7.39 -1.65
CA ASP A 73 -3.25 -8.73 -1.94
C ASP A 73 -2.42 -8.69 -3.23
N SER A 74 -1.35 -9.51 -3.31
CA SER A 74 -0.51 -9.62 -4.50
C SER A 74 -1.33 -9.96 -5.76
N GLU A 75 -2.49 -10.63 -5.67
CA GLU A 75 -3.34 -10.91 -6.83
C GLU A 75 -3.91 -9.63 -7.46
N THR A 76 -3.94 -8.51 -6.74
CA THR A 76 -4.34 -7.21 -7.26
C THR A 76 -3.21 -6.53 -8.05
N LYS A 77 -1.99 -7.06 -7.94
CA LYS A 77 -0.74 -6.44 -8.35
C LYS A 77 -0.03 -7.36 -9.35
N PHE A 78 1.22 -7.02 -9.69
CA PHE A 78 2.07 -7.71 -10.64
C PHE A 78 3.53 -7.63 -10.17
N ASP A 79 4.44 -8.22 -10.96
CA ASP A 79 5.84 -8.50 -10.66
C ASP A 79 6.60 -8.60 -11.98
N SER A 80 6.36 -9.68 -12.73
CA SER A 80 7.28 -10.14 -13.77
C SER A 80 7.07 -9.41 -15.11
N GLY A 81 7.10 -8.08 -15.04
CA GLY A 81 6.80 -7.14 -16.11
C GLY A 81 6.34 -5.83 -15.47
N THR A 82 5.08 -5.78 -15.04
CA THR A 82 4.51 -4.67 -14.28
C THR A 82 4.99 -4.73 -12.82
N GLY A 83 6.30 -4.81 -12.60
CA GLY A 83 6.83 -4.96 -11.26
C GLY A 83 7.07 -3.59 -10.63
N TRP A 84 6.03 -2.77 -10.63
CA TRP A 84 6.03 -1.43 -10.06
C TRP A 84 4.76 -1.21 -9.24
N PRO A 85 4.68 -0.18 -8.37
CA PRO A 85 3.57 0.01 -7.45
C PRO A 85 2.30 0.53 -8.18
N SER A 86 1.64 -0.40 -8.87
CA SER A 86 0.31 -0.25 -9.43
C SER A 86 -0.49 -1.52 -9.17
N PHE A 87 -1.82 -1.39 -9.13
CA PHE A 87 -2.77 -2.48 -8.97
C PHE A 87 -4.00 -2.17 -9.83
N TYR A 88 -4.90 -3.15 -10.01
CA TYR A 88 -6.10 -2.95 -10.83
C TYR A 88 -7.39 -3.04 -10.03
N ASP A 89 -7.38 -3.55 -8.79
CA ASP A 89 -8.58 -3.65 -7.95
C ASP A 89 -8.13 -3.73 -6.50
N VAL A 90 -9.05 -3.77 -5.54
CA VAL A 90 -8.77 -3.41 -4.15
C VAL A 90 -9.08 -4.56 -3.20
N VAL A 91 -8.32 -4.62 -2.10
CA VAL A 91 -8.56 -5.46 -0.93
C VAL A 91 -9.99 -5.26 -0.42
N SER A 92 -10.34 -4.02 -0.07
CA SER A 92 -11.59 -3.51 0.51
C SER A 92 -11.26 -2.06 0.93
N GLU A 93 -12.26 -1.17 1.05
CA GLU A 93 -11.99 0.16 1.59
C GLU A 93 -11.91 0.08 3.10
N HIS A 94 -10.76 -0.37 3.61
CA HIS A 94 -10.56 -0.64 5.02
C HIS A 94 -9.35 0.15 5.54
N ASN A 95 -8.17 -0.01 4.91
CA ASN A 95 -6.96 0.78 5.17
C ASN A 95 -6.57 1.65 3.97
N ILE A 96 -7.47 1.81 3.01
CA ILE A 96 -7.36 2.76 1.90
C ILE A 96 -8.54 3.72 2.01
N LYS A 97 -8.38 4.93 1.49
CA LYS A 97 -9.42 5.90 1.27
C LYS A 97 -9.37 6.27 -0.21
N LEU A 98 -10.53 6.18 -0.87
CA LEU A 98 -10.71 6.54 -2.27
C LEU A 98 -11.96 7.39 -2.45
N ARG A 99 -11.91 8.31 -3.41
CA ARG A 99 -12.98 9.18 -3.91
C ARG A 99 -12.82 9.19 -5.41
N GLU A 100 -13.91 9.40 -6.15
CA GLU A 100 -13.96 9.23 -7.59
C GLU A 100 -14.60 10.45 -8.23
N ASP A 101 -13.92 10.97 -9.26
CA ASP A 101 -14.22 12.17 -10.01
C ASP A 101 -14.00 11.86 -11.50
N ARG A 102 -14.19 12.83 -12.39
CA ARG A 102 -13.91 12.72 -13.82
C ARG A 102 -12.61 13.44 -14.19
N SER A 103 -11.80 13.88 -13.21
CA SER A 103 -10.72 14.88 -13.26
C SER A 103 -9.52 14.64 -14.20
N LEU A 104 -9.62 13.71 -15.14
CA LEU A 104 -8.69 13.52 -16.25
C LEU A 104 -9.38 13.70 -17.61
N GLY A 105 -10.73 13.79 -17.60
CA GLY A 105 -11.61 13.70 -18.75
C GLY A 105 -12.63 12.56 -18.59
N MET A 106 -12.36 11.54 -17.76
CA MET A 106 -13.17 10.32 -17.75
C MET A 106 -13.48 9.85 -16.32
N VAL A 107 -12.51 9.26 -15.61
CA VAL A 107 -12.72 8.76 -14.26
C VAL A 107 -11.35 8.76 -13.59
N ARG A 108 -11.12 9.79 -12.78
CA ARG A 108 -9.94 9.93 -11.95
C ARG A 108 -10.37 9.78 -10.50
N CYS A 109 -9.72 8.91 -9.75
CA CYS A 109 -10.07 8.66 -8.37
C CYS A 109 -8.80 8.79 -7.52
N GLU A 110 -8.91 9.31 -6.29
CA GLU A 110 -7.76 9.41 -5.40
C GLU A 110 -7.47 8.05 -4.76
N VAL A 111 -6.23 7.85 -4.33
CA VAL A 111 -5.81 6.71 -3.54
C VAL A 111 -4.95 7.29 -2.43
N LEU A 112 -5.45 7.28 -1.19
CA LEU A 112 -4.65 7.59 -0.01
C LEU A 112 -4.84 6.46 1.00
N CYS A 113 -3.92 6.34 1.98
CA CYS A 113 -4.14 5.37 3.04
C CYS A 113 -5.28 5.89 3.91
N ALA A 114 -6.04 4.97 4.53
CA ALA A 114 -7.04 5.37 5.50
C ALA A 114 -6.31 5.93 6.72
N ARG A 115 -5.34 5.19 7.28
CA ARG A 115 -4.54 5.59 8.40
C ARG A 115 -3.64 6.78 8.08
N CYS A 116 -2.80 6.64 7.05
CA CYS A 116 -1.60 7.43 6.86
C CYS A 116 -1.67 8.16 5.50
N ASP A 117 -2.46 9.23 5.50
CA ASP A 117 -2.91 10.16 4.43
C ASP A 117 -1.78 10.80 3.59
N ALA A 118 -0.59 10.20 3.56
CA ALA A 118 0.67 10.82 3.19
C ALA A 118 0.75 11.26 1.73
N HIS A 119 0.58 10.33 0.80
CA HIS A 119 0.70 10.60 -0.63
C HIS A 119 -0.06 9.55 -1.43
N LEU A 120 0.52 8.35 -1.48
CA LEU A 120 0.11 7.24 -2.32
C LEU A 120 -0.07 7.70 -3.76
N GLY A 121 -1.30 7.85 -4.24
CA GLY A 121 -1.52 8.43 -5.55
C GLY A 121 -2.97 8.42 -5.99
N HIS A 122 -3.26 7.69 -7.07
CA HIS A 122 -4.52 7.78 -7.78
C HIS A 122 -4.91 6.45 -8.42
N VAL A 123 -6.10 6.45 -9.03
CA VAL A 123 -6.54 5.47 -10.02
C VAL A 123 -7.15 6.22 -11.21
N PHE A 124 -7.03 5.63 -12.42
CA PHE A 124 -7.64 6.12 -13.64
C PHE A 124 -8.02 4.95 -14.54
N ASP A 125 -8.92 5.17 -15.52
CA ASP A 125 -9.22 4.17 -16.56
C ASP A 125 -8.01 3.99 -17.47
N ASP A 126 -7.49 2.76 -17.57
CA ASP A 126 -6.33 2.45 -18.43
C ASP A 126 -6.18 0.96 -18.76
N GLY A 127 -6.59 0.06 -17.86
CA GLY A 127 -6.37 -1.36 -18.04
C GLY A 127 -7.31 -1.95 -19.11
N PRO A 128 -6.90 -2.99 -19.85
CA PRO A 128 -7.74 -3.59 -20.88
C PRO A 128 -8.84 -4.50 -20.30
N ARG A 129 -8.73 -4.87 -19.02
CA ARG A 129 -9.56 -5.76 -18.19
C ARG A 129 -8.85 -5.87 -16.83
N PRO A 130 -9.47 -6.43 -15.76
CA PRO A 130 -10.90 -6.74 -15.62
C PRO A 130 -11.73 -5.46 -15.47
N THR A 131 -11.64 -4.77 -14.33
CA THR A 131 -12.42 -3.57 -14.02
C THR A 131 -12.01 -2.34 -14.85
N GLY A 132 -10.90 -2.40 -15.60
CA GLY A 132 -10.47 -1.40 -16.55
C GLY A 132 -9.69 -0.24 -15.92
N LYS A 133 -9.73 -0.09 -14.59
CA LYS A 133 -9.05 0.99 -13.91
C LYS A 133 -7.71 0.53 -13.37
N ARG A 134 -6.78 1.48 -13.25
CA ARG A 134 -5.37 1.31 -12.94
C ARG A 134 -5.09 2.21 -11.75
N TYR A 135 -4.86 1.61 -10.59
CA TYR A 135 -4.40 2.26 -9.38
C TYR A 135 -2.88 2.35 -9.45
N CYS A 136 -2.29 3.46 -8.99
CA CYS A 136 -0.85 3.60 -8.84
C CYS A 136 -0.54 4.47 -7.62
N MET A 137 0.56 4.15 -6.93
CA MET A 137 0.92 4.74 -5.65
C MET A 137 2.44 4.94 -5.57
N ASN A 138 2.89 5.92 -4.79
CA ASN A 138 4.26 6.07 -4.34
C ASN A 138 4.25 6.63 -2.92
N SER A 139 5.11 6.12 -2.04
CA SER A 139 5.34 6.63 -0.69
C SER A 139 6.42 5.78 0.01
N ALA A 140 6.80 6.21 1.22
CA ALA A 140 7.47 5.38 2.21
C ALA A 140 6.54 4.33 2.85
N ALA A 141 5.26 4.21 2.43
CA ALA A 141 4.32 3.25 3.02
C ALA A 141 4.48 1.84 2.46
N LEU A 142 5.33 1.64 1.45
CA LEU A 142 5.42 0.39 0.69
C LEU A 142 6.34 -0.62 1.37
N LYS A 143 5.79 -1.75 1.87
CA LYS A 143 6.54 -2.98 2.14
C LYS A 143 5.65 -4.16 1.74
N PHE A 144 6.24 -5.32 1.45
CA PHE A 144 5.53 -6.59 1.40
C PHE A 144 5.61 -7.27 2.77
N ILE A 145 4.72 -8.24 3.00
CA ILE A 145 4.82 -9.30 4.00
C ILE A 145 4.41 -10.61 3.32
N PRO A 146 4.59 -11.78 3.97
CA PRO A 146 3.91 -13.01 3.56
C PRO A 146 2.39 -12.82 3.49
N ARG A 147 1.69 -13.85 2.96
CA ARG A 147 0.24 -13.98 2.77
C ARG A 147 -0.60 -13.34 3.87
N ASP A 148 -0.14 -13.45 5.12
CA ASP A 148 -0.73 -12.81 6.29
C ASP A 148 0.38 -12.79 7.33
N GLN A 149 0.35 -13.68 8.33
CA GLN A 149 1.37 -13.81 9.38
C GLN A 149 2.11 -15.16 9.29
N ILE A 150 1.85 -15.92 8.23
CA ILE A 150 2.10 -17.37 8.15
C ILE A 150 3.59 -17.79 8.14
N GLY A 151 4.50 -16.84 7.87
CA GLY A 151 5.92 -17.12 7.67
C GLY A 151 6.23 -17.17 6.19
ZN ZN B . -0.93 3.47 6.08
#